data_6Z16
#
_entry.id   6Z16
#
_cell.length_a   1.00
_cell.length_b   1.00
_cell.length_c   1.00
_cell.angle_alpha   90.00
_cell.angle_beta   90.00
_cell.angle_gamma   90.00
#
_symmetry.space_group_name_H-M   'P 1'
#
loop_
_entity.id
_entity.type
_entity.pdbx_description
1 polymer 'Multisubunit Na+/H+ antiporter, A subunit'
2 polymer 'Multisubunit Na+/H+ antiporter, B subunit'
3 polymer 'Multisubunit Na+/H+ antiporter, C subunit'
4 polymer 'Multisubunit Na+/H+ antiporter, D subunit'
5 polymer 'Multisubunit Na+/H+ antiporter, E subunit'
6 polymer 'Multisubunit Na+/H+ antiporter, F subunit'
7 polymer 'Multisubunit Na+/H+ antiporter, G subunit'
8 non-polymer PHOSPHATIDYLETHANOLAMINE
9 non-polymer 'POTASSIUM ION'
#
loop_
_entity_poly.entity_id
_entity_poly.type
_entity_poly.pdbx_seq_one_letter_code
_entity_poly.pdbx_strand_id
1 'polypeptide(L)'
;MLKKNETFYTYCSYKKEDGYVRRGLIVLPTLHIAMFAPFLLALLVPFFYKCIRSLHVGWFVFPLPIALFVYFLSYIDDVR
NDEVIRATMPWIPSLRISFDAYVDGLSLLFALLITGIGSLVVLYSIYYLQKGKEPLGNFYVYLLLFMGAMLGVVLSDHLI
ALYMFWELTSISSFLLIAYWFKRDRSRYGAQKSMLITMFGGLLMLGGFVALAIAGGTYNIRELVHTPLTEHPLFIPALVL
ILFGAFTKSAQFPFYIWLPDAMEAPTPVSAYLHSATMVKAGIYVIARLTPIFAVSSVWVWTVALVGLVTLCWASFLASKQ
TDLKAILAYSTVSQLGLITSLLGIGGLSFHYDGMGENVFMVAVLAAIFHLFNHATFKGSLFMVVGIVDHETGTRDIRRLG
GLMTIMPITFTIALIGSLSMAGLPPFNGFLSKEMFFTAMLRAKDVAGWAVILPVVAWVASIFTFLYSALLVSRTFFGTYK
PHVLKKEAHEAPFGMLIAPIVLASLVVFIGFVPNVLSDSVLAPAVYAVLYGLFAPNEALDVHISHWHGFTPELFMTIGVL
LFGLVLYRTFPKWKKIYYRLSERMSLNFFYDQSFVWMERGARSFISRVMNGSMRTYLMYIFTSLVALLLFTIGWHEQWHI
DLSRLAHVRVYEVVLAIGILAATVTTVIAKSRLTAIVSLGAVGYAVALFFVLFRAPDLALTQLVIETISVALFLLCFYHL
PKFTQKQESVRFHLGNALVSLAVGMTMSIIAFLAYAGKHFDSISQYYVDNTYEKAAGKNMVNVILVDFRGFDTLFEICVL
AIAALGIYAMVKLRLAKEEER
;
A,a
2 'polypeptide(L)'
;MKRNDVILRTTTAVVTPIIVLFSVQLFFAGHYYPGGGFIGGLMTAGAIVLLLLAFDIETVRKMVPINYKWLVAIGLLFAV
GTGMSSMFLDRPFLTHAYKYVHLPLLDHTSLHTAVLFDLGVYFVVVGVTMIIIETIGESD
;
B,b
3 'polypeptide(L)'
;MELLMIVVIGCLFAAATYLLLSKSLLRIIIGTGLLSHGAHLLLLTMGGLKAGAPPLLGEKASRYVDPLPQALILTAIVIS
FGVTAFFLVLAYRSYQEIGTDHMEGMKGD
;
C,c
4 'polypeptide(L)'
;MSNLLLLPIVIPLVTAIVLIFFPKHVFWQRVVSLAATVGLVVASGALLHRVHTDGIQTLNVGNWPAPFGITLVSDSLSAL
LVLTTSIIALACLVYSFYAIGHKRETFYYYSFFQFLIVGVNGAFTTGDLFNLFVFFEVMLMSSYVLLVLGGTKIQLRETI
KYTLVNVISSALFVVAVAYLYAVTGTLNMAHLADRINALGSSPILTVIAVLFIIVFGLKGAIFPLYFWLPGAYYAPPTPV
LALFGGLLTKVGVYSILRTFTLLFTHDAAYTHTLLAWLALGTIIIGVIGAVAYNDMRYIVIYNIIAAVGVMIFGISIMTP
ESVEGTIFYLLQDMVMKAMLFLFVGIIFSITRSNDIRSFSGLITSYPLLGWAFFIAALSLAGIPPLSGFIGKLLIVKASF
DAQLIFEAIVILLSSLLVLYSVMKIFMNGFWGEKKGFEQKQVDGRLFPVLFLLVLSVAYGIGIEFVRPFVLDAVNVLVDP
SMYIEAVLKE
;
D,d
5 'polypeptide(L)'
;MAFQILLNVILAFVWMFLTVSFDGASFLVGYMIGLFILFILRRFFHSRFYLVPVFVIIKLLFIFFKELILSNIAVAKVVM
QRSLTIQPAIFALPTELKKEWEITVLAMLITLTPGTLVLDVSDDGSTLYIHALNSPDVHEAIESIKQSFEKTIMEVSK
;
E,e
6 'polypeptide(L)'
;MMLNIALVILSLAMVGFLYRVVKGPSTADRIIALDAMGITLAGIVAIVSMLLNTSAFLDVILLIGILAFVGTVAFAKFLE
KGVVIERGNDR
;
F,f
7 'polypeptide(L)'
;MSSNVGTIANALVVVLILLGAVLTLLSAVGAIRLPDVYTRSHAISKSTTLGIMCILLGAFLHFFIENNHFNSRLLLGIVF
IFMTSPVAAHLISRAAYYANVERWEGTVRDDLKQKAGGK
;
G,g
#
loop_
_chem_comp.id
_chem_comp.type
_chem_comp.name
_chem_comp.formula
K non-polymer 'POTASSIUM ION' 'K 1'
PTY non-polymer PHOSPHATIDYLETHANOLAMINE 'C40 H80 N O8 P'
#
# COMPACT_ATOMS: atom_id res chain seq x y z
N PRO A 29 37.75 91.52 -13.84
CA PRO A 29 37.78 92.18 -15.14
C PRO A 29 36.93 93.44 -15.16
N THR A 30 35.96 93.51 -14.25
CA THR A 30 35.14 94.65 -13.85
C THR A 30 34.08 95.00 -14.90
N LEU A 31 34.15 94.39 -16.09
CA LEU A 31 33.07 94.52 -17.05
C LEU A 31 32.14 93.32 -17.04
N HIS A 32 32.57 92.21 -16.42
CA HIS A 32 31.68 91.09 -16.19
C HIS A 32 30.59 91.46 -15.21
N ILE A 33 30.89 92.35 -14.26
CA ILE A 33 29.92 92.83 -13.29
C ILE A 33 29.29 94.12 -13.82
N ALA A 34 29.52 94.41 -15.10
CA ALA A 34 28.84 95.48 -15.80
C ALA A 34 27.83 94.96 -16.82
N MET A 35 28.13 93.83 -17.47
CA MET A 35 27.18 93.24 -18.40
C MET A 35 26.03 92.56 -17.67
N PHE A 36 26.32 91.94 -16.53
CA PHE A 36 25.33 91.14 -15.82
C PHE A 36 24.80 91.84 -14.56
N ALA A 37 25.07 93.12 -14.40
CA ALA A 37 24.48 93.91 -13.31
C ALA A 37 23.01 94.32 -13.51
N PRO A 38 22.53 94.68 -14.71
CA PRO A 38 21.07 94.92 -14.82
C PRO A 38 20.20 93.70 -14.59
N PHE A 39 20.71 92.50 -14.87
CA PHE A 39 19.92 91.30 -14.59
C PHE A 39 19.79 91.05 -13.10
N LEU A 40 20.88 91.23 -12.35
CA LEU A 40 20.84 91.07 -10.90
C LEU A 40 19.97 92.13 -10.25
N LEU A 41 20.05 93.36 -10.74
CA LEU A 41 19.17 94.38 -10.19
C LEU A 41 17.72 94.13 -10.58
N ALA A 42 17.47 93.49 -11.73
CA ALA A 42 16.12 93.10 -12.10
C ALA A 42 15.58 92.00 -11.21
N LEU A 43 16.45 91.10 -10.74
CA LEU A 43 16.07 90.20 -9.65
C LEU A 43 15.69 90.97 -8.40
N LEU A 44 16.48 91.97 -8.03
CA LEU A 44 16.27 92.66 -6.76
C LEU A 44 15.17 93.71 -6.78
N VAL A 45 14.59 94.03 -7.96
CA VAL A 45 13.55 95.07 -8.02
C VAL A 45 12.30 94.80 -7.18
N PRO A 46 11.60 93.64 -7.29
CA PRO A 46 10.31 93.52 -6.56
C PRO A 46 10.47 93.45 -5.04
N PHE A 47 11.63 93.02 -4.56
CA PHE A 47 12.00 93.10 -3.14
C PHE A 47 11.89 94.54 -2.64
N PHE A 48 12.60 95.46 -3.31
CA PHE A 48 12.55 96.87 -2.96
C PHE A 48 11.18 97.47 -3.25
N TYR A 49 10.44 96.89 -4.19
CA TYR A 49 9.17 97.49 -4.58
C TYR A 49 8.10 97.22 -3.52
N LYS A 50 8.00 95.99 -3.02
CA LYS A 50 6.97 95.70 -2.04
C LYS A 50 7.49 95.75 -0.61
N CYS A 51 8.78 96.06 -0.41
CA CYS A 51 9.29 96.28 0.93
C CYS A 51 9.56 97.75 1.26
N ILE A 52 9.66 98.62 0.26
CA ILE A 52 9.82 100.06 0.46
C ILE A 52 8.64 100.72 -0.22
N ARG A 53 7.59 101.01 0.55
CA ARG A 53 6.34 101.51 0.00
C ARG A 53 6.30 103.03 -0.14
N SER A 54 7.24 103.74 0.47
CA SER A 54 7.20 105.20 0.45
C SER A 54 7.89 105.77 -0.78
N LEU A 55 9.16 105.43 -0.98
CA LEU A 55 9.95 105.99 -2.06
C LEU A 55 9.63 105.26 -3.37
N HIS A 56 9.50 106.04 -4.45
CA HIS A 56 9.22 105.51 -5.77
C HIS A 56 10.36 104.61 -6.22
N VAL A 57 10.02 103.43 -6.74
CA VAL A 57 11.00 102.37 -7.00
C VAL A 57 12.00 102.78 -8.08
N GLY A 58 11.60 103.69 -8.99
CA GLY A 58 12.46 104.08 -10.08
C GLY A 58 13.73 104.80 -9.65
N TRP A 59 13.68 105.49 -8.50
CA TRP A 59 14.89 106.10 -7.94
C TRP A 59 15.94 105.05 -7.64
N PHE A 60 15.52 103.89 -7.12
CA PHE A 60 16.46 102.81 -6.88
C PHE A 60 16.98 102.22 -8.19
N VAL A 61 16.21 102.35 -9.26
CA VAL A 61 16.70 101.89 -10.55
C VAL A 61 17.64 102.93 -11.16
N PHE A 62 17.54 104.18 -10.68
CA PHE A 62 18.23 105.30 -11.33
C PHE A 62 19.76 105.28 -11.33
N PRO A 63 20.49 104.90 -10.25
CA PRO A 63 21.96 105.08 -10.32
C PRO A 63 22.68 104.13 -11.26
N LEU A 64 22.20 102.87 -11.38
CA LEU A 64 22.90 101.84 -12.15
C LEU A 64 23.21 102.21 -13.59
N PRO A 65 22.27 102.69 -14.44
CA PRO A 65 22.68 103.15 -15.78
C PRO A 65 23.66 104.30 -15.72
N ILE A 66 23.43 105.23 -14.77
CA ILE A 66 24.37 106.31 -14.46
C ILE A 66 25.76 105.75 -14.25
N ALA A 67 25.85 104.73 -13.39
CA ALA A 67 27.14 104.11 -13.08
C ALA A 67 27.76 103.49 -14.32
N LEU A 68 26.93 102.77 -15.10
CA LEU A 68 27.40 102.16 -16.33
C LEU A 68 27.85 103.22 -17.31
N PHE A 69 27.10 104.33 -17.37
CA PHE A 69 27.44 105.43 -18.27
C PHE A 69 28.79 106.02 -17.89
N VAL A 70 29.02 106.21 -16.58
CA VAL A 70 30.29 106.76 -16.13
C VAL A 70 31.40 105.77 -16.40
N TYR A 71 31.10 104.48 -16.23
CA TYR A 71 32.09 103.44 -16.52
C TYR A 71 32.39 103.40 -18.01
N PHE A 72 31.39 103.64 -18.83
CA PHE A 72 31.60 103.67 -20.27
C PHE A 72 32.23 104.97 -20.74
N LEU A 73 32.30 105.98 -19.87
CA LEU A 73 33.13 107.13 -20.21
C LEU A 73 34.60 106.88 -19.90
N SER A 74 34.92 105.78 -19.22
CA SER A 74 36.30 105.54 -18.81
C SER A 74 37.14 104.89 -19.89
N TYR A 75 36.54 104.50 -21.02
CA TYR A 75 37.24 103.75 -22.06
C TYR A 75 37.66 104.60 -23.25
N ILE A 76 37.25 105.87 -23.30
CA ILE A 76 37.48 106.71 -24.48
C ILE A 76 38.96 107.00 -24.65
N ASP A 77 39.70 107.13 -23.55
CA ASP A 77 41.13 107.38 -23.61
C ASP A 77 41.87 106.20 -24.23
N ASP A 78 41.41 104.99 -23.97
CA ASP A 78 42.03 103.81 -24.56
C ASP A 78 41.57 103.56 -26.00
N VAL A 79 40.39 104.04 -26.39
CA VAL A 79 39.91 103.75 -27.73
C VAL A 79 40.34 104.81 -28.73
N ARG A 80 40.69 106.02 -28.29
CA ARG A 80 41.17 107.02 -29.24
C ARG A 80 42.54 106.65 -29.78
N ASN A 81 43.40 106.11 -28.93
CA ASN A 81 44.71 105.63 -29.37
C ASN A 81 44.69 104.12 -29.63
N ASP A 82 43.75 103.74 -30.51
CA ASP A 82 43.51 102.44 -31.15
C ASP A 82 43.84 101.19 -30.33
N GLU A 83 43.30 101.11 -29.12
CA GLU A 83 43.43 99.95 -28.26
C GLU A 83 42.05 99.43 -27.89
N VAL A 84 41.90 98.11 -27.89
CA VAL A 84 40.61 97.46 -27.67
C VAL A 84 40.63 96.74 -26.32
N ILE A 85 39.44 96.42 -25.83
CA ILE A 85 39.28 95.79 -24.52
C ILE A 85 38.61 94.44 -24.72
N ARG A 86 39.31 93.37 -24.35
CA ARG A 86 38.84 92.00 -24.59
C ARG A 86 38.62 91.28 -23.26
N ALA A 87 37.54 90.51 -23.18
CA ALA A 87 37.22 89.76 -21.98
C ALA A 87 36.51 88.47 -22.37
N THR A 88 36.59 87.48 -21.48
CA THR A 88 36.11 86.13 -21.80
C THR A 88 35.51 85.49 -20.55
N MET A 89 34.32 84.93 -20.67
CA MET A 89 33.72 84.12 -19.61
C MET A 89 33.16 82.84 -20.21
N PRO A 90 33.83 81.69 -20.04
CA PRO A 90 33.42 80.48 -20.78
C PRO A 90 32.12 79.90 -20.25
N TRP A 91 31.29 79.39 -21.15
CA TRP A 91 30.00 78.86 -20.74
C TRP A 91 29.84 77.38 -21.04
N ILE A 92 30.15 76.95 -22.26
CA ILE A 92 30.28 75.54 -22.59
C ILE A 92 31.61 75.37 -23.29
N PRO A 93 32.70 75.13 -22.56
CA PRO A 93 34.03 75.14 -23.21
C PRO A 93 34.31 73.95 -24.12
N SER A 94 33.59 72.85 -23.98
CA SER A 94 33.82 71.70 -24.86
C SER A 94 33.05 71.83 -26.17
N LEU A 95 31.89 72.48 -26.16
CA LEU A 95 31.24 72.90 -27.40
C LEU A 95 31.76 74.24 -27.90
N ARG A 96 32.77 74.80 -27.23
CA ARG A 96 33.52 75.97 -27.66
C ARG A 96 32.61 77.20 -27.72
N ILE A 97 31.93 77.46 -26.61
CA ILE A 97 31.00 78.58 -26.48
C ILE A 97 31.38 79.39 -25.24
N SER A 98 31.56 80.69 -25.42
CA SER A 98 31.87 81.58 -24.32
C SER A 98 31.01 82.83 -24.43
N PHE A 99 30.94 83.59 -23.35
CA PHE A 99 30.52 84.98 -23.40
C PHE A 99 31.79 85.79 -23.60
N ASP A 100 32.11 86.05 -24.87
CA ASP A 100 33.21 86.95 -25.14
C ASP A 100 32.70 88.38 -25.11
N ALA A 101 33.63 89.32 -24.93
CA ALA A 101 33.32 90.74 -24.97
C ALA A 101 34.47 91.45 -25.63
N TYR A 102 34.16 92.29 -26.61
CA TYR A 102 35.15 93.03 -27.37
C TYR A 102 34.67 94.47 -27.42
N VAL A 103 35.55 95.39 -27.03
CA VAL A 103 35.19 96.79 -26.90
C VAL A 103 36.11 97.60 -27.80
N ASP A 104 35.52 98.26 -28.78
CA ASP A 104 36.20 99.17 -29.70
C ASP A 104 35.28 100.37 -29.89
N GLY A 105 35.52 101.15 -30.95
CA GLY A 105 34.83 102.43 -31.08
C GLY A 105 33.33 102.32 -31.33
N LEU A 106 32.93 101.35 -32.16
CA LEU A 106 31.51 101.21 -32.50
C LEU A 106 30.69 100.72 -31.31
N SER A 107 31.23 99.74 -30.58
CA SER A 107 30.55 99.23 -29.40
C SER A 107 30.51 100.27 -28.28
N LEU A 108 31.53 101.13 -28.17
CA LEU A 108 31.49 102.20 -27.19
C LEU A 108 30.46 103.25 -27.55
N LEU A 109 30.35 103.59 -28.84
CA LEU A 109 29.32 104.53 -29.29
C LEU A 109 27.94 104.03 -28.91
N PHE A 110 27.66 102.76 -29.22
CA PHE A 110 26.35 102.20 -28.89
C PHE A 110 26.14 102.08 -27.38
N ALA A 111 27.18 101.70 -26.61
CA ALA A 111 27.02 101.52 -25.17
C ALA A 111 26.78 102.84 -24.45
N LEU A 112 27.48 103.90 -24.87
CA LEU A 112 27.24 105.23 -24.33
C LEU A 112 25.84 105.72 -24.67
N LEU A 113 25.38 105.46 -25.90
CA LEU A 113 24.00 105.79 -26.26
C LEU A 113 23.00 105.09 -25.36
N ILE A 114 23.15 103.77 -25.20
CA ILE A 114 22.22 102.94 -24.41
C ILE A 114 22.14 103.44 -22.98
N THR A 115 23.30 103.63 -22.33
CA THR A 115 23.30 103.97 -20.92
C THR A 115 22.86 105.41 -20.65
N GLY A 116 23.28 106.36 -21.50
CA GLY A 116 22.87 107.74 -21.30
C GLY A 116 21.38 107.96 -21.51
N ILE A 117 20.85 107.48 -22.65
CA ILE A 117 19.41 107.63 -22.85
C ILE A 117 18.63 106.70 -21.92
N GLY A 118 19.25 105.65 -21.38
CA GLY A 118 18.58 104.83 -20.40
C GLY A 118 18.35 105.54 -19.09
N SER A 119 19.38 106.24 -18.60
CA SER A 119 19.21 107.02 -17.38
C SER A 119 18.21 108.15 -17.58
N LEU A 120 18.21 108.77 -18.76
CA LEU A 120 17.25 109.85 -19.00
C LEU A 120 15.81 109.33 -19.10
N VAL A 121 15.62 108.15 -19.71
CA VAL A 121 14.28 107.57 -19.80
C VAL A 121 13.82 107.06 -18.43
N VAL A 122 14.74 106.58 -17.59
CA VAL A 122 14.39 106.21 -16.22
C VAL A 122 13.90 107.42 -15.43
N LEU A 123 14.57 108.57 -15.58
CA LEU A 123 14.14 109.79 -14.90
C LEU A 123 12.77 110.26 -15.40
N TYR A 124 12.57 110.25 -16.71
CA TYR A 124 11.29 110.65 -17.27
C TYR A 124 10.17 109.71 -16.87
N SER A 125 10.47 108.42 -16.70
CA SER A 125 9.47 107.45 -16.29
C SER A 125 9.15 107.55 -14.81
N ILE A 126 10.12 107.97 -13.99
CA ILE A 126 9.83 108.34 -12.60
C ILE A 126 8.80 109.45 -12.56
N TYR A 127 9.01 110.49 -13.36
CA TYR A 127 8.06 111.60 -13.29
C TYR A 127 6.80 111.38 -14.12
N TYR A 128 6.74 110.33 -14.94
CA TYR A 128 5.61 110.11 -15.83
C TYR A 128 4.58 109.17 -15.24
N LEU A 129 5.00 107.99 -14.82
CA LEU A 129 4.10 106.98 -14.27
C LEU A 129 3.62 107.39 -12.88
N GLN A 130 2.61 106.71 -12.38
CA GLN A 130 2.07 106.98 -11.06
C GLN A 130 2.38 105.83 -10.11
N LYS A 131 2.02 106.03 -8.84
CA LYS A 131 2.45 105.13 -7.77
C LYS A 131 1.36 104.13 -7.39
N GLY A 132 0.20 104.61 -6.97
CA GLY A 132 -0.87 103.75 -6.50
C GLY A 132 -1.85 103.32 -7.58
N LYS A 133 -1.53 103.57 -8.85
CA LYS A 133 -2.41 103.19 -9.94
C LYS A 133 -1.72 102.32 -10.98
N GLU A 134 -0.42 102.12 -10.87
CA GLU A 134 0.38 101.42 -11.87
C GLU A 134 1.18 100.30 -11.21
N PRO A 135 1.28 99.14 -11.84
CA PRO A 135 2.29 98.17 -11.43
C PRO A 135 3.68 98.57 -11.89
N LEU A 136 4.52 99.04 -10.97
CA LEU A 136 5.79 99.64 -11.35
C LEU A 136 6.95 98.66 -11.34
N GLY A 137 6.90 97.66 -10.46
CA GLY A 137 7.98 96.69 -10.39
C GLY A 137 8.08 95.86 -11.65
N ASN A 138 6.95 95.54 -12.27
CA ASN A 138 6.94 94.89 -13.58
C ASN A 138 7.60 95.77 -14.62
N PHE A 139 7.28 97.07 -14.60
CA PHE A 139 7.83 98.02 -15.56
C PHE A 139 9.36 98.08 -15.48
N TYR A 140 9.90 98.22 -14.27
CA TYR A 140 11.35 98.35 -14.18
C TYR A 140 12.08 97.02 -14.30
N VAL A 141 11.44 95.89 -13.97
CA VAL A 141 12.03 94.58 -14.27
C VAL A 141 12.17 94.39 -15.79
N TYR A 142 11.10 94.68 -16.54
CA TYR A 142 11.13 94.50 -18.00
C TYR A 142 12.13 95.44 -18.65
N LEU A 143 12.14 96.71 -18.20
CA LEU A 143 13.04 97.72 -18.76
C LEU A 143 14.49 97.38 -18.48
N LEU A 144 14.78 96.86 -17.28
CA LEU A 144 16.17 96.61 -16.95
C LEU A 144 16.68 95.31 -17.56
N LEU A 145 15.78 94.33 -17.77
CA LEU A 145 16.10 93.18 -18.62
C LEU A 145 16.43 93.62 -20.04
N PHE A 146 15.66 94.55 -20.58
CA PHE A 146 15.91 95.05 -21.92
C PHE A 146 17.24 95.79 -22.02
N MET A 147 17.56 96.58 -21.00
CA MET A 147 18.83 97.33 -21.00
C MET A 147 20.02 96.39 -20.90
N GLY A 148 19.94 95.38 -20.04
CA GLY A 148 21.03 94.41 -19.95
C GLY A 148 21.17 93.58 -21.22
N ALA A 149 20.04 93.26 -21.86
CA ALA A 149 20.06 92.51 -23.11
C ALA A 149 20.69 93.31 -24.24
N MET A 150 20.38 94.61 -24.30
CA MET A 150 20.92 95.45 -25.37
C MET A 150 22.40 95.72 -25.18
N LEU A 151 22.82 95.94 -23.93
CA LEU A 151 24.25 96.03 -23.63
C LEU A 151 24.98 94.73 -23.92
N GLY A 152 24.29 93.60 -23.79
CA GLY A 152 24.88 92.35 -24.20
C GLY A 152 24.98 92.19 -25.71
N VAL A 153 23.98 92.69 -26.44
CA VAL A 153 24.00 92.64 -27.91
C VAL A 153 25.19 93.41 -28.45
N VAL A 154 25.41 94.62 -27.92
CA VAL A 154 26.44 95.50 -28.45
C VAL A 154 27.83 94.98 -28.16
N LEU A 155 28.09 94.56 -26.91
CA LEU A 155 29.44 94.24 -26.50
C LEU A 155 29.91 92.85 -26.91
N SER A 156 29.07 92.05 -27.56
CA SER A 156 29.35 90.64 -27.74
C SER A 156 30.28 90.36 -28.91
N ASP A 157 31.18 89.42 -28.70
CA ASP A 157 32.12 88.96 -29.71
C ASP A 157 31.83 87.53 -30.15
N HIS A 158 31.01 86.79 -29.41
CA HIS A 158 30.60 85.45 -29.78
C HIS A 158 29.25 85.53 -30.48
N LEU A 159 29.05 84.66 -31.48
CA LEU A 159 27.82 84.73 -32.28
C LEU A 159 26.62 84.16 -31.56
N ILE A 160 26.78 83.05 -30.81
CA ILE A 160 25.67 82.46 -30.10
C ILE A 160 25.28 83.31 -28.89
N ALA A 161 26.27 83.93 -28.24
CA ALA A 161 25.97 84.87 -27.17
C ALA A 161 25.24 86.10 -27.69
N LEU A 162 25.65 86.59 -28.86
CA LEU A 162 24.96 87.68 -29.53
C LEU A 162 23.52 87.31 -29.86
N TYR A 163 23.30 86.07 -30.30
CA TYR A 163 21.94 85.63 -30.60
C TYR A 163 21.10 85.50 -29.32
N MET A 164 21.73 85.06 -28.22
CA MET A 164 21.03 84.96 -26.94
C MET A 164 20.55 86.32 -26.45
N PHE A 165 21.45 87.31 -26.48
CA PHE A 165 21.12 88.67 -26.07
C PHE A 165 20.10 89.30 -27.01
N TRP A 166 20.19 88.98 -28.30
CA TRP A 166 19.19 89.36 -29.30
C TRP A 166 17.79 88.87 -28.93
N GLU A 167 17.69 87.59 -28.57
CA GLU A 167 16.41 87.00 -28.20
C GLU A 167 15.87 87.59 -26.91
N LEU A 168 16.76 87.88 -25.95
CA LEU A 168 16.31 88.51 -24.72
C LEU A 168 15.78 89.92 -24.96
N THR A 169 16.40 90.64 -25.90
CA THR A 169 15.89 91.93 -26.36
C THR A 169 14.47 91.80 -26.92
N SER A 170 14.26 90.80 -27.77
CA SER A 170 12.95 90.61 -28.38
C SER A 170 11.87 90.27 -27.35
N ILE A 171 12.20 89.42 -26.38
CA ILE A 171 11.21 89.01 -25.38
C ILE A 171 10.89 90.15 -24.42
N SER A 172 11.92 90.89 -23.98
CA SER A 172 11.70 92.03 -23.08
C SER A 172 10.91 93.14 -23.75
N SER A 173 11.15 93.36 -25.05
CA SER A 173 10.37 94.35 -25.78
C SER A 173 8.93 93.90 -25.98
N PHE A 174 8.72 92.60 -26.23
CA PHE A 174 7.37 92.02 -26.26
C PHE A 174 6.64 92.25 -24.94
N LEU A 175 7.35 92.15 -23.81
CA LEU A 175 6.72 92.41 -22.52
C LEU A 175 6.41 93.89 -22.34
N LEU A 176 7.30 94.77 -22.80
CA LEU A 176 7.13 96.20 -22.59
C LEU A 176 6.02 96.80 -23.46
N ILE A 177 5.80 96.27 -24.66
CA ILE A 177 4.75 96.80 -25.53
C ILE A 177 3.36 96.51 -24.97
N ALA A 178 3.18 95.36 -24.33
CA ALA A 178 1.88 94.95 -23.80
C ALA A 178 1.75 95.26 -22.31
N TYR A 179 2.27 96.40 -21.87
CA TYR A 179 2.30 96.75 -20.46
C TYR A 179 0.91 96.88 -19.87
N TRP A 180 -0.04 97.39 -20.65
CA TRP A 180 -1.45 97.34 -20.26
C TRP A 180 -2.06 96.14 -20.97
N PHE A 181 -2.11 95.01 -20.27
CA PHE A 181 -2.61 93.78 -20.87
C PHE A 181 -4.12 93.71 -20.91
N LYS A 182 -4.82 94.58 -20.18
CA LYS A 182 -6.28 94.57 -20.19
C LYS A 182 -6.89 95.31 -21.38
N ARG A 183 -6.10 95.72 -22.36
CA ARG A 183 -6.62 96.39 -23.55
C ARG A 183 -6.16 95.63 -24.78
N ASP A 184 -7.04 95.62 -25.80
CA ASP A 184 -6.89 94.67 -26.90
C ASP A 184 -5.76 95.07 -27.84
N ARG A 185 -5.68 96.35 -28.18
CA ARG A 185 -4.75 96.83 -29.20
C ARG A 185 -3.30 96.70 -28.76
N SER A 186 -3.03 96.74 -27.46
CA SER A 186 -1.69 96.46 -26.96
C SER A 186 -1.32 95.00 -27.18
N ARG A 187 -2.28 94.09 -27.03
CA ARG A 187 -2.02 92.68 -27.25
C ARG A 187 -1.83 92.37 -28.72
N TYR A 188 -2.61 93.02 -29.60
CA TYR A 188 -2.41 92.87 -31.04
C TYR A 188 -1.03 93.37 -31.46
N GLY A 189 -0.62 94.54 -30.94
CA GLY A 189 0.69 95.07 -31.28
C GLY A 189 1.83 94.22 -30.76
N ALA A 190 1.69 93.69 -29.55
CA ALA A 190 2.72 92.82 -28.98
C ALA A 190 2.83 91.52 -29.76
N GLN A 191 1.69 90.95 -30.16
CA GLN A 191 1.69 89.70 -30.92
C GLN A 191 2.34 89.88 -32.28
N LYS A 192 2.01 90.97 -32.99
CA LYS A 192 2.57 91.20 -34.31
C LYS A 192 4.06 91.51 -34.25
N SER A 193 4.48 92.34 -33.30
CA SER A 193 5.89 92.67 -33.15
C SER A 193 6.70 91.44 -32.75
N MET A 194 6.12 90.59 -31.89
CA MET A 194 6.75 89.34 -31.50
C MET A 194 6.97 88.43 -32.69
N LEU A 195 5.93 88.23 -33.51
CA LEU A 195 6.04 87.30 -34.64
C LEU A 195 7.05 87.77 -35.68
N ILE A 196 7.03 89.07 -36.02
CA ILE A 196 7.98 89.59 -37.01
C ILE A 196 9.41 89.49 -36.51
N THR A 197 9.67 89.98 -35.29
CA THR A 197 11.05 90.01 -34.82
C THR A 197 11.59 88.63 -34.48
N MET A 198 10.72 87.69 -34.07
CA MET A 198 11.17 86.32 -33.86
C MET A 198 11.49 85.63 -35.18
N PHE A 199 10.71 85.91 -36.23
CA PHE A 199 11.00 85.39 -37.56
C PHE A 199 12.37 85.85 -38.05
N GLY A 200 12.65 87.14 -37.89
CA GLY A 200 13.97 87.65 -38.23
C GLY A 200 15.08 87.08 -37.36
N GLY A 201 14.81 86.87 -36.08
CA GLY A 201 15.85 86.35 -35.19
C GLY A 201 16.20 84.90 -35.47
N LEU A 202 15.20 84.08 -35.84
CA LEU A 202 15.48 82.70 -36.17
C LEU A 202 16.25 82.57 -37.48
N LEU A 203 15.90 83.37 -38.48
CA LEU A 203 16.71 83.32 -39.71
C LEU A 203 18.09 83.94 -39.49
N MET A 204 18.20 84.89 -38.56
CA MET A 204 19.50 85.41 -38.14
C MET A 204 20.36 84.32 -37.51
N LEU A 205 19.76 83.47 -36.67
CA LEU A 205 20.46 82.34 -36.08
C LEU A 205 20.96 81.36 -37.14
N GLY A 206 20.11 81.09 -38.14
CA GLY A 206 20.54 80.23 -39.24
C GLY A 206 21.71 80.80 -40.01
N GLY A 207 21.70 82.12 -40.24
CA GLY A 207 22.82 82.77 -40.90
C GLY A 207 24.10 82.75 -40.07
N PHE A 208 23.96 82.93 -38.75
CA PHE A 208 25.11 82.84 -37.84
C PHE A 208 25.74 81.45 -37.87
N VAL A 209 24.90 80.41 -37.89
CA VAL A 209 25.41 79.04 -37.91
C VAL A 209 26.11 78.74 -39.23
N ALA A 210 25.53 79.21 -40.35
CA ALA A 210 26.16 79.02 -41.65
C ALA A 210 27.49 79.76 -41.74
N LEU A 211 27.57 80.95 -41.16
CA LEU A 211 28.83 81.70 -41.14
C LEU A 211 29.87 81.02 -40.25
N ALA A 212 29.43 80.44 -39.13
CA ALA A 212 30.36 79.75 -38.25
C ALA A 212 30.83 78.42 -38.81
N ILE A 213 30.11 77.85 -39.78
CA ILE A 213 30.65 76.71 -40.51
C ILE A 213 31.57 77.17 -41.62
N ALA A 214 31.25 78.30 -42.26
CA ALA A 214 32.09 78.86 -43.33
C ALA A 214 33.47 79.23 -42.81
N GLY A 215 33.52 79.94 -41.70
CA GLY A 215 34.77 80.10 -41.00
C GLY A 215 35.06 78.92 -40.10
N GLY A 216 36.28 78.87 -39.58
CA GLY A 216 36.59 77.80 -38.66
C GLY A 216 36.04 78.00 -37.26
N THR A 217 35.76 79.23 -36.88
CA THR A 217 35.52 79.62 -35.50
C THR A 217 34.13 80.24 -35.36
N TYR A 218 33.84 80.68 -34.13
CA TYR A 218 32.60 81.37 -33.81
C TYR A 218 32.78 82.83 -33.46
N ASN A 219 33.99 83.26 -33.11
CA ASN A 219 34.19 84.64 -32.70
C ASN A 219 34.36 85.55 -33.91
N ILE A 220 33.81 86.75 -33.80
CA ILE A 220 33.68 87.63 -34.94
C ILE A 220 35.03 88.18 -35.38
N ARG A 221 35.94 88.40 -34.44
CA ARG A 221 37.22 89.02 -34.76
C ARG A 221 38.23 88.05 -35.37
N GLU A 222 37.93 86.75 -35.40
CA GLU A 222 38.75 85.82 -36.16
C GLU A 222 38.14 85.44 -37.50
N LEU A 223 36.85 85.72 -37.71
CA LEU A 223 36.25 85.58 -39.03
C LEU A 223 36.75 86.63 -40.01
N VAL A 224 37.30 87.74 -39.51
CA VAL A 224 37.75 88.82 -40.38
C VAL A 224 39.05 88.45 -41.07
N HIS A 225 39.95 87.76 -40.36
CA HIS A 225 41.27 87.47 -40.87
C HIS A 225 41.34 86.16 -41.66
N THR A 226 40.21 85.65 -42.13
CA THR A 226 40.15 84.42 -42.90
C THR A 226 39.30 84.62 -44.14
N PRO A 227 39.63 83.96 -45.25
CA PRO A 227 38.83 84.12 -46.47
C PRO A 227 37.55 83.29 -46.42
N LEU A 228 36.45 83.90 -46.87
CA LEU A 228 35.15 83.27 -46.79
C LEU A 228 34.36 83.23 -48.09
N THR A 229 34.86 83.85 -49.16
CA THR A 229 34.12 83.85 -50.42
C THR A 229 34.30 82.54 -51.19
N GLU A 230 35.34 81.77 -50.89
CA GLU A 230 35.55 80.48 -51.55
C GLU A 230 34.87 79.35 -50.79
N HIS A 231 33.58 79.52 -50.52
CA HIS A 231 32.88 78.56 -49.69
C HIS A 231 31.41 78.58 -50.07
N PRO A 232 30.75 77.42 -50.14
CA PRO A 232 29.35 77.39 -50.59
C PRO A 232 28.36 78.00 -49.62
N LEU A 233 28.69 78.09 -48.33
CA LEU A 233 27.77 78.59 -47.33
C LEU A 233 27.88 80.10 -47.11
N PHE A 234 28.50 80.82 -48.03
CA PHE A 234 28.76 82.25 -47.84
C PHE A 234 27.54 83.08 -48.22
N ILE A 235 26.95 82.82 -49.37
CA ILE A 235 25.73 83.49 -49.82
C ILE A 235 24.49 83.15 -48.98
N PRO A 236 24.23 81.90 -48.54
CA PRO A 236 23.09 81.71 -47.63
C PRO A 236 23.26 82.39 -46.28
N ALA A 237 24.48 82.39 -45.74
CA ALA A 237 24.76 83.14 -44.52
C ALA A 237 24.52 84.63 -44.71
N LEU A 238 24.95 85.16 -45.87
CA LEU A 238 24.74 86.55 -46.21
C LEU A 238 23.26 86.89 -46.24
N VAL A 239 22.46 86.09 -46.94
CA VAL A 239 21.04 86.39 -47.12
C VAL A 239 20.28 86.23 -45.80
N LEU A 240 20.62 85.22 -44.99
CA LEU A 240 19.87 85.00 -43.76
C LEU A 240 20.23 86.03 -42.67
N ILE A 241 21.52 86.33 -42.49
CA ILE A 241 21.94 87.40 -41.58
C ILE A 241 21.34 88.74 -42.00
N LEU A 242 21.36 89.01 -43.30
CA LEU A 242 20.85 90.27 -43.82
C LEU A 242 19.34 90.36 -43.67
N PHE A 243 18.66 89.22 -43.77
CA PHE A 243 17.22 89.15 -43.59
C PHE A 243 16.84 89.46 -42.14
N GLY A 244 17.57 88.88 -41.19
CA GLY A 244 17.27 89.16 -39.79
C GLY A 244 17.60 90.58 -39.37
N ALA A 245 18.69 91.12 -39.90
CA ALA A 245 19.07 92.49 -39.60
C ALA A 245 18.10 93.49 -40.22
N PHE A 246 17.53 93.17 -41.39
CA PHE A 246 16.50 94.04 -41.94
C PHE A 246 15.20 93.89 -41.18
N THR A 247 14.99 92.73 -40.56
CA THR A 247 13.75 92.53 -39.83
C THR A 247 13.74 93.30 -38.52
N LYS A 248 14.90 93.39 -37.85
CA LYS A 248 14.96 94.05 -36.55
C LYS A 248 14.80 95.56 -36.67
N SER A 249 15.54 96.18 -37.59
CA SER A 249 15.60 97.64 -37.69
C SER A 249 14.47 98.24 -38.50
N ALA A 250 13.38 97.50 -38.73
CA ALA A 250 12.14 97.96 -39.38
C ALA A 250 12.40 98.50 -40.78
N GLN A 251 12.91 97.64 -41.64
CA GLN A 251 13.20 97.99 -43.02
C GLN A 251 11.97 97.68 -43.89
N PHE A 252 12.15 97.69 -45.18
CA PHE A 252 11.08 97.30 -46.08
C PHE A 252 11.22 95.81 -46.41
N PRO A 253 10.15 95.01 -46.34
CA PRO A 253 8.77 95.39 -46.02
C PRO A 253 8.44 95.25 -44.54
N PHE A 254 9.45 95.02 -43.70
CA PHE A 254 9.24 94.60 -42.33
C PHE A 254 9.11 95.77 -41.37
N TYR A 255 8.75 96.95 -41.86
CA TYR A 255 8.49 98.08 -41.00
C TYR A 255 7.12 98.03 -40.33
N ILE A 256 6.36 96.96 -40.54
CA ILE A 256 4.94 96.93 -40.24
C ILE A 256 4.66 96.96 -38.74
N TRP A 257 5.55 96.36 -37.93
CA TRP A 257 5.27 96.21 -36.50
C TRP A 257 5.49 97.48 -35.71
N LEU A 258 6.35 98.38 -36.19
CA LEU A 258 6.76 99.55 -35.43
C LEU A 258 5.69 100.63 -35.28
N PRO A 259 4.79 100.90 -36.25
CA PRO A 259 3.66 101.79 -35.94
C PRO A 259 2.59 101.19 -35.05
N ASP A 260 2.56 99.87 -34.85
CA ASP A 260 1.58 99.29 -33.94
C ASP A 260 2.17 99.01 -32.57
N ALA A 261 3.48 99.19 -32.40
CA ALA A 261 4.13 99.21 -31.11
C ALA A 261 4.03 100.56 -30.42
N MET A 262 3.11 101.42 -30.84
CA MET A 262 2.92 102.74 -30.25
C MET A 262 1.84 102.75 -29.19
N GLU A 263 1.33 101.58 -28.80
CA GLU A 263 0.42 101.50 -27.67
C GLU A 263 1.14 101.21 -26.37
N ALA A 264 2.46 101.25 -26.38
CA ALA A 264 3.29 101.09 -25.20
C ALA A 264 3.18 102.33 -24.32
N PRO A 265 3.74 102.30 -23.12
CA PRO A 265 3.99 103.58 -22.42
C PRO A 265 4.99 104.42 -23.19
N THR A 266 4.87 105.74 -23.01
CA THR A 266 5.71 106.67 -23.74
C THR A 266 7.21 106.57 -23.44
N PRO A 267 7.69 106.31 -22.19
CA PRO A 267 9.12 106.02 -22.04
C PRO A 267 9.60 104.78 -22.79
N VAL A 268 8.75 103.76 -22.88
CA VAL A 268 9.06 102.57 -23.67
C VAL A 268 9.22 102.94 -25.14
N SER A 269 8.28 103.74 -25.64
CA SER A 269 8.30 104.20 -27.04
C SER A 269 9.57 104.97 -27.33
N ALA A 270 9.89 105.95 -26.48
CA ALA A 270 11.08 106.79 -26.61
C ALA A 270 12.35 105.95 -26.64
N TYR A 271 12.57 105.17 -25.58
CA TYR A 271 13.83 104.43 -25.41
C TYR A 271 13.99 103.34 -26.47
N LEU A 272 12.99 102.45 -26.57
CA LEU A 272 13.10 101.30 -27.46
C LEU A 272 13.06 101.72 -28.92
N HIS A 273 12.08 102.53 -29.32
CA HIS A 273 11.88 102.84 -30.71
C HIS A 273 12.51 104.17 -31.08
N SER A 274 13.47 104.64 -30.30
CA SER A 274 14.36 105.70 -30.73
C SER A 274 15.82 105.28 -30.72
N ALA A 275 16.29 104.63 -29.64
CA ALA A 275 17.74 104.56 -29.46
C ALA A 275 18.31 103.16 -29.39
N THR A 276 17.54 102.14 -29.02
CA THR A 276 18.14 100.86 -28.67
C THR A 276 17.76 99.72 -29.59
N MET A 277 16.47 99.38 -29.72
CA MET A 277 16.15 98.13 -30.39
C MET A 277 16.14 98.27 -31.91
N VAL A 278 15.57 99.38 -32.41
CA VAL A 278 15.51 99.62 -33.84
C VAL A 278 16.87 99.92 -34.47
N LYS A 279 17.93 99.99 -33.68
CA LYS A 279 19.29 100.15 -34.19
C LYS A 279 20.13 98.90 -34.04
N ALA A 280 19.53 97.78 -33.62
CA ALA A 280 20.29 96.55 -33.44
C ALA A 280 20.67 95.93 -34.78
N GLY A 281 19.74 95.93 -35.74
CA GLY A 281 20.08 95.49 -37.08
C GLY A 281 21.10 96.39 -37.75
N ILE A 282 21.04 97.70 -37.46
CA ILE A 282 22.07 98.64 -37.88
C ILE A 282 23.42 98.24 -37.32
N TYR A 283 23.46 97.86 -36.04
CA TYR A 283 24.71 97.41 -35.44
C TYR A 283 25.23 96.13 -36.08
N VAL A 284 24.34 95.20 -36.42
CA VAL A 284 24.79 93.94 -37.00
C VAL A 284 25.35 94.14 -38.40
N ILE A 285 24.68 94.99 -39.20
CA ILE A 285 25.18 95.31 -40.54
C ILE A 285 26.52 96.03 -40.46
N ALA A 286 26.64 97.01 -39.56
CA ALA A 286 27.88 97.74 -39.41
C ALA A 286 28.98 96.88 -38.79
N ARG A 287 28.60 95.86 -38.03
CA ARG A 287 29.57 95.00 -37.38
C ARG A 287 30.13 93.96 -38.35
N LEU A 288 29.30 93.47 -39.26
CA LEU A 288 29.71 92.42 -40.19
C LEU A 288 30.07 92.96 -41.57
N THR A 289 30.01 94.28 -41.77
CA THR A 289 30.52 94.89 -43.00
C THR A 289 31.96 94.53 -43.39
N PRO A 290 32.95 94.38 -42.50
CA PRO A 290 34.27 93.93 -42.99
C PRO A 290 34.34 92.48 -43.46
N ILE A 291 33.26 91.71 -43.36
CA ILE A 291 33.23 90.33 -43.84
C ILE A 291 32.48 90.22 -45.16
N PHE A 292 31.29 90.81 -45.24
CA PHE A 292 30.39 90.57 -46.36
C PHE A 292 30.39 91.66 -47.42
N ALA A 293 31.03 92.81 -47.20
CA ALA A 293 30.98 93.87 -48.20
C ALA A 293 32.01 93.70 -49.30
N VAL A 294 32.76 92.60 -49.31
CA VAL A 294 33.60 92.26 -50.46
C VAL A 294 32.77 91.74 -51.61
N SER A 295 31.52 91.35 -51.37
CA SER A 295 30.59 90.95 -52.42
C SER A 295 29.63 92.09 -52.72
N SER A 296 29.04 92.04 -53.92
CA SER A 296 28.15 93.10 -54.36
C SER A 296 26.72 92.91 -53.89
N VAL A 297 26.34 91.68 -53.56
CA VAL A 297 24.96 91.38 -53.17
C VAL A 297 24.62 92.07 -51.86
N TRP A 298 25.56 92.04 -50.91
CA TRP A 298 25.41 92.73 -49.63
C TRP A 298 25.21 94.23 -49.81
N VAL A 299 26.13 94.88 -50.52
CA VAL A 299 26.15 96.33 -50.56
C VAL A 299 24.96 96.87 -51.37
N TRP A 300 24.58 96.17 -52.44
CA TRP A 300 23.47 96.70 -53.21
C TRP A 300 22.13 96.35 -52.58
N THR A 301 22.03 95.20 -51.91
CA THR A 301 20.79 94.87 -51.18
C THR A 301 20.54 95.86 -50.07
N VAL A 302 21.58 96.16 -49.28
CA VAL A 302 21.48 97.09 -48.15
C VAL A 302 21.11 98.49 -48.65
N ALA A 303 21.85 99.00 -49.64
CA ALA A 303 21.63 100.35 -50.14
C ALA A 303 20.25 100.52 -50.76
N LEU A 304 19.82 99.55 -51.59
CA LEU A 304 18.56 99.71 -52.28
C LEU A 304 17.38 99.58 -51.34
N VAL A 305 17.43 98.66 -50.36
CA VAL A 305 16.28 98.55 -49.47
C VAL A 305 16.24 99.72 -48.50
N GLY A 306 17.40 100.32 -48.21
CA GLY A 306 17.40 101.53 -47.40
C GLY A 306 16.76 102.71 -48.11
N LEU A 307 17.09 102.90 -49.39
CA LEU A 307 16.47 103.96 -50.18
C LEU A 307 14.96 103.74 -50.34
N VAL A 308 14.56 102.48 -50.53
CA VAL A 308 13.14 102.17 -50.72
C VAL A 308 12.35 102.47 -49.45
N THR A 309 12.85 102.05 -48.29
CA THR A 309 12.06 102.31 -47.08
C THR A 309 12.17 103.76 -46.62
N LEU A 310 13.27 104.46 -46.96
CA LEU A 310 13.35 105.91 -46.74
C LEU A 310 12.26 106.64 -47.48
N CYS A 311 12.13 106.40 -48.78
CA CYS A 311 11.11 107.09 -49.56
C CYS A 311 9.70 106.65 -49.19
N TRP A 312 9.51 105.38 -48.88
CA TRP A 312 8.17 104.88 -48.57
C TRP A 312 7.66 105.41 -47.23
N ALA A 313 8.52 105.41 -46.20
CA ALA A 313 8.09 105.95 -44.92
C ALA A 313 8.00 107.47 -44.94
N SER A 314 8.87 108.13 -45.72
CA SER A 314 8.77 109.58 -45.87
C SER A 314 7.47 109.97 -46.56
N PHE A 315 6.99 109.15 -47.49
CA PHE A 315 5.68 109.41 -48.07
C PHE A 315 4.57 109.16 -47.05
N LEU A 316 4.65 108.05 -46.33
CA LEU A 316 3.52 107.67 -45.47
C LEU A 316 3.42 108.48 -44.19
N ALA A 317 4.48 109.17 -43.76
CA ALA A 317 4.45 109.84 -42.47
C ALA A 317 3.57 111.08 -42.42
N SER A 318 3.07 111.57 -43.56
CA SER A 318 2.25 112.77 -43.58
C SER A 318 0.76 112.47 -43.56
N LYS A 319 0.36 111.20 -43.60
CA LYS A 319 -1.04 110.84 -43.63
C LYS A 319 -1.66 110.80 -42.23
N GLN A 320 -0.84 110.59 -41.20
CA GLN A 320 -1.33 110.23 -39.89
C GLN A 320 -1.93 111.44 -39.17
N THR A 321 -2.81 111.14 -38.21
CA THR A 321 -3.52 112.17 -37.47
C THR A 321 -3.17 112.20 -35.99
N ASP A 322 -2.23 111.38 -35.52
CA ASP A 322 -1.74 111.44 -34.16
C ASP A 322 -0.23 111.50 -34.16
N LEU A 323 0.34 111.90 -33.02
CA LEU A 323 1.75 112.26 -32.96
C LEU A 323 2.66 111.04 -33.04
N LYS A 324 2.29 109.94 -32.38
CA LYS A 324 3.20 108.82 -32.25
C LYS A 324 3.34 108.03 -33.54
N ALA A 325 2.29 107.96 -34.36
CA ALA A 325 2.41 107.30 -35.65
C ALA A 325 3.31 108.09 -36.59
N ILE A 326 3.20 109.42 -36.55
CA ILE A 326 4.09 110.28 -37.31
C ILE A 326 5.55 110.06 -36.90
N LEU A 327 5.80 109.98 -35.59
CA LEU A 327 7.17 109.74 -35.15
C LEU A 327 7.65 108.32 -35.45
N ALA A 328 6.73 107.35 -35.54
CA ALA A 328 7.11 105.99 -35.87
C ALA A 328 7.54 105.86 -37.33
N TYR A 329 6.74 106.43 -38.25
CA TYR A 329 7.15 106.43 -39.66
C TYR A 329 8.38 107.29 -39.88
N SER A 330 8.54 108.35 -39.06
CA SER A 330 9.76 109.14 -39.10
C SER A 330 10.98 108.29 -38.74
N THR A 331 10.83 107.47 -37.68
CA THR A 331 11.90 106.58 -37.25
C THR A 331 12.27 105.59 -38.35
N VAL A 332 11.27 105.04 -39.03
CA VAL A 332 11.50 104.09 -40.12
C VAL A 332 12.28 104.76 -41.26
N SER A 333 11.90 106.01 -41.59
CA SER A 333 12.57 106.71 -42.68
C SER A 333 14.03 107.04 -42.36
N GLN A 334 14.32 107.54 -41.15
CA GLN A 334 15.73 107.81 -40.84
C GLN A 334 16.56 106.55 -40.67
N LEU A 335 15.96 105.44 -40.22
CA LEU A 335 16.69 104.17 -40.21
C LEU A 335 17.03 103.72 -41.62
N GLY A 336 16.10 103.92 -42.57
CA GLY A 336 16.40 103.62 -43.96
C GLY A 336 17.52 104.47 -44.52
N LEU A 337 17.57 105.74 -44.10
CA LEU A 337 18.67 106.62 -44.51
C LEU A 337 20.00 106.11 -44.00
N ILE A 338 20.05 105.72 -42.72
CA ILE A 338 21.29 105.23 -42.10
C ILE A 338 21.76 103.94 -42.77
N THR A 339 20.84 103.03 -43.09
CA THR A 339 21.30 101.79 -43.69
C THR A 339 21.67 101.95 -45.17
N SER A 340 21.04 102.88 -45.90
CA SER A 340 21.51 103.15 -47.26
C SER A 340 22.92 103.74 -47.27
N LEU A 341 23.21 104.62 -46.31
CA LEU A 341 24.59 105.11 -46.17
C LEU A 341 25.54 103.99 -45.77
N LEU A 342 25.07 103.02 -44.97
CA LEU A 342 25.91 101.85 -44.67
C LEU A 342 26.19 101.00 -45.91
N GLY A 343 25.23 100.94 -46.84
CA GLY A 343 25.48 100.23 -48.09
C GLY A 343 26.53 100.90 -48.96
N ILE A 344 26.47 102.23 -49.05
CA ILE A 344 27.51 102.94 -49.81
C ILE A 344 28.88 102.81 -49.12
N GLY A 345 28.87 102.81 -47.79
CA GLY A 345 30.10 102.52 -47.08
C GLY A 345 30.59 101.11 -47.25
N GLY A 346 29.70 100.18 -47.59
CA GLY A 346 30.15 98.87 -48.02
C GLY A 346 30.79 98.91 -49.39
N LEU A 347 30.28 99.77 -50.28
CA LEU A 347 30.91 99.99 -51.59
C LEU A 347 32.32 100.54 -51.47
N SER A 348 32.64 101.18 -50.34
CA SER A 348 34.02 101.62 -50.07
C SER A 348 35.08 100.52 -50.13
N PHE A 349 34.71 99.25 -49.92
CA PHE A 349 35.72 98.19 -49.79
C PHE A 349 36.35 97.74 -51.10
N HIS A 350 35.71 97.97 -52.24
CA HIS A 350 36.19 97.37 -53.47
C HIS A 350 37.42 98.12 -54.00
N TYR A 351 37.23 99.38 -54.37
CA TYR A 351 38.32 100.16 -54.93
C TYR A 351 37.94 101.64 -54.85
N ASP A 352 38.97 102.48 -54.75
CA ASP A 352 38.83 103.92 -54.85
C ASP A 352 39.77 104.45 -55.94
N GLY A 353 39.24 105.27 -56.84
CA GLY A 353 40.00 105.70 -57.99
C GLY A 353 41.11 106.69 -57.68
N MET A 354 42.36 106.21 -57.73
CA MET A 354 43.58 107.01 -57.64
C MET A 354 43.65 107.81 -56.34
N GLY A 355 43.34 107.14 -55.23
CA GLY A 355 43.42 107.77 -53.92
C GLY A 355 42.36 108.79 -53.62
N GLU A 356 41.24 108.76 -54.35
CA GLU A 356 40.14 109.68 -54.06
C GLU A 356 39.48 109.34 -52.74
N ASN A 357 39.08 108.07 -52.57
CA ASN A 357 38.63 107.46 -51.31
C ASN A 357 37.39 108.17 -50.76
N VAL A 358 36.40 108.35 -51.61
CA VAL A 358 35.28 109.21 -51.27
C VAL A 358 34.20 108.46 -50.49
N PHE A 359 34.04 107.15 -50.73
CA PHE A 359 32.92 106.40 -50.17
C PHE A 359 32.99 106.26 -48.65
N MET A 360 34.20 106.37 -48.09
CA MET A 360 34.40 106.38 -46.64
C MET A 360 33.61 107.48 -45.95
N VAL A 361 33.41 108.62 -46.64
CA VAL A 361 32.61 109.72 -46.12
C VAL A 361 31.22 109.25 -45.75
N ALA A 362 30.65 108.36 -46.58
CA ALA A 362 29.33 107.79 -46.33
C ALA A 362 29.24 107.10 -44.97
N VAL A 363 30.31 106.36 -44.61
CA VAL A 363 30.36 105.67 -43.32
C VAL A 363 30.22 106.67 -42.18
N LEU A 364 31.00 107.75 -42.26
CA LEU A 364 30.98 108.79 -41.25
C LEU A 364 29.62 109.42 -41.16
N ALA A 365 29.00 109.66 -42.33
CA ALA A 365 27.67 110.27 -42.41
C ALA A 365 26.67 109.41 -41.68
N ALA A 366 26.73 108.08 -41.94
CA ALA A 366 25.83 107.13 -41.32
C ALA A 366 25.96 107.18 -39.81
N ILE A 367 27.21 107.10 -39.34
CA ILE A 367 27.47 107.01 -37.91
C ILE A 367 27.07 108.30 -37.24
N PHE A 368 27.31 109.42 -37.93
CA PHE A 368 26.96 110.73 -37.39
C PHE A 368 25.46 110.82 -37.21
N HIS A 369 24.71 110.48 -38.27
CA HIS A 369 23.27 110.62 -38.20
C HIS A 369 22.69 109.58 -37.27
N LEU A 370 23.40 108.44 -37.15
CA LEU A 370 23.03 107.40 -36.19
C LEU A 370 22.96 107.97 -34.79
N PHE A 371 24.10 108.52 -34.33
CA PHE A 371 24.19 109.19 -33.04
C PHE A 371 23.18 110.30 -32.97
N ASN A 372 23.10 111.08 -34.05
CA ASN A 372 22.26 112.26 -34.11
C ASN A 372 20.82 111.89 -33.92
N HIS A 373 20.38 110.81 -34.61
CA HIS A 373 18.96 110.46 -34.63
C HIS A 373 18.47 110.17 -33.24
N ALA A 374 19.30 109.42 -32.50
CA ALA A 374 18.92 108.91 -31.18
C ALA A 374 18.52 110.06 -30.29
N THR A 375 19.37 111.10 -30.29
CA THR A 375 19.23 112.22 -29.37
C THR A 375 17.91 112.93 -29.60
N PHE A 376 17.69 113.41 -30.84
CA PHE A 376 16.52 114.28 -30.98
C PHE A 376 15.25 113.47 -30.99
N LYS A 377 15.35 112.18 -31.39
CA LYS A 377 14.14 111.40 -31.49
C LYS A 377 13.63 111.09 -30.11
N GLY A 378 14.56 110.86 -29.16
CA GLY A 378 14.18 110.62 -27.79
C GLY A 378 13.42 111.80 -27.23
N SER A 379 13.95 113.01 -27.49
CA SER A 379 13.37 114.22 -26.94
C SER A 379 11.97 114.43 -27.51
N LEU A 380 11.79 114.09 -28.79
CA LEU A 380 10.50 114.35 -29.43
C LEU A 380 9.41 113.49 -28.81
N PHE A 381 9.74 112.21 -28.52
CA PHE A 381 8.73 111.35 -27.92
C PHE A 381 8.35 111.85 -26.53
N MET A 382 9.36 112.32 -25.78
CA MET A 382 9.09 112.83 -24.44
C MET A 382 8.18 114.04 -24.51
N VAL A 383 8.37 114.86 -25.55
CA VAL A 383 7.56 116.05 -25.76
C VAL A 383 6.10 115.66 -25.95
N VAL A 384 5.84 114.65 -26.79
CA VAL A 384 4.46 114.35 -27.09
C VAL A 384 3.83 113.65 -25.89
N GLY A 385 4.66 112.94 -25.10
CA GLY A 385 4.15 112.33 -23.90
C GLY A 385 3.65 113.36 -22.92
N ILE A 386 4.42 114.45 -22.77
CA ILE A 386 4.04 115.55 -21.90
C ILE A 386 2.72 116.13 -22.33
N VAL A 387 2.59 116.41 -23.63
CA VAL A 387 1.43 117.16 -24.08
C VAL A 387 0.20 116.26 -24.03
N ASP A 388 0.42 114.94 -24.07
CA ASP A 388 -0.66 113.98 -23.90
C ASP A 388 -1.32 114.18 -22.55
N HIS A 389 -0.56 114.05 -21.47
CA HIS A 389 -1.18 114.23 -20.17
C HIS A 389 -1.18 115.68 -19.72
N GLU A 390 -0.99 116.62 -20.66
CA GLU A 390 -1.34 117.99 -20.38
C GLU A 390 -2.56 118.44 -21.16
N THR A 391 -3.07 117.58 -22.05
CA THR A 391 -4.26 117.91 -22.80
C THR A 391 -5.32 116.81 -22.73
N GLY A 392 -4.88 115.57 -22.67
CA GLY A 392 -5.76 114.42 -22.66
C GLY A 392 -5.84 113.73 -23.99
N THR A 393 -5.40 114.39 -25.06
CA THR A 393 -5.43 113.84 -26.40
C THR A 393 -4.03 113.82 -26.98
N ARG A 394 -3.89 113.09 -28.08
CA ARG A 394 -2.69 113.15 -28.89
C ARG A 394 -3.04 113.16 -30.38
N ASP A 395 -4.29 113.36 -30.73
CA ASP A 395 -4.64 113.55 -32.13
C ASP A 395 -4.30 114.96 -32.58
N ILE A 396 -4.11 115.12 -33.89
CA ILE A 396 -3.66 116.41 -34.42
C ILE A 396 -4.81 117.38 -34.63
N ARG A 397 -6.06 116.90 -34.55
CA ARG A 397 -7.21 117.69 -34.96
C ARG A 397 -7.97 118.29 -33.79
N ARG A 398 -7.58 118.01 -32.56
CA ARG A 398 -8.22 118.63 -31.41
C ARG A 398 -7.34 119.63 -30.68
N LEU A 399 -6.02 119.40 -30.64
CA LEU A 399 -5.12 120.32 -29.96
C LEU A 399 -4.62 121.40 -30.93
N GLY A 400 -4.72 122.64 -30.49
CA GLY A 400 -4.42 123.78 -31.36
C GLY A 400 -3.28 124.66 -30.90
N GLY A 401 -3.62 125.86 -30.43
CA GLY A 401 -2.62 126.83 -30.04
C GLY A 401 -1.99 126.56 -28.69
N LEU A 402 -0.73 126.13 -28.69
CA LEU A 402 -0.04 125.77 -27.45
C LEU A 402 1.35 126.39 -27.41
N MET A 403 1.53 127.53 -28.06
CA MET A 403 2.80 128.27 -27.96
C MET A 403 2.89 129.04 -26.66
N THR A 404 1.97 129.98 -26.45
CA THR A 404 1.95 130.80 -25.24
C THR A 404 1.34 130.07 -24.05
N ILE A 405 0.94 128.82 -24.23
CA ILE A 405 0.50 127.98 -23.12
C ILE A 405 1.64 127.13 -22.59
N MET A 406 2.47 126.58 -23.50
CA MET A 406 3.53 125.64 -23.15
C MET A 406 4.81 126.04 -23.87
N PRO A 407 5.55 127.02 -23.36
CA PRO A 407 6.68 127.56 -24.13
C PRO A 407 7.92 126.69 -24.16
N ILE A 408 8.23 126.00 -23.05
CA ILE A 408 9.50 125.28 -22.93
C ILE A 408 9.49 124.04 -23.83
N THR A 409 8.42 123.25 -23.77
CA THR A 409 8.31 122.09 -24.64
C THR A 409 8.09 122.49 -26.09
N PHE A 410 7.56 123.70 -26.35
CA PHE A 410 7.55 124.22 -27.71
C PHE A 410 8.96 124.49 -28.22
N THR A 411 9.82 125.03 -27.35
CA THR A 411 11.22 125.24 -27.73
C THR A 411 11.92 123.93 -28.03
N ILE A 412 11.69 122.92 -27.19
CA ILE A 412 12.30 121.60 -27.37
C ILE A 412 11.80 120.95 -28.65
N ALA A 413 10.49 121.02 -28.90
CA ALA A 413 9.91 120.43 -30.10
C ALA A 413 10.38 121.14 -31.36
N LEU A 414 10.53 122.46 -31.30
CA LEU A 414 11.01 123.21 -32.45
C LEU A 414 12.45 122.87 -32.78
N ILE A 415 13.30 122.73 -31.75
CA ILE A 415 14.69 122.32 -31.96
C ILE A 415 14.77 120.93 -32.56
N GLY A 416 13.98 119.99 -32.02
CA GLY A 416 14.01 118.62 -32.52
C GLY A 416 13.48 118.49 -33.94
N SER A 417 12.42 119.25 -34.27
CA SER A 417 11.85 119.17 -35.61
C SER A 417 12.74 119.83 -36.65
N LEU A 418 13.36 120.97 -36.30
CA LEU A 418 14.26 121.59 -37.27
C LEU A 418 15.55 120.79 -37.41
N SER A 419 15.96 120.05 -36.38
CA SER A 419 17.08 119.14 -36.54
C SER A 419 16.70 117.92 -37.36
N MET A 420 15.45 117.49 -37.28
CA MET A 420 14.99 116.34 -38.07
C MET A 420 14.82 116.70 -39.53
N ALA A 421 14.43 117.95 -39.82
CA ALA A 421 14.19 118.36 -41.20
C ALA A 421 15.48 118.50 -41.99
N GLY A 422 16.59 118.84 -41.33
CA GLY A 422 17.85 119.01 -42.04
C GLY A 422 18.17 120.45 -42.38
N LEU A 423 18.09 121.32 -41.37
CA LEU A 423 18.21 122.76 -41.53
C LEU A 423 19.55 123.27 -40.97
N PRO A 424 20.04 124.43 -41.42
CA PRO A 424 21.44 124.86 -41.12
C PRO A 424 21.79 125.00 -39.64
N PRO A 425 21.04 125.71 -38.77
CA PRO A 425 21.60 125.99 -37.43
C PRO A 425 21.67 124.78 -36.50
N PHE A 426 20.84 123.76 -36.70
CA PHE A 426 20.82 122.58 -35.85
C PHE A 426 21.58 121.42 -36.49
N ASN A 427 21.39 120.22 -35.93
CA ASN A 427 22.19 119.06 -36.29
C ASN A 427 21.99 118.60 -37.73
N GLY A 428 20.78 118.74 -38.26
CA GLY A 428 20.41 118.13 -39.53
C GLY A 428 21.14 118.69 -40.73
N PHE A 429 21.79 119.85 -40.59
CA PHE A 429 22.62 120.41 -41.65
C PHE A 429 23.72 119.45 -42.04
N LEU A 430 24.54 119.06 -41.07
CA LEU A 430 25.70 118.21 -41.36
C LEU A 430 25.27 116.83 -41.81
N SER A 431 24.21 116.30 -41.20
CA SER A 431 23.67 115.00 -41.57
C SER A 431 23.19 114.99 -43.02
N LYS A 432 22.38 115.98 -43.40
CA LYS A 432 21.86 115.99 -44.76
C LYS A 432 22.90 116.37 -45.80
N GLU A 433 23.85 117.26 -45.46
CA GLU A 433 24.86 117.61 -46.47
C GLU A 433 25.84 116.46 -46.69
N MET A 434 26.16 115.70 -45.63
CA MET A 434 27.01 114.54 -45.83
C MET A 434 26.24 113.42 -46.52
N PHE A 435 24.91 113.34 -46.31
CA PHE A 435 24.09 112.38 -47.03
C PHE A 435 24.06 112.67 -48.53
N PHE A 436 23.80 113.92 -48.91
CA PHE A 436 23.77 114.27 -50.33
C PHE A 436 25.16 114.20 -50.95
N THR A 437 26.21 114.52 -50.18
CA THR A 437 27.58 114.39 -50.69
C THR A 437 27.94 112.93 -50.92
N ALA A 438 27.50 112.03 -50.04
CA ALA A 438 27.77 110.61 -50.22
C ALA A 438 26.95 110.03 -51.36
N MET A 439 25.73 110.49 -51.54
CA MET A 439 24.90 109.93 -52.60
C MET A 439 25.26 110.47 -53.98
N LEU A 440 25.70 111.72 -54.09
CA LEU A 440 26.06 112.25 -55.41
C LEU A 440 27.38 111.69 -55.90
N ARG A 441 28.30 111.37 -55.01
CA ARG A 441 29.58 110.80 -55.44
C ARG A 441 29.52 109.29 -55.63
N ALA A 442 28.37 108.66 -55.37
CA ALA A 442 28.20 107.23 -55.53
C ALA A 442 27.57 106.84 -56.86
N LYS A 443 27.11 107.81 -57.64
CA LYS A 443 26.57 107.53 -58.96
C LYS A 443 27.64 107.55 -60.05
N ASP A 444 28.89 107.74 -59.69
CA ASP A 444 29.99 107.83 -60.63
C ASP A 444 30.68 106.51 -60.90
N VAL A 445 30.09 105.39 -60.48
CA VAL A 445 30.59 104.07 -60.84
C VAL A 445 29.65 103.34 -61.77
N ALA A 446 28.37 103.70 -61.82
CA ALA A 446 27.39 103.05 -62.68
C ALA A 446 26.38 104.08 -63.14
N GLY A 447 25.87 103.91 -64.36
CA GLY A 447 25.00 104.92 -64.95
C GLY A 447 23.61 104.95 -64.34
N TRP A 448 23.04 103.76 -64.07
CA TRP A 448 21.70 103.66 -63.49
C TRP A 448 21.62 104.27 -62.10
N ALA A 449 22.75 104.34 -61.39
CA ALA A 449 22.84 104.98 -60.09
C ALA A 449 22.62 106.49 -60.15
N VAL A 450 22.62 107.09 -61.34
CA VAL A 450 22.18 108.48 -61.51
C VAL A 450 20.71 108.64 -61.09
N ILE A 451 19.92 107.57 -61.21
CA ILE A 451 18.55 107.57 -60.68
C ILE A 451 18.54 107.74 -59.16
N LEU A 452 19.54 107.21 -58.47
CA LEU A 452 19.52 107.09 -57.01
C LEU A 452 19.49 108.39 -56.17
N PRO A 453 20.26 109.45 -56.46
CA PRO A 453 20.20 110.60 -55.53
C PRO A 453 18.92 111.40 -55.60
N VAL A 454 18.37 111.62 -56.81
CA VAL A 454 17.20 112.48 -56.97
C VAL A 454 15.98 111.88 -56.28
N VAL A 455 15.89 110.53 -56.31
CA VAL A 455 14.89 109.81 -55.54
C VAL A 455 15.06 110.11 -54.05
N ALA A 456 16.30 109.98 -53.56
CA ALA A 456 16.62 110.36 -52.19
C ALA A 456 16.32 111.83 -51.94
N TRP A 457 16.52 112.67 -52.97
CA TRP A 457 16.25 114.10 -52.85
C TRP A 457 14.77 114.37 -52.58
N VAL A 458 13.88 113.65 -53.27
CA VAL A 458 12.47 113.95 -53.03
C VAL A 458 12.05 113.38 -51.69
N ALA A 459 12.80 112.39 -51.18
CA ALA A 459 12.57 111.89 -49.83
C ALA A 459 12.74 113.00 -48.82
N SER A 460 13.77 113.84 -49.00
CA SER A 460 14.00 114.96 -48.09
C SER A 460 12.86 115.96 -48.18
N ILE A 461 12.30 116.15 -49.39
CA ILE A 461 11.12 117.00 -49.56
C ILE A 461 10.00 116.50 -48.67
N PHE A 462 9.72 115.19 -48.77
CA PHE A 462 8.66 114.56 -48.01
C PHE A 462 8.93 114.69 -46.52
N THR A 463 10.23 114.60 -46.15
CA THR A 463 10.66 114.70 -44.76
C THR A 463 10.22 116.03 -44.17
N PHE A 464 10.55 117.12 -44.89
CA PHE A 464 10.30 118.48 -44.39
C PHE A 464 8.83 118.68 -44.15
N LEU A 465 8.00 118.07 -45.02
CA LEU A 465 6.57 118.28 -45.02
C LEU A 465 5.97 117.87 -43.68
N TYR A 466 6.22 116.61 -43.27
CA TYR A 466 5.54 116.17 -42.06
C TYR A 466 6.11 116.86 -40.84
N SER A 467 7.42 117.15 -40.88
CA SER A 467 8.06 117.81 -39.75
C SER A 467 7.52 119.21 -39.59
N ALA A 468 7.34 119.91 -40.72
CA ALA A 468 6.76 121.24 -40.68
C ALA A 468 5.33 121.15 -40.18
N LEU A 469 4.58 120.19 -40.74
CA LEU A 469 3.19 119.99 -40.39
C LEU A 469 3.06 119.64 -38.93
N LEU A 470 4.06 118.91 -38.40
CA LEU A 470 4.11 118.50 -37.01
C LEU A 470 3.98 119.72 -36.11
N VAL A 471 4.96 120.63 -36.23
CA VAL A 471 4.96 121.82 -35.39
C VAL A 471 3.79 122.71 -35.77
N SER A 472 3.50 122.78 -37.07
CA SER A 472 2.52 123.76 -37.48
C SER A 472 1.10 123.27 -37.25
N ARG A 473 0.94 122.03 -36.77
CA ARG A 473 -0.39 121.62 -36.33
C ARG A 473 -0.36 121.11 -34.91
N THR A 474 0.69 121.43 -34.14
CA THR A 474 0.74 121.09 -32.72
C THR A 474 0.64 122.32 -31.83
N PHE A 475 1.29 123.41 -32.19
CA PHE A 475 1.38 124.57 -31.31
C PHE A 475 0.77 125.84 -31.89
N PHE A 476 0.57 125.92 -33.20
CA PHE A 476 0.01 127.11 -33.83
C PHE A 476 -1.51 127.02 -33.88
N GLY A 477 -2.12 128.05 -34.44
CA GLY A 477 -3.57 128.09 -34.56
C GLY A 477 -4.22 128.89 -33.47
N THR A 478 -5.12 128.26 -32.72
CA THR A 478 -5.82 128.94 -31.64
C THR A 478 -6.16 127.93 -30.54
N TYR A 479 -6.47 128.46 -29.36
CA TYR A 479 -6.79 127.64 -28.21
C TYR A 479 -8.28 127.32 -28.21
N LYS A 480 -8.61 126.08 -27.83
CA LYS A 480 -10.00 125.66 -27.75
C LYS A 480 -10.42 125.58 -26.29
N PRO A 481 -11.27 126.49 -25.81
CA PRO A 481 -11.62 126.51 -24.38
C PRO A 481 -12.81 125.61 -24.03
N HIS A 482 -13.18 124.70 -24.92
CA HIS A 482 -14.36 123.87 -24.66
C HIS A 482 -14.06 122.38 -24.60
N VAL A 483 -13.21 121.85 -25.48
CA VAL A 483 -12.88 120.43 -25.41
C VAL A 483 -11.73 120.10 -24.47
N LEU A 484 -10.85 121.06 -24.18
CA LEU A 484 -9.66 120.75 -23.40
C LEU A 484 -9.98 120.66 -21.92
N LYS A 485 -8.99 120.21 -21.14
CA LYS A 485 -9.19 119.83 -19.75
C LYS A 485 -8.87 120.96 -18.77
N LYS A 486 -7.63 121.43 -18.76
CA LYS A 486 -7.12 122.22 -17.64
C LYS A 486 -7.09 123.71 -17.96
N GLU A 487 -7.45 124.51 -16.94
CA GLU A 487 -7.26 125.95 -17.02
C GLU A 487 -5.78 126.32 -16.97
N ALA A 488 -4.97 125.54 -16.25
CA ALA A 488 -3.53 125.74 -16.15
C ALA A 488 -2.82 124.51 -16.71
N HIS A 489 -2.01 124.72 -17.75
CA HIS A 489 -1.28 123.64 -18.41
C HIS A 489 0.22 123.73 -18.17
N GLU A 490 0.62 124.29 -17.03
CA GLU A 490 2.04 124.40 -16.70
C GLU A 490 2.58 123.03 -16.32
N ALA A 491 3.59 122.56 -17.06
CA ALA A 491 4.17 121.26 -16.78
C ALA A 491 5.14 121.34 -15.60
N PRO A 492 5.28 120.25 -14.84
CA PRO A 492 6.33 120.21 -13.81
C PRO A 492 7.72 120.17 -14.43
N PHE A 493 8.70 120.59 -13.63
CA PHE A 493 10.06 120.72 -14.13
C PHE A 493 10.74 119.36 -14.26
N GLY A 494 10.42 118.42 -13.37
CA GLY A 494 11.07 117.12 -13.38
C GLY A 494 10.76 116.30 -14.62
N MET A 495 9.56 116.49 -15.19
CA MET A 495 9.26 115.91 -16.49
C MET A 495 10.10 116.55 -17.57
N LEU A 496 10.37 117.85 -17.42
CA LEU A 496 11.05 118.63 -18.44
C LEU A 496 12.56 118.52 -18.38
N ILE A 497 13.12 117.85 -17.38
CA ILE A 497 14.59 117.79 -17.23
C ILE A 497 15.24 117.06 -18.40
N ALA A 498 14.84 115.81 -18.65
CA ALA A 498 15.45 114.98 -19.69
C ALA A 498 15.27 115.47 -21.14
N PRO A 499 14.11 116.02 -21.56
CA PRO A 499 14.09 116.67 -22.88
C PRO A 499 14.99 117.89 -22.99
N ILE A 500 15.17 118.65 -21.91
CA ILE A 500 16.09 119.79 -21.93
C ILE A 500 17.53 119.32 -22.10
N VAL A 501 17.90 118.21 -21.45
CA VAL A 501 19.25 117.69 -21.61
C VAL A 501 19.47 117.16 -23.02
N LEU A 502 18.45 116.50 -23.58
CA LEU A 502 18.58 116.00 -24.95
C LEU A 502 18.63 117.14 -25.98
N ALA A 503 17.81 118.17 -25.80
CA ALA A 503 17.85 119.33 -26.69
C ALA A 503 19.15 120.12 -26.56
N SER A 504 19.71 120.18 -25.35
CA SER A 504 21.00 120.83 -25.17
C SER A 504 22.11 120.04 -25.83
N LEU A 505 22.03 118.71 -25.79
CA LEU A 505 23.03 117.90 -26.51
C LEU A 505 22.87 118.03 -28.02
N VAL A 506 21.62 118.20 -28.48
CA VAL A 506 21.34 118.50 -29.90
C VAL A 506 22.03 119.80 -30.32
N VAL A 507 21.84 120.87 -29.53
CA VAL A 507 22.45 122.16 -29.85
C VAL A 507 23.98 122.09 -29.75
N PHE A 508 24.50 121.29 -28.81
CA PHE A 508 25.95 121.20 -28.63
C PHE A 508 26.63 120.50 -29.80
N ILE A 509 26.08 119.37 -30.26
CA ILE A 509 26.65 118.75 -31.45
C ILE A 509 26.25 119.49 -32.72
N GLY A 510 25.28 120.41 -32.63
CA GLY A 510 25.08 121.36 -33.71
C GLY A 510 26.22 122.33 -33.89
N PHE A 511 26.44 123.17 -32.89
CA PHE A 511 27.42 124.24 -33.05
C PHE A 511 28.85 123.75 -32.84
N VAL A 512 29.06 122.71 -32.04
CA VAL A 512 30.41 122.18 -31.86
C VAL A 512 30.41 120.74 -32.37
N PRO A 513 30.79 120.50 -33.62
CA PRO A 513 30.78 119.12 -34.13
C PRO A 513 32.13 118.42 -34.06
N ASN A 514 33.18 119.14 -33.69
CA ASN A 514 34.53 118.61 -33.88
C ASN A 514 34.98 117.70 -32.75
N VAL A 515 34.64 118.05 -31.50
CA VAL A 515 35.22 117.31 -30.38
C VAL A 515 34.55 115.95 -30.21
N LEU A 516 33.23 115.86 -30.41
CA LEU A 516 32.57 114.57 -30.32
C LEU A 516 32.93 113.67 -31.49
N SER A 517 33.18 114.28 -32.66
CA SER A 517 33.68 113.53 -33.81
C SER A 517 35.05 112.92 -33.51
N ASP A 518 36.03 113.76 -33.15
CA ASP A 518 37.39 113.30 -32.89
C ASP A 518 37.48 112.37 -31.69
N SER A 519 36.54 112.45 -30.75
CA SER A 519 36.57 111.58 -29.59
C SER A 519 35.89 110.24 -29.84
N VAL A 520 34.73 110.22 -30.51
CA VAL A 520 33.88 109.04 -30.60
C VAL A 520 33.74 108.55 -32.03
N LEU A 521 33.44 109.46 -32.96
CA LEU A 521 32.98 109.04 -34.28
C LEU A 521 34.11 108.53 -35.16
N ALA A 522 35.36 108.96 -34.90
CA ALA A 522 36.45 108.49 -35.74
C ALA A 522 36.81 107.02 -35.49
N PRO A 523 36.98 106.52 -34.25
CA PRO A 523 37.24 105.06 -34.11
C PRO A 523 36.06 104.19 -34.47
N ALA A 524 34.84 104.73 -34.49
CA ALA A 524 33.72 104.00 -35.06
C ALA A 524 33.92 103.74 -36.55
N VAL A 525 34.42 104.75 -37.28
CA VAL A 525 34.70 104.57 -38.70
C VAL A 525 35.88 103.65 -38.90
N TYR A 526 36.90 103.74 -38.03
CA TYR A 526 38.01 102.79 -38.11
C TYR A 526 37.59 101.36 -37.74
N ALA A 527 36.49 101.21 -37.01
CA ALA A 527 35.98 99.87 -36.69
C ALA A 527 35.17 99.29 -37.86
N VAL A 528 34.25 100.08 -38.41
CA VAL A 528 33.39 99.58 -39.50
C VAL A 528 34.18 99.32 -40.77
N LEU A 529 35.31 100.00 -40.95
CA LEU A 529 36.11 99.85 -42.15
C LEU A 529 37.45 99.20 -41.83
N TYR A 530 37.42 98.12 -41.07
CA TYR A 530 38.63 97.49 -40.55
C TYR A 530 39.48 96.90 -41.66
N GLY A 531 40.80 97.01 -41.49
CA GLY A 531 41.73 96.43 -42.43
C GLY A 531 41.85 97.15 -43.75
N LEU A 532 41.53 98.43 -43.78
CA LEU A 532 41.38 99.14 -45.04
C LEU A 532 42.19 100.42 -45.04
N PHE A 533 42.44 100.96 -43.85
CA PHE A 533 43.17 102.22 -43.68
C PHE A 533 44.66 101.96 -43.75
N ALA A 534 45.23 102.11 -44.95
CA ALA A 534 46.68 102.12 -44.98
C ALA A 534 47.18 103.53 -44.64
N PRO A 535 46.58 104.66 -45.18
CA PRO A 535 46.76 105.94 -44.47
C PRO A 535 45.58 106.23 -43.55
N ASN A 536 45.78 107.06 -42.53
CA ASN A 536 44.69 107.48 -41.67
C ASN A 536 44.51 109.00 -41.62
N GLU A 537 45.20 109.76 -42.47
CA GLU A 537 45.14 111.22 -42.42
C GLU A 537 44.01 111.79 -43.25
N ALA A 538 43.55 111.05 -44.28
CA ALA A 538 42.49 111.54 -45.14
C ALA A 538 41.16 111.63 -44.40
N LEU A 539 40.87 110.62 -43.57
CA LEU A 539 39.68 110.66 -42.74
C LEU A 539 39.74 111.80 -41.73
N ASP A 540 40.93 112.08 -41.20
CA ASP A 540 41.07 113.14 -40.22
C ASP A 540 40.91 114.52 -40.85
N VAL A 541 41.50 114.73 -42.03
CA VAL A 541 41.34 116.02 -42.70
C VAL A 541 39.97 116.16 -43.35
N HIS A 542 39.21 115.07 -43.48
CA HIS A 542 37.80 115.24 -43.85
C HIS A 542 36.91 115.50 -42.64
N ILE A 543 37.26 114.96 -41.47
CA ILE A 543 36.54 115.30 -40.23
C ILE A 543 36.75 116.76 -39.89
N SER A 544 37.99 117.26 -40.01
CA SER A 544 38.25 118.67 -39.73
C SER A 544 37.67 119.61 -40.79
N HIS A 545 37.35 119.10 -41.97
CA HIS A 545 36.65 119.89 -42.96
C HIS A 545 35.21 120.15 -42.55
N TRP A 546 34.80 121.42 -42.59
CA TRP A 546 33.41 121.79 -42.29
C TRP A 546 32.76 122.63 -43.38
N HIS A 547 33.48 123.58 -43.97
CA HIS A 547 32.88 124.58 -44.84
C HIS A 547 33.60 124.50 -46.18
N GLY A 548 33.25 125.40 -47.09
CA GLY A 548 33.66 125.31 -48.48
C GLY A 548 32.44 125.17 -49.34
N PHE A 549 32.38 125.91 -50.45
CA PHE A 549 31.18 125.96 -51.28
C PHE A 549 30.94 124.65 -52.00
N THR A 550 29.90 123.93 -51.58
CA THR A 550 29.49 122.64 -52.12
C THR A 550 28.27 122.81 -53.02
N PRO A 551 28.14 121.97 -54.05
CA PRO A 551 26.90 121.97 -54.84
C PRO A 551 25.70 121.40 -54.11
N GLU A 552 25.91 120.74 -52.97
CA GLU A 552 24.82 120.22 -52.16
C GLU A 552 24.17 121.28 -51.28
N LEU A 553 24.71 122.51 -51.28
CA LEU A 553 24.14 123.57 -50.47
C LEU A 553 22.86 124.11 -51.09
N PHE A 554 22.89 124.42 -52.40
CA PHE A 554 21.67 124.83 -53.11
C PHE A 554 20.69 123.68 -53.24
N MET A 555 21.15 122.44 -53.13
CA MET A 555 20.24 121.31 -53.05
C MET A 555 19.41 121.37 -51.76
N THR A 556 20.03 121.70 -50.63
CA THR A 556 19.30 121.89 -49.38
C THR A 556 18.40 123.13 -49.45
N ILE A 557 18.87 124.18 -50.14
CA ILE A 557 18.06 125.37 -50.33
C ILE A 557 16.80 125.06 -51.15
N GLY A 558 16.95 124.21 -52.17
CA GLY A 558 15.81 123.78 -52.95
C GLY A 558 14.87 122.87 -52.18
N VAL A 559 15.42 122.03 -51.30
CA VAL A 559 14.61 121.25 -50.35
C VAL A 559 13.74 122.17 -49.50
N LEU A 560 14.36 123.23 -48.97
CA LEU A 560 13.66 124.19 -48.12
C LEU A 560 12.55 124.91 -48.89
N LEU A 561 12.88 125.44 -50.08
CA LEU A 561 11.90 126.20 -50.85
C LEU A 561 10.75 125.33 -51.35
N PHE A 562 11.05 124.10 -51.78
CA PHE A 562 10.00 123.23 -52.31
C PHE A 562 9.13 122.69 -51.19
N GLY A 563 9.69 122.46 -50.00
CA GLY A 563 8.85 122.09 -48.87
C GLY A 563 7.97 123.23 -48.40
N LEU A 564 8.49 124.47 -48.46
CA LEU A 564 7.66 125.64 -48.15
C LEU A 564 6.51 125.80 -49.14
N VAL A 565 6.78 125.63 -50.44
CA VAL A 565 5.69 125.78 -51.41
C VAL A 565 4.80 124.54 -51.47
N LEU A 566 5.21 123.44 -50.86
CA LEU A 566 4.39 122.24 -50.79
C LEU A 566 3.50 122.22 -49.55
N TYR A 567 3.94 122.83 -48.45
CA TYR A 567 3.14 122.76 -47.23
C TYR A 567 1.94 123.71 -47.24
N ARG A 568 2.06 124.88 -47.87
CA ARG A 568 0.97 125.86 -47.82
C ARG A 568 -0.24 125.39 -48.62
N THR A 569 -0.03 124.60 -49.66
CA THR A 569 -1.12 124.09 -50.48
C THR A 569 -1.59 122.71 -50.05
N PHE A 570 -1.21 122.25 -48.86
CA PHE A 570 -1.55 120.90 -48.42
C PHE A 570 -3.05 120.62 -48.22
N PRO A 571 -3.93 121.55 -47.79
CA PRO A 571 -5.37 121.24 -47.85
C PRO A 571 -5.96 121.16 -49.26
N LYS A 572 -5.20 121.44 -50.31
CA LYS A 572 -5.70 121.34 -51.68
C LYS A 572 -5.49 119.95 -52.27
N TRP A 573 -4.32 119.35 -52.08
CA TRP A 573 -4.05 117.99 -52.53
C TRP A 573 -4.20 116.98 -51.39
N LYS A 574 -5.15 117.23 -50.50
CA LYS A 574 -5.34 116.40 -49.31
C LYS A 574 -6.12 115.13 -49.62
N LYS A 575 -7.17 115.23 -50.44
CA LYS A 575 -7.97 114.06 -50.78
C LYS A 575 -7.22 113.10 -51.69
N ILE A 576 -6.46 113.65 -52.64
CA ILE A 576 -5.62 112.83 -53.53
C ILE A 576 -4.59 112.07 -52.72
N TYR A 577 -3.99 112.74 -51.73
CA TYR A 577 -3.00 112.11 -50.87
C TYR A 577 -3.62 111.04 -49.99
N TYR A 578 -4.83 111.29 -49.45
CA TYR A 578 -5.50 110.29 -48.63
C TYR A 578 -5.87 109.04 -49.44
N ARG A 579 -6.39 109.23 -50.65
CA ARG A 579 -6.77 108.06 -51.44
C ARG A 579 -5.55 107.31 -52.00
N LEU A 580 -4.46 108.02 -52.31
CA LEU A 580 -3.27 107.32 -52.76
C LEU A 580 -2.54 106.65 -51.61
N SER A 581 -2.70 107.16 -50.37
CA SER A 581 -2.19 106.44 -49.21
C SER A 581 -3.03 105.22 -48.90
N GLU A 582 -4.33 105.31 -49.15
CA GLU A 582 -5.21 104.13 -49.11
C GLU A 582 -4.87 103.13 -50.20
N ARG A 583 -4.27 103.58 -51.30
CA ARG A 583 -4.06 102.75 -52.48
C ARG A 583 -3.02 101.65 -52.25
N MET A 584 -2.07 101.84 -51.34
CA MET A 584 -1.07 100.79 -51.09
C MET A 584 -0.57 100.83 -49.66
N SER A 585 -0.76 99.72 -48.94
CA SER A 585 -0.28 99.52 -47.58
C SER A 585 0.21 98.08 -47.47
N LEU A 586 0.70 97.71 -46.28
CA LEU A 586 1.21 96.36 -46.07
C LEU A 586 0.66 95.66 -44.83
N ASN A 587 -0.24 96.27 -44.07
CA ASN A 587 -0.89 95.54 -42.99
C ASN A 587 -2.09 94.74 -43.48
N PHE A 588 -2.70 95.20 -44.58
CA PHE A 588 -3.74 94.46 -45.27
C PHE A 588 -3.25 93.07 -45.69
N PHE A 589 -2.07 93.03 -46.33
CA PHE A 589 -1.54 91.76 -46.83
C PHE A 589 -1.17 90.83 -45.69
N TYR A 590 -0.63 91.37 -44.60
CA TYR A 590 -0.23 90.55 -43.47
C TYR A 590 -1.43 89.98 -42.72
N ASP A 591 -2.46 90.81 -42.52
CA ASP A 591 -3.67 90.35 -41.86
C ASP A 591 -4.37 89.26 -42.69
N GLN A 592 -4.49 89.48 -43.99
CA GLN A 592 -5.10 88.44 -44.82
C GLN A 592 -4.20 87.23 -44.98
N SER A 593 -2.88 87.38 -44.87
CA SER A 593 -2.00 86.22 -44.93
C SER A 593 -2.17 85.34 -43.69
N PHE A 594 -2.36 85.95 -42.52
CA PHE A 594 -2.59 85.11 -41.35
C PHE A 594 -3.99 84.51 -41.32
N VAL A 595 -4.99 85.24 -41.83
CA VAL A 595 -6.33 84.65 -41.98
C VAL A 595 -6.30 83.46 -42.93
N TRP A 596 -5.56 83.60 -44.04
CA TRP A 596 -5.38 82.50 -44.99
C TRP A 596 -4.67 81.32 -44.35
N MET A 597 -3.63 81.58 -43.56
CA MET A 597 -2.86 80.48 -42.97
C MET A 597 -3.68 79.71 -41.95
N GLU A 598 -4.38 80.42 -41.05
CA GLU A 598 -5.15 79.70 -40.04
C GLU A 598 -6.35 78.99 -40.65
N ARG A 599 -6.97 79.58 -41.69
CA ARG A 599 -8.13 78.95 -42.31
C ARG A 599 -7.71 77.75 -43.15
N GLY A 600 -6.55 77.81 -43.80
CA GLY A 600 -6.06 76.68 -44.55
C GLY A 600 -5.64 75.53 -43.66
N ALA A 601 -4.99 75.82 -42.53
CA ALA A 601 -4.64 74.75 -41.59
C ALA A 601 -5.88 74.13 -40.96
N ARG A 602 -6.88 74.96 -40.64
CA ARG A 602 -8.10 74.44 -40.04
C ARG A 602 -8.91 73.60 -41.02
N SER A 603 -8.94 74.02 -42.29
CA SER A 603 -9.63 73.22 -43.29
C SER A 603 -8.85 71.96 -43.64
N PHE A 604 -7.52 71.99 -43.52
CA PHE A 604 -6.72 70.78 -43.68
C PHE A 604 -7.06 69.74 -42.62
N ILE A 605 -7.11 70.16 -41.35
CA ILE A 605 -7.43 69.19 -40.30
C ILE A 605 -8.92 68.83 -40.30
N SER A 606 -9.78 69.66 -40.86
CA SER A 606 -11.16 69.23 -41.05
C SER A 606 -11.31 68.29 -42.23
N ARG A 607 -10.37 68.30 -43.18
CA ARG A 607 -10.42 67.35 -44.28
C ARG A 607 -9.83 65.99 -43.88
N VAL A 608 -8.57 65.96 -43.45
CA VAL A 608 -7.90 64.67 -43.31
C VAL A 608 -8.18 64.00 -41.97
N MET A 609 -8.60 64.74 -40.94
CA MET A 609 -8.94 64.16 -39.65
C MET A 609 -10.47 64.11 -39.57
N ASN A 610 -11.03 63.02 -40.10
CA ASN A 610 -12.48 62.89 -40.18
C ASN A 610 -13.07 62.40 -38.86
N GLY A 611 -12.36 61.51 -38.17
CA GLY A 611 -12.84 60.89 -36.96
C GLY A 611 -13.19 59.43 -37.12
N SER A 612 -13.49 58.99 -38.33
CA SER A 612 -13.84 57.59 -38.58
C SER A 612 -12.58 56.74 -38.57
N MET A 613 -12.66 55.61 -37.87
CA MET A 613 -11.49 54.75 -37.71
C MET A 613 -11.19 53.99 -39.00
N ARG A 614 -12.22 53.75 -39.83
CA ARG A 614 -12.06 53.05 -41.10
C ARG A 614 -11.11 53.80 -42.03
N THR A 615 -11.26 55.13 -42.09
CA THR A 615 -10.42 55.94 -42.97
C THR A 615 -8.97 55.93 -42.53
N TYR A 616 -8.70 56.03 -41.22
CA TYR A 616 -7.32 56.03 -40.76
C TYR A 616 -6.68 54.66 -40.97
N LEU A 617 -7.47 53.60 -40.82
CA LEU A 617 -6.95 52.27 -41.13
C LEU A 617 -6.64 52.13 -42.61
N MET A 618 -7.46 52.74 -43.48
CA MET A 618 -7.17 52.76 -44.91
C MET A 618 -5.85 53.49 -45.20
N TYR A 619 -5.61 54.60 -44.50
CA TYR A 619 -4.37 55.35 -44.75
C TYR A 619 -3.15 54.58 -44.28
N ILE A 620 -3.23 53.95 -43.11
CA ILE A 620 -2.11 53.18 -42.57
C ILE A 620 -1.80 51.96 -43.43
N PHE A 621 -2.84 51.22 -43.84
CA PHE A 621 -2.67 50.05 -44.69
C PHE A 621 -2.13 50.42 -46.07
N THR A 622 -2.63 51.52 -46.64
CA THR A 622 -2.16 51.95 -47.96
C THR A 622 -0.71 52.41 -47.91
N SER A 623 -0.33 53.10 -46.83
CA SER A 623 1.06 53.54 -46.68
C SER A 623 2.00 52.36 -46.46
N LEU A 624 1.57 51.37 -45.68
CA LEU A 624 2.30 50.12 -45.51
C LEU A 624 2.56 49.42 -46.84
N VAL A 625 1.49 49.24 -47.62
CA VAL A 625 1.58 48.58 -48.93
C VAL A 625 2.49 49.35 -49.88
N ALA A 626 2.34 50.68 -49.92
CA ALA A 626 3.11 51.51 -50.84
C ALA A 626 4.60 51.49 -50.51
N LEU A 627 4.95 51.64 -49.23
CA LEU A 627 6.35 51.66 -48.84
C LEU A 627 7.01 50.30 -49.08
N LEU A 628 6.31 49.21 -48.74
CA LEU A 628 6.93 47.90 -48.92
C LEU A 628 7.05 47.51 -50.39
N LEU A 629 6.03 47.81 -51.21
CA LEU A 629 6.10 47.46 -52.63
C LEU A 629 7.11 48.33 -53.37
N PHE A 630 7.23 49.61 -53.00
CA PHE A 630 8.25 50.44 -53.61
C PHE A 630 9.65 50.01 -53.19
N THR A 631 9.80 49.54 -51.95
CA THR A 631 11.11 49.09 -51.49
C THR A 631 11.52 47.80 -52.19
N ILE A 632 10.55 46.93 -52.48
CA ILE A 632 10.84 45.71 -53.24
C ILE A 632 11.14 46.04 -54.70
N GLY A 633 10.33 46.90 -55.31
CA GLY A 633 10.49 47.23 -56.72
C GLY A 633 11.71 48.06 -57.03
N TRP A 634 12.25 48.79 -56.05
CA TRP A 634 13.44 49.60 -56.28
C TRP A 634 14.67 48.73 -56.49
N HIS A 635 14.74 47.59 -55.83
CA HIS A 635 15.88 46.68 -55.96
C HIS A 635 15.64 45.73 -57.14
N GLU A 636 16.45 44.68 -57.22
CA GLU A 636 16.28 43.67 -58.26
C GLU A 636 15.94 42.29 -57.72
N GLN A 637 16.14 42.06 -56.41
CA GLN A 637 15.68 40.86 -55.68
C GLN A 637 16.23 39.58 -56.27
N TRP A 638 17.55 39.51 -56.39
CA TRP A 638 18.21 38.36 -56.98
C TRP A 638 18.20 37.18 -56.02
N HIS A 639 18.74 36.06 -56.52
CA HIS A 639 19.05 34.85 -55.75
C HIS A 639 17.83 34.26 -55.06
N ILE A 640 16.90 33.80 -55.89
CA ILE A 640 15.81 32.95 -55.39
C ILE A 640 16.34 31.51 -55.40
N ASP A 641 16.57 30.97 -54.22
CA ASP A 641 17.09 29.62 -54.06
C ASP A 641 15.98 28.77 -53.44
N LEU A 642 15.49 27.81 -54.20
CA LEU A 642 14.43 26.92 -53.77
C LEU A 642 14.95 25.67 -53.08
N SER A 643 16.23 25.62 -52.75
CA SER A 643 16.82 24.43 -52.16
C SER A 643 16.52 24.30 -50.68
N ARG A 644 16.19 25.39 -50.00
CA ARG A 644 15.83 25.30 -48.59
C ARG A 644 14.48 24.61 -48.41
N LEU A 645 13.61 24.70 -49.41
CA LEU A 645 12.21 24.27 -49.31
C LEU A 645 12.09 22.77 -49.02
N ALA A 646 11.11 22.44 -48.19
CA ALA A 646 10.86 21.07 -47.74
C ALA A 646 9.85 20.38 -48.65
N HIS A 647 9.87 19.05 -48.63
CA HIS A 647 8.95 18.27 -49.44
C HIS A 647 7.53 18.38 -48.90
N VAL A 648 6.59 18.62 -49.80
CA VAL A 648 5.20 18.81 -49.41
C VAL A 648 4.55 17.45 -49.20
N ARG A 649 3.61 17.40 -48.26
CA ARG A 649 2.94 16.16 -47.86
C ARG A 649 1.45 16.39 -47.84
N VAL A 650 0.69 15.30 -47.90
CA VAL A 650 -0.73 15.36 -48.26
C VAL A 650 -1.57 15.93 -47.12
N TYR A 651 -1.18 15.66 -45.87
CA TYR A 651 -1.97 16.05 -44.71
C TYR A 651 -2.03 17.56 -44.55
N GLU A 652 -0.90 18.23 -44.77
CA GLU A 652 -0.84 19.67 -44.72
C GLU A 652 -1.63 20.30 -45.87
N VAL A 653 -1.66 19.64 -47.03
CA VAL A 653 -2.45 20.12 -48.16
C VAL A 653 -3.95 20.10 -47.83
N VAL A 654 -4.41 18.99 -47.26
CA VAL A 654 -5.83 18.85 -46.94
C VAL A 654 -6.21 19.80 -45.81
N LEU A 655 -5.33 19.97 -44.83
CA LEU A 655 -5.65 20.89 -43.74
C LEU A 655 -5.58 22.35 -44.19
N ALA A 656 -4.72 22.67 -45.16
CA ALA A 656 -4.70 24.02 -45.71
C ALA A 656 -5.96 24.33 -46.49
N ILE A 657 -6.46 23.35 -47.26
CA ILE A 657 -7.75 23.51 -47.93
C ILE A 657 -8.87 23.71 -46.92
N GLY A 658 -8.80 23.02 -45.77
CA GLY A 658 -9.80 23.21 -44.73
C GLY A 658 -9.79 24.61 -44.12
N ILE A 659 -8.60 25.13 -43.82
CA ILE A 659 -8.61 26.46 -43.19
C ILE A 659 -8.84 27.56 -44.22
N LEU A 660 -8.54 27.33 -45.50
CA LEU A 660 -9.00 28.25 -46.54
C LEU A 660 -10.52 28.27 -46.62
N ALA A 661 -11.16 27.11 -46.45
CA ALA A 661 -12.62 27.07 -46.43
C ALA A 661 -13.18 27.82 -45.23
N ALA A 662 -12.53 27.71 -44.07
CA ALA A 662 -13.01 28.42 -42.89
C ALA A 662 -12.78 29.93 -43.00
N THR A 663 -11.66 30.33 -43.63
CA THR A 663 -11.39 31.74 -43.89
C THR A 663 -12.40 32.35 -44.87
N VAL A 664 -12.71 31.63 -45.94
CA VAL A 664 -13.67 32.12 -46.91
C VAL A 664 -15.07 32.17 -46.28
N THR A 665 -15.42 31.22 -45.43
CA THR A 665 -16.73 31.33 -44.80
C THR A 665 -16.76 32.27 -43.61
N THR A 666 -15.60 32.79 -43.16
CA THR A 666 -15.69 33.86 -42.18
C THR A 666 -15.62 35.25 -42.81
N VAL A 667 -15.24 35.38 -44.08
CA VAL A 667 -15.37 36.69 -44.71
C VAL A 667 -16.67 36.92 -45.47
N ILE A 668 -17.36 35.86 -45.90
CA ILE A 668 -18.58 35.99 -46.69
C ILE A 668 -19.81 35.58 -45.86
N ALA A 669 -19.65 35.39 -44.56
CA ALA A 669 -20.79 35.02 -43.73
C ALA A 669 -21.76 36.17 -43.57
N LYS A 670 -23.05 35.87 -43.71
CA LYS A 670 -24.06 36.89 -43.52
C LYS A 670 -24.26 37.21 -42.05
N SER A 671 -24.37 36.19 -41.22
CA SER A 671 -24.54 36.40 -39.79
C SER A 671 -23.18 36.40 -39.10
N ARG A 672 -23.19 36.82 -37.83
CA ARG A 672 -21.96 36.95 -37.06
C ARG A 672 -21.62 35.69 -36.28
N LEU A 673 -22.62 34.88 -35.90
CA LEU A 673 -22.35 33.58 -35.29
C LEU A 673 -21.59 32.67 -36.23
N THR A 674 -21.86 32.77 -37.54
CA THR A 674 -21.15 31.97 -38.53
C THR A 674 -19.68 32.36 -38.58
N ALA A 675 -19.39 33.66 -38.46
CA ALA A 675 -18.00 34.10 -38.41
C ALA A 675 -17.33 33.72 -37.10
N ILE A 676 -18.08 33.69 -36.00
CA ILE A 676 -17.52 33.27 -34.72
C ILE A 676 -17.15 31.79 -34.74
N VAL A 677 -18.06 30.94 -35.22
CA VAL A 677 -17.76 29.51 -35.26
C VAL A 677 -16.73 29.20 -36.34
N SER A 678 -16.63 30.02 -37.38
CA SER A 678 -15.56 29.81 -38.35
C SER A 678 -14.21 30.25 -37.80
N LEU A 679 -14.17 31.31 -36.99
CA LEU A 679 -12.93 31.68 -36.31
C LEU A 679 -12.51 30.60 -35.31
N GLY A 680 -13.49 29.98 -34.66
CA GLY A 680 -13.21 28.83 -33.83
C GLY A 680 -12.62 27.68 -34.61
N ALA A 681 -13.18 27.38 -35.79
CA ALA A 681 -12.67 26.31 -36.63
C ALA A 681 -11.27 26.62 -37.13
N VAL A 682 -10.99 27.89 -37.43
CA VAL A 682 -9.62 28.33 -37.75
C VAL A 682 -8.69 28.07 -36.59
N GLY A 683 -9.14 28.35 -35.36
CA GLY A 683 -8.30 28.12 -34.18
C GLY A 683 -7.97 26.65 -33.94
N TYR A 684 -9.01 25.80 -34.03
CA TYR A 684 -8.77 24.37 -33.81
C TYR A 684 -7.97 23.74 -34.94
N ALA A 685 -8.08 24.27 -36.15
CA ALA A 685 -7.26 23.74 -37.23
C ALA A 685 -5.84 24.29 -37.21
N VAL A 686 -5.60 25.47 -36.63
CA VAL A 686 -4.24 25.92 -36.37
C VAL A 686 -3.60 25.02 -35.31
N ALA A 687 -4.39 24.60 -34.32
CA ALA A 687 -3.93 23.60 -33.36
C ALA A 687 -3.61 22.27 -34.03
N LEU A 688 -4.39 21.89 -35.05
CA LEU A 688 -4.08 20.65 -35.77
C LEU A 688 -2.84 20.79 -36.64
N PHE A 689 -2.57 21.99 -37.16
CA PHE A 689 -1.26 22.26 -37.78
C PHE A 689 -0.13 22.13 -36.78
N PHE A 690 -0.34 22.62 -35.56
CA PHE A 690 0.68 22.52 -34.52
C PHE A 690 0.97 21.07 -34.15
N VAL A 691 -0.07 20.23 -34.12
CA VAL A 691 0.11 18.79 -33.99
C VAL A 691 0.92 18.25 -35.16
N LEU A 692 0.54 18.66 -36.37
CA LEU A 692 1.11 18.08 -37.58
C LEU A 692 2.51 18.60 -37.89
N PHE A 693 2.88 19.79 -37.39
CA PHE A 693 4.24 20.29 -37.52
C PHE A 693 5.09 20.07 -36.28
N ARG A 694 4.71 19.08 -35.45
CA ARG A 694 5.53 18.55 -34.34
C ARG A 694 5.72 19.59 -33.24
N ALA A 695 4.62 20.15 -32.74
CA ALA A 695 4.64 21.14 -31.66
C ALA A 695 3.56 20.81 -30.63
N PRO A 696 3.88 20.00 -29.62
CA PRO A 696 2.84 19.54 -28.69
C PRO A 696 2.34 20.60 -27.74
N ASP A 697 3.25 21.39 -27.17
CA ASP A 697 2.89 22.43 -26.19
C ASP A 697 2.01 23.49 -26.82
N LEU A 698 2.33 23.86 -28.06
CA LEU A 698 1.56 24.84 -28.81
C LEU A 698 0.17 24.33 -29.08
N ALA A 699 0.03 23.02 -29.36
CA ALA A 699 -1.27 22.43 -29.61
C ALA A 699 -2.14 22.43 -28.36
N LEU A 700 -1.57 22.06 -27.22
CA LEU A 700 -2.31 22.05 -25.95
C LEU A 700 -2.82 23.44 -25.58
N THR A 701 -1.90 24.41 -25.54
CA THR A 701 -2.25 25.78 -25.18
C THR A 701 -3.18 26.41 -26.21
N GLN A 702 -3.01 26.08 -27.49
CA GLN A 702 -3.84 26.63 -28.54
C GLN A 702 -5.28 26.14 -28.43
N LEU A 703 -5.47 24.85 -28.13
CA LEU A 703 -6.82 24.30 -27.98
C LEU A 703 -7.55 24.95 -26.81
N VAL A 704 -6.88 25.06 -25.65
CA VAL A 704 -7.55 25.62 -24.49
C VAL A 704 -7.84 27.12 -24.67
N ILE A 705 -6.87 27.86 -25.21
CA ILE A 705 -7.03 29.30 -25.38
C ILE A 705 -8.08 29.62 -26.44
N GLU A 706 -8.17 28.81 -27.50
CA GLU A 706 -9.23 29.05 -28.47
C GLU A 706 -10.61 28.71 -27.94
N THR A 707 -10.72 27.70 -27.07
CA THR A 707 -12.03 27.43 -26.47
C THR A 707 -12.48 28.57 -25.55
N ILE A 708 -11.55 29.11 -24.76
CA ILE A 708 -11.89 30.23 -23.87
C ILE A 708 -12.22 31.49 -24.68
N SER A 709 -11.47 31.74 -25.74
CA SER A 709 -11.69 32.95 -26.53
C SER A 709 -12.99 32.89 -27.33
N VAL A 710 -13.35 31.70 -27.84
CA VAL A 710 -14.64 31.55 -28.54
C VAL A 710 -15.79 31.70 -27.55
N ALA A 711 -15.61 31.24 -26.31
CA ALA A 711 -16.61 31.52 -25.28
C ALA A 711 -16.74 33.01 -25.01
N LEU A 712 -15.64 33.75 -25.08
CA LEU A 712 -15.71 35.20 -24.89
C LEU A 712 -16.36 35.91 -26.08
N PHE A 713 -16.15 35.42 -27.30
CA PHE A 713 -16.86 35.96 -28.45
C PHE A 713 -18.36 35.72 -28.34
N LEU A 714 -18.77 34.54 -27.86
CA LEU A 714 -20.19 34.28 -27.70
C LEU A 714 -20.79 35.08 -26.55
N LEU A 715 -19.99 35.40 -25.55
CA LEU A 715 -20.38 36.43 -24.59
C LEU A 715 -20.65 37.75 -25.28
N CYS A 716 -19.75 38.17 -26.17
CA CYS A 716 -19.89 39.47 -26.82
C CYS A 716 -21.03 39.50 -27.84
N PHE A 717 -21.42 38.36 -28.40
CA PHE A 717 -22.48 38.35 -29.41
C PHE A 717 -23.85 38.60 -28.79
N TYR A 718 -24.26 37.76 -27.84
CA TYR A 718 -25.66 37.74 -27.37
C TYR A 718 -26.07 38.96 -26.56
N HIS A 719 -25.19 39.93 -26.35
CA HIS A 719 -25.56 41.20 -25.72
C HIS A 719 -25.51 42.36 -26.70
N LEU A 720 -25.56 42.09 -28.00
CA LEU A 720 -25.76 43.15 -28.97
C LEU A 720 -27.14 43.77 -28.77
N PRO A 721 -27.27 45.10 -28.96
CA PRO A 721 -28.58 45.73 -28.77
C PRO A 721 -29.55 45.34 -29.86
N LYS A 722 -30.81 45.11 -29.46
CA LYS A 722 -31.80 44.55 -30.37
C LYS A 722 -32.26 45.57 -31.41
N PHE A 723 -32.22 46.85 -31.08
CA PHE A 723 -32.45 47.86 -32.10
C PHE A 723 -31.19 48.03 -32.93
N THR A 724 -31.38 48.53 -34.17
CA THR A 724 -30.38 48.80 -35.23
C THR A 724 -29.42 47.62 -35.50
N GLN A 725 -29.80 46.41 -35.10
CA GLN A 725 -28.94 45.24 -35.27
C GLN A 725 -29.07 44.66 -36.67
N LYS A 726 -30.27 44.11 -36.98
CA LYS A 726 -30.78 43.79 -38.30
C LYS A 726 -30.10 42.62 -39.02
N GLN A 727 -28.97 42.16 -38.48
CA GLN A 727 -28.16 41.03 -38.96
C GLN A 727 -27.89 41.09 -40.47
N GLU A 728 -27.09 42.08 -40.85
CA GLU A 728 -26.81 42.34 -42.25
C GLU A 728 -25.42 41.82 -42.63
N SER A 729 -25.27 41.49 -43.91
CA SER A 729 -24.05 40.90 -44.44
C SER A 729 -22.89 41.90 -44.44
N VAL A 730 -21.70 41.42 -44.81
CA VAL A 730 -20.55 42.30 -44.93
C VAL A 730 -20.67 43.12 -46.21
N ARG A 731 -20.74 44.43 -46.06
CA ARG A 731 -20.90 45.33 -47.20
C ARG A 731 -19.66 45.35 -48.07
N PHE A 732 -19.85 45.26 -49.38
CA PHE A 732 -18.73 45.20 -50.31
C PHE A 732 -18.36 46.61 -50.75
N HIS A 733 -17.13 47.01 -50.45
CA HIS A 733 -16.51 48.21 -51.00
C HIS A 733 -15.25 47.77 -51.75
N LEU A 734 -15.03 48.37 -52.93
CA LEU A 734 -13.96 47.89 -53.79
C LEU A 734 -12.58 48.27 -53.25
N GLY A 735 -12.47 49.41 -52.58
CA GLY A 735 -11.19 49.84 -52.07
C GLY A 735 -10.70 48.98 -50.92
N ASN A 736 -11.62 48.52 -50.06
CA ASN A 736 -11.27 47.61 -48.98
C ASN A 736 -10.74 46.29 -49.50
N ALA A 737 -11.37 45.77 -50.56
CA ALA A 737 -10.93 44.52 -51.16
C ALA A 737 -9.57 44.66 -51.81
N LEU A 738 -9.34 45.77 -52.52
CA LEU A 738 -8.05 46.00 -53.14
C LEU A 738 -6.93 46.16 -52.12
N VAL A 739 -7.20 46.91 -51.04
CA VAL A 739 -6.22 47.10 -49.98
C VAL A 739 -5.92 45.77 -49.28
N SER A 740 -6.94 44.94 -49.06
CA SER A 740 -6.74 43.68 -48.37
C SER A 740 -5.94 42.69 -49.19
N LEU A 741 -6.25 42.58 -50.49
CA LEU A 741 -5.48 41.72 -51.37
C LEU A 741 -4.04 42.20 -51.51
N ALA A 742 -3.82 43.53 -51.50
CA ALA A 742 -2.46 44.05 -51.57
C ALA A 742 -1.67 43.75 -50.30
N VAL A 743 -2.31 43.86 -49.13
CA VAL A 743 -1.66 43.54 -47.85
C VAL A 743 -1.26 42.07 -47.80
N GLY A 744 -2.19 41.18 -48.19
CA GLY A 744 -1.91 39.75 -48.15
C GLY A 744 -0.83 39.34 -49.13
N MET A 745 -0.88 39.85 -50.37
CA MET A 745 0.13 39.47 -51.34
C MET A 745 1.48 40.11 -51.04
N THR A 746 1.48 41.28 -50.40
CA THR A 746 2.74 41.91 -49.99
C THR A 746 3.44 41.10 -48.93
N MET A 747 2.72 40.70 -47.88
CA MET A 747 3.39 39.93 -46.83
C MET A 747 3.71 38.51 -47.29
N SER A 748 2.94 37.96 -48.23
CA SER A 748 3.28 36.68 -48.85
C SER A 748 4.60 36.77 -49.61
N ILE A 749 4.76 37.83 -50.41
CA ILE A 749 5.95 37.87 -51.26
C ILE A 749 7.17 38.27 -50.43
N ILE A 750 6.99 39.00 -49.32
CA ILE A 750 8.13 39.28 -48.44
C ILE A 750 8.54 38.01 -47.71
N ALA A 751 7.57 37.18 -47.30
CA ALA A 751 7.90 35.91 -46.66
C ALA A 751 8.62 34.96 -47.62
N PHE A 752 8.20 34.94 -48.88
CA PHE A 752 8.90 34.10 -49.85
C PHE A 752 10.30 34.62 -50.15
N LEU A 753 10.46 35.94 -50.28
CA LEU A 753 11.78 36.50 -50.55
C LEU A 753 12.74 36.32 -49.37
N ALA A 754 12.21 36.42 -48.15
CA ALA A 754 13.05 36.29 -46.97
C ALA A 754 13.44 34.84 -46.73
N TYR A 755 12.50 33.91 -46.95
CA TYR A 755 12.78 32.52 -46.61
C TYR A 755 13.72 31.86 -47.61
N ALA A 756 13.77 32.36 -48.84
CA ALA A 756 14.47 31.67 -49.91
C ALA A 756 15.64 32.48 -50.47
N GLY A 757 16.43 33.09 -49.59
CA GLY A 757 17.60 33.84 -50.03
C GLY A 757 18.90 33.27 -49.50
N LYS A 758 19.82 34.14 -49.10
CA LYS A 758 21.03 33.71 -48.41
C LYS A 758 20.80 33.76 -46.91
N HIS A 759 21.62 32.99 -46.18
CA HIS A 759 21.32 32.81 -44.77
C HIS A 759 22.52 32.30 -43.98
N PHE A 760 22.52 32.64 -42.70
CA PHE A 760 23.23 31.91 -41.67
C PHE A 760 22.21 31.03 -40.94
N ASP A 761 22.66 29.85 -40.51
CA ASP A 761 21.76 28.75 -40.19
C ASP A 761 20.82 28.99 -39.01
N SER A 762 21.33 28.90 -37.78
CA SER A 762 20.57 29.10 -36.54
C SER A 762 21.49 28.95 -35.33
N ILE A 763 20.93 29.11 -34.13
CA ILE A 763 21.66 28.94 -32.87
C ILE A 763 20.99 27.93 -31.96
N SER A 764 20.27 26.96 -32.53
CA SER A 764 19.56 26.00 -31.72
C SER A 764 20.30 24.68 -31.54
N GLN A 765 21.50 24.54 -32.10
CA GLN A 765 22.33 23.39 -31.78
C GLN A 765 22.80 23.44 -30.33
N TYR A 766 23.00 24.65 -29.81
CA TYR A 766 23.35 24.84 -28.40
C TYR A 766 22.21 24.38 -27.49
N TYR A 767 20.97 24.65 -27.87
CA TYR A 767 19.84 24.32 -27.01
C TYR A 767 19.52 22.83 -27.05
N VAL A 768 19.77 22.15 -28.17
CA VAL A 768 19.61 20.71 -28.21
C VAL A 768 20.84 20.00 -27.68
N ASP A 769 21.93 20.72 -27.47
CA ASP A 769 23.15 20.13 -26.94
C ASP A 769 23.30 20.37 -25.44
N ASN A 770 22.54 21.31 -24.88
CA ASN A 770 22.75 21.69 -23.49
C ASN A 770 21.44 21.86 -22.72
N THR A 771 20.38 21.17 -23.13
CA THR A 771 19.17 21.21 -22.33
C THR A 771 19.29 20.28 -21.13
N TYR A 772 19.95 19.14 -21.30
CA TYR A 772 20.14 18.21 -20.19
C TYR A 772 21.54 18.26 -19.59
N GLU A 773 22.57 18.54 -20.39
CA GLU A 773 23.93 18.59 -19.83
C GLU A 773 24.16 19.79 -18.94
N LYS A 774 23.40 20.88 -19.12
CA LYS A 774 23.59 22.11 -18.35
C LYS A 774 22.37 22.50 -17.53
N ALA A 775 21.18 22.30 -18.04
CA ALA A 775 19.95 22.45 -17.27
C ALA A 775 19.41 21.08 -16.90
N ALA A 776 18.35 21.07 -16.11
CA ALA A 776 17.71 19.83 -15.68
C ALA A 776 16.39 19.71 -16.43
N GLY A 777 16.45 19.11 -17.61
CA GLY A 777 15.26 18.96 -18.41
C GLY A 777 15.50 18.12 -19.64
N LYS A 778 14.42 17.52 -20.11
CA LYS A 778 14.40 16.83 -21.40
C LYS A 778 13.52 17.51 -22.41
N ASN A 779 12.42 18.11 -21.97
CA ASN A 779 11.64 19.01 -22.80
C ASN A 779 12.51 20.21 -23.18
N MET A 780 12.30 20.73 -24.38
CA MET A 780 13.11 21.88 -24.79
C MET A 780 12.32 23.15 -24.96
N VAL A 781 11.02 23.10 -25.20
CA VAL A 781 10.24 24.34 -25.22
C VAL A 781 10.11 24.90 -23.81
N ASN A 782 9.91 24.03 -22.82
CA ASN A 782 9.72 24.52 -21.46
C ASN A 782 11.04 25.01 -20.85
N VAL A 783 12.17 24.36 -21.18
CA VAL A 783 13.45 24.79 -20.64
C VAL A 783 13.87 26.13 -21.24
N ILE A 784 13.56 26.37 -22.52
CA ILE A 784 13.71 27.71 -23.09
C ILE A 784 12.80 28.70 -22.39
N LEU A 785 11.57 28.29 -22.05
CA LEU A 785 10.63 29.23 -21.45
C LEU A 785 10.97 29.60 -20.02
N VAL A 786 11.61 28.72 -19.24
CA VAL A 786 11.85 29.02 -17.83
C VAL A 786 13.33 29.12 -17.48
N ASP A 787 14.25 28.59 -18.27
CA ASP A 787 15.64 28.59 -17.86
C ASP A 787 16.54 29.41 -18.78
N PHE A 788 16.59 29.10 -20.08
CA PHE A 788 17.49 29.83 -20.97
C PHE A 788 16.97 31.24 -21.24
N ARG A 789 15.70 31.37 -21.58
CA ARG A 789 15.08 32.67 -21.76
C ARG A 789 13.86 32.70 -20.86
N GLY A 790 14.09 32.93 -19.58
CA GLY A 790 13.01 32.90 -18.62
C GLY A 790 12.74 34.30 -18.14
N PHE A 791 13.57 35.22 -18.61
CA PHE A 791 13.45 36.61 -18.20
C PHE A 791 12.24 37.27 -18.85
N ASP A 792 11.79 36.78 -20.00
CA ASP A 792 10.61 37.33 -20.67
C ASP A 792 9.33 36.57 -20.37
N THR A 793 9.43 35.39 -19.75
CA THR A 793 8.23 34.71 -19.28
C THR A 793 7.64 35.44 -18.08
N LEU A 794 8.49 36.04 -17.25
CA LEU A 794 8.05 36.82 -16.10
C LEU A 794 7.16 37.98 -16.51
N PHE A 795 7.47 38.61 -17.63
CA PHE A 795 6.67 39.75 -18.03
C PHE A 795 5.45 39.39 -18.86
N GLU A 796 5.38 38.19 -19.44
CA GLU A 796 4.09 37.77 -19.98
C GLU A 796 3.15 37.35 -18.87
N ILE A 797 3.69 36.84 -17.75
CA ILE A 797 2.90 36.67 -16.53
C ILE A 797 2.37 38.02 -16.06
N CYS A 798 3.23 39.05 -16.15
CA CYS A 798 2.81 40.41 -15.82
C CYS A 798 1.70 40.92 -16.74
N VAL A 799 1.79 40.62 -18.05
CA VAL A 799 0.77 41.05 -19.01
C VAL A 799 -0.57 40.40 -18.69
N LEU A 800 -0.57 39.11 -18.35
CA LEU A 800 -1.79 38.43 -17.96
C LEU A 800 -2.37 39.00 -16.66
N ALA A 801 -1.49 39.38 -15.73
CA ALA A 801 -1.94 39.99 -14.48
C ALA A 801 -2.61 41.34 -14.72
N ILE A 802 -1.99 42.18 -15.57
CA ILE A 802 -2.54 43.48 -15.92
C ILE A 802 -3.88 43.31 -16.63
N ALA A 803 -4.00 42.30 -17.49
CA ALA A 803 -5.23 42.05 -18.22
C ALA A 803 -6.37 41.66 -17.29
N ALA A 804 -6.11 40.76 -16.34
CA ALA A 804 -7.16 40.36 -15.40
C ALA A 804 -7.57 41.50 -14.48
N LEU A 805 -6.59 42.27 -13.97
CA LEU A 805 -6.90 43.41 -13.11
C LEU A 805 -7.65 44.49 -13.88
N GLY A 806 -7.33 44.67 -15.16
CA GLY A 806 -8.04 45.65 -15.96
C GLY A 806 -9.46 45.26 -16.29
N ILE A 807 -9.69 43.96 -16.53
CA ILE A 807 -11.06 43.48 -16.76
C ILE A 807 -11.89 43.65 -15.49
N TYR A 808 -11.30 43.35 -14.33
CA TYR A 808 -11.99 43.58 -13.06
C TYR A 808 -12.30 45.06 -12.86
N ALA A 809 -11.35 45.94 -13.21
CA ALA A 809 -11.52 47.37 -13.01
C ALA A 809 -12.56 47.96 -13.95
N MET A 810 -12.61 47.47 -15.21
CA MET A 810 -13.61 47.96 -16.14
C MET A 810 -15.01 47.52 -15.74
N VAL A 811 -15.16 46.27 -15.30
CA VAL A 811 -16.49 45.79 -14.96
C VAL A 811 -16.99 46.43 -13.66
N LYS A 812 -16.10 46.64 -12.69
CA LYS A 812 -16.59 47.07 -11.39
C LYS A 812 -16.73 48.59 -11.23
N LEU A 813 -15.87 49.38 -11.86
CA LEU A 813 -15.86 50.82 -11.64
C LEU A 813 -16.82 51.48 -12.64
N ARG A 814 -17.84 52.16 -12.14
CA ARG A 814 -18.89 52.74 -12.97
C ARG A 814 -19.25 54.16 -12.51
N LEU A 815 -18.23 55.03 -12.36
CA LEU A 815 -18.47 56.37 -11.82
C LEU A 815 -19.31 57.25 -12.75
N ALA A 816 -19.15 57.07 -14.07
CA ALA A 816 -19.80 57.87 -15.12
C ALA A 816 -19.58 59.37 -14.94
N ARG B 3 -36.46 20.69 -12.25
CA ARG B 3 -35.30 21.00 -13.07
C ARG B 3 -34.02 20.54 -12.40
N ASN B 4 -34.13 19.44 -11.66
CA ASN B 4 -33.01 18.91 -10.88
C ASN B 4 -31.90 18.36 -11.78
N ASP B 5 -30.69 18.88 -11.59
CA ASP B 5 -29.53 18.44 -12.38
C ASP B 5 -28.76 17.36 -11.63
N VAL B 6 -29.45 16.28 -11.29
CA VAL B 6 -28.82 15.22 -10.51
C VAL B 6 -27.77 14.48 -11.34
N ILE B 7 -28.02 14.31 -12.63
CA ILE B 7 -27.08 13.61 -13.49
C ILE B 7 -25.85 14.47 -13.75
N LEU B 8 -26.08 15.78 -13.95
CA LEU B 8 -24.98 16.72 -14.18
C LEU B 8 -24.12 16.87 -12.93
N ARG B 9 -24.74 17.01 -11.75
CA ARG B 9 -23.97 17.15 -10.52
C ARG B 9 -23.20 15.89 -10.19
N THR B 10 -23.77 14.72 -10.43
CA THR B 10 -23.05 13.51 -10.07
C THR B 10 -21.91 13.22 -11.05
N THR B 11 -22.13 13.46 -12.35
CA THR B 11 -21.01 13.29 -13.27
C THR B 11 -19.96 14.39 -13.09
N THR B 12 -20.34 15.57 -12.58
CA THR B 12 -19.35 16.57 -12.23
C THR B 12 -18.51 16.12 -11.03
N ALA B 13 -19.17 15.51 -10.04
CA ALA B 13 -18.46 15.00 -8.87
C ALA B 13 -17.50 13.88 -9.22
N VAL B 14 -17.83 13.04 -10.20
CA VAL B 14 -16.88 11.97 -10.57
C VAL B 14 -15.93 12.37 -11.70
N VAL B 15 -16.13 13.52 -12.33
CA VAL B 15 -15.29 13.93 -13.45
C VAL B 15 -14.24 14.96 -13.01
N THR B 16 -14.58 15.78 -12.01
CA THR B 16 -13.64 16.77 -11.49
C THR B 16 -12.32 16.20 -10.92
N PRO B 17 -12.27 15.07 -10.17
CA PRO B 17 -10.95 14.56 -9.74
C PRO B 17 -10.02 14.13 -10.86
N ILE B 18 -10.52 13.60 -11.97
CA ILE B 18 -9.58 13.19 -13.00
C ILE B 18 -9.06 14.39 -13.79
N ILE B 19 -9.85 15.47 -13.86
CA ILE B 19 -9.35 16.72 -14.43
C ILE B 19 -8.26 17.31 -13.55
N VAL B 20 -8.45 17.26 -12.22
CA VAL B 20 -7.46 17.83 -11.32
C VAL B 20 -6.17 17.01 -11.32
N LEU B 21 -6.28 15.67 -11.32
CA LEU B 21 -5.09 14.83 -11.47
C LEU B 21 -4.40 15.05 -12.80
N PHE B 22 -5.16 15.27 -13.87
CA PHE B 22 -4.55 15.51 -15.17
C PHE B 22 -3.81 16.84 -15.20
N SER B 23 -4.36 17.87 -14.56
CA SER B 23 -3.69 19.17 -14.55
C SER B 23 -2.42 19.14 -13.69
N VAL B 24 -2.48 18.44 -12.55
CA VAL B 24 -1.29 18.33 -11.69
C VAL B 24 -0.22 17.48 -12.36
N GLN B 25 -0.63 16.45 -13.10
CA GLN B 25 0.34 15.63 -13.84
C GLN B 25 0.95 16.40 -15.01
N LEU B 26 0.16 17.26 -15.67
CA LEU B 26 0.72 18.16 -16.68
C LEU B 26 1.72 19.13 -16.06
N PHE B 27 1.45 19.59 -14.84
CA PHE B 27 2.36 20.54 -14.21
C PHE B 27 3.66 19.90 -13.75
N PHE B 28 3.59 18.72 -13.13
CA PHE B 28 4.81 18.12 -12.57
C PHE B 28 5.74 17.57 -13.63
N ALA B 29 5.20 17.14 -14.77
CA ALA B 29 6.00 16.54 -15.83
C ALA B 29 6.43 17.55 -16.88
N GLY B 30 6.56 18.82 -16.51
CA GLY B 30 6.79 19.85 -17.51
C GLY B 30 8.21 19.84 -18.05
N HIS B 31 9.20 19.59 -17.20
CA HIS B 31 10.59 19.66 -17.64
C HIS B 31 11.01 18.49 -18.51
N TYR B 32 10.30 17.37 -18.48
CA TYR B 32 10.75 16.18 -19.15
C TYR B 32 9.87 15.76 -20.32
N TYR B 33 8.60 16.12 -20.29
CA TYR B 33 7.62 15.73 -21.29
C TYR B 33 6.83 16.99 -21.60
N PRO B 34 5.98 17.04 -22.63
CA PRO B 34 5.18 18.24 -22.85
C PRO B 34 4.20 18.51 -21.72
N GLY B 35 3.87 19.79 -21.58
CA GLY B 35 3.14 20.30 -20.44
C GLY B 35 3.93 21.39 -19.74
N GLY B 36 3.33 21.93 -18.69
CA GLY B 36 4.00 22.97 -17.92
C GLY B 36 3.01 23.70 -17.03
N GLY B 37 3.44 24.88 -16.58
CA GLY B 37 2.59 25.69 -15.73
C GLY B 37 1.40 26.28 -16.46
N PHE B 38 1.54 26.52 -17.76
CA PHE B 38 0.48 27.15 -18.55
C PHE B 38 -0.72 26.24 -18.70
N ILE B 39 -0.52 25.08 -19.30
CA ILE B 39 -1.63 24.16 -19.57
C ILE B 39 -2.18 23.56 -18.27
N GLY B 40 -1.31 23.33 -17.28
CA GLY B 40 -1.78 22.82 -16.01
C GLY B 40 -2.62 23.84 -15.26
N GLY B 41 -2.22 25.10 -15.29
CA GLY B 41 -3.02 26.14 -14.67
C GLY B 41 -4.33 26.35 -15.38
N LEU B 42 -4.31 26.29 -16.71
CA LEU B 42 -5.55 26.45 -17.49
C LEU B 42 -6.52 25.31 -17.23
N MET B 43 -6.01 24.09 -17.03
CA MET B 43 -6.98 23.01 -16.79
C MET B 43 -7.39 22.87 -15.33
N THR B 44 -6.59 23.34 -14.38
CA THR B 44 -7.10 23.50 -13.02
C THR B 44 -8.23 24.51 -13.00
N ALA B 45 -8.05 25.61 -13.72
CA ALA B 45 -9.14 26.57 -13.91
C ALA B 45 -10.32 25.95 -14.64
N GLY B 46 -10.07 25.01 -15.56
CA GLY B 46 -11.16 24.33 -16.24
C GLY B 46 -11.97 23.43 -15.32
N ALA B 47 -11.31 22.76 -14.38
CA ALA B 47 -12.02 21.98 -13.36
C ALA B 47 -12.90 22.89 -12.50
N ILE B 48 -12.36 24.05 -12.11
CA ILE B 48 -13.18 24.98 -11.34
C ILE B 48 -14.31 25.57 -12.19
N VAL B 49 -14.09 25.69 -13.50
CA VAL B 49 -15.14 26.12 -14.44
C VAL B 49 -16.26 25.09 -14.49
N LEU B 50 -15.90 23.80 -14.50
CA LEU B 50 -16.91 22.75 -14.48
C LEU B 50 -17.73 22.78 -13.19
N LEU B 51 -17.05 23.05 -12.07
CA LEU B 51 -17.77 23.25 -10.81
C LEU B 51 -18.67 24.49 -10.85
N LEU B 52 -18.26 25.52 -11.57
CA LEU B 52 -19.11 26.70 -11.75
C LEU B 52 -20.32 26.41 -12.62
N LEU B 53 -20.17 25.53 -13.60
CA LEU B 53 -21.28 25.18 -14.47
C LEU B 53 -22.28 24.28 -13.78
N ALA B 54 -21.81 23.44 -12.86
CA ALA B 54 -22.73 22.58 -12.13
C ALA B 54 -23.42 23.29 -10.96
N PHE B 55 -22.91 24.43 -10.51
CA PHE B 55 -23.37 25.03 -9.25
C PHE B 55 -23.49 26.54 -9.43
N ASP B 56 -23.59 27.22 -8.29
CA ASP B 56 -23.82 28.67 -8.22
C ASP B 56 -22.47 29.39 -8.30
N ILE B 57 -22.44 30.68 -7.99
CA ILE B 57 -21.20 31.46 -7.96
C ILE B 57 -20.78 31.67 -6.51
N GLU B 58 -21.75 31.67 -5.58
CA GLU B 58 -21.40 31.73 -4.17
C GLU B 58 -21.03 30.36 -3.64
N THR B 59 -21.61 29.31 -4.21
CA THR B 59 -21.34 27.96 -3.74
C THR B 59 -19.94 27.52 -4.09
N VAL B 60 -19.41 27.94 -5.24
CA VAL B 60 -18.09 27.50 -5.65
C VAL B 60 -17.00 28.23 -4.86
N ARG B 61 -17.19 29.52 -4.56
CA ARG B 61 -16.26 30.18 -3.66
C ARG B 61 -16.44 29.73 -2.22
N LYS B 62 -17.58 29.14 -1.88
CA LYS B 62 -17.71 28.47 -0.58
C LYS B 62 -16.95 27.14 -0.58
N MET B 63 -17.01 26.41 -1.69
CA MET B 63 -16.32 25.12 -1.81
C MET B 63 -14.81 25.32 -1.95
N VAL B 64 -14.41 26.28 -2.77
CA VAL B 64 -13.00 26.63 -2.89
C VAL B 64 -12.84 28.03 -2.32
N PRO B 65 -12.43 28.17 -1.05
CA PRO B 65 -12.45 29.50 -0.40
C PRO B 65 -11.17 30.30 -0.65
N ILE B 66 -11.01 30.73 -1.90
CA ILE B 66 -9.85 31.52 -2.31
C ILE B 66 -10.36 32.77 -3.01
N ASN B 67 -9.71 33.91 -2.78
CA ASN B 67 -9.75 35.00 -3.74
C ASN B 67 -8.50 34.94 -4.61
N TYR B 68 -8.67 35.23 -5.88
CA TYR B 68 -7.68 34.90 -6.89
C TYR B 68 -6.71 36.05 -7.16
N LYS B 69 -7.04 37.25 -6.69
CA LYS B 69 -6.13 38.38 -6.81
C LYS B 69 -4.91 38.18 -5.91
N TRP B 70 -5.11 37.61 -4.72
CA TRP B 70 -3.98 37.22 -3.91
C TRP B 70 -3.19 36.10 -4.56
N LEU B 71 -3.86 35.22 -5.33
CA LEU B 71 -3.12 34.16 -6.02
C LEU B 71 -2.20 34.69 -7.10
N VAL B 72 -2.68 35.65 -7.91
CA VAL B 72 -1.80 36.17 -8.96
C VAL B 72 -0.67 36.99 -8.36
N ALA B 73 -0.95 37.72 -7.26
CA ALA B 73 0.11 38.48 -6.59
C ALA B 73 1.17 37.55 -6.00
N ILE B 74 0.75 36.46 -5.35
CA ILE B 74 1.69 35.55 -4.71
C ILE B 74 2.48 34.75 -5.75
N GLY B 75 1.88 34.43 -6.90
CA GLY B 75 2.64 33.73 -7.94
C GLY B 75 3.68 34.61 -8.60
N LEU B 76 3.34 35.88 -8.84
CA LEU B 76 4.34 36.88 -9.26
C LEU B 76 5.46 37.00 -8.23
N LEU B 77 5.11 36.97 -6.94
CA LEU B 77 6.11 36.98 -5.88
C LEU B 77 7.03 35.76 -5.91
N PHE B 78 6.48 34.58 -6.22
CA PHE B 78 7.32 33.37 -6.32
C PHE B 78 8.35 33.49 -7.42
N ALA B 79 7.93 33.98 -8.59
CA ALA B 79 8.88 34.12 -9.70
C ALA B 79 9.96 35.15 -9.40
N VAL B 80 9.55 36.32 -8.87
CA VAL B 80 10.51 37.37 -8.56
C VAL B 80 11.43 36.96 -7.41
N GLY B 81 10.90 36.25 -6.42
CA GLY B 81 11.71 35.79 -5.31
C GLY B 81 12.70 34.71 -5.68
N THR B 82 12.34 33.86 -6.65
CA THR B 82 13.31 32.95 -7.23
C THR B 82 14.47 33.70 -7.86
N GLY B 83 14.15 34.78 -8.58
CA GLY B 83 15.22 35.63 -9.12
C GLY B 83 16.06 36.32 -8.06
N MET B 84 15.42 36.78 -6.98
CA MET B 84 16.17 37.51 -5.95
C MET B 84 17.09 36.57 -5.17
N SER B 85 16.60 35.37 -4.84
CA SER B 85 17.43 34.36 -4.21
C SER B 85 18.58 33.95 -5.11
N SER B 86 18.38 34.02 -6.43
CA SER B 86 19.52 33.89 -7.33
C SER B 86 20.47 35.08 -7.23
N MET B 87 19.94 36.29 -6.95
CA MET B 87 20.80 37.47 -6.97
C MET B 87 21.74 37.53 -5.78
N PHE B 88 21.30 37.09 -4.60
CA PHE B 88 22.09 37.34 -3.39
C PHE B 88 23.42 36.57 -3.37
N LEU B 89 23.47 35.37 -3.94
CA LEU B 89 24.65 34.51 -3.77
C LEU B 89 25.67 34.68 -4.88
N ASP B 90 26.08 35.94 -5.17
CA ASP B 90 27.12 36.28 -6.15
C ASP B 90 26.83 35.76 -7.55
N ARG B 91 25.56 35.76 -7.94
CA ARG B 91 25.12 35.27 -9.24
C ARG B 91 24.16 36.27 -9.85
N PRO B 92 24.01 36.27 -11.18
CA PRO B 92 23.01 37.12 -11.81
C PRO B 92 21.59 36.65 -11.51
N PHE B 93 20.65 37.49 -11.93
CA PHE B 93 19.23 37.31 -11.64
C PHE B 93 18.68 36.10 -12.40
N LEU B 94 18.02 35.19 -11.68
CA LEU B 94 17.48 33.92 -12.19
C LEU B 94 18.59 33.02 -12.77
N THR B 95 19.47 32.57 -11.86
CA THR B 95 20.55 31.66 -12.21
C THR B 95 20.13 30.18 -12.10
N HIS B 96 19.22 29.87 -11.19
CA HIS B 96 18.52 28.57 -11.09
C HIS B 96 19.48 27.40 -10.84
N ALA B 97 20.02 27.39 -9.63
CA ALA B 97 20.69 26.21 -9.10
C ALA B 97 19.68 25.35 -8.32
N TYR B 98 20.15 24.32 -7.64
CA TYR B 98 19.27 23.42 -6.90
C TYR B 98 18.97 23.96 -5.51
N LYS B 99 17.96 23.37 -4.87
CA LYS B 99 17.52 23.84 -3.57
C LYS B 99 16.90 22.70 -2.79
N TYR B 100 17.26 22.58 -1.51
CA TYR B 100 16.70 21.59 -0.61
C TYR B 100 15.53 22.19 0.15
N VAL B 101 14.41 21.49 0.17
CA VAL B 101 13.29 21.82 1.04
C VAL B 101 13.07 20.67 2.01
N HIS B 102 13.20 20.96 3.29
CA HIS B 102 12.82 20.07 4.39
C HIS B 102 11.95 20.91 5.32
N LEU B 103 10.67 20.98 4.99
CA LEU B 103 9.69 21.83 5.66
C LEU B 103 9.43 21.59 7.16
N PRO B 104 9.47 20.34 7.72
CA PRO B 104 9.75 18.95 7.31
C PRO B 104 8.64 18.23 6.54
N LEU B 105 8.89 18.03 5.24
CA LEU B 105 8.08 17.17 4.39
C LEU B 105 9.03 16.48 3.42
N LEU B 106 9.21 15.17 3.58
CA LEU B 106 10.00 14.30 2.70
C LEU B 106 11.45 14.80 2.64
N ASP B 107 12.14 14.63 3.78
CA ASP B 107 13.36 15.30 4.21
C ASP B 107 14.40 15.54 3.13
N HIS B 108 14.84 16.79 3.02
CA HIS B 108 15.84 17.27 2.05
C HIS B 108 15.46 16.93 0.61
N THR B 109 14.27 17.39 0.22
CA THR B 109 13.81 17.25 -1.15
C THR B 109 14.60 18.22 -2.02
N SER B 110 15.47 17.69 -2.87
CA SER B 110 16.37 18.50 -3.69
C SER B 110 15.73 18.71 -5.05
N LEU B 111 15.28 19.93 -5.32
CA LEU B 111 14.61 20.23 -6.59
C LEU B 111 15.32 21.37 -7.29
N HIS B 112 15.19 21.38 -8.61
CA HIS B 112 15.68 22.47 -9.43
C HIS B 112 14.71 23.64 -9.31
N THR B 113 15.24 24.86 -9.18
CA THR B 113 14.39 25.99 -8.83
C THR B 113 13.65 26.59 -10.02
N ALA B 114 13.76 26.02 -11.22
CA ALA B 114 12.88 26.42 -12.30
C ALA B 114 11.45 25.93 -12.09
N VAL B 115 11.27 24.93 -11.22
CA VAL B 115 9.95 24.38 -10.94
C VAL B 115 9.14 25.34 -10.09
N LEU B 116 9.78 26.10 -9.20
CA LEU B 116 9.03 27.12 -8.45
C LEU B 116 8.69 28.32 -9.33
N PHE B 117 9.52 28.59 -10.35
CA PHE B 117 9.15 29.58 -11.35
C PHE B 117 7.90 29.13 -12.12
N ASP B 118 7.88 27.86 -12.53
CA ASP B 118 6.67 27.24 -13.08
C ASP B 118 5.49 27.28 -12.12
N LEU B 119 5.75 27.20 -10.81
CA LEU B 119 4.67 27.22 -9.84
C LEU B 119 4.06 28.61 -9.74
N GLY B 120 4.90 29.64 -9.87
CA GLY B 120 4.38 30.99 -9.99
C GLY B 120 3.55 31.19 -11.25
N VAL B 121 4.02 30.62 -12.37
CA VAL B 121 3.24 30.61 -13.62
C VAL B 121 1.88 29.96 -13.41
N TYR B 122 1.88 28.81 -12.73
CA TYR B 122 0.67 28.05 -12.44
C TYR B 122 -0.35 28.87 -11.65
N PHE B 123 0.10 29.48 -10.55
CA PHE B 123 -0.82 30.24 -9.71
C PHE B 123 -1.37 31.47 -10.41
N VAL B 124 -0.55 32.15 -11.22
CA VAL B 124 -1.09 33.33 -11.90
C VAL B 124 -2.06 32.93 -13.00
N VAL B 125 -1.82 31.81 -13.69
CA VAL B 125 -2.75 31.39 -14.73
C VAL B 125 -4.10 30.98 -14.15
N VAL B 126 -4.08 30.22 -13.04
CA VAL B 126 -5.32 29.86 -12.34
C VAL B 126 -6.06 31.11 -11.87
N GLY B 127 -5.33 32.04 -11.27
CA GLY B 127 -5.95 33.24 -10.75
C GLY B 127 -6.52 34.15 -11.82
N VAL B 128 -5.79 34.35 -12.93
CA VAL B 128 -6.23 35.22 -14.01
C VAL B 128 -7.48 34.67 -14.67
N THR B 129 -7.48 33.36 -14.97
CA THR B 129 -8.64 32.76 -15.63
C THR B 129 -9.87 32.81 -14.73
N MET B 130 -9.68 32.56 -13.43
CA MET B 130 -10.84 32.63 -12.54
C MET B 130 -11.33 34.05 -12.30
N ILE B 131 -10.42 35.04 -12.27
CA ILE B 131 -10.83 36.45 -12.14
C ILE B 131 -11.69 36.86 -13.33
N ILE B 132 -11.24 36.51 -14.55
CA ILE B 132 -11.99 36.85 -15.76
C ILE B 132 -13.38 36.22 -15.74
N ILE B 133 -13.46 34.93 -15.42
CA ILE B 133 -14.72 34.22 -15.56
C ILE B 133 -15.71 34.62 -14.46
N GLU B 134 -15.26 34.68 -13.19
CA GLU B 134 -16.24 35.07 -12.18
C GLU B 134 -16.42 36.58 -12.09
N THR B 135 -15.64 37.38 -12.83
CA THR B 135 -15.94 38.80 -12.96
C THR B 135 -17.02 39.03 -14.00
N ILE B 136 -16.93 38.31 -15.11
CA ILE B 136 -17.97 38.39 -16.14
C ILE B 136 -19.28 37.78 -15.63
N GLY B 137 -19.21 36.75 -14.78
CA GLY B 137 -20.41 36.03 -14.40
C GLY B 137 -21.36 36.82 -13.52
N GLU B 138 -20.84 37.56 -12.55
CA GLU B 138 -21.67 38.29 -11.60
C GLU B 138 -21.82 39.76 -11.97
N SER B 139 -21.64 40.10 -13.24
CA SER B 139 -21.73 41.49 -13.68
C SER B 139 -23.18 41.98 -13.67
N ASP B 140 -24.04 41.33 -14.45
CA ASP B 140 -25.45 41.68 -14.66
C ASP B 140 -25.62 43.13 -15.12
N MET C 1 6.69 22.86 -49.03
CA MET C 1 5.66 22.90 -47.99
C MET C 1 5.57 24.30 -47.40
N GLU C 2 6.70 25.00 -47.37
CA GLU C 2 6.69 26.37 -46.89
C GLU C 2 5.95 27.30 -47.85
N LEU C 3 5.97 26.99 -49.16
CA LEU C 3 5.21 27.77 -50.14
C LEU C 3 3.71 27.70 -49.86
N LEU C 4 3.22 26.52 -49.49
CA LEU C 4 1.79 26.36 -49.19
C LEU C 4 1.40 27.09 -47.91
N MET C 5 2.28 27.07 -46.91
CA MET C 5 2.01 27.82 -45.70
C MET C 5 2.06 29.32 -45.94
N ILE C 6 2.94 29.77 -46.85
CA ILE C 6 2.98 31.18 -47.24
C ILE C 6 1.69 31.59 -47.94
N VAL C 7 1.23 30.78 -48.89
CA VAL C 7 0.00 31.14 -49.60
C VAL C 7 -1.25 30.93 -48.77
N VAL C 8 -1.15 30.34 -47.58
CA VAL C 8 -2.34 30.32 -46.73
C VAL C 8 -2.26 31.40 -45.64
N ILE C 9 -1.06 31.80 -45.20
CA ILE C 9 -0.98 32.91 -44.26
C ILE C 9 -1.27 34.21 -44.98
N GLY C 10 -1.00 34.28 -46.28
CA GLY C 10 -1.41 35.45 -47.04
C GLY C 10 -2.93 35.60 -47.11
N CYS C 11 -3.64 34.48 -47.20
CA CYS C 11 -5.10 34.55 -47.20
C CYS C 11 -5.62 34.90 -45.81
N LEU C 12 -4.95 34.44 -44.76
CA LEU C 12 -5.31 34.89 -43.41
C LEU C 12 -5.08 36.38 -43.22
N PHE C 13 -3.98 36.91 -43.79
CA PHE C 13 -3.70 38.34 -43.71
C PHE C 13 -4.71 39.16 -44.50
N ALA C 14 -5.08 38.70 -45.69
CA ALA C 14 -6.06 39.39 -46.50
C ALA C 14 -7.44 39.39 -45.84
N ALA C 15 -7.83 38.26 -45.24
CA ALA C 15 -9.11 38.17 -44.55
C ALA C 15 -9.14 39.03 -43.31
N ALA C 16 -8.05 39.01 -42.53
CA ALA C 16 -7.95 39.85 -41.35
C ALA C 16 -8.03 41.33 -41.71
N THR C 17 -7.31 41.74 -42.75
CA THR C 17 -7.32 43.12 -43.21
C THR C 17 -8.71 43.52 -43.69
N TYR C 18 -9.42 42.62 -44.37
CA TYR C 18 -10.75 42.94 -44.85
C TYR C 18 -11.76 43.01 -43.71
N LEU C 19 -11.57 42.24 -42.64
CA LEU C 19 -12.49 42.33 -41.52
C LEU C 19 -12.21 43.53 -40.63
N LEU C 20 -10.94 43.96 -40.55
CA LEU C 20 -10.60 45.15 -39.77
C LEU C 20 -11.19 46.42 -40.38
N LEU C 21 -11.38 46.45 -41.70
CA LEU C 21 -11.87 47.62 -42.42
C LEU C 21 -13.39 47.64 -42.54
N SER C 22 -14.09 47.09 -41.57
CA SER C 22 -15.53 46.91 -41.64
C SER C 22 -16.25 47.87 -40.70
N LYS C 23 -17.56 47.76 -40.66
CA LYS C 23 -18.41 48.74 -40.00
C LYS C 23 -18.84 48.32 -38.60
N SER C 24 -18.81 47.03 -38.29
CA SER C 24 -19.20 46.53 -36.99
C SER C 24 -17.98 46.12 -36.19
N LEU C 25 -18.09 46.19 -34.85
CA LEU C 25 -16.93 46.00 -33.99
C LEU C 25 -16.57 44.54 -33.80
N LEU C 26 -17.56 43.65 -33.77
CA LEU C 26 -17.27 42.22 -33.58
C LEU C 26 -16.55 41.63 -34.78
N ARG C 27 -16.84 42.12 -35.99
CA ARG C 27 -16.05 41.77 -37.17
C ARG C 27 -14.60 42.21 -37.03
N ILE C 28 -14.38 43.36 -36.38
CA ILE C 28 -13.02 43.87 -36.20
C ILE C 28 -12.25 42.98 -35.24
N ILE C 29 -12.90 42.52 -34.18
CA ILE C 29 -12.21 41.64 -33.24
C ILE C 29 -11.96 40.26 -33.85
N ILE C 30 -12.87 39.79 -34.71
CA ILE C 30 -12.65 38.54 -35.45
C ILE C 30 -11.45 38.69 -36.39
N GLY C 31 -11.31 39.85 -37.01
CA GLY C 31 -10.13 40.12 -37.82
C GLY C 31 -8.84 40.19 -37.03
N THR C 32 -8.92 40.71 -35.80
CA THR C 32 -7.80 40.66 -34.87
C THR C 32 -7.36 39.23 -34.59
N GLY C 33 -8.34 38.34 -34.34
CA GLY C 33 -8.03 36.93 -34.14
C GLY C 33 -7.37 36.28 -35.34
N LEU C 34 -7.89 36.54 -36.54
CA LEU C 34 -7.30 35.97 -37.75
C LEU C 34 -5.91 36.51 -38.01
N LEU C 35 -5.66 37.78 -37.69
CA LEU C 35 -4.32 38.36 -37.86
C LEU C 35 -3.33 37.73 -36.90
N SER C 36 -3.78 37.43 -35.68
CA SER C 36 -2.93 36.73 -34.72
C SER C 36 -2.58 35.32 -35.19
N HIS C 37 -3.57 34.59 -35.72
CA HIS C 37 -3.31 33.26 -36.25
C HIS C 37 -2.32 33.29 -37.41
N GLY C 38 -2.46 34.30 -38.29
CA GLY C 38 -1.54 34.43 -39.39
C GLY C 38 -0.12 34.73 -38.95
N ALA C 39 0.02 35.58 -37.93
CA ALA C 39 1.36 35.92 -37.42
C ALA C 39 2.02 34.72 -36.75
N HIS C 40 1.25 33.92 -36.02
CA HIS C 40 1.83 32.78 -35.31
C HIS C 40 2.22 31.67 -36.28
N LEU C 41 1.36 31.40 -37.27
CA LEU C 41 1.73 30.46 -38.33
C LEU C 41 2.92 30.95 -39.14
N LEU C 42 3.07 32.28 -39.29
CA LEU C 42 4.22 32.79 -40.01
C LEU C 42 5.50 32.61 -39.22
N LEU C 43 5.45 32.79 -37.89
CA LEU C 43 6.62 32.48 -37.05
C LEU C 43 7.02 31.01 -37.17
N LEU C 44 6.03 30.11 -37.15
CA LEU C 44 6.32 28.68 -37.28
C LEU C 44 6.89 28.34 -38.64
N THR C 45 6.35 28.95 -39.70
CA THR C 45 6.81 28.66 -41.06
C THR C 45 8.21 29.18 -41.31
N MET C 46 8.49 30.42 -40.90
CA MET C 46 9.80 31.00 -41.14
C MET C 46 10.87 30.43 -40.23
N GLY C 47 10.49 29.80 -39.13
CA GLY C 47 11.45 29.00 -38.38
C GLY C 47 11.95 27.79 -39.15
N GLY C 48 11.14 27.24 -40.04
CA GLY C 48 11.51 26.06 -40.80
C GLY C 48 10.52 24.93 -40.56
N LEU C 49 10.29 24.10 -41.58
CA LEU C 49 9.32 23.01 -41.46
C LEU C 49 9.90 21.67 -41.91
N LYS C 50 11.22 21.53 -41.91
CA LYS C 50 11.84 20.28 -42.31
C LYS C 50 11.64 19.22 -41.23
N ALA C 51 11.45 17.97 -41.66
CA ALA C 51 10.95 16.92 -40.77
C ALA C 51 11.99 16.43 -39.79
N GLY C 52 11.60 16.37 -38.51
CA GLY C 52 12.38 15.78 -37.46
C GLY C 52 11.49 15.46 -36.29
N ALA C 53 12.11 15.10 -35.18
CA ALA C 53 11.39 14.72 -33.98
C ALA C 53 10.79 15.94 -33.29
N PRO C 54 9.75 15.75 -32.48
CA PRO C 54 9.30 16.84 -31.60
C PRO C 54 10.39 17.20 -30.61
N PRO C 55 10.40 18.47 -30.14
CA PRO C 55 11.53 18.93 -29.32
C PRO C 55 11.56 18.32 -27.93
N LEU C 56 11.99 17.06 -27.84
CA LEU C 56 12.00 16.31 -26.59
C LEU C 56 13.22 15.41 -26.62
N LEU C 57 14.11 15.56 -25.65
CA LEU C 57 15.35 14.80 -25.68
C LEU C 57 15.20 13.36 -25.22
N GLY C 58 14.01 12.96 -24.76
CA GLY C 58 13.77 11.54 -24.53
C GLY C 58 13.77 10.75 -25.82
N GLU C 59 13.11 11.27 -26.83
CA GLU C 59 13.21 10.72 -28.19
C GLU C 59 14.61 11.01 -28.72
N LYS C 60 15.34 9.96 -29.07
CA LYS C 60 16.78 10.05 -29.32
C LYS C 60 17.09 10.20 -30.81
N ALA C 61 16.28 10.96 -31.53
CA ALA C 61 16.44 11.09 -32.97
C ALA C 61 17.69 11.89 -33.33
N SER C 62 18.09 11.77 -34.60
CA SER C 62 19.32 12.39 -35.05
C SER C 62 19.18 13.90 -35.18
N ARG C 63 18.03 14.37 -35.66
CA ARG C 63 17.79 15.80 -35.78
C ARG C 63 16.40 16.13 -35.27
N TYR C 64 16.27 17.34 -34.73
CA TYR C 64 15.06 17.81 -34.09
C TYR C 64 14.50 19.01 -34.84
N VAL C 65 13.21 19.25 -34.65
CA VAL C 65 12.59 20.50 -35.07
C VAL C 65 13.14 21.63 -34.20
N ASP C 66 13.25 22.84 -34.79
CA ASP C 66 13.80 24.01 -34.13
C ASP C 66 13.02 24.38 -32.87
N PRO C 67 13.68 24.50 -31.71
CA PRO C 67 12.95 24.78 -30.46
C PRO C 67 12.60 26.24 -30.23
N LEU C 68 13.40 27.18 -30.76
CA LEU C 68 13.14 28.60 -30.54
C LEU C 68 11.81 29.13 -31.05
N PRO C 69 11.38 28.92 -32.33
CA PRO C 69 10.14 29.57 -32.77
C PRO C 69 8.92 29.08 -32.03
N GLN C 70 8.94 27.86 -31.52
CA GLN C 70 7.80 27.36 -30.76
C GLN C 70 7.65 28.09 -29.43
N ALA C 71 8.77 28.36 -28.75
CA ALA C 71 8.74 29.14 -27.52
C ALA C 71 8.29 30.58 -27.77
N LEU C 72 8.77 31.17 -28.89
CA LEU C 72 8.36 32.53 -29.24
C LEU C 72 6.86 32.59 -29.55
N ILE C 73 6.35 31.57 -30.25
CA ILE C 73 4.92 31.49 -30.56
C ILE C 73 4.10 31.37 -29.29
N LEU C 74 4.57 30.57 -28.32
CA LEU C 74 3.78 30.36 -27.11
C LEU C 74 3.72 31.63 -26.27
N THR C 75 4.82 32.38 -26.24
CA THR C 75 4.81 33.73 -25.67
C THR C 75 3.79 34.63 -26.36
N ALA C 76 3.82 34.66 -27.70
CA ALA C 76 2.89 35.52 -28.45
C ALA C 76 1.44 35.08 -28.27
N ILE C 77 1.19 33.78 -28.11
CA ILE C 77 -0.17 33.27 -27.92
C ILE C 77 -0.74 33.74 -26.60
N VAL C 78 0.04 33.65 -25.51
CA VAL C 78 -0.53 34.05 -24.23
C VAL C 78 -0.69 35.57 -24.14
N ILE C 79 0.22 36.33 -24.78
CA ILE C 79 0.07 37.79 -24.81
C ILE C 79 -1.16 38.20 -25.64
N SER C 80 -1.33 37.57 -26.81
CA SER C 80 -2.47 37.85 -27.67
C SER C 80 -3.78 37.46 -27.00
N PHE C 81 -3.78 36.39 -26.20
CA PHE C 81 -4.99 36.02 -25.47
C PHE C 81 -5.35 37.04 -24.41
N GLY C 82 -4.33 37.56 -23.70
CA GLY C 82 -4.60 38.60 -22.71
C GLY C 82 -5.21 39.85 -23.33
N VAL C 83 -4.62 40.32 -24.43
CA VAL C 83 -5.12 41.53 -25.09
C VAL C 83 -6.49 41.28 -25.71
N THR C 84 -6.72 40.07 -26.24
CA THR C 84 -7.99 39.74 -26.87
C THR C 84 -9.12 39.66 -25.85
N ALA C 85 -8.85 39.09 -24.68
CA ALA C 85 -9.85 39.02 -23.62
C ALA C 85 -10.19 40.41 -23.11
N PHE C 86 -9.17 41.26 -22.94
CA PHE C 86 -9.40 42.65 -22.53
C PHE C 86 -10.26 43.39 -23.56
N PHE C 87 -9.95 43.22 -24.84
CA PHE C 87 -10.65 43.98 -25.88
C PHE C 87 -12.07 43.47 -26.07
N LEU C 88 -12.31 42.18 -25.81
CA LEU C 88 -13.68 41.66 -25.86
C LEU C 88 -14.52 42.16 -24.70
N VAL C 89 -13.95 42.23 -23.49
CA VAL C 89 -14.71 42.78 -22.36
C VAL C 89 -14.94 44.28 -22.56
N LEU C 90 -13.98 44.96 -23.21
CA LEU C 90 -14.13 46.38 -23.54
C LEU C 90 -15.27 46.61 -24.53
N ALA C 91 -15.37 45.76 -25.56
CA ALA C 91 -16.47 45.84 -26.51
C ALA C 91 -17.80 45.56 -25.84
N TYR C 92 -17.82 44.62 -24.88
CA TYR C 92 -19.01 44.36 -24.10
C TYR C 92 -19.44 45.58 -23.28
N ARG C 93 -18.47 46.26 -22.67
CA ARG C 93 -18.76 47.46 -21.90
C ARG C 93 -19.29 48.58 -22.78
N SER C 94 -18.72 48.74 -23.98
CA SER C 94 -19.18 49.79 -24.88
C SER C 94 -20.57 49.48 -25.45
N TYR C 95 -20.89 48.20 -25.65
CA TYR C 95 -22.27 47.85 -26.01
C TYR C 95 -23.22 48.18 -24.88
N GLN C 96 -22.78 47.97 -23.64
CA GLN C 96 -23.68 48.16 -22.51
C GLN C 96 -23.96 49.63 -22.23
N GLU C 97 -22.93 50.49 -22.33
CA GLU C 97 -23.14 51.88 -21.92
C GLU C 97 -23.48 52.82 -23.08
N ILE C 98 -22.80 52.70 -24.22
CA ILE C 98 -23.14 53.54 -25.37
C ILE C 98 -24.44 53.07 -26.01
N GLY C 99 -24.44 51.85 -26.52
CA GLY C 99 -25.66 51.26 -27.06
C GLY C 99 -25.66 51.09 -28.55
N THR C 100 -24.49 50.91 -29.16
CA THR C 100 -24.41 50.73 -30.60
C THR C 100 -23.20 49.90 -30.96
N ASP C 101 -23.24 49.34 -32.17
CA ASP C 101 -22.18 48.50 -32.70
C ASP C 101 -21.48 49.14 -33.89
N HIS C 102 -22.08 50.16 -34.50
CA HIS C 102 -21.56 50.73 -35.74
C HIS C 102 -20.29 51.52 -35.46
N MET C 103 -19.19 51.11 -36.09
CA MET C 103 -17.89 51.69 -35.78
C MET C 103 -17.73 53.06 -36.41
N GLU C 104 -18.29 53.27 -37.61
CA GLU C 104 -18.26 54.59 -38.23
C GLU C 104 -19.18 55.55 -37.50
N GLY C 105 -20.27 55.04 -36.91
CA GLY C 105 -21.16 55.87 -36.13
C GLY C 105 -20.60 56.31 -34.80
N MET C 106 -19.52 55.68 -34.33
CA MET C 106 -18.84 56.08 -33.10
C MET C 106 -18.12 57.40 -33.36
N LYS C 107 -18.69 58.49 -32.85
CA LYS C 107 -18.08 59.81 -32.97
C LYS C 107 -18.04 60.52 -31.63
N MET D 1 25.63 44.16 -6.70
CA MET D 1 26.85 44.30 -7.48
C MET D 1 26.52 44.57 -8.94
N SER D 2 26.66 43.54 -9.79
CA SER D 2 26.40 43.67 -11.21
C SER D 2 24.92 43.62 -11.55
N ASN D 3 24.04 43.42 -10.58
CA ASN D 3 22.60 43.45 -10.80
C ASN D 3 22.02 44.85 -10.67
N LEU D 4 22.87 45.87 -10.55
CA LEU D 4 22.43 47.26 -10.47
C LEU D 4 21.63 47.67 -11.69
N LEU D 5 21.99 47.10 -12.84
CA LEU D 5 21.29 47.32 -14.10
C LEU D 5 19.83 46.89 -14.02
N LEU D 6 19.51 45.90 -13.21
CA LEU D 6 18.12 45.49 -13.07
C LEU D 6 17.34 46.32 -12.08
N LEU D 7 18.00 47.16 -11.29
CA LEU D 7 17.26 47.96 -10.32
C LEU D 7 16.28 48.98 -10.91
N PRO D 8 16.45 49.55 -12.12
CA PRO D 8 15.30 50.22 -12.73
C PRO D 8 14.15 49.31 -13.14
N ILE D 9 14.37 48.01 -13.29
CA ILE D 9 13.32 47.09 -13.70
C ILE D 9 12.68 46.38 -12.52
N VAL D 10 13.51 45.92 -11.57
CA VAL D 10 13.04 45.08 -10.47
C VAL D 10 12.28 45.91 -9.44
N ILE D 11 12.75 47.13 -9.15
CA ILE D 11 12.15 47.94 -8.09
C ILE D 11 10.70 48.34 -8.34
N PRO D 12 10.29 48.80 -9.54
CA PRO D 12 8.86 49.08 -9.71
C PRO D 12 8.02 47.81 -9.76
N LEU D 13 8.58 46.74 -10.35
CA LEU D 13 7.90 45.46 -10.53
C LEU D 13 7.40 44.90 -9.21
N VAL D 14 8.34 44.65 -8.28
CA VAL D 14 8.06 44.25 -6.90
C VAL D 14 7.02 45.17 -6.28
N THR D 15 7.17 46.48 -6.50
CA THR D 15 6.26 47.46 -5.92
C THR D 15 4.85 47.25 -6.43
N ALA D 16 4.72 47.04 -7.74
CA ALA D 16 3.40 46.82 -8.35
C ALA D 16 2.75 45.58 -7.78
N ILE D 17 3.56 44.54 -7.54
CA ILE D 17 3.03 43.30 -6.99
C ILE D 17 2.51 43.52 -5.59
N VAL D 18 3.28 44.24 -4.76
CA VAL D 18 2.82 44.40 -3.38
C VAL D 18 1.76 45.47 -3.28
N LEU D 19 1.45 46.18 -4.37
CA LEU D 19 0.32 47.08 -4.30
C LEU D 19 -0.99 46.38 -4.62
N ILE D 20 -0.94 45.09 -5.00
CA ILE D 20 -2.17 44.38 -5.32
C ILE D 20 -2.92 43.98 -4.04
N PHE D 21 -2.20 43.78 -2.93
CA PHE D 21 -2.79 43.19 -1.73
C PHE D 21 -3.76 44.13 -1.01
N PHE D 22 -3.49 45.43 -1.00
CA PHE D 22 -4.30 46.39 -0.26
C PHE D 22 -4.85 47.48 -1.17
N PRO D 23 -5.97 47.22 -1.85
CA PRO D 23 -6.56 48.26 -2.72
C PRO D 23 -7.26 49.37 -1.95
N LYS D 24 -8.02 49.00 -0.92
CA LYS D 24 -8.88 49.95 -0.21
C LYS D 24 -8.10 50.87 0.73
N HIS D 25 -6.82 50.59 0.98
CA HIS D 25 -5.99 51.38 1.89
C HIS D 25 -5.17 52.34 1.05
N VAL D 26 -5.75 53.50 0.75
CA VAL D 26 -5.16 54.40 -0.23
C VAL D 26 -3.94 55.12 0.33
N PHE D 27 -3.90 55.33 1.65
CA PHE D 27 -2.76 55.99 2.28
C PHE D 27 -1.48 55.16 2.14
N TRP D 28 -1.58 53.86 2.34
CA TRP D 28 -0.40 53.02 2.24
C TRP D 28 0.00 52.78 0.78
N GLN D 29 -0.98 52.80 -0.14
CA GLN D 29 -0.70 52.84 -1.57
C GLN D 29 0.19 54.03 -1.91
N ARG D 30 -0.22 55.21 -1.44
CA ARG D 30 0.54 56.44 -1.69
C ARG D 30 1.94 56.37 -1.07
N VAL D 31 2.04 55.89 0.16
CA VAL D 31 3.33 55.87 0.86
C VAL D 31 4.30 54.90 0.20
N VAL D 32 3.83 53.68 -0.12
CA VAL D 32 4.72 52.67 -0.72
C VAL D 32 5.13 53.07 -2.13
N SER D 33 4.19 53.57 -2.95
CA SER D 33 4.52 53.99 -4.30
C SER D 33 5.47 55.20 -4.31
N LEU D 34 5.28 56.13 -3.37
CA LEU D 34 6.17 57.30 -3.27
C LEU D 34 7.58 56.89 -2.87
N ALA D 35 7.71 56.05 -1.85
CA ALA D 35 9.02 55.61 -1.39
C ALA D 35 9.75 54.79 -2.44
N ALA D 36 9.00 53.95 -3.17
CA ALA D 36 9.63 53.13 -4.19
C ALA D 36 10.03 53.96 -5.41
N THR D 37 9.28 55.01 -5.73
CA THR D 37 9.67 55.87 -6.85
C THR D 37 10.91 56.70 -6.51
N VAL D 38 11.01 57.16 -5.26
CA VAL D 38 12.23 57.86 -4.83
C VAL D 38 13.44 56.94 -4.86
N GLY D 39 13.25 55.69 -4.42
CA GLY D 39 14.32 54.71 -4.55
C GLY D 39 14.68 54.38 -5.99
N LEU D 40 13.69 54.43 -6.89
CA LEU D 40 13.94 54.26 -8.32
C LEU D 40 14.82 55.38 -8.86
N VAL D 41 14.55 56.63 -8.46
CA VAL D 41 15.35 57.77 -8.90
C VAL D 41 16.79 57.63 -8.39
N VAL D 42 16.96 57.22 -7.14
CA VAL D 42 18.30 57.07 -6.57
C VAL D 42 19.06 55.94 -7.26
N ALA D 43 18.38 54.82 -7.55
CA ALA D 43 19.03 53.69 -8.22
C ALA D 43 19.40 54.02 -9.66
N SER D 44 18.56 54.81 -10.35
CA SER D 44 18.89 55.20 -11.72
C SER D 44 20.05 56.18 -11.77
N GLY D 45 20.14 57.09 -10.78
CA GLY D 45 21.30 57.95 -10.68
C GLY D 45 22.58 57.18 -10.41
N ALA D 46 22.50 56.16 -9.55
CA ALA D 46 23.66 55.30 -9.30
C ALA D 46 24.05 54.51 -10.53
N LEU D 47 23.08 54.08 -11.33
CA LEU D 47 23.39 53.38 -12.58
C LEU D 47 24.06 54.31 -13.59
N LEU D 48 23.62 55.57 -13.65
CA LEU D 48 24.24 56.53 -14.56
C LEU D 48 25.68 56.85 -14.17
N HIS D 49 25.94 56.99 -12.85
CA HIS D 49 27.33 57.14 -12.43
C HIS D 49 28.16 55.89 -12.68
N ARG D 50 27.53 54.71 -12.57
CA ARG D 50 28.24 53.46 -12.82
C ARG D 50 28.65 53.34 -14.29
N VAL D 51 27.73 53.67 -15.21
CA VAL D 51 28.08 53.60 -16.63
C VAL D 51 28.96 54.76 -17.05
N HIS D 52 29.02 55.84 -16.28
CA HIS D 52 29.98 56.90 -16.60
C HIS D 52 31.39 56.54 -16.17
N THR D 53 31.56 55.90 -15.00
CA THR D 53 32.89 55.70 -14.45
C THR D 53 33.69 54.65 -15.21
N ASP D 54 33.23 53.40 -15.20
CA ASP D 54 33.79 52.42 -16.12
C ASP D 54 32.81 52.21 -17.27
N GLY D 55 33.10 51.23 -18.12
CA GLY D 55 32.45 51.11 -19.41
C GLY D 55 30.98 50.73 -19.44
N ILE D 56 30.54 50.30 -20.63
CA ILE D 56 29.16 49.93 -20.85
C ILE D 56 28.84 48.64 -20.09
N GLN D 57 27.67 48.61 -19.45
CA GLN D 57 27.33 47.55 -18.52
C GLN D 57 26.49 46.49 -19.22
N THR D 58 27.00 45.26 -19.25
CA THR D 58 26.28 44.14 -19.84
C THR D 58 26.06 43.06 -18.78
N LEU D 59 24.85 42.53 -18.72
CA LEU D 59 24.53 41.46 -17.79
C LEU D 59 23.74 40.37 -18.50
N ASN D 60 24.30 39.17 -18.50
CA ASN D 60 23.55 37.99 -18.91
C ASN D 60 22.59 37.62 -17.80
N VAL D 61 21.34 37.31 -18.15
CA VAL D 61 20.33 37.04 -17.13
C VAL D 61 20.66 35.74 -16.39
N GLY D 62 20.67 34.62 -17.09
CA GLY D 62 21.27 33.45 -16.48
C GLY D 62 22.79 33.56 -16.46
N ASN D 63 23.44 32.45 -16.19
CA ASN D 63 24.87 32.42 -16.38
C ASN D 63 25.24 32.01 -17.81
N TRP D 64 24.30 32.19 -18.77
CA TRP D 64 24.44 31.74 -20.14
C TRP D 64 25.19 32.78 -20.96
N PRO D 65 25.97 32.36 -21.95
CA PRO D 65 26.73 33.32 -22.76
C PRO D 65 25.87 34.23 -23.63
N ALA D 66 26.53 35.09 -24.39
CA ALA D 66 25.89 36.24 -25.01
C ALA D 66 24.94 35.96 -26.18
N PRO D 67 25.18 35.02 -27.11
CA PRO D 67 24.14 34.78 -28.13
C PRO D 67 22.93 34.05 -27.59
N PHE D 68 23.09 33.22 -26.56
CA PHE D 68 22.15 32.13 -26.33
C PHE D 68 21.17 32.39 -25.20
N GLY D 69 21.40 33.39 -24.36
CA GLY D 69 20.45 33.80 -23.36
C GLY D 69 20.03 35.24 -23.59
N ILE D 70 19.21 35.74 -22.69
CA ILE D 70 18.82 37.14 -22.72
C ILE D 70 19.92 37.97 -22.07
N THR D 71 20.38 39.00 -22.78
CA THR D 71 21.39 39.92 -22.27
C THR D 71 20.77 41.31 -22.13
N LEU D 72 21.01 41.93 -20.99
CA LEU D 72 20.56 43.30 -20.75
C LEU D 72 21.77 44.22 -20.83
N VAL D 73 21.67 45.28 -21.63
CA VAL D 73 22.77 46.19 -21.87
C VAL D 73 22.34 47.59 -21.49
N SER D 74 23.11 48.23 -20.62
CA SER D 74 22.94 49.64 -20.30
C SER D 74 24.18 50.37 -20.77
N ASP D 75 24.01 51.17 -21.82
CA ASP D 75 24.97 52.18 -22.22
C ASP D 75 24.54 53.51 -21.61
N SER D 76 25.17 54.60 -22.03
CA SER D 76 24.91 55.87 -21.36
C SER D 76 23.59 56.48 -21.78
N LEU D 77 23.16 56.25 -23.03
CA LEU D 77 21.88 56.78 -23.50
C LEU D 77 20.71 56.12 -22.78
N SER D 78 20.77 54.81 -22.58
CA SER D 78 19.69 54.11 -21.88
C SER D 78 19.62 54.50 -20.42
N ALA D 79 20.78 54.76 -19.78
CA ALA D 79 20.79 55.21 -18.40
C ALA D 79 20.22 56.62 -18.26
N LEU D 80 20.53 57.50 -19.22
CA LEU D 80 19.93 58.83 -19.25
C LEU D 80 18.43 58.77 -19.43
N LEU D 81 17.95 57.87 -20.30
CA LEU D 81 16.51 57.73 -20.51
C LEU D 81 15.81 57.14 -19.31
N VAL D 82 16.48 56.25 -18.58
CA VAL D 82 15.92 55.69 -17.35
C VAL D 82 15.80 56.76 -16.27
N LEU D 83 16.84 57.59 -16.10
CA LEU D 83 16.79 58.67 -15.12
C LEU D 83 15.72 59.71 -15.46
N THR D 84 15.58 60.03 -16.75
CA THR D 84 14.55 60.96 -17.19
C THR D 84 13.16 60.40 -16.94
N THR D 85 12.98 59.10 -17.21
CA THR D 85 11.73 58.40 -16.91
C THR D 85 11.41 58.43 -15.43
N SER D 86 12.43 58.27 -14.58
CA SER D 86 12.25 58.26 -13.14
C SER D 86 11.77 59.61 -12.62
N ILE D 87 12.38 60.69 -13.13
CA ILE D 87 11.99 62.04 -12.71
C ILE D 87 10.56 62.35 -13.14
N ILE D 88 10.22 62.01 -14.40
CA ILE D 88 8.87 62.24 -14.90
C ILE D 88 7.85 61.42 -14.10
N ALA D 89 8.22 60.20 -13.73
CA ALA D 89 7.33 59.33 -12.96
C ALA D 89 7.08 59.88 -11.57
N LEU D 90 8.11 60.42 -10.91
CA LEU D 90 7.93 61.01 -9.59
C LEU D 90 7.02 62.24 -9.63
N ALA D 91 7.23 63.12 -10.61
CA ALA D 91 6.39 64.31 -10.72
C ALA D 91 4.93 63.95 -11.04
N CYS D 92 4.73 62.98 -11.94
CA CYS D 92 3.38 62.55 -12.28
C CYS D 92 2.72 61.82 -11.12
N LEU D 93 3.51 61.16 -10.27
CA LEU D 93 2.93 60.46 -9.12
C LEU D 93 2.45 61.43 -8.06
N VAL D 94 3.21 62.50 -7.79
CA VAL D 94 2.74 63.46 -6.81
C VAL D 94 1.53 64.24 -7.35
N TYR D 95 1.53 64.53 -8.66
CA TYR D 95 0.34 65.11 -9.26
C TYR D 95 -0.85 64.15 -9.20
N SER D 96 -0.58 62.84 -9.27
CA SER D 96 -1.62 61.84 -9.13
C SER D 96 -2.18 61.80 -7.72
N PHE D 97 -1.33 62.06 -6.73
CA PHE D 97 -1.81 62.17 -5.34
C PHE D 97 -2.81 63.30 -5.21
N TYR D 98 -2.52 64.44 -5.83
CA TYR D 98 -3.45 65.55 -5.67
C TYR D 98 -4.64 65.51 -6.63
N ALA D 99 -4.55 64.79 -7.75
CA ALA D 99 -5.46 64.95 -8.87
C ALA D 99 -6.50 63.84 -9.00
N ILE D 100 -6.05 62.58 -9.01
CA ILE D 100 -6.94 61.43 -9.14
C ILE D 100 -7.85 61.35 -7.92
N GLY D 101 -9.14 61.16 -8.15
CA GLY D 101 -10.09 61.04 -7.06
C GLY D 101 -9.93 59.73 -6.31
N HIS D 102 -10.82 59.53 -5.34
CA HIS D 102 -10.73 58.38 -4.45
C HIS D 102 -11.11 57.08 -5.16
N LYS D 103 -12.20 57.12 -5.93
CA LYS D 103 -12.77 55.93 -6.53
C LYS D 103 -11.85 55.32 -7.57
N ARG D 104 -11.13 56.15 -8.33
CA ARG D 104 -10.24 55.62 -9.35
C ARG D 104 -8.99 55.00 -8.76
N GLU D 105 -8.58 55.42 -7.56
CA GLU D 105 -7.37 54.87 -6.97
C GLU D 105 -7.63 53.78 -5.94
N THR D 106 -8.88 53.53 -5.56
CA THR D 106 -9.16 52.26 -4.90
C THR D 106 -9.04 51.09 -5.86
N PHE D 107 -9.27 51.30 -7.15
CA PHE D 107 -9.24 50.23 -8.15
C PHE D 107 -7.90 50.20 -8.88
N TYR D 108 -6.83 49.93 -8.11
CA TYR D 108 -5.55 49.43 -8.61
C TYR D 108 -4.79 50.44 -9.47
N TYR D 109 -4.96 51.74 -9.21
CA TYR D 109 -4.37 52.77 -10.06
C TYR D 109 -2.84 52.78 -9.98
N TYR D 110 -2.29 52.71 -8.76
CA TYR D 110 -0.85 52.82 -8.59
C TYR D 110 -0.12 51.57 -9.04
N SER D 111 -0.80 50.42 -9.04
CA SER D 111 -0.25 49.22 -9.64
C SER D 111 -0.05 49.40 -11.13
N PHE D 112 -1.05 49.97 -11.81
CA PHE D 112 -0.98 50.17 -13.25
C PHE D 112 0.06 51.22 -13.62
N PHE D 113 0.19 52.26 -12.77
CA PHE D 113 1.29 53.21 -12.85
C PHE D 113 2.65 52.52 -12.83
N GLN D 114 2.86 51.67 -11.81
CA GLN D 114 4.15 51.01 -11.68
C GLN D 114 4.39 50.00 -12.80
N PHE D 115 3.34 49.36 -13.33
CA PHE D 115 3.54 48.47 -14.47
C PHE D 115 3.91 49.23 -15.73
N LEU D 116 3.37 50.44 -15.90
CA LEU D 116 3.76 51.27 -17.04
C LEU D 116 5.23 51.67 -16.95
N ILE D 117 5.69 52.03 -15.74
CA ILE D 117 7.09 52.42 -15.66
C ILE D 117 8.01 51.20 -15.74
N VAL D 118 7.50 50.01 -15.35
CA VAL D 118 8.21 48.75 -15.63
C VAL D 118 8.40 48.56 -17.13
N GLY D 119 7.32 48.76 -17.89
CA GLY D 119 7.38 48.56 -19.33
C GLY D 119 8.35 49.49 -20.03
N VAL D 120 8.30 50.79 -19.70
CA VAL D 120 9.20 51.73 -20.37
C VAL D 120 10.65 51.52 -19.93
N ASN D 121 10.89 51.28 -18.62
CA ASN D 121 12.26 51.09 -18.15
C ASN D 121 12.86 49.80 -18.69
N GLY D 122 12.04 48.77 -18.88
CA GLY D 122 12.54 47.56 -19.49
C GLY D 122 12.79 47.72 -20.97
N ALA D 123 12.01 48.58 -21.63
CA ALA D 123 12.21 48.82 -23.05
C ALA D 123 13.49 49.59 -23.32
N PHE D 124 13.87 50.52 -22.44
CA PHE D 124 15.10 51.27 -22.70
C PHE D 124 16.35 50.43 -22.48
N THR D 125 16.31 49.42 -21.62
CA THR D 125 17.46 48.53 -21.45
C THR D 125 17.07 47.09 -21.76
N THR D 126 17.39 46.67 -22.98
CA THR D 126 17.29 45.27 -23.38
C THR D 126 18.25 45.06 -24.55
N GLY D 127 18.61 43.80 -24.75
CA GLY D 127 19.52 43.47 -25.81
C GLY D 127 18.95 42.44 -26.76
N ASP D 128 17.65 42.20 -26.68
CA ASP D 128 16.95 41.27 -27.55
C ASP D 128 15.77 41.97 -28.22
N LEU D 129 15.46 41.52 -29.43
CA LEU D 129 14.30 42.07 -30.13
C LEU D 129 12.99 41.55 -29.56
N PHE D 130 12.94 40.27 -29.25
CA PHE D 130 11.69 39.69 -28.79
C PHE D 130 11.43 40.03 -27.33
N ASN D 131 12.48 40.22 -26.55
CA ASN D 131 12.30 40.76 -25.20
C ASN D 131 11.78 42.19 -25.26
N LEU D 132 12.27 42.96 -26.24
CA LEU D 132 11.76 44.31 -26.49
C LEU D 132 10.30 44.29 -26.90
N PHE D 133 9.90 43.29 -27.69
CA PHE D 133 8.49 43.03 -27.99
C PHE D 133 7.67 42.84 -26.71
N VAL D 134 8.16 41.99 -25.81
CA VAL D 134 7.42 41.70 -24.56
C VAL D 134 7.30 42.96 -23.70
N PHE D 135 8.36 43.77 -23.64
CA PHE D 135 8.29 45.03 -22.89
C PHE D 135 7.36 46.04 -23.55
N PHE D 136 7.30 46.05 -24.89
CA PHE D 136 6.29 46.86 -25.57
C PHE D 136 4.88 46.45 -25.16
N GLU D 137 4.61 45.15 -25.02
CA GLU D 137 3.25 44.80 -24.63
C GLU D 137 2.97 45.01 -23.14
N VAL D 138 3.98 44.95 -22.28
CA VAL D 138 3.78 45.34 -20.88
C VAL D 138 3.37 46.80 -20.80
N MET D 139 4.16 47.66 -21.48
CA MET D 139 3.89 49.09 -21.58
C MET D 139 2.52 49.38 -22.17
N LEU D 140 2.19 48.73 -23.30
CA LEU D 140 0.95 49.01 -24.00
C LEU D 140 -0.26 48.49 -23.24
N MET D 141 -0.15 47.35 -22.57
CA MET D 141 -1.26 46.83 -21.81
C MET D 141 -1.59 47.73 -20.62
N SER D 142 -0.56 48.17 -19.90
CA SER D 142 -0.77 49.13 -18.82
C SER D 142 -1.33 50.45 -19.32
N SER D 143 -0.94 50.87 -20.52
CA SER D 143 -1.48 52.11 -21.08
C SER D 143 -2.94 51.96 -21.50
N TYR D 144 -3.33 50.78 -22.00
CA TYR D 144 -4.74 50.48 -22.29
C TYR D 144 -5.59 50.64 -21.04
N VAL D 145 -5.13 50.04 -19.94
CA VAL D 145 -5.95 50.04 -18.74
C VAL D 145 -5.99 51.43 -18.10
N LEU D 146 -4.85 52.14 -18.09
CA LEU D 146 -4.83 53.51 -17.58
C LEU D 146 -5.65 54.46 -18.44
N LEU D 147 -5.77 54.18 -19.73
CA LEU D 147 -6.65 54.96 -20.59
C LEU D 147 -8.12 54.70 -20.28
N VAL D 148 -8.48 53.44 -20.02
CA VAL D 148 -9.90 53.11 -19.88
C VAL D 148 -10.42 53.27 -18.46
N LEU D 149 -9.54 53.41 -17.46
CA LEU D 149 -9.93 53.34 -16.06
C LEU D 149 -10.81 54.51 -15.64
N GLY D 150 -11.97 54.20 -15.10
CA GLY D 150 -12.97 55.20 -14.77
C GLY D 150 -14.24 54.95 -15.53
N GLY D 151 -14.11 54.63 -16.82
CA GLY D 151 -15.21 54.15 -17.62
C GLY D 151 -16.29 55.15 -17.99
N THR D 152 -15.89 56.35 -18.41
CA THR D 152 -16.84 57.24 -19.07
C THR D 152 -16.86 56.91 -20.56
N LYS D 153 -17.77 57.57 -21.29
CA LYS D 153 -18.03 57.18 -22.68
C LYS D 153 -16.87 57.54 -23.60
N ILE D 154 -16.20 58.66 -23.31
CA ILE D 154 -15.14 59.16 -24.17
C ILE D 154 -13.95 58.22 -24.12
N GLN D 155 -13.51 57.86 -22.92
CA GLN D 155 -12.35 56.98 -22.83
C GLN D 155 -12.68 55.54 -23.20
N LEU D 156 -13.95 55.12 -23.14
CA LEU D 156 -14.34 53.85 -23.78
C LEU D 156 -14.10 53.88 -25.28
N ARG D 157 -14.62 54.92 -25.96
CA ARG D 157 -14.47 55.03 -27.41
C ARG D 157 -13.00 55.09 -27.83
N GLU D 158 -12.25 56.00 -27.24
CA GLU D 158 -10.87 56.10 -27.69
C GLU D 158 -9.97 55.01 -27.13
N THR D 159 -10.40 54.25 -26.12
CA THR D 159 -9.66 53.04 -25.76
C THR D 159 -9.86 51.97 -26.83
N ILE D 160 -11.07 51.88 -27.39
CA ILE D 160 -11.33 50.96 -28.51
C ILE D 160 -10.42 51.30 -29.70
N LYS D 161 -10.33 52.60 -30.04
CA LYS D 161 -9.50 53.04 -31.16
C LYS D 161 -8.01 52.74 -30.91
N TYR D 162 -7.50 53.16 -29.74
CA TYR D 162 -6.09 52.99 -29.39
C TYR D 162 -5.69 51.52 -29.32
N THR D 163 -6.58 50.69 -28.76
CA THR D 163 -6.30 49.27 -28.62
C THR D 163 -6.24 48.58 -29.97
N LEU D 164 -7.15 48.97 -30.88
CA LEU D 164 -7.18 48.41 -32.23
C LEU D 164 -5.87 48.68 -32.97
N VAL D 165 -5.39 49.93 -32.90
CA VAL D 165 -4.15 50.32 -33.58
C VAL D 165 -2.95 49.56 -33.03
N ASN D 166 -2.88 49.44 -31.70
CA ASN D 166 -1.70 48.81 -31.12
C ASN D 166 -1.70 47.30 -31.30
N VAL D 167 -2.88 46.68 -31.42
CA VAL D 167 -2.94 45.26 -31.76
C VAL D 167 -2.39 45.01 -33.17
N ILE D 168 -2.79 45.86 -34.12
CA ILE D 168 -2.29 45.73 -35.49
C ILE D 168 -0.78 45.92 -35.54
N SER D 169 -0.25 46.91 -34.82
CA SER D 169 1.18 47.14 -34.84
C SER D 169 1.96 46.05 -34.09
N SER D 170 1.35 45.43 -33.08
CA SER D 170 1.99 44.31 -32.40
C SER D 170 2.13 43.10 -33.31
N ALA D 171 1.07 42.80 -34.08
CA ALA D 171 1.15 41.71 -35.06
C ALA D 171 2.19 42.01 -36.13
N LEU D 172 2.32 43.27 -36.54
CA LEU D 172 3.34 43.63 -37.51
C LEU D 172 4.75 43.50 -36.94
N PHE D 173 4.94 43.75 -35.64
CA PHE D 173 6.28 43.53 -35.08
C PHE D 173 6.58 42.05 -34.98
N VAL D 174 5.56 41.22 -34.74
CA VAL D 174 5.73 39.77 -34.76
C VAL D 174 6.21 39.29 -36.13
N VAL D 175 5.55 39.76 -37.20
CA VAL D 175 5.94 39.28 -38.52
C VAL D 175 7.31 39.83 -38.94
N ALA D 176 7.69 41.01 -38.42
CA ALA D 176 9.03 41.52 -38.71
C ALA D 176 10.11 40.69 -38.02
N VAL D 177 9.87 40.30 -36.76
CA VAL D 177 10.79 39.41 -36.04
C VAL D 177 10.90 38.06 -36.76
N ALA D 178 9.78 37.57 -37.31
CA ALA D 178 9.77 36.31 -38.03
C ALA D 178 10.63 36.36 -39.30
N TYR D 179 10.46 37.42 -40.09
CA TYR D 179 11.26 37.62 -41.31
C TYR D 179 12.75 37.73 -40.98
N LEU D 180 13.08 38.51 -39.96
CA LEU D 180 14.49 38.72 -39.64
C LEU D 180 15.11 37.47 -39.03
N TYR D 181 14.32 36.64 -38.34
CA TYR D 181 14.85 35.37 -37.84
C TYR D 181 15.09 34.40 -38.99
N ALA D 182 14.23 34.44 -40.01
CA ALA D 182 14.46 33.59 -41.16
C ALA D 182 15.69 34.01 -41.95
N VAL D 183 16.01 35.30 -41.98
CA VAL D 183 17.20 35.73 -42.68
C VAL D 183 18.46 35.43 -41.87
N THR D 184 18.49 35.85 -40.60
CA THR D 184 19.70 35.83 -39.78
C THR D 184 19.84 34.59 -38.91
N GLY D 185 18.82 34.25 -38.13
CA GLY D 185 18.87 33.09 -37.28
C GLY D 185 19.11 33.35 -35.81
N THR D 186 19.30 34.60 -35.41
CA THR D 186 19.52 34.96 -34.01
C THR D 186 18.48 35.97 -33.56
N LEU D 187 18.57 36.34 -32.29
CA LEU D 187 17.55 37.20 -31.71
C LEU D 187 18.11 38.32 -30.83
N ASN D 188 19.37 38.28 -30.41
CA ASN D 188 19.94 39.40 -29.69
C ASN D 188 20.52 40.44 -30.65
N MET D 189 20.62 41.69 -30.16
CA MET D 189 20.95 42.84 -30.99
C MET D 189 22.35 42.73 -31.56
N ALA D 190 23.34 42.40 -30.71
CA ALA D 190 24.74 42.48 -31.13
C ALA D 190 25.10 41.40 -32.13
N HIS D 191 24.62 40.18 -31.92
CA HIS D 191 25.01 39.09 -32.81
C HIS D 191 24.28 39.17 -34.13
N LEU D 192 23.01 39.60 -34.17
CA LEU D 192 22.41 39.81 -35.47
C LEU D 192 22.91 41.08 -36.14
N ALA D 193 23.44 42.04 -35.39
CA ALA D 193 24.14 43.16 -36.02
C ALA D 193 25.40 42.68 -36.73
N ASP D 194 26.14 41.77 -36.09
CA ASP D 194 27.31 41.16 -36.73
C ASP D 194 26.91 40.33 -37.94
N ARG D 195 25.80 39.61 -37.86
CA ARG D 195 25.38 38.78 -38.98
C ARG D 195 24.85 39.60 -40.15
N ILE D 196 24.11 40.68 -39.87
CA ILE D 196 23.67 41.60 -40.91
C ILE D 196 24.85 42.28 -41.57
N ASN D 197 25.86 42.67 -40.79
CA ASN D 197 27.06 43.22 -41.40
C ASN D 197 27.92 42.19 -42.12
N ALA D 198 27.67 40.89 -41.93
CA ALA D 198 28.36 39.88 -42.72
C ALA D 198 27.70 39.62 -44.07
N LEU D 199 26.44 40.01 -44.26
CA LEU D 199 25.75 39.86 -45.55
C LEU D 199 24.97 41.12 -45.90
N GLY D 200 25.63 42.28 -45.76
CA GLY D 200 24.94 43.56 -45.85
C GLY D 200 24.53 44.00 -47.24
N SER D 201 24.89 43.26 -48.28
CA SER D 201 24.54 43.63 -49.64
C SER D 201 23.27 42.94 -50.16
N SER D 202 22.29 42.70 -49.28
CA SER D 202 21.08 42.01 -49.71
C SER D 202 19.87 42.92 -49.60
N PRO D 203 18.94 42.86 -50.57
CA PRO D 203 17.79 43.78 -50.56
C PRO D 203 16.74 43.47 -49.50
N ILE D 204 16.69 42.24 -49.01
CA ILE D 204 15.66 41.87 -48.05
C ILE D 204 15.90 42.57 -46.71
N LEU D 205 17.15 42.89 -46.39
CA LEU D 205 17.45 43.64 -45.18
C LEU D 205 16.92 45.06 -45.26
N THR D 206 16.96 45.65 -46.45
CA THR D 206 16.36 46.96 -46.67
C THR D 206 14.85 46.89 -46.49
N VAL D 207 14.22 45.82 -47.00
CA VAL D 207 12.77 45.67 -46.86
C VAL D 207 12.38 45.51 -45.39
N ILE D 208 13.17 44.77 -44.62
CA ILE D 208 12.81 44.55 -43.22
C ILE D 208 13.11 45.79 -42.39
N ALA D 209 14.13 46.58 -42.75
CA ALA D 209 14.37 47.87 -42.11
C ALA D 209 13.22 48.83 -42.33
N VAL D 210 12.67 48.85 -43.55
CA VAL D 210 11.49 49.68 -43.81
C VAL D 210 10.28 49.17 -43.00
N LEU D 211 10.18 47.86 -42.81
CA LEU D 211 9.09 47.31 -41.98
C LEU D 211 9.23 47.71 -40.51
N PHE D 212 10.47 47.75 -40.00
CA PHE D 212 10.69 48.23 -38.64
C PHE D 212 10.39 49.72 -38.51
N ILE D 213 10.67 50.51 -39.56
CA ILE D 213 10.25 51.91 -39.59
C ILE D 213 8.74 52.02 -39.44
N ILE D 214 8.01 51.18 -40.16
CA ILE D 214 6.55 51.24 -40.11
C ILE D 214 6.03 50.84 -38.73
N VAL D 215 6.63 49.82 -38.12
CA VAL D 215 6.20 49.37 -36.78
C VAL D 215 6.50 50.44 -35.73
N PHE D 216 7.75 50.89 -35.67
CA PHE D 216 8.14 51.86 -34.64
C PHE D 216 7.56 53.24 -34.89
N GLY D 217 7.15 53.55 -36.12
CA GLY D 217 6.41 54.76 -36.38
C GLY D 217 4.94 54.64 -36.11
N LEU D 218 4.40 53.42 -36.09
CA LEU D 218 3.11 53.24 -35.44
C LEU D 218 3.22 53.40 -33.94
N LYS D 219 4.37 53.05 -33.35
CA LYS D 219 4.55 53.23 -31.91
C LYS D 219 4.68 54.71 -31.56
N GLY D 220 5.69 55.38 -32.07
CA GLY D 220 5.83 56.82 -31.92
C GLY D 220 5.43 57.50 -33.22
N ALA D 221 4.48 58.42 -33.12
CA ALA D 221 3.66 58.84 -34.27
C ALA D 221 4.47 59.60 -35.31
N ILE D 222 4.74 58.94 -36.43
CA ILE D 222 5.37 59.54 -37.59
C ILE D 222 4.26 59.77 -38.61
N PHE D 223 4.46 60.73 -39.51
CA PHE D 223 3.67 60.75 -40.74
C PHE D 223 4.15 59.62 -41.65
N PRO D 224 3.24 58.88 -42.29
CA PRO D 224 1.77 58.91 -42.26
C PRO D 224 1.16 57.84 -41.35
N LEU D 225 1.70 57.70 -40.14
CA LEU D 225 1.27 56.67 -39.20
C LEU D 225 0.81 57.27 -37.89
N TYR D 226 0.41 58.55 -37.90
CA TYR D 226 0.18 59.31 -36.68
C TYR D 226 -1.26 59.35 -36.26
N PHE D 227 -2.17 58.83 -37.10
CA PHE D 227 -3.57 59.26 -37.10
C PHE D 227 -4.33 58.83 -35.87
N TRP D 228 -3.80 57.89 -35.08
CA TRP D 228 -4.49 57.41 -33.89
C TRP D 228 -4.35 58.35 -32.71
N LEU D 229 -3.32 59.18 -32.68
CA LEU D 229 -2.88 59.87 -31.48
C LEU D 229 -3.70 61.06 -30.99
N PRO D 230 -4.28 61.95 -31.84
CA PRO D 230 -5.09 63.06 -31.28
C PRO D 230 -6.29 62.65 -30.42
N GLY D 231 -7.16 61.75 -30.88
CA GLY D 231 -8.28 61.35 -30.06
C GLY D 231 -7.88 60.51 -28.86
N ALA D 232 -6.88 59.64 -29.06
CA ALA D 232 -6.39 58.77 -28.00
C ALA D 232 -5.78 59.57 -26.86
N TYR D 233 -5.08 60.65 -27.18
CA TYR D 233 -4.56 61.48 -26.09
C TYR D 233 -5.53 62.57 -25.68
N TYR D 234 -6.61 62.78 -26.43
CA TYR D 234 -7.65 63.66 -25.92
C TYR D 234 -8.51 62.97 -24.87
N ALA D 235 -8.52 61.64 -24.85
CA ALA D 235 -9.28 60.86 -23.86
C ALA D 235 -8.82 60.90 -22.38
N PRO D 236 -7.58 60.58 -22.00
CA PRO D 236 -7.32 60.16 -20.61
C PRO D 236 -7.27 61.33 -19.65
N PRO D 237 -7.26 61.07 -18.34
CA PRO D 237 -7.06 62.16 -17.37
C PRO D 237 -5.62 62.67 -17.38
N THR D 238 -5.40 63.74 -16.59
CA THR D 238 -4.22 64.58 -16.77
C THR D 238 -2.89 63.92 -16.38
N PRO D 239 -2.73 63.28 -15.20
CA PRO D 239 -1.42 62.66 -14.95
C PRO D 239 -1.15 61.43 -15.81
N VAL D 240 -2.20 60.71 -16.19
CA VAL D 240 -2.07 59.61 -17.16
C VAL D 240 -1.62 60.15 -18.50
N LEU D 241 -2.17 61.29 -18.90
CA LEU D 241 -1.79 61.93 -20.16
C LEU D 241 -0.37 62.46 -20.12
N ALA D 242 0.06 62.96 -18.97
CA ALA D 242 1.44 63.42 -18.82
C ALA D 242 2.42 62.26 -18.92
N LEU D 243 2.05 61.12 -18.33
CA LEU D 243 2.82 59.88 -18.51
C LEU D 243 2.88 59.46 -19.97
N PHE D 244 1.76 59.56 -20.68
CA PHE D 244 1.70 59.11 -22.07
C PHE D 244 2.54 60.00 -22.97
N GLY D 245 2.35 61.32 -22.87
CA GLY D 245 3.08 62.25 -23.70
C GLY D 245 4.55 62.33 -23.36
N GLY D 246 4.92 62.08 -22.11
CA GLY D 246 6.32 62.08 -21.75
C GLY D 246 7.08 60.85 -22.18
N LEU D 247 6.42 59.69 -22.24
CA LEU D 247 7.14 58.42 -22.26
C LEU D 247 6.82 57.52 -23.45
N LEU D 248 5.56 57.48 -23.92
CA LEU D 248 5.15 56.41 -24.83
C LEU D 248 5.69 56.63 -26.24
N THR D 249 5.57 57.84 -26.76
CA THR D 249 6.02 58.09 -28.12
C THR D 249 7.54 58.16 -28.24
N LYS D 250 8.25 58.32 -27.13
CA LYS D 250 9.68 58.51 -27.18
C LYS D 250 10.47 57.22 -27.08
N VAL D 251 9.80 56.09 -26.84
CA VAL D 251 10.49 54.81 -26.91
C VAL D 251 10.47 54.26 -28.34
N GLY D 252 9.49 54.66 -29.15
CA GLY D 252 9.57 54.38 -30.57
C GLY D 252 10.71 55.13 -31.24
N VAL D 253 10.95 56.37 -30.80
CA VAL D 253 12.06 57.16 -31.31
C VAL D 253 13.39 56.53 -30.94
N TYR D 254 13.51 56.07 -29.68
CA TYR D 254 14.72 55.38 -29.26
C TYR D 254 14.92 54.06 -29.99
N SER D 255 13.83 53.37 -30.31
CA SER D 255 13.95 52.10 -31.01
C SER D 255 14.40 52.30 -32.46
N ILE D 256 13.87 53.34 -33.13
CA ILE D 256 14.38 53.75 -34.45
C ILE D 256 15.86 54.09 -34.37
N LEU D 257 16.24 54.80 -33.31
CA LEU D 257 17.62 55.23 -33.13
C LEU D 257 18.57 54.05 -32.96
N ARG D 258 18.21 53.11 -32.08
CA ARG D 258 19.03 51.92 -31.85
C ARG D 258 19.07 51.04 -33.09
N THR D 259 17.95 50.96 -33.81
CA THR D 259 17.85 50.13 -35.01
C THR D 259 18.77 50.64 -36.12
N PHE D 260 18.79 51.94 -36.36
CA PHE D 260 19.59 52.45 -37.45
C PHE D 260 20.99 52.87 -37.07
N THR D 261 21.32 52.89 -35.78
CA THR D 261 22.71 53.07 -35.39
C THR D 261 23.40 51.76 -35.04
N LEU D 262 22.65 50.67 -34.90
CA LEU D 262 23.23 49.38 -34.54
C LEU D 262 23.09 48.32 -35.60
N LEU D 263 21.88 48.13 -36.12
CA LEU D 263 21.60 46.95 -36.94
C LEU D 263 21.85 47.21 -38.41
N PHE D 264 21.15 48.20 -38.98
CA PHE D 264 21.12 48.41 -40.41
C PHE D 264 22.04 49.58 -40.75
N THR D 265 23.26 49.27 -41.18
CA THR D 265 24.25 50.28 -41.56
C THR D 265 24.64 50.22 -43.03
N HIS D 266 24.68 49.04 -43.64
CA HIS D 266 24.91 48.94 -45.07
C HIS D 266 23.69 49.42 -45.85
N ASP D 267 23.95 49.97 -47.04
CA ASP D 267 22.96 50.57 -47.93
C ASP D 267 22.15 51.64 -47.20
N ALA D 268 22.87 52.63 -46.70
CA ALA D 268 22.32 53.61 -45.77
C ALA D 268 21.60 54.75 -46.48
N ALA D 269 21.89 54.94 -47.77
CA ALA D 269 21.38 56.11 -48.49
C ALA D 269 19.86 56.07 -48.64
N TYR D 270 19.32 54.90 -48.99
CA TYR D 270 17.88 54.75 -49.20
C TYR D 270 17.12 54.91 -47.89
N THR D 271 17.61 54.27 -46.82
CA THR D 271 16.92 54.33 -45.54
C THR D 271 16.97 55.73 -44.94
N HIS D 272 18.10 56.43 -45.12
CA HIS D 272 18.19 57.78 -44.57
C HIS D 272 17.39 58.79 -45.37
N THR D 273 17.28 58.64 -46.70
CA THR D 273 16.42 59.58 -47.41
C THR D 273 14.94 59.31 -47.13
N LEU D 274 14.59 58.04 -46.85
CA LEU D 274 13.23 57.74 -46.41
C LEU D 274 12.93 58.37 -45.05
N LEU D 275 13.89 58.27 -44.11
CA LEU D 275 13.71 58.88 -42.80
C LEU D 275 13.62 60.40 -42.88
N ALA D 276 14.39 61.00 -43.79
CA ALA D 276 14.35 62.45 -43.98
C ALA D 276 12.98 62.91 -44.47
N TRP D 277 12.41 62.22 -45.46
CA TRP D 277 11.11 62.66 -45.96
C TRP D 277 9.98 62.39 -44.98
N LEU D 278 10.03 61.27 -44.24
CA LEU D 278 9.02 61.00 -43.23
C LEU D 278 9.09 62.02 -42.09
N ALA D 279 10.31 62.43 -41.72
CA ALA D 279 10.47 63.43 -40.67
C ALA D 279 9.98 64.80 -41.10
N LEU D 280 10.24 65.19 -42.35
CA LEU D 280 9.74 66.48 -42.84
C LEU D 280 8.21 66.49 -42.86
N GLY D 281 7.59 65.39 -43.30
CA GLY D 281 6.14 65.30 -43.24
C GLY D 281 5.60 65.34 -41.83
N THR D 282 6.33 64.75 -40.87
CA THR D 282 5.89 64.75 -39.48
C THR D 282 5.91 66.16 -38.89
N ILE D 283 7.00 66.91 -39.16
CA ILE D 283 7.13 68.29 -38.71
C ILE D 283 6.02 69.16 -39.29
N ILE D 284 5.73 68.99 -40.59
CA ILE D 284 4.71 69.82 -41.23
C ILE D 284 3.32 69.51 -40.67
N ILE D 285 2.99 68.23 -40.47
CA ILE D 285 1.71 67.85 -39.86
C ILE D 285 1.58 68.41 -38.45
N GLY D 286 2.66 68.34 -37.67
CA GLY D 286 2.62 68.85 -36.30
C GLY D 286 2.42 70.35 -36.22
N VAL D 287 3.09 71.12 -37.08
CA VAL D 287 2.94 72.56 -36.99
C VAL D 287 1.59 73.01 -37.56
N ILE D 288 1.03 72.30 -38.55
CA ILE D 288 -0.31 72.61 -39.04
C ILE D 288 -1.35 72.38 -37.96
N GLY D 289 -1.25 71.23 -37.27
CA GLY D 289 -2.18 70.96 -36.19
C GLY D 289 -2.02 71.88 -35.00
N ALA D 290 -0.80 72.34 -34.71
CA ALA D 290 -0.59 73.28 -33.63
C ALA D 290 -1.17 74.66 -33.96
N VAL D 291 -1.05 75.09 -35.21
CA VAL D 291 -1.64 76.36 -35.63
C VAL D 291 -3.17 76.29 -35.62
N ALA D 292 -3.73 75.13 -35.98
CA ALA D 292 -5.15 75.06 -36.30
C ALA D 292 -6.07 75.17 -35.08
N TYR D 293 -5.66 74.65 -33.92
CA TYR D 293 -6.58 74.45 -32.81
C TYR D 293 -6.56 75.59 -31.81
N ASN D 294 -7.75 75.89 -31.27
CA ASN D 294 -7.92 76.77 -30.12
C ASN D 294 -8.26 75.95 -28.87
N ASP D 295 -7.61 74.80 -28.73
CA ASP D 295 -7.86 73.86 -27.64
C ASP D 295 -6.50 73.42 -27.11
N MET D 296 -6.32 73.49 -25.78
CA MET D 296 -4.99 73.38 -25.18
C MET D 296 -4.39 71.99 -25.36
N ARG D 297 -5.19 70.95 -25.12
CA ARG D 297 -4.72 69.57 -25.22
C ARG D 297 -4.28 69.24 -26.64
N TYR D 298 -5.06 69.70 -27.63
CA TYR D 298 -4.67 69.47 -29.03
C TYR D 298 -3.40 70.20 -29.41
N ILE D 299 -3.18 71.38 -28.85
CA ILE D 299 -1.95 72.12 -29.11
C ILE D 299 -0.75 71.36 -28.59
N VAL D 300 -0.85 70.82 -27.37
CA VAL D 300 0.29 70.09 -26.82
C VAL D 300 0.50 68.75 -27.53
N ILE D 301 -0.59 68.13 -28.01
CA ILE D 301 -0.52 66.89 -28.78
C ILE D 301 0.22 67.09 -30.10
N TYR D 302 -0.13 68.15 -30.83
CA TYR D 302 0.58 68.39 -32.07
C TYR D 302 1.99 68.92 -31.84
N ASN D 303 2.28 69.49 -30.67
CA ASN D 303 3.68 69.79 -30.36
C ASN D 303 4.48 68.52 -30.08
N ILE D 304 3.85 67.48 -29.52
CA ILE D 304 4.49 66.17 -29.41
C ILE D 304 4.86 65.65 -30.80
N ILE D 305 3.91 65.74 -31.74
CA ILE D 305 4.14 65.24 -33.11
C ILE D 305 5.28 66.00 -33.79
N ALA D 306 5.31 67.33 -33.63
CA ALA D 306 6.35 68.15 -34.24
C ALA D 306 7.73 67.86 -33.66
N ALA D 307 7.82 67.70 -32.32
CA ALA D 307 9.11 67.42 -31.71
C ALA D 307 9.62 66.02 -32.07
N VAL D 308 8.71 65.06 -32.22
CA VAL D 308 9.10 63.73 -32.70
C VAL D 308 9.65 63.82 -34.12
N GLY D 309 9.05 64.67 -34.96
CA GLY D 309 9.57 64.86 -36.30
C GLY D 309 10.97 65.48 -36.33
N VAL D 310 11.22 66.43 -35.43
CA VAL D 310 12.56 67.04 -35.34
C VAL D 310 13.59 66.02 -34.89
N MET D 311 13.23 65.15 -33.94
CA MET D 311 14.15 64.12 -33.47
C MET D 311 14.44 63.08 -34.56
N ILE D 312 13.43 62.71 -35.35
CA ILE D 312 13.64 61.75 -36.43
C ILE D 312 14.51 62.35 -37.52
N PHE D 313 14.35 63.65 -37.79
CA PHE D 313 15.24 64.30 -38.74
C PHE D 313 16.67 64.37 -38.22
N GLY D 314 16.84 64.51 -36.91
CA GLY D 314 18.18 64.40 -36.35
C GLY D 314 18.77 63.01 -36.47
N ILE D 315 17.92 61.98 -36.36
CA ILE D 315 18.38 60.60 -36.54
C ILE D 315 18.80 60.35 -37.99
N SER D 316 18.10 60.99 -38.94
CA SER D 316 18.28 60.69 -40.37
C SER D 316 19.64 61.12 -40.93
N ILE D 317 20.48 61.79 -40.15
CA ILE D 317 21.84 62.15 -40.55
C ILE D 317 22.81 61.34 -39.71
N MET D 318 23.75 60.66 -40.35
CA MET D 318 24.74 59.87 -39.61
C MET D 318 25.99 60.67 -39.27
N THR D 319 25.78 61.81 -38.66
CA THR D 319 26.89 62.59 -38.14
C THR D 319 26.77 62.66 -36.62
N PRO D 320 27.90 62.65 -35.90
CA PRO D 320 27.83 62.70 -34.43
C PRO D 320 27.26 64.00 -33.87
N GLU D 321 27.33 65.11 -34.61
CA GLU D 321 26.74 66.34 -34.12
C GLU D 321 25.23 66.28 -34.16
N SER D 322 24.66 65.67 -35.19
CA SER D 322 23.22 65.51 -35.28
C SER D 322 22.69 64.52 -34.25
N VAL D 323 23.45 63.46 -33.98
CA VAL D 323 23.09 62.49 -32.95
C VAL D 323 23.13 63.14 -31.57
N GLU D 324 24.14 63.99 -31.35
CA GLU D 324 24.26 64.72 -30.09
C GLU D 324 23.10 65.68 -29.89
N GLY D 325 22.72 66.40 -30.95
CA GLY D 325 21.61 67.31 -30.87
C GLY D 325 20.28 66.62 -30.63
N THR D 326 20.07 65.47 -31.27
CA THR D 326 18.79 64.80 -31.02
C THR D 326 18.73 64.11 -29.66
N ILE D 327 19.88 63.75 -29.06
CA ILE D 327 19.86 63.24 -27.69
C ILE D 327 19.49 64.34 -26.70
N PHE D 328 20.12 65.52 -26.83
CA PHE D 328 19.77 66.68 -25.99
C PHE D 328 18.29 67.04 -26.13
N TYR D 329 17.82 67.10 -27.37
CA TYR D 329 16.43 67.48 -27.63
C TYR D 329 15.47 66.41 -27.12
N LEU D 330 15.88 65.14 -27.16
CA LEU D 330 15.06 64.04 -26.67
C LEU D 330 14.80 64.14 -25.17
N LEU D 331 15.89 64.33 -24.40
CA LEU D 331 15.76 64.42 -22.94
C LEU D 331 14.90 65.61 -22.52
N GLN D 332 15.22 66.79 -23.07
CA GLN D 332 14.47 67.98 -22.66
C GLN D 332 13.03 67.93 -23.15
N ASP D 333 12.77 67.23 -24.26
CA ASP D 333 11.40 67.20 -24.77
C ASP D 333 10.52 66.25 -23.99
N MET D 334 11.08 65.13 -23.50
CA MET D 334 10.35 64.28 -22.55
C MET D 334 9.91 65.08 -21.33
N VAL D 335 10.88 65.76 -20.70
CA VAL D 335 10.59 66.54 -19.48
C VAL D 335 9.58 67.65 -19.77
N MET D 336 9.73 68.30 -20.92
CA MET D 336 8.93 69.49 -21.24
C MET D 336 7.50 69.15 -21.59
N LYS D 337 7.28 68.03 -22.30
CA LYS D 337 5.91 67.67 -22.64
C LYS D 337 5.15 67.16 -21.42
N ALA D 338 5.82 66.44 -20.51
CA ALA D 338 5.17 66.11 -19.24
C ALA D 338 4.78 67.37 -18.46
N MET D 339 5.68 68.36 -18.43
CA MET D 339 5.43 69.64 -17.75
C MET D 339 4.24 70.36 -18.34
N LEU D 340 4.14 70.41 -19.67
CA LEU D 340 3.08 71.16 -20.31
C LEU D 340 1.72 70.51 -20.13
N PHE D 341 1.67 69.16 -20.12
CA PHE D 341 0.38 68.54 -19.80
C PHE D 341 -0.04 68.80 -18.37
N LEU D 342 0.90 68.86 -17.43
CA LEU D 342 0.51 69.18 -16.06
C LEU D 342 0.02 70.63 -15.93
N PHE D 343 0.63 71.56 -16.68
CA PHE D 343 0.13 72.93 -16.77
C PHE D 343 -1.30 72.99 -17.30
N VAL D 344 -1.56 72.27 -18.40
CA VAL D 344 -2.89 72.26 -19.01
C VAL D 344 -3.92 71.71 -18.03
N GLY D 345 -3.52 70.71 -17.24
CA GLY D 345 -4.43 70.18 -16.23
C GLY D 345 -4.76 71.18 -15.13
N ILE D 346 -3.76 71.94 -14.66
CA ILE D 346 -4.02 72.96 -13.63
C ILE D 346 -4.95 74.04 -14.17
N ILE D 347 -4.71 74.48 -15.42
CA ILE D 347 -5.54 75.52 -16.02
C ILE D 347 -6.97 75.04 -16.22
N PHE D 348 -7.15 73.76 -16.61
CA PHE D 348 -8.49 73.21 -16.74
C PHE D 348 -9.17 73.09 -15.38
N SER D 349 -8.40 72.78 -14.34
CA SER D 349 -8.95 72.74 -12.99
C SER D 349 -9.48 74.10 -12.56
N ILE D 350 -8.81 75.17 -12.99
CA ILE D 350 -9.24 76.51 -12.62
C ILE D 350 -10.46 76.93 -13.43
N THR D 351 -10.43 76.73 -14.75
CA THR D 351 -11.40 77.36 -15.65
C THR D 351 -12.68 76.57 -15.85
N ARG D 352 -12.69 75.26 -15.56
CA ARG D 352 -13.78 74.33 -15.86
C ARG D 352 -14.14 74.32 -17.34
N SER D 353 -13.14 74.52 -18.19
CA SER D 353 -13.31 74.60 -19.63
C SER D 353 -11.94 74.48 -20.27
N ASN D 354 -11.93 74.03 -21.51
CA ASN D 354 -10.71 73.79 -22.23
C ASN D 354 -10.59 74.69 -23.45
N ASP D 355 -11.57 75.55 -23.68
CA ASP D 355 -11.62 76.43 -24.84
C ASP D 355 -10.88 77.72 -24.51
N ILE D 356 -9.87 78.04 -25.32
CA ILE D 356 -9.07 79.26 -25.17
C ILE D 356 -9.94 80.51 -25.26
N ARG D 357 -10.94 80.49 -26.13
CA ARG D 357 -11.82 81.64 -26.35
C ARG D 357 -12.79 81.89 -25.20
N SER D 358 -12.84 81.04 -24.18
CA SER D 358 -13.86 81.16 -23.15
C SER D 358 -13.42 81.98 -21.95
N PHE D 359 -12.12 82.10 -21.70
CA PHE D 359 -11.63 82.69 -20.46
C PHE D 359 -10.44 83.60 -20.75
N SER D 360 -10.27 84.60 -19.90
CA SER D 360 -9.13 85.51 -19.99
C SER D 360 -8.90 86.14 -18.63
N GLY D 361 -7.66 86.56 -18.39
CA GLY D 361 -7.34 87.32 -17.20
C GLY D 361 -6.88 86.50 -16.02
N LEU D 362 -5.90 85.62 -16.22
CA LEU D 362 -5.42 84.77 -15.15
C LEU D 362 -4.18 85.29 -14.45
N ILE D 363 -3.45 86.24 -15.06
CA ILE D 363 -2.31 86.88 -14.41
C ILE D 363 -2.76 87.69 -13.19
N THR D 364 -3.94 88.30 -13.26
CA THR D 364 -4.44 89.09 -12.14
C THR D 364 -4.83 88.24 -10.92
N SER D 365 -4.90 86.92 -11.07
CA SER D 365 -5.25 86.05 -9.96
C SER D 365 -4.28 84.90 -9.74
N TYR D 366 -3.48 84.52 -10.73
CA TYR D 366 -2.56 83.39 -10.61
C TYR D 366 -1.22 83.77 -11.23
N PRO D 367 -0.43 84.60 -10.55
CA PRO D 367 0.77 85.14 -11.20
C PRO D 367 1.90 84.13 -11.32
N LEU D 368 2.06 83.26 -10.32
CA LEU D 368 3.16 82.28 -10.36
C LEU D 368 2.95 81.25 -11.45
N LEU D 369 1.72 80.75 -11.58
CA LEU D 369 1.35 79.84 -12.66
C LEU D 369 1.51 80.50 -14.02
N GLY D 370 1.16 81.79 -14.12
CA GLY D 370 1.26 82.48 -15.40
C GLY D 370 2.70 82.67 -15.84
N TRP D 371 3.57 83.12 -14.95
CA TRP D 371 4.95 83.29 -15.37
C TRP D 371 5.70 81.98 -15.47
N ALA D 372 5.25 80.94 -14.77
CA ALA D 372 5.80 79.60 -14.97
C ALA D 372 5.42 79.05 -16.35
N PHE D 373 4.19 79.29 -16.79
CA PHE D 373 3.79 78.85 -18.13
C PHE D 373 4.50 79.66 -19.20
N PHE D 374 4.77 80.94 -18.94
CA PHE D 374 5.53 81.77 -19.87
C PHE D 374 6.95 81.24 -20.06
N ILE D 375 7.63 80.91 -18.96
CA ILE D 375 8.97 80.33 -19.05
C ILE D 375 8.93 78.94 -19.69
N ALA D 376 7.86 78.17 -19.44
CA ALA D 376 7.72 76.85 -20.07
C ALA D 376 7.52 76.95 -21.58
N ALA D 377 6.75 77.94 -22.02
CA ALA D 377 6.53 78.17 -23.45
C ALA D 377 7.82 78.59 -24.15
N LEU D 378 8.55 79.54 -23.55
CA LEU D 378 9.80 79.98 -24.16
C LEU D 378 10.86 78.91 -24.12
N SER D 379 10.81 77.99 -23.15
CA SER D 379 11.75 76.88 -23.14
C SER D 379 11.37 75.81 -24.15
N LEU D 380 10.07 75.67 -24.43
CA LEU D 380 9.63 74.77 -25.48
C LEU D 380 10.09 75.25 -26.85
N ALA D 381 10.02 76.57 -27.08
CA ALA D 381 10.37 77.11 -28.39
C ALA D 381 11.86 76.94 -28.70
N GLY D 382 12.73 77.21 -27.74
CA GLY D 382 14.16 77.09 -27.97
C GLY D 382 14.95 78.38 -27.81
N ILE D 383 14.48 79.25 -26.93
CA ILE D 383 15.18 80.50 -26.61
C ILE D 383 16.44 80.20 -25.80
N PRO D 384 17.58 80.80 -26.12
CA PRO D 384 18.92 80.23 -25.74
C PRO D 384 19.23 80.08 -24.26
N PRO D 385 18.78 80.94 -23.32
CA PRO D 385 19.07 80.62 -21.91
C PRO D 385 18.29 79.44 -21.35
N LEU D 386 17.31 78.92 -22.09
CA LEU D 386 16.45 77.87 -21.61
C LEU D 386 16.89 76.52 -22.19
N SER D 387 16.06 75.50 -22.02
CA SER D 387 16.51 74.12 -22.18
C SER D 387 16.74 73.74 -23.63
N GLY D 388 15.71 73.83 -24.46
CA GLY D 388 15.78 73.28 -25.80
C GLY D 388 16.44 74.13 -26.86
N PHE D 389 17.61 74.69 -26.57
CA PHE D 389 18.34 75.47 -27.55
C PHE D 389 19.50 74.71 -28.18
N ILE D 390 20.31 74.03 -27.36
CA ILE D 390 21.54 73.44 -27.86
C ILE D 390 21.26 72.22 -28.73
N GLY D 391 20.12 71.56 -28.52
CA GLY D 391 19.71 70.43 -29.33
C GLY D 391 19.38 70.83 -30.74
N LYS D 392 18.44 71.77 -30.91
CA LYS D 392 18.13 72.22 -32.25
C LYS D 392 19.25 73.04 -32.87
N LEU D 393 20.12 73.65 -32.04
CA LEU D 393 21.30 74.32 -32.57
C LEU D 393 22.25 73.33 -33.22
N LEU D 394 22.50 72.20 -32.56
CA LEU D 394 23.38 71.20 -33.15
C LEU D 394 22.73 70.48 -34.33
N ILE D 395 21.39 70.34 -34.31
CA ILE D 395 20.69 69.75 -35.45
C ILE D 395 20.80 70.66 -36.68
N VAL D 396 20.56 71.97 -36.50
CA VAL D 396 20.67 72.95 -37.58
C VAL D 396 22.10 73.03 -38.09
N LYS D 397 23.08 72.98 -37.18
CA LYS D 397 24.48 73.03 -37.61
C LYS D 397 24.88 71.78 -38.38
N ALA D 398 24.40 70.61 -37.96
CA ALA D 398 24.76 69.39 -38.68
C ALA D 398 24.02 69.28 -40.00
N SER D 399 22.85 69.91 -40.13
CA SER D 399 22.19 69.91 -41.43
C SER D 399 22.83 70.91 -42.39
N PHE D 400 23.28 72.06 -41.89
CA PHE D 400 24.05 72.98 -42.74
C PHE D 400 25.40 72.40 -43.14
N ASP D 401 26.04 71.60 -42.28
CA ASP D 401 27.33 71.03 -42.65
C ASP D 401 27.19 69.90 -43.66
N ALA D 402 25.99 69.34 -43.83
CA ALA D 402 25.74 68.30 -44.82
C ALA D 402 24.95 68.83 -46.03
N GLN D 403 24.88 70.16 -46.18
CA GLN D 403 24.21 70.85 -47.30
C GLN D 403 22.73 70.49 -47.41
N LEU D 404 22.00 70.83 -46.34
CA LEU D 404 20.53 70.76 -46.34
C LEU D 404 20.03 72.12 -45.85
N ILE D 405 19.90 73.08 -46.77
CA ILE D 405 19.53 74.43 -46.39
C ILE D 405 18.04 74.52 -46.09
N PHE D 406 17.23 73.95 -46.99
CA PHE D 406 15.78 74.05 -46.91
C PHE D 406 15.24 73.35 -45.68
N GLU D 407 15.85 72.24 -45.30
CA GLU D 407 15.37 71.48 -44.15
C GLU D 407 15.68 72.20 -42.85
N ALA D 408 16.84 72.85 -42.77
CA ALA D 408 17.18 73.66 -41.61
C ALA D 408 16.24 74.86 -41.47
N ILE D 409 15.86 75.46 -42.60
CA ILE D 409 14.88 76.55 -42.56
C ILE D 409 13.51 76.03 -42.14
N VAL D 410 13.17 74.79 -42.50
CA VAL D 410 11.93 74.17 -42.02
C VAL D 410 11.96 73.97 -40.51
N ILE D 411 13.12 73.58 -39.97
CA ILE D 411 13.28 73.41 -38.52
C ILE D 411 13.08 74.74 -37.79
N LEU D 412 13.69 75.81 -38.30
CA LEU D 412 13.58 77.12 -37.65
C LEU D 412 12.16 77.68 -37.74
N LEU D 413 11.49 77.51 -38.90
CA LEU D 413 10.11 77.97 -39.00
C LEU D 413 9.15 77.11 -38.16
N SER D 414 9.48 75.84 -37.95
CA SER D 414 8.69 75.01 -37.05
C SER D 414 8.82 75.48 -35.62
N SER D 415 10.03 75.88 -35.22
CA SER D 415 10.24 76.49 -33.91
C SER D 415 9.40 77.75 -33.74
N LEU D 416 9.32 78.56 -34.79
CA LEU D 416 8.47 79.74 -34.79
C LEU D 416 7.00 79.38 -34.58
N LEU D 417 6.51 78.37 -35.31
CA LEU D 417 5.09 78.04 -35.24
C LEU D 417 4.71 77.39 -33.92
N VAL D 418 5.61 76.60 -33.31
CA VAL D 418 5.28 76.01 -32.02
C VAL D 418 5.31 77.08 -30.93
N LEU D 419 6.21 78.07 -31.06
CA LEU D 419 6.17 79.24 -30.20
C LEU D 419 4.86 80.01 -30.34
N TYR D 420 4.37 80.15 -31.58
CA TYR D 420 3.11 80.85 -31.78
C TYR D 420 1.93 80.12 -31.15
N SER D 421 1.93 78.78 -31.18
CA SER D 421 0.84 78.03 -30.58
C SER D 421 0.81 78.18 -29.06
N VAL D 422 1.96 77.96 -28.40
CA VAL D 422 1.94 78.06 -26.94
C VAL D 422 1.78 79.50 -26.46
N MET D 423 2.28 80.47 -27.22
CA MET D 423 2.10 81.85 -26.83
C MET D 423 0.69 82.33 -27.16
N LYS D 424 0.00 81.69 -28.09
CA LYS D 424 -1.42 81.91 -28.27
C LYS D 424 -2.19 81.51 -27.02
N ILE D 425 -1.81 80.37 -26.43
CA ILE D 425 -2.40 79.97 -25.13
C ILE D 425 -2.13 81.03 -24.07
N PHE D 426 -0.87 81.49 -23.97
CA PHE D 426 -0.50 82.45 -22.94
C PHE D 426 -1.18 83.81 -23.13
N MET D 427 -1.21 84.33 -24.35
CA MET D 427 -1.73 85.67 -24.58
C MET D 427 -3.24 85.72 -24.56
N ASN D 428 -3.93 84.67 -25.00
CA ASN D 428 -5.38 84.74 -24.92
C ASN D 428 -5.92 84.26 -23.59
N GLY D 429 -5.20 83.38 -22.89
CA GLY D 429 -5.68 82.88 -21.62
C GLY D 429 -5.30 83.74 -20.44
N PHE D 430 -4.02 84.08 -20.32
CA PHE D 430 -3.55 84.77 -19.12
C PHE D 430 -3.78 86.28 -19.20
N TRP D 431 -3.47 86.90 -20.32
CA TRP D 431 -3.72 88.34 -20.47
C TRP D 431 -5.20 88.61 -20.76
N GLY D 432 -5.54 89.88 -20.80
CA GLY D 432 -6.92 90.31 -21.02
C GLY D 432 -7.62 90.63 -19.70
N GLU D 433 -8.90 90.99 -19.83
CA GLU D 433 -9.69 91.23 -18.64
C GLU D 433 -10.32 89.93 -18.14
N LYS D 434 -10.86 89.97 -16.94
CA LYS D 434 -11.39 88.79 -16.25
C LYS D 434 -12.83 88.54 -16.69
N LYS D 435 -13.06 87.42 -17.38
CA LYS D 435 -14.44 87.03 -17.67
C LYS D 435 -14.76 85.56 -17.46
N GLY D 436 -13.80 84.64 -17.51
CA GLY D 436 -14.16 83.26 -17.75
C GLY D 436 -14.31 82.36 -16.55
N PHE D 437 -13.64 82.69 -15.45
CA PHE D 437 -13.43 81.75 -14.36
C PHE D 437 -13.88 82.39 -13.05
N GLU D 438 -13.86 81.58 -11.99
CA GLU D 438 -14.21 82.01 -10.65
C GLU D 438 -13.03 81.68 -9.75
N GLN D 439 -12.80 82.52 -8.73
CA GLN D 439 -11.61 82.43 -7.90
C GLN D 439 -11.61 81.14 -7.07
N LYS D 440 -10.62 80.30 -7.33
CA LYS D 440 -10.50 79.00 -6.67
C LYS D 440 -9.04 78.79 -6.33
N GLN D 441 -8.75 78.60 -5.06
CA GLN D 441 -7.37 78.42 -4.61
C GLN D 441 -6.86 77.07 -5.06
N VAL D 442 -5.81 77.07 -5.88
CA VAL D 442 -5.14 75.82 -6.20
C VAL D 442 -4.25 75.41 -5.03
N ASP D 443 -3.86 74.15 -5.01
CA ASP D 443 -3.08 73.63 -3.90
C ASP D 443 -2.25 72.44 -4.33
N GLY D 444 -1.01 72.38 -3.84
CA GLY D 444 -0.22 71.17 -3.88
C GLY D 444 0.30 70.72 -5.23
N ARG D 445 -0.60 70.57 -6.20
CA ARG D 445 -0.26 70.04 -7.52
C ARG D 445 0.58 71.00 -8.34
N LEU D 446 0.67 72.26 -7.94
CA LEU D 446 1.52 73.22 -8.64
C LEU D 446 2.99 72.92 -8.44
N PHE D 447 3.34 72.33 -7.32
CA PHE D 447 4.73 72.08 -6.95
C PHE D 447 5.48 71.00 -7.75
N PRO D 448 4.88 69.87 -8.17
CA PRO D 448 5.63 69.00 -9.11
C PRO D 448 5.89 69.66 -10.45
N VAL D 449 4.98 70.52 -10.90
CA VAL D 449 5.16 71.27 -12.13
C VAL D 449 6.30 72.26 -11.97
N LEU D 450 6.37 72.92 -10.81
CA LEU D 450 7.48 73.82 -10.53
C LEU D 450 8.80 73.07 -10.40
N PHE D 451 8.77 71.84 -9.87
CA PHE D 451 9.97 71.02 -9.79
C PHE D 451 10.49 70.67 -11.18
N LEU D 452 9.58 70.29 -12.09
CA LEU D 452 9.97 70.02 -13.47
C LEU D 452 10.50 71.26 -14.17
N LEU D 453 9.90 72.42 -13.89
CA LEU D 453 10.34 73.66 -14.52
C LEU D 453 11.72 74.08 -14.02
N VAL D 454 11.98 73.93 -12.72
CA VAL D 454 13.30 74.23 -12.17
C VAL D 454 14.36 73.28 -12.72
N LEU D 455 14.02 71.99 -12.89
CA LEU D 455 14.98 71.08 -13.50
C LEU D 455 15.22 71.38 -14.97
N SER D 456 14.21 71.85 -15.70
CA SER D 456 14.42 72.21 -17.10
C SER D 456 15.28 73.46 -17.23
N VAL D 457 15.08 74.45 -16.36
CA VAL D 457 15.90 75.65 -16.36
C VAL D 457 17.34 75.32 -16.00
N ALA D 458 17.54 74.48 -14.99
CA ALA D 458 18.89 74.06 -14.61
C ALA D 458 19.53 73.19 -15.69
N TYR D 459 18.73 72.47 -16.46
CA TYR D 459 19.24 71.73 -17.60
C TYR D 459 19.73 72.67 -18.68
N GLY D 460 18.99 73.75 -18.94
CA GLY D 460 19.42 74.73 -19.92
C GLY D 460 20.65 75.51 -19.51
N ILE D 461 20.79 75.80 -18.21
CA ILE D 461 21.98 76.49 -17.73
C ILE D 461 23.19 75.54 -17.77
N GLY D 462 23.04 74.36 -17.19
CA GLY D 462 24.16 73.46 -17.02
C GLY D 462 24.35 72.42 -18.10
N ILE D 463 24.66 72.86 -19.33
CA ILE D 463 24.95 71.93 -20.41
C ILE D 463 26.33 71.30 -20.21
N GLU D 464 27.26 72.01 -19.58
CA GLU D 464 28.61 71.50 -19.41
C GLU D 464 28.67 70.35 -18.40
N PHE D 465 27.74 70.32 -17.43
CA PHE D 465 27.63 69.17 -16.55
C PHE D 465 27.06 67.97 -17.29
N VAL D 466 25.94 68.15 -17.98
CA VAL D 466 25.20 67.04 -18.58
C VAL D 466 25.75 66.65 -19.94
N ARG D 467 26.82 67.29 -20.41
CA ARG D 467 27.34 66.93 -21.72
C ARG D 467 28.20 65.66 -21.79
N PRO D 468 29.18 65.39 -20.90
CA PRO D 468 30.03 64.18 -21.12
C PRO D 468 29.31 62.85 -21.07
N PHE D 469 28.17 62.77 -20.39
CA PHE D 469 27.28 61.61 -20.54
C PHE D 469 26.82 61.46 -21.98
N VAL D 470 26.36 62.56 -22.57
CA VAL D 470 25.89 62.55 -23.95
C VAL D 470 27.05 62.31 -24.91
N LEU D 471 28.26 62.70 -24.53
CA LEU D 471 29.43 62.43 -25.37
C LEU D 471 29.76 60.95 -25.39
N ASP D 472 29.66 60.27 -24.24
CA ASP D 472 29.87 58.82 -24.25
C ASP D 472 28.73 58.09 -24.95
N ALA D 473 27.51 58.61 -24.85
CA ALA D 473 26.39 58.06 -25.61
C ALA D 473 26.61 58.18 -27.12
N VAL D 474 27.11 59.32 -27.58
CA VAL D 474 27.41 59.51 -29.00
C VAL D 474 28.56 58.60 -29.42
N ASN D 475 29.58 58.46 -28.57
CA ASN D 475 30.70 57.58 -28.88
C ASN D 475 30.30 56.11 -28.98
N VAL D 476 29.22 55.70 -28.31
CA VAL D 476 28.77 54.32 -28.50
C VAL D 476 27.72 54.20 -29.61
N LEU D 477 27.04 55.29 -29.98
CA LEU D 477 26.04 55.18 -31.04
C LEU D 477 26.65 55.17 -32.44
N VAL D 478 27.61 56.07 -32.71
CA VAL D 478 28.20 56.12 -34.04
C VAL D 478 29.30 55.07 -34.23
N ASP D 479 29.56 54.26 -33.22
CA ASP D 479 30.49 53.13 -33.34
C ASP D 479 29.83 51.95 -32.63
N PRO D 480 29.17 51.07 -33.37
CA PRO D 480 28.59 49.87 -32.76
C PRO D 480 29.59 48.74 -32.55
N SER D 481 30.86 48.91 -32.96
CA SER D 481 31.87 47.90 -32.69
C SER D 481 32.14 47.75 -31.21
N MET D 482 32.08 48.85 -30.46
CA MET D 482 32.22 48.77 -29.00
C MET D 482 31.03 48.08 -28.36
N TYR D 483 29.84 48.28 -28.93
CA TYR D 483 28.64 47.59 -28.45
C TYR D 483 28.73 46.10 -28.67
N ILE D 484 29.18 45.68 -29.86
CA ILE D 484 29.21 44.25 -30.17
C ILE D 484 30.47 43.57 -29.66
N GLU D 485 31.48 44.31 -29.21
CA GLU D 485 32.57 43.69 -28.48
C GLU D 485 32.38 43.80 -26.98
N ALA D 486 31.38 44.54 -26.52
CA ALA D 486 31.03 44.51 -25.11
C ALA D 486 30.14 43.31 -24.78
N VAL D 487 29.19 43.00 -25.65
CA VAL D 487 28.27 41.90 -25.38
C VAL D 487 28.90 40.57 -25.73
N LEU D 488 29.26 40.39 -27.00
CA LEU D 488 29.87 39.15 -27.48
C LEU D 488 31.32 39.12 -27.03
N LYS D 489 31.55 38.61 -25.82
CA LYS D 489 32.88 38.57 -25.26
C LYS D 489 33.64 37.33 -25.73
N MET E 1 -20.08 -0.66 3.83
CA MET E 1 -19.55 -1.58 2.83
C MET E 1 -18.12 -1.19 2.48
N ALA E 2 -17.79 0.07 2.76
CA ALA E 2 -16.42 0.55 2.64
C ALA E 2 -15.67 0.45 3.95
N PHE E 3 -16.38 0.42 5.06
CA PHE E 3 -15.76 0.26 6.37
C PHE E 3 -15.11 -1.12 6.50
N GLN E 4 -15.74 -2.14 5.93
CA GLN E 4 -15.17 -3.47 5.95
C GLN E 4 -13.92 -3.54 5.09
N ILE E 5 -13.92 -2.82 3.97
CA ILE E 5 -12.74 -2.83 3.11
C ILE E 5 -11.60 -2.10 3.78
N LEU E 6 -11.89 -0.97 4.42
CA LEU E 6 -10.88 -0.24 5.18
C LEU E 6 -10.36 -1.05 6.36
N LEU E 7 -11.25 -1.84 6.97
CA LEU E 7 -10.88 -2.65 8.11
C LEU E 7 -9.99 -3.80 7.68
N ASN E 8 -10.25 -4.37 6.51
CA ASN E 8 -9.37 -5.40 5.95
C ASN E 8 -8.01 -4.82 5.59
N VAL E 9 -7.97 -3.58 5.09
CA VAL E 9 -6.70 -2.94 4.77
C VAL E 9 -5.88 -2.69 6.04
N ILE E 10 -6.53 -2.22 7.11
CA ILE E 10 -5.75 -1.95 8.31
C ILE E 10 -5.38 -3.24 9.05
N LEU E 11 -6.16 -4.31 8.90
CA LEU E 11 -5.71 -5.61 9.43
C LEU E 11 -4.54 -6.16 8.65
N ALA E 12 -4.47 -5.89 7.33
CA ALA E 12 -3.27 -6.21 6.58
C ALA E 12 -2.08 -5.38 7.05
N PHE E 13 -2.32 -4.13 7.42
CA PHE E 13 -1.26 -3.30 8.02
C PHE E 13 -0.77 -3.88 9.34
N VAL E 14 -1.69 -4.34 10.18
CA VAL E 14 -1.33 -4.94 11.47
C VAL E 14 -0.57 -6.25 11.25
N TRP E 15 -0.93 -7.02 10.22
CA TRP E 15 -0.18 -8.23 9.90
C TRP E 15 1.23 -7.89 9.41
N MET E 16 1.37 -6.83 8.61
CA MET E 16 2.71 -6.44 8.16
C MET E 16 3.55 -5.89 9.31
N PHE E 17 2.91 -5.28 10.30
CA PHE E 17 3.63 -4.77 11.46
C PHE E 17 3.97 -5.88 12.45
N LEU E 18 3.19 -6.96 12.44
CA LEU E 18 3.43 -8.06 13.38
C LEU E 18 4.70 -8.82 13.03
N THR E 19 5.05 -8.86 11.76
CA THR E 19 6.39 -9.26 11.34
C THR E 19 7.23 -8.02 11.11
N VAL E 20 8.48 -8.21 10.72
CA VAL E 20 9.41 -7.11 10.52
C VAL E 20 9.72 -6.89 9.04
N SER E 21 8.99 -7.54 8.15
CA SER E 21 9.16 -7.37 6.72
C SER E 21 8.02 -6.53 6.16
N PHE E 22 8.35 -5.58 5.30
CA PHE E 22 7.36 -4.72 4.66
C PHE E 22 7.47 -4.90 3.15
N ASP E 23 6.44 -5.51 2.56
CA ASP E 23 6.44 -5.91 1.16
C ASP E 23 5.00 -6.15 0.75
N GLY E 24 4.75 -6.08 -0.56
CA GLY E 24 3.42 -6.31 -1.07
C GLY E 24 2.93 -7.74 -0.91
N ALA E 25 3.85 -8.71 -0.89
CA ALA E 25 3.48 -10.11 -0.69
C ALA E 25 2.92 -10.32 0.72
N SER E 26 3.55 -9.72 1.72
CA SER E 26 3.02 -9.74 3.07
C SER E 26 1.69 -9.00 3.16
N PHE E 27 1.50 -7.98 2.34
CA PHE E 27 0.23 -7.27 2.32
C PHE E 27 -0.89 -8.17 1.76
N LEU E 28 -0.60 -8.95 0.72
CA LEU E 28 -1.60 -9.86 0.19
C LEU E 28 -1.90 -11.00 1.16
N VAL E 29 -0.87 -11.52 1.85
CA VAL E 29 -1.09 -12.56 2.85
C VAL E 29 -1.95 -12.04 4.00
N GLY E 30 -1.63 -10.85 4.50
CA GLY E 30 -2.43 -10.25 5.56
C GLY E 30 -3.83 -9.87 5.10
N TYR E 31 -3.99 -9.55 3.82
CA TYR E 31 -5.32 -9.24 3.30
C TYR E 31 -6.18 -10.50 3.21
N MET E 32 -5.57 -11.63 2.83
CA MET E 32 -6.30 -12.90 2.81
C MET E 32 -6.71 -13.33 4.22
N ILE E 33 -5.78 -13.19 5.18
CA ILE E 33 -6.07 -13.52 6.57
C ILE E 33 -7.18 -12.63 7.12
N GLY E 34 -7.11 -11.32 6.82
CA GLY E 34 -8.17 -10.42 7.24
C GLY E 34 -9.50 -10.67 6.55
N LEU E 35 -9.45 -11.18 5.31
CA LEU E 35 -10.67 -11.58 4.63
C LEU E 35 -11.35 -12.73 5.36
N PHE E 36 -10.56 -13.71 5.81
CA PHE E 36 -11.10 -14.82 6.60
C PHE E 36 -11.67 -14.33 7.93
N ILE E 37 -10.96 -13.40 8.58
CA ILE E 37 -11.38 -12.89 9.88
C ILE E 37 -12.68 -12.08 9.77
N LEU E 38 -12.79 -11.22 8.75
CA LEU E 38 -14.06 -10.54 8.52
C LEU E 38 -15.16 -11.48 8.06
N PHE E 39 -14.83 -12.62 7.47
CA PHE E 39 -15.87 -13.61 7.22
C PHE E 39 -16.36 -14.22 8.52
N ILE E 40 -15.49 -14.35 9.52
CA ILE E 40 -15.94 -14.86 10.82
C ILE E 40 -16.87 -13.86 11.49
N LEU E 41 -16.56 -12.57 11.38
CA LEU E 41 -17.24 -11.52 12.15
C LEU E 41 -18.32 -10.81 11.35
N ARG E 42 -19.08 -11.53 10.51
CA ARG E 42 -20.11 -10.90 9.68
C ARG E 42 -21.33 -10.47 10.49
N ARG E 43 -21.48 -10.97 11.71
CA ARG E 43 -22.70 -10.69 12.48
C ARG E 43 -22.73 -9.25 12.97
N PHE E 44 -21.57 -8.69 13.31
CA PHE E 44 -21.53 -7.36 13.91
C PHE E 44 -21.80 -6.27 12.89
N PHE E 45 -21.38 -6.46 11.65
CA PHE E 45 -21.63 -5.49 10.60
C PHE E 45 -23.10 -5.48 10.22
N HIS E 46 -23.51 -4.44 9.51
CA HIS E 46 -24.92 -4.26 9.22
C HIS E 46 -25.29 -4.51 7.77
N SER E 47 -24.43 -4.16 6.82
CA SER E 47 -24.83 -4.17 5.41
C SER E 47 -24.72 -5.56 4.78
N ARG E 48 -23.49 -6.05 4.61
CA ARG E 48 -23.20 -7.21 3.77
C ARG E 48 -21.74 -7.57 3.90
N PHE E 49 -21.42 -8.86 3.80
CA PHE E 49 -20.02 -9.24 3.61
C PHE E 49 -19.55 -8.73 2.25
N TYR E 50 -18.41 -8.04 2.26
CA TYR E 50 -18.13 -7.03 1.24
C TYR E 50 -17.75 -7.59 -0.12
N LEU E 51 -17.69 -8.91 -0.30
CA LEU E 51 -17.32 -9.41 -1.62
C LEU E 51 -18.50 -9.35 -2.60
N VAL E 52 -19.73 -9.51 -2.08
CA VAL E 52 -20.91 -9.48 -2.95
C VAL E 52 -21.12 -8.13 -3.63
N PRO E 53 -20.96 -6.96 -2.98
CA PRO E 53 -20.97 -5.71 -3.76
C PRO E 53 -19.84 -5.59 -4.77
N VAL E 54 -18.67 -6.16 -4.51
CA VAL E 54 -17.58 -6.11 -5.48
C VAL E 54 -17.92 -6.94 -6.72
N PHE E 55 -18.48 -8.13 -6.53
CA PHE E 55 -18.85 -8.95 -7.69
C PHE E 55 -20.02 -8.35 -8.45
N VAL E 56 -20.96 -7.67 -7.77
CA VAL E 56 -22.04 -7.11 -8.55
C VAL E 56 -21.65 -5.78 -9.21
N ILE E 57 -20.64 -5.05 -8.72
CA ILE E 57 -20.23 -3.90 -9.52
C ILE E 57 -19.36 -4.36 -10.69
N ILE E 58 -18.67 -5.51 -10.57
CA ILE E 58 -18.06 -6.12 -11.75
C ILE E 58 -19.13 -6.56 -12.75
N LYS E 59 -20.28 -7.03 -12.23
CA LYS E 59 -21.42 -7.35 -13.08
C LYS E 59 -21.96 -6.12 -13.80
N LEU E 60 -22.03 -4.97 -13.11
CA LEU E 60 -22.47 -3.75 -13.77
C LEU E 60 -21.48 -3.26 -14.81
N LEU E 61 -20.18 -3.44 -14.59
CA LEU E 61 -19.19 -3.07 -15.61
C LEU E 61 -19.35 -3.93 -16.86
N PHE E 62 -19.57 -5.24 -16.68
CA PHE E 62 -19.77 -6.12 -17.83
C PHE E 62 -21.09 -5.82 -18.53
N ILE E 63 -22.12 -5.43 -17.79
CA ILE E 63 -23.39 -5.03 -18.39
C ILE E 63 -23.22 -3.75 -19.21
N PHE E 64 -22.41 -2.81 -18.71
CA PHE E 64 -22.08 -1.59 -19.48
C PHE E 64 -21.43 -1.93 -20.81
N PHE E 65 -20.41 -2.78 -20.80
CA PHE E 65 -19.70 -3.13 -22.02
C PHE E 65 -20.58 -3.89 -23.02
N LYS E 66 -21.38 -4.84 -22.52
CA LYS E 66 -22.24 -5.64 -23.40
C LYS E 66 -23.37 -4.81 -23.99
N GLU E 67 -24.00 -3.95 -23.18
CA GLU E 67 -25.09 -3.13 -23.70
C GLU E 67 -24.56 -2.05 -24.64
N LEU E 68 -23.31 -1.61 -24.46
CA LEU E 68 -22.68 -0.72 -25.43
C LEU E 68 -22.55 -1.38 -26.80
N ILE E 69 -22.02 -2.61 -26.83
CA ILE E 69 -21.85 -3.31 -28.10
C ILE E 69 -23.20 -3.62 -28.76
N LEU E 70 -24.19 -4.05 -27.96
CA LEU E 70 -25.51 -4.33 -28.51
C LEU E 70 -26.20 -3.08 -29.03
N SER E 71 -26.00 -1.95 -28.34
CA SER E 71 -26.59 -0.68 -28.78
C SER E 71 -25.99 -0.21 -30.09
N ASN E 72 -24.69 -0.40 -30.26
CA ASN E 72 -24.10 0.06 -31.50
C ASN E 72 -24.42 -0.88 -32.66
N ILE E 73 -24.66 -2.17 -32.38
CA ILE E 73 -25.15 -3.06 -33.43
C ILE E 73 -26.58 -2.71 -33.83
N ALA E 74 -27.40 -2.30 -32.86
CA ALA E 74 -28.77 -1.88 -33.18
C ALA E 74 -28.80 -0.59 -33.99
N VAL E 75 -27.94 0.38 -33.64
CA VAL E 75 -27.85 1.60 -34.42
C VAL E 75 -27.28 1.32 -35.82
N ALA E 76 -26.37 0.33 -35.92
CA ALA E 76 -25.84 -0.08 -37.21
C ALA E 76 -26.92 -0.66 -38.11
N LYS E 77 -27.82 -1.46 -37.56
CA LYS E 77 -28.88 -1.98 -38.41
C LYS E 77 -30.05 -1.02 -38.59
N VAL E 78 -30.10 0.07 -37.82
CA VAL E 78 -31.11 1.09 -38.09
C VAL E 78 -30.65 2.05 -39.18
N VAL E 79 -29.38 2.48 -39.15
CA VAL E 79 -28.92 3.53 -40.06
C VAL E 79 -28.76 2.99 -41.48
N MET E 80 -28.13 1.82 -41.64
CA MET E 80 -27.98 1.23 -42.97
C MET E 80 -29.28 0.68 -43.53
N GLN E 81 -30.30 0.51 -42.69
CA GLN E 81 -31.65 0.22 -43.17
C GLN E 81 -32.19 1.44 -43.91
N ARG E 82 -33.13 1.19 -44.83
CA ARG E 82 -33.93 2.27 -45.40
C ARG E 82 -34.66 3.02 -44.29
N SER E 83 -34.37 4.32 -44.17
CA SER E 83 -34.61 5.09 -42.96
C SER E 83 -36.05 5.55 -42.77
N LEU E 84 -37.00 4.97 -43.50
CA LEU E 84 -38.41 5.26 -43.30
C LEU E 84 -39.09 4.34 -42.30
N THR E 85 -38.34 3.43 -41.67
CA THR E 85 -38.95 2.33 -40.92
C THR E 85 -39.15 2.62 -39.44
N ILE E 86 -38.43 3.59 -38.87
CA ILE E 86 -38.45 3.77 -37.42
C ILE E 86 -39.72 4.49 -36.99
N GLN E 87 -40.06 4.33 -35.71
CA GLN E 87 -41.24 4.90 -35.07
C GLN E 87 -40.84 5.47 -33.71
N PRO E 88 -40.87 6.78 -33.53
CA PRO E 88 -40.36 7.38 -32.29
C PRO E 88 -41.37 7.26 -31.15
N ALA E 89 -40.84 7.41 -29.94
CA ALA E 89 -41.71 7.43 -28.76
C ALA E 89 -41.03 8.20 -27.64
N ILE E 90 -41.84 8.81 -26.78
CA ILE E 90 -41.39 9.35 -25.50
C ILE E 90 -42.38 8.86 -24.45
N PHE E 91 -41.85 8.22 -23.40
CA PHE E 91 -42.73 7.60 -22.42
C PHE E 91 -42.14 7.72 -21.03
N ALA E 92 -43.01 7.59 -20.03
CA ALA E 92 -42.64 7.67 -18.63
C ALA E 92 -42.41 6.28 -18.07
N LEU E 93 -41.63 6.22 -17.00
CA LEU E 93 -41.50 4.99 -16.25
C LEU E 93 -41.41 5.34 -14.77
N PRO E 94 -42.13 4.62 -13.92
CA PRO E 94 -42.01 4.87 -12.48
C PRO E 94 -40.69 4.35 -11.95
N THR E 95 -40.29 4.90 -10.80
CA THR E 95 -38.98 4.63 -10.24
C THR E 95 -39.12 4.45 -8.73
N GLU E 96 -38.41 3.46 -8.20
CA GLU E 96 -38.33 3.24 -6.76
C GLU E 96 -37.00 3.69 -6.18
N LEU E 97 -36.10 4.18 -7.04
CA LEU E 97 -34.73 4.46 -6.64
C LEU E 97 -34.65 5.82 -5.96
N LYS E 98 -33.93 5.90 -4.84
CA LYS E 98 -33.98 7.06 -3.97
C LYS E 98 -32.75 7.95 -4.08
N LYS E 99 -31.55 7.42 -3.88
CA LYS E 99 -30.37 8.26 -3.91
C LYS E 99 -29.99 8.62 -5.33
N GLU E 100 -29.38 9.79 -5.49
CA GLU E 100 -29.12 10.32 -6.83
C GLU E 100 -28.01 9.56 -7.55
N TRP E 101 -27.17 8.83 -6.80
CA TRP E 101 -26.13 8.02 -7.41
C TRP E 101 -26.71 6.82 -8.17
N GLU E 102 -27.67 6.12 -7.56
CA GLU E 102 -28.28 4.99 -8.26
C GLU E 102 -29.19 5.47 -9.38
N ILE E 103 -29.76 6.67 -9.23
CA ILE E 103 -30.58 7.24 -10.30
C ILE E 103 -29.71 7.60 -11.50
N THR E 104 -28.52 8.17 -11.26
CA THR E 104 -27.69 8.50 -12.41
C THR E 104 -26.99 7.27 -13.00
N VAL E 105 -26.76 6.21 -12.22
CA VAL E 105 -26.19 5.03 -12.87
C VAL E 105 -27.28 4.28 -13.62
N LEU E 106 -28.54 4.37 -13.17
CA LEU E 106 -29.64 3.83 -13.96
C LEU E 106 -29.82 4.61 -15.25
N ALA E 107 -29.69 5.94 -15.18
CA ALA E 107 -29.83 6.77 -16.39
C ALA E 107 -28.68 6.54 -17.36
N MET E 108 -27.46 6.39 -16.84
CA MET E 108 -26.31 6.18 -17.71
C MET E 108 -26.30 4.78 -18.30
N LEU E 109 -26.89 3.81 -17.60
CA LEU E 109 -27.06 2.48 -18.19
C LEU E 109 -28.17 2.45 -19.23
N ILE E 110 -29.27 3.16 -18.97
CA ILE E 110 -30.43 3.06 -19.86
C ILE E 110 -30.30 4.00 -21.05
N THR E 111 -29.40 4.98 -21.00
CA THR E 111 -29.05 5.74 -22.19
C THR E 111 -28.33 4.87 -23.20
N LEU E 112 -27.35 4.12 -22.73
CA LEU E 112 -26.44 3.30 -23.52
C LEU E 112 -27.05 1.96 -23.92
N THR E 113 -28.31 1.74 -23.61
CA THR E 113 -29.09 0.58 -24.01
C THR E 113 -29.57 0.78 -25.46
N PRO E 114 -29.62 -0.30 -26.30
CA PRO E 114 -30.15 -0.16 -27.66
C PRO E 114 -31.59 0.34 -27.77
N GLY E 115 -31.74 1.55 -28.31
CA GLY E 115 -33.03 2.10 -28.65
C GLY E 115 -33.62 3.07 -27.64
N THR E 116 -32.84 3.56 -26.69
CA THR E 116 -33.36 4.44 -25.64
C THR E 116 -32.42 5.60 -25.37
N LEU E 117 -32.99 6.66 -24.82
CA LEU E 117 -32.28 7.90 -24.52
C LEU E 117 -33.05 8.66 -23.47
N VAL E 118 -32.38 9.13 -22.44
CA VAL E 118 -33.04 9.79 -21.33
C VAL E 118 -33.21 11.26 -21.65
N LEU E 119 -34.37 11.79 -21.26
CA LEU E 119 -34.59 13.22 -21.11
C LEU E 119 -35.64 13.36 -20.02
N ASP E 120 -35.44 14.35 -19.13
CA ASP E 120 -36.37 14.68 -18.05
C ASP E 120 -36.54 13.52 -17.06
N VAL E 121 -35.49 13.29 -16.27
CA VAL E 121 -35.75 12.78 -14.93
C VAL E 121 -36.59 13.80 -14.19
N SER E 122 -37.60 13.34 -13.44
CA SER E 122 -38.53 14.29 -12.85
C SER E 122 -37.89 15.07 -11.70
N ASP E 123 -38.58 16.13 -11.28
CA ASP E 123 -38.12 16.92 -10.13
C ASP E 123 -38.17 16.08 -8.85
N ASP E 124 -39.31 15.47 -8.58
CA ASP E 124 -39.37 14.36 -7.63
C ASP E 124 -38.53 13.21 -8.16
N GLY E 125 -37.95 12.43 -7.25
CA GLY E 125 -37.23 11.26 -7.66
C GLY E 125 -38.15 10.06 -7.82
N SER E 126 -39.16 10.19 -8.67
CA SER E 126 -40.26 9.23 -8.73
C SER E 126 -40.62 8.77 -10.13
N THR E 127 -40.27 9.51 -11.17
CA THR E 127 -40.51 9.03 -12.54
C THR E 127 -39.43 9.57 -13.47
N LEU E 128 -39.22 8.84 -14.56
CA LEU E 128 -38.15 9.12 -15.50
C LEU E 128 -38.75 9.03 -16.90
N TYR E 129 -38.61 10.11 -17.68
CA TYR E 129 -39.07 10.10 -19.05
C TYR E 129 -37.92 9.67 -19.95
N ILE E 130 -38.26 9.10 -21.10
CA ILE E 130 -37.24 8.45 -21.93
C ILE E 130 -37.76 8.35 -23.36
N HIS E 131 -36.85 8.57 -24.32
CA HIS E 131 -37.16 8.62 -25.73
C HIS E 131 -36.75 7.29 -26.38
N ALA E 132 -37.75 6.50 -26.78
CA ALA E 132 -37.50 5.26 -27.49
C ALA E 132 -37.36 5.51 -28.99
N LEU E 133 -36.34 4.89 -29.59
CA LEU E 133 -36.09 5.05 -31.00
C LEU E 133 -37.09 4.26 -31.85
N ASN E 134 -37.35 3.01 -31.49
CA ASN E 134 -38.35 2.18 -32.15
C ASN E 134 -39.50 1.92 -31.18
N SER E 135 -40.68 2.41 -31.52
CA SER E 135 -41.80 2.30 -30.58
C SER E 135 -42.36 0.88 -30.47
N PRO E 136 -42.82 0.22 -31.56
CA PRO E 136 -43.40 -1.12 -31.34
C PRO E 136 -42.37 -2.21 -31.13
N ASP E 137 -41.11 -1.96 -31.47
CA ASP E 137 -40.07 -2.99 -31.33
C ASP E 137 -39.67 -3.16 -29.87
N VAL E 138 -39.24 -2.07 -29.24
CA VAL E 138 -38.74 -2.11 -27.86
C VAL E 138 -39.50 -1.07 -27.04
N HIS E 139 -40.64 -1.50 -26.46
CA HIS E 139 -41.35 -0.69 -25.47
C HIS E 139 -41.82 -1.48 -24.26
N GLU E 140 -41.99 -2.80 -24.37
CA GLU E 140 -42.31 -3.65 -23.22
C GLU E 140 -41.21 -4.64 -22.91
N ALA E 141 -40.50 -5.13 -23.92
CA ALA E 141 -39.37 -6.02 -23.68
C ALA E 141 -38.22 -5.24 -23.03
N ILE E 142 -37.94 -4.04 -23.55
CA ILE E 142 -36.88 -3.24 -22.97
C ILE E 142 -37.31 -2.66 -21.63
N GLU E 143 -38.63 -2.58 -21.36
CA GLU E 143 -39.07 -2.24 -20.03
C GLU E 143 -38.77 -3.37 -19.05
N SER E 144 -38.88 -4.63 -19.50
CA SER E 144 -38.44 -5.74 -18.66
C SER E 144 -36.93 -5.73 -18.47
N ILE E 145 -36.19 -5.30 -19.50
CA ILE E 145 -34.74 -5.17 -19.39
C ILE E 145 -34.36 -4.12 -18.36
N LYS E 146 -35.04 -2.98 -18.36
CA LYS E 146 -34.73 -1.95 -17.37
C LYS E 146 -35.26 -2.30 -15.98
N GLN E 147 -36.30 -3.13 -15.88
CA GLN E 147 -36.69 -3.65 -14.57
C GLN E 147 -35.61 -4.57 -14.01
N SER E 148 -35.01 -5.41 -14.86
CA SER E 148 -33.89 -6.25 -14.41
C SER E 148 -32.66 -5.40 -14.04
N PHE E 149 -32.43 -4.31 -14.80
CA PHE E 149 -31.34 -3.39 -14.50
C PHE E 149 -31.53 -2.72 -13.14
N GLU E 150 -32.72 -2.20 -12.88
CA GLU E 150 -32.92 -1.55 -11.58
C GLU E 150 -33.06 -2.56 -10.45
N LYS E 151 -33.39 -3.82 -10.76
CA LYS E 151 -33.30 -4.88 -9.76
C LYS E 151 -31.85 -5.12 -9.35
N THR E 152 -30.95 -5.18 -10.33
CA THR E 152 -29.53 -5.34 -10.03
C THR E 152 -28.97 -4.12 -9.29
N ILE E 153 -29.47 -2.93 -9.62
CA ILE E 153 -29.07 -1.71 -8.93
C ILE E 153 -29.58 -1.68 -7.49
N MET E 154 -30.78 -2.22 -7.26
CA MET E 154 -31.29 -2.38 -5.89
C MET E 154 -30.44 -3.36 -5.10
N GLU E 155 -30.01 -4.45 -5.72
CA GLU E 155 -29.23 -5.41 -4.93
C GLU E 155 -27.75 -5.06 -4.83
N VAL E 156 -27.28 -4.03 -5.55
CA VAL E 156 -25.98 -3.44 -5.18
C VAL E 156 -26.07 -2.80 -3.80
N SER E 157 -27.09 -1.98 -3.57
CA SER E 157 -27.25 -1.19 -2.36
C SER E 157 -27.99 -1.95 -1.25
N LYS E 158 -28.09 -3.28 -1.38
CA LYS E 158 -28.78 -4.17 -0.43
C LYS E 158 -30.24 -3.77 -0.18
N MET F 2 -4.90 0.15 -43.89
CA MET F 2 -3.93 0.67 -42.94
C MET F 2 -4.40 1.98 -42.31
N LEU F 3 -3.45 2.80 -41.88
CA LEU F 3 -3.77 3.99 -41.08
C LEU F 3 -4.31 5.11 -41.95
N ASN F 4 -3.84 5.19 -43.21
CA ASN F 4 -4.31 6.21 -44.14
C ASN F 4 -5.79 6.02 -44.48
N ILE F 5 -6.23 4.76 -44.55
CA ILE F 5 -7.63 4.45 -44.80
C ILE F 5 -8.50 4.93 -43.64
N ALA F 6 -8.03 4.74 -42.41
CA ALA F 6 -8.76 5.23 -41.24
C ALA F 6 -8.78 6.75 -41.18
N LEU F 7 -7.71 7.41 -41.63
CA LEU F 7 -7.73 8.87 -41.70
C LEU F 7 -8.72 9.38 -42.74
N VAL F 8 -8.80 8.72 -43.90
CA VAL F 8 -9.76 9.12 -44.92
C VAL F 8 -11.19 8.92 -44.42
N ILE F 9 -11.43 7.83 -43.70
CA ILE F 9 -12.76 7.55 -43.18
C ILE F 9 -13.16 8.55 -42.10
N LEU F 10 -12.22 8.90 -41.20
CA LEU F 10 -12.50 9.92 -40.19
C LEU F 10 -12.64 11.30 -40.81
N SER F 11 -11.91 11.58 -41.89
CA SER F 11 -12.03 12.88 -42.55
C SER F 11 -13.38 13.03 -43.22
N LEU F 12 -13.85 11.98 -43.89
CA LEU F 12 -15.19 12.01 -44.48
C LEU F 12 -16.27 12.05 -43.40
N ALA F 13 -16.02 11.44 -42.24
CA ALA F 13 -16.96 11.53 -41.14
C ALA F 13 -17.04 12.95 -40.59
N MET F 14 -15.90 13.64 -40.49
CA MET F 14 -15.89 15.03 -40.06
C MET F 14 -16.56 15.94 -41.08
N VAL F 15 -16.43 15.63 -42.37
CA VAL F 15 -17.18 16.35 -43.40
C VAL F 15 -18.68 16.12 -43.24
N GLY F 16 -19.08 14.91 -42.84
CA GLY F 16 -20.50 14.65 -42.60
C GLY F 16 -21.06 15.40 -41.40
N PHE F 17 -20.29 15.44 -40.30
CA PHE F 17 -20.72 16.24 -39.15
C PHE F 17 -20.70 17.73 -39.47
N LEU F 18 -19.83 18.15 -40.40
CA LEU F 18 -19.84 19.54 -40.83
C LEU F 18 -21.08 19.84 -41.69
N TYR F 19 -21.52 18.87 -42.48
CA TYR F 19 -22.77 19.06 -43.21
C TYR F 19 -23.95 19.16 -42.26
N ARG F 20 -23.91 18.44 -41.15
CA ARG F 20 -24.98 18.62 -40.18
C ARG F 20 -24.84 19.91 -39.37
N VAL F 21 -23.62 20.44 -39.21
CA VAL F 21 -23.52 21.70 -38.48
C VAL F 21 -23.88 22.90 -39.38
N VAL F 22 -23.77 22.76 -40.69
CA VAL F 22 -24.21 23.85 -41.58
C VAL F 22 -25.73 23.96 -41.61
N LYS F 23 -26.40 22.89 -42.05
CA LYS F 23 -27.86 22.86 -42.05
C LYS F 23 -28.39 22.42 -40.69
N GLY F 24 -29.66 22.02 -40.64
CA GLY F 24 -30.24 21.58 -39.40
C GLY F 24 -30.89 22.76 -38.72
N PRO F 25 -32.20 22.72 -38.57
CA PRO F 25 -32.96 23.92 -38.23
C PRO F 25 -32.73 24.44 -36.82
N SER F 26 -32.78 23.54 -35.84
CA SER F 26 -32.55 23.95 -34.46
C SER F 26 -31.06 24.10 -34.19
N THR F 27 -30.73 24.63 -33.03
CA THR F 27 -29.34 24.84 -32.65
C THR F 27 -28.71 23.54 -32.14
N ALA F 28 -29.54 22.67 -31.57
CA ALA F 28 -29.07 21.47 -30.88
C ALA F 28 -28.37 20.50 -31.84
N ASP F 29 -28.84 20.42 -33.08
CA ASP F 29 -28.18 19.61 -34.09
C ASP F 29 -26.76 20.10 -34.36
N ARG F 30 -26.58 21.42 -34.41
CA ARG F 30 -25.27 21.99 -34.62
C ARG F 30 -24.36 21.74 -33.42
N ILE F 31 -24.93 21.74 -32.21
CA ILE F 31 -24.11 21.49 -31.02
C ILE F 31 -23.61 20.05 -30.99
N ILE F 32 -24.51 19.09 -31.25
CA ILE F 32 -24.12 17.68 -31.23
C ILE F 32 -23.14 17.39 -32.37
N ALA F 33 -23.30 18.06 -33.51
CA ALA F 33 -22.35 17.91 -34.61
C ALA F 33 -20.98 18.44 -34.24
N LEU F 34 -20.91 19.56 -33.52
CA LEU F 34 -19.61 20.09 -33.09
C LEU F 34 -18.94 19.20 -32.05
N ASP F 35 -19.74 18.62 -31.14
CA ASP F 35 -19.23 17.68 -30.15
C ASP F 35 -18.62 16.45 -30.81
N ALA F 36 -19.35 15.85 -31.75
CA ALA F 36 -18.84 14.69 -32.47
C ALA F 36 -17.65 15.05 -33.36
N MET F 37 -17.61 16.28 -33.86
CA MET F 37 -16.50 16.73 -34.68
C MET F 37 -15.23 16.86 -33.85
N GLY F 38 -15.37 17.34 -32.62
CA GLY F 38 -14.21 17.40 -31.72
C GLY F 38 -13.71 16.03 -31.32
N ILE F 39 -14.62 15.09 -31.04
CA ILE F 39 -14.20 13.73 -30.71
C ILE F 39 -13.52 13.05 -31.90
N THR F 40 -14.01 13.31 -33.11
CA THR F 40 -13.36 12.81 -34.31
C THR F 40 -11.98 13.44 -34.52
N LEU F 41 -11.82 14.71 -34.14
CA LEU F 41 -10.51 15.34 -34.15
C LEU F 41 -9.54 14.65 -33.19
N ALA F 42 -10.04 14.23 -32.03
CA ALA F 42 -9.22 13.47 -31.08
C ALA F 42 -8.78 12.14 -31.68
N GLY F 43 -9.67 11.49 -32.44
CA GLY F 43 -9.27 10.27 -33.15
C GLY F 43 -8.22 10.49 -34.21
N ILE F 44 -8.34 11.61 -34.95
CA ILE F 44 -7.36 11.96 -35.96
C ILE F 44 -6.00 12.21 -35.32
N VAL F 45 -5.98 12.84 -34.15
CA VAL F 45 -4.72 13.08 -33.44
C VAL F 45 -4.10 11.76 -32.99
N ALA F 46 -4.93 10.81 -32.53
CA ALA F 46 -4.42 9.49 -32.15
C ALA F 46 -3.80 8.75 -33.33
N ILE F 47 -4.45 8.80 -34.49
CA ILE F 47 -3.92 8.05 -35.64
C ILE F 47 -2.69 8.72 -36.23
N VAL F 48 -2.65 10.06 -36.23
CA VAL F 48 -1.45 10.71 -36.75
C VAL F 48 -0.30 10.60 -35.75
N SER F 49 -0.59 10.40 -34.46
CA SER F 49 0.47 10.09 -33.52
C SER F 49 1.00 8.68 -33.72
N MET F 50 0.14 7.75 -34.13
CA MET F 50 0.65 6.44 -34.54
C MET F 50 1.46 6.52 -35.82
N LEU F 51 1.11 7.42 -36.74
CA LEU F 51 1.88 7.59 -37.98
C LEU F 51 3.25 8.19 -37.70
N LEU F 52 3.31 9.24 -36.89
CA LEU F 52 4.57 9.91 -36.60
C LEU F 52 5.47 9.14 -35.65
N ASN F 53 4.97 8.03 -35.08
CA ASN F 53 5.71 7.13 -34.17
C ASN F 53 6.20 7.88 -32.94
N THR F 54 5.33 8.72 -32.38
CA THR F 54 5.65 9.49 -31.19
C THR F 54 4.54 9.33 -30.17
N SER F 55 4.93 9.27 -28.90
CA SER F 55 4.00 9.27 -27.77
C SER F 55 3.83 10.66 -27.18
N ALA F 56 3.94 11.70 -28.00
CA ALA F 56 4.01 13.07 -27.51
C ALA F 56 2.73 13.84 -27.67
N PHE F 57 1.61 13.19 -27.98
CA PHE F 57 0.38 13.91 -28.27
C PHE F 57 -0.84 13.29 -27.58
N LEU F 58 -0.67 12.43 -26.58
CA LEU F 58 -1.83 11.78 -25.98
C LEU F 58 -2.54 12.73 -25.01
N ASP F 59 -1.76 13.65 -24.43
CA ASP F 59 -2.31 14.71 -23.61
C ASP F 59 -3.26 15.59 -24.40
N VAL F 60 -2.97 15.75 -25.70
CA VAL F 60 -3.87 16.47 -26.60
C VAL F 60 -5.20 15.74 -26.72
N ILE F 61 -5.17 14.40 -26.70
CA ILE F 61 -6.39 13.60 -26.86
C ILE F 61 -7.29 13.75 -25.62
N LEU F 62 -6.70 13.56 -24.44
CA LEU F 62 -7.51 13.74 -23.22
C LEU F 62 -7.91 15.20 -23.02
N LEU F 63 -7.12 16.14 -23.54
CA LEU F 63 -7.48 17.54 -23.50
C LEU F 63 -8.68 17.84 -24.40
N ILE F 64 -8.71 17.26 -25.60
CA ILE F 64 -9.84 17.45 -26.50
C ILE F 64 -11.11 16.87 -25.90
N GLY F 65 -10.99 15.73 -25.21
CA GLY F 65 -12.14 15.16 -24.52
C GLY F 65 -12.70 16.07 -23.43
N ILE F 66 -11.81 16.58 -22.56
CA ILE F 66 -12.29 17.40 -21.46
C ILE F 66 -12.81 18.76 -21.96
N LEU F 67 -12.18 19.33 -23.00
CA LEU F 67 -12.66 20.58 -23.60
C LEU F 67 -14.02 20.41 -24.27
N ALA F 68 -14.22 19.30 -24.97
CA ALA F 68 -15.51 19.04 -25.61
C ALA F 68 -16.62 18.90 -24.58
N PHE F 69 -16.35 18.19 -23.48
CA PHE F 69 -17.37 18.05 -22.43
C PHE F 69 -17.70 19.39 -21.78
N VAL F 70 -16.68 20.20 -21.47
CA VAL F 70 -16.94 21.48 -20.79
C VAL F 70 -17.68 22.45 -21.70
N GLY F 71 -17.30 22.51 -22.98
CA GLY F 71 -18.02 23.37 -23.92
C GLY F 71 -19.45 22.95 -24.16
N THR F 72 -19.70 21.65 -24.24
CA THR F 72 -21.08 21.21 -24.48
C THR F 72 -21.96 21.41 -23.26
N VAL F 73 -21.44 21.20 -22.05
CA VAL F 73 -22.29 21.46 -20.88
C VAL F 73 -22.49 22.96 -20.70
N ALA F 74 -21.54 23.79 -21.14
CA ALA F 74 -21.70 25.23 -21.06
C ALA F 74 -22.81 25.71 -22.00
N PHE F 75 -22.80 25.25 -23.25
CA PHE F 75 -23.83 25.75 -24.15
C PHE F 75 -25.18 25.10 -23.88
N ALA F 76 -25.22 23.86 -23.39
CA ALA F 76 -26.47 23.27 -22.96
C ALA F 76 -27.06 23.99 -21.76
N LYS F 77 -26.21 24.52 -20.88
CA LYS F 77 -26.72 25.39 -19.84
C LYS F 77 -27.19 26.73 -20.41
N PHE F 78 -26.58 27.18 -21.50
CA PHE F 78 -27.00 28.44 -22.11
C PHE F 78 -28.38 28.36 -22.75
N LEU F 79 -28.69 27.26 -23.43
CA LEU F 79 -30.01 27.15 -24.06
C LEU F 79 -31.13 27.03 -23.04
N GLU F 80 -30.82 26.57 -21.84
CA GLU F 80 -31.82 26.37 -20.80
C GLU F 80 -31.84 27.60 -19.90
N LYS F 81 -32.83 28.46 -20.11
CA LYS F 81 -33.25 29.52 -19.19
C LYS F 81 -32.15 30.55 -18.92
N GLY F 82 -31.48 30.98 -19.99
CA GLY F 82 -30.64 32.15 -19.89
C GLY F 82 -29.17 31.94 -19.58
N VAL F 83 -28.82 32.05 -18.30
CA VAL F 83 -27.43 32.19 -17.88
C VAL F 83 -26.67 30.87 -18.02
N VAL F 84 -25.36 30.98 -18.16
CA VAL F 84 -24.47 29.83 -18.01
C VAL F 84 -23.92 29.74 -16.59
N ILE F 85 -23.96 30.83 -15.83
CA ILE F 85 -23.45 30.89 -14.46
C ILE F 85 -24.47 31.68 -13.65
N GLU F 86 -25.05 31.04 -12.63
CA GLU F 86 -26.09 31.71 -11.87
C GLU F 86 -25.48 32.73 -10.90
N ARG F 87 -26.35 33.55 -10.34
CA ARG F 87 -25.97 34.51 -9.32
C ARG F 87 -26.29 33.95 -7.93
N GLY F 88 -25.57 34.44 -6.93
CA GLY F 88 -25.73 33.94 -5.59
C GLY F 88 -27.04 34.39 -4.97
N ASN F 89 -27.60 33.52 -4.14
CA ASN F 89 -28.88 33.77 -3.49
C ASN F 89 -28.84 34.90 -2.46
N ILE G 8 3.62 -1.57 -38.61
CA ILE G 8 2.62 -2.17 -37.74
C ILE G 8 2.35 -3.63 -38.15
N ALA G 9 2.40 -4.54 -37.16
CA ALA G 9 2.15 -5.96 -37.42
C ALA G 9 1.35 -6.54 -36.25
N ASN G 10 0.02 -6.46 -36.34
CA ASN G 10 -0.90 -7.20 -35.48
C ASN G 10 -2.27 -7.16 -36.13
N ALA G 11 -2.99 -8.28 -36.08
CA ALA G 11 -4.32 -8.32 -36.65
C ALA G 11 -5.33 -7.60 -35.79
N LEU G 12 -5.20 -7.74 -34.47
CA LEU G 12 -6.16 -7.15 -33.54
C LEU G 12 -6.08 -5.63 -33.54
N VAL G 13 -4.87 -5.07 -33.60
CA VAL G 13 -4.69 -3.63 -33.60
C VAL G 13 -5.28 -3.01 -34.85
N VAL G 14 -5.01 -3.62 -36.01
CA VAL G 14 -5.51 -3.12 -37.29
C VAL G 14 -7.02 -3.21 -37.34
N VAL G 15 -7.60 -4.32 -36.85
CA VAL G 15 -9.04 -4.43 -36.94
C VAL G 15 -9.74 -3.52 -35.93
N LEU G 16 -9.07 -3.20 -34.80
CA LEU G 16 -9.63 -2.23 -33.87
C LEU G 16 -9.64 -0.82 -34.45
N ILE G 17 -8.53 -0.43 -35.09
CA ILE G 17 -8.42 0.91 -35.69
C ILE G 17 -9.44 1.08 -36.81
N LEU G 18 -9.54 0.09 -37.70
CA LEU G 18 -10.47 0.18 -38.81
C LEU G 18 -11.93 0.08 -38.35
N LEU G 19 -12.21 -0.73 -37.32
CA LEU G 19 -13.58 -0.83 -36.83
C LEU G 19 -14.02 0.46 -36.17
N GLY G 20 -13.12 1.11 -35.41
CA GLY G 20 -13.46 2.39 -34.83
C GLY G 20 -13.66 3.48 -35.87
N ALA G 21 -12.85 3.46 -36.93
CA ALA G 21 -13.01 4.44 -38.02
C ALA G 21 -14.34 4.25 -38.75
N VAL G 22 -14.67 3.00 -39.13
CA VAL G 22 -15.90 2.71 -39.85
C VAL G 22 -17.12 3.00 -38.98
N LEU G 23 -17.00 2.76 -37.68
CA LEU G 23 -18.13 3.03 -36.80
C LEU G 23 -18.33 4.52 -36.57
N THR G 24 -17.24 5.31 -36.63
CA THR G 24 -17.38 6.76 -36.62
C THR G 24 -18.05 7.28 -37.90
N LEU G 25 -17.70 6.70 -39.05
CA LEU G 25 -18.36 7.07 -40.29
C LEU G 25 -19.83 6.69 -40.29
N LEU G 26 -20.16 5.58 -39.63
CA LEU G 26 -21.56 5.21 -39.44
C LEU G 26 -22.28 6.21 -38.56
N SER G 27 -21.61 6.74 -37.53
CA SER G 27 -22.17 7.82 -36.75
C SER G 27 -22.43 9.06 -37.60
N ALA G 28 -21.54 9.34 -38.56
CA ALA G 28 -21.71 10.51 -39.40
C ALA G 28 -22.86 10.35 -40.39
N VAL G 29 -22.99 9.19 -41.01
CA VAL G 29 -24.11 8.99 -41.93
C VAL G 29 -25.43 8.87 -41.18
N GLY G 30 -25.40 8.45 -39.92
CA GLY G 30 -26.59 8.54 -39.10
C GLY G 30 -26.91 9.96 -38.68
N ALA G 31 -25.89 10.81 -38.55
CA ALA G 31 -26.14 12.23 -38.30
C ALA G 31 -26.79 12.89 -39.51
N ILE G 32 -26.37 12.49 -40.70
CA ILE G 32 -26.94 13.06 -41.93
C ILE G 32 -28.37 12.57 -42.15
N ARG G 33 -28.58 11.25 -42.07
CA ARG G 33 -29.80 10.65 -42.59
C ARG G 33 -30.99 10.66 -41.64
N LEU G 34 -30.78 10.82 -40.35
CA LEU G 34 -31.90 10.67 -39.44
C LEU G 34 -32.67 11.98 -39.29
N PRO G 35 -34.00 11.93 -39.15
CA PRO G 35 -34.81 13.14 -39.38
C PRO G 35 -35.03 14.07 -38.19
N ASP G 36 -34.74 13.63 -36.97
CA ASP G 36 -35.08 14.37 -35.78
C ASP G 36 -33.80 14.64 -35.00
N VAL G 37 -33.87 15.58 -34.05
CA VAL G 37 -32.70 15.85 -33.21
C VAL G 37 -32.43 14.66 -32.29
N TYR G 38 -33.46 13.94 -31.88
CA TYR G 38 -33.30 12.89 -30.88
C TYR G 38 -32.75 11.61 -31.48
N THR G 39 -33.18 11.28 -32.70
CA THR G 39 -32.62 10.14 -33.41
C THR G 39 -31.15 10.35 -33.73
N ARG G 40 -30.79 11.59 -34.10
CA ARG G 40 -29.39 11.94 -34.28
C ARG G 40 -28.62 11.87 -32.98
N SER G 41 -29.28 12.18 -31.85
CA SER G 41 -28.63 12.05 -30.55
C SER G 41 -28.28 10.59 -30.25
N HIS G 42 -29.25 9.68 -30.48
CA HIS G 42 -29.02 8.23 -30.45
C HIS G 42 -27.78 7.83 -31.24
N ALA G 43 -27.83 8.12 -32.55
CA ALA G 43 -26.80 7.65 -33.48
C ALA G 43 -25.43 8.20 -33.13
N ILE G 44 -25.35 9.54 -32.97
CA ILE G 44 -24.08 10.21 -32.72
C ILE G 44 -23.48 9.75 -31.41
N SER G 45 -24.26 9.86 -30.31
CA SER G 45 -23.85 9.46 -28.96
C SER G 45 -23.24 8.07 -28.90
N LYS G 46 -24.06 7.05 -29.22
CA LYS G 46 -23.61 5.68 -29.01
C LYS G 46 -22.53 5.29 -30.02
N SER G 47 -22.71 5.64 -31.31
CA SER G 47 -21.79 5.13 -32.31
C SER G 47 -20.44 5.84 -32.26
N THR G 48 -20.40 7.16 -32.11
CA THR G 48 -19.07 7.77 -32.08
C THR G 48 -18.39 7.54 -30.73
N THR G 49 -19.15 7.27 -29.65
CA THR G 49 -18.53 6.88 -28.39
C THR G 49 -17.79 5.56 -28.52
N LEU G 50 -18.45 4.53 -29.06
CA LEU G 50 -17.77 3.25 -29.21
C LEU G 50 -16.69 3.31 -30.28
N GLY G 51 -16.87 4.13 -31.32
CA GLY G 51 -15.83 4.27 -32.34
C GLY G 51 -14.55 4.88 -31.81
N ILE G 52 -14.67 5.95 -31.02
CA ILE G 52 -13.47 6.59 -30.49
C ILE G 52 -12.81 5.71 -29.43
N MET G 53 -13.59 4.93 -28.67
CA MET G 53 -12.92 4.03 -27.72
C MET G 53 -12.20 2.89 -28.42
N CYS G 54 -12.74 2.40 -29.54
CA CYS G 54 -12.03 1.38 -30.30
C CYS G 54 -10.75 1.92 -30.91
N ILE G 55 -10.78 3.16 -31.41
CA ILE G 55 -9.56 3.78 -31.96
C ILE G 55 -8.51 3.99 -30.88
N LEU G 56 -8.93 4.45 -29.69
CA LEU G 56 -7.96 4.69 -28.62
C LEU G 56 -7.41 3.39 -28.04
N LEU G 57 -8.23 2.34 -27.97
CA LEU G 57 -7.73 1.02 -27.58
C LEU G 57 -6.72 0.49 -28.59
N GLY G 58 -6.96 0.73 -29.88
CA GLY G 58 -5.99 0.31 -30.88
C GLY G 58 -4.66 1.04 -30.77
N ALA G 59 -4.71 2.36 -30.53
CA ALA G 59 -3.48 3.14 -30.37
C ALA G 59 -2.73 2.76 -29.10
N PHE G 60 -3.48 2.54 -28.01
CA PHE G 60 -2.94 2.06 -26.74
C PHE G 60 -2.21 0.73 -26.91
N LEU G 61 -2.85 -0.24 -27.57
CA LEU G 61 -2.21 -1.53 -27.79
C LEU G 61 -1.01 -1.42 -28.73
N HIS G 62 -1.05 -0.51 -29.71
CA HIS G 62 0.07 -0.38 -30.63
C HIS G 62 1.32 0.14 -29.94
N PHE G 63 1.17 1.21 -29.14
CA PHE G 63 2.34 1.71 -28.41
C PHE G 63 2.76 0.77 -27.29
N PHE G 64 1.81 -0.02 -26.74
CA PHE G 64 2.19 -0.99 -25.73
C PHE G 64 2.98 -2.15 -26.34
N ILE G 65 2.69 -2.53 -27.57
CA ILE G 65 3.38 -3.68 -28.16
C ILE G 65 4.69 -3.28 -28.82
N GLU G 66 4.67 -2.41 -29.83
CA GLU G 66 5.89 -2.18 -30.61
C GLU G 66 6.82 -1.14 -30.02
N ASN G 67 6.55 -0.65 -28.81
CA ASN G 67 7.47 0.25 -28.14
C ASN G 67 7.75 -0.14 -26.70
N ASN G 68 6.98 -1.08 -26.12
CA ASN G 68 7.05 -1.49 -24.71
C ASN G 68 6.90 -0.29 -23.79
N HIS G 69 5.96 0.59 -24.12
CA HIS G 69 5.67 1.80 -23.35
C HIS G 69 4.22 1.76 -22.92
N PHE G 70 3.98 1.73 -21.62
CA PHE G 70 2.63 1.68 -21.09
C PHE G 70 2.14 3.11 -20.90
N ASN G 71 1.19 3.52 -21.74
CA ASN G 71 0.67 4.89 -21.73
C ASN G 71 -0.70 4.88 -21.08
N SER G 72 -0.76 5.35 -19.83
CA SER G 72 -2.00 5.33 -19.07
C SER G 72 -2.93 6.48 -19.43
N ARG G 73 -2.41 7.50 -20.14
CA ARG G 73 -3.23 8.64 -20.54
C ARG G 73 -4.34 8.22 -21.50
N LEU G 74 -4.07 7.24 -22.35
CA LEU G 74 -5.07 6.71 -23.25
C LEU G 74 -6.17 5.98 -22.51
N LEU G 75 -5.82 5.22 -21.47
CA LEU G 75 -6.82 4.52 -20.69
C LEU G 75 -7.71 5.48 -19.92
N LEU G 76 -7.11 6.55 -19.39
CA LEU G 76 -7.93 7.54 -18.70
C LEU G 76 -8.78 8.32 -19.69
N GLY G 77 -8.29 8.49 -20.93
CA GLY G 77 -9.11 9.09 -21.97
C GLY G 77 -10.31 8.23 -22.34
N ILE G 78 -10.10 6.91 -22.43
CA ILE G 78 -11.19 5.98 -22.74
C ILE G 78 -12.26 6.03 -21.65
N VAL G 79 -11.82 5.99 -20.38
CA VAL G 79 -12.76 6.04 -19.26
C VAL G 79 -13.50 7.38 -19.23
N PHE G 80 -12.79 8.47 -19.56
CA PHE G 80 -13.41 9.79 -19.55
C PHE G 80 -14.46 9.94 -20.65
N ILE G 81 -14.13 9.50 -21.87
CA ILE G 81 -15.07 9.64 -22.99
C ILE G 81 -16.30 8.77 -22.76
N PHE G 82 -16.09 7.55 -22.25
CA PHE G 82 -17.19 6.68 -21.86
C PHE G 82 -18.08 7.31 -20.80
N MET G 83 -17.49 8.05 -19.86
CA MET G 83 -18.28 8.69 -18.83
C MET G 83 -19.03 9.91 -19.35
N THR G 84 -18.46 10.63 -20.33
CA THR G 84 -18.92 11.99 -20.60
C THR G 84 -19.68 12.20 -21.91
N SER G 85 -19.54 11.34 -22.91
CA SER G 85 -20.31 11.66 -24.12
C SER G 85 -21.82 11.36 -24.07
N PRO G 86 -22.32 10.27 -23.43
CA PRO G 86 -23.78 10.13 -23.35
C PRO G 86 -24.44 11.13 -22.43
N VAL G 87 -23.77 11.62 -21.39
CA VAL G 87 -24.39 12.66 -20.57
C VAL G 87 -24.40 13.99 -21.33
N ALA G 88 -23.45 14.17 -22.25
CA ALA G 88 -23.50 15.31 -23.16
C ALA G 88 -24.72 15.23 -24.07
N ALA G 89 -24.96 14.05 -24.65
CA ALA G 89 -26.14 13.86 -25.48
C ALA G 89 -27.43 14.03 -24.70
N HIS G 90 -27.44 13.57 -23.44
CA HIS G 90 -28.58 13.79 -22.55
C HIS G 90 -28.86 15.26 -22.31
N LEU G 91 -27.80 16.05 -22.09
CA LEU G 91 -27.99 17.47 -21.81
C LEU G 91 -28.48 18.22 -23.04
N ILE G 92 -27.93 17.91 -24.22
CA ILE G 92 -28.40 18.59 -25.43
C ILE G 92 -29.82 18.17 -25.76
N SER G 93 -30.18 16.91 -25.49
CA SER G 93 -31.54 16.47 -25.79
C SER G 93 -32.56 17.07 -24.82
N ARG G 94 -32.20 17.25 -23.54
CA ARG G 94 -33.11 17.93 -22.63
C ARG G 94 -33.21 19.42 -22.98
N ALA G 95 -32.11 20.01 -23.42
CA ALA G 95 -32.13 21.42 -23.83
C ALA G 95 -32.96 21.62 -25.09
N ALA G 96 -32.97 20.64 -25.98
CA ALA G 96 -33.80 20.72 -27.17
C ALA G 96 -35.27 20.47 -26.83
N TYR G 97 -35.55 19.56 -25.90
CA TYR G 97 -36.94 19.28 -25.56
C TYR G 97 -37.58 20.43 -24.81
N TYR G 98 -36.83 21.09 -23.93
CA TYR G 98 -37.38 22.22 -23.20
C TYR G 98 -37.56 23.48 -24.05
N ALA G 99 -36.95 23.53 -25.24
CA ALA G 99 -37.12 24.64 -26.15
C ALA G 99 -38.37 24.54 -27.02
N ASN G 100 -39.31 23.65 -26.65
CA ASN G 100 -40.52 23.33 -27.41
C ASN G 100 -40.20 22.94 -28.85
N VAL G 101 -39.11 22.20 -29.03
CA VAL G 101 -38.64 21.75 -30.33
C VAL G 101 -39.04 20.29 -30.48
N GLU G 102 -39.82 19.99 -31.51
CA GLU G 102 -40.16 18.61 -31.83
C GLU G 102 -40.27 18.48 -33.33
N ARG G 103 -39.76 17.36 -33.86
CA ARG G 103 -39.71 17.17 -35.31
C ARG G 103 -40.08 15.74 -35.66
N TRP G 104 -40.54 15.59 -36.91
CA TRP G 104 -40.80 14.33 -37.59
C TRP G 104 -41.89 13.50 -36.89
N GLU G 105 -43.10 14.08 -36.92
CA GLU G 105 -44.37 13.37 -36.72
C GLU G 105 -44.45 12.65 -35.37
N GLY G 106 -44.53 13.47 -34.31
CA GLY G 106 -44.67 12.99 -32.95
C GLY G 106 -45.81 12.04 -32.66
N THR G 107 -45.46 10.88 -32.11
CA THR G 107 -46.37 9.82 -31.72
C THR G 107 -46.99 10.09 -30.36
N VAL G 108 -47.39 9.02 -29.67
CA VAL G 108 -48.23 8.96 -28.45
C VAL G 108 -47.71 9.81 -27.27
N ARG G 109 -46.50 10.37 -27.41
CA ARG G 109 -45.63 10.95 -26.37
C ARG G 109 -46.33 11.79 -25.30
N ASP G 110 -45.84 11.65 -24.07
CA ASP G 110 -46.27 12.42 -22.92
C ASP G 110 -45.27 13.54 -22.64
N ASP G 111 -45.71 14.52 -21.86
CA ASP G 111 -44.91 15.71 -21.58
C ASP G 111 -43.67 15.39 -20.74
N PRO H 29 4.48 -99.68 1.94
CA PRO H 29 5.01 -100.55 3.00
C PRO H 29 3.93 -101.43 3.61
N THR H 30 2.66 -101.09 3.31
CA THR H 30 1.43 -101.84 3.53
C THR H 30 1.02 -101.87 5.01
N LEU H 31 1.89 -101.41 5.90
CA LEU H 31 1.51 -101.26 7.30
C LEU H 31 1.27 -99.81 7.67
N HIS H 32 1.68 -98.87 6.82
CA HIS H 32 1.26 -97.48 6.97
C HIS H 32 -0.24 -97.36 6.75
N ILE H 33 -0.79 -98.19 5.86
CA ILE H 33 -2.22 -98.19 5.56
C ILE H 33 -2.92 -99.21 6.44
N ALA H 34 -2.21 -99.71 7.46
CA ALA H 34 -2.79 -100.56 8.50
C ALA H 34 -2.92 -99.82 9.81
N MET H 35 -1.95 -98.97 10.16
CA MET H 35 -2.03 -98.19 11.39
C MET H 35 -3.06 -97.08 11.28
N PHE H 36 -3.21 -96.50 10.08
CA PHE H 36 -4.07 -95.34 9.89
C PHE H 36 -5.35 -95.67 9.14
N ALA H 37 -5.68 -96.94 8.99
CA ALA H 37 -6.96 -97.37 8.41
C ALA H 37 -8.17 -97.27 9.35
N PRO H 38 -8.08 -97.56 10.68
CA PRO H 38 -9.25 -97.28 11.53
C PRO H 38 -9.61 -95.81 11.62
N PHE H 39 -8.65 -94.89 11.50
CA PHE H 39 -8.99 -93.47 11.54
C PHE H 39 -9.76 -93.07 10.28
N LEU H 40 -9.35 -93.56 9.11
CA LEU H 40 -10.04 -93.25 7.87
C LEU H 40 -11.43 -93.87 7.86
N LEU H 41 -11.57 -95.09 8.38
CA LEU H 41 -12.90 -95.68 8.43
C LEU H 41 -13.77 -94.98 9.47
N ALA H 42 -13.16 -94.42 10.53
CA ALA H 42 -13.92 -93.62 11.49
C ALA H 42 -14.38 -92.30 10.88
N LEU H 43 -13.61 -91.73 9.95
CA LEU H 43 -14.14 -90.65 9.13
C LEU H 43 -15.34 -91.11 8.30
N LEU H 44 -15.24 -92.29 7.69
CA LEU H 44 -16.27 -92.72 6.76
C LEU H 44 -17.51 -93.32 7.43
N VAL H 45 -17.51 -93.50 8.75
CA VAL H 45 -18.67 -94.11 9.42
C VAL H 45 -19.98 -93.33 9.27
N PRO H 46 -20.07 -92.03 9.59
CA PRO H 46 -21.40 -91.38 9.56
C PRO H 46 -22.00 -91.24 8.16
N PHE H 47 -21.16 -91.25 7.12
CA PHE H 47 -21.61 -91.34 5.74
C PHE H 47 -22.45 -92.58 5.51
N PHE H 48 -21.90 -93.74 5.85
CA PHE H 48 -22.62 -95.01 5.75
C PHE H 48 -23.77 -95.07 6.74
N TYR H 49 -23.66 -94.35 7.86
CA TYR H 49 -24.69 -94.45 8.89
C TYR H 49 -25.96 -93.71 8.49
N LYS H 50 -25.85 -92.51 7.92
CA LYS H 50 -27.05 -91.78 7.55
C LYS H 50 -27.35 -91.86 6.06
N CYS H 51 -26.52 -92.57 5.28
CA CYS H 51 -26.86 -92.84 3.90
C CYS H 51 -27.33 -94.26 3.63
N ILE H 52 -27.12 -95.20 4.57
CA ILE H 52 -27.62 -96.56 4.48
C ILE H 52 -28.46 -96.79 5.73
N ARG H 53 -29.77 -96.63 5.61
CA ARG H 53 -30.66 -96.70 6.75
C ARG H 53 -31.19 -98.10 7.03
N SER H 54 -30.93 -99.06 6.14
CA SER H 54 -31.48 -100.40 6.30
C SER H 54 -30.53 -101.31 7.08
N LEU H 55 -29.30 -101.42 6.63
CA LEU H 55 -28.35 -102.34 7.23
C LEU H 55 -27.66 -101.69 8.43
N HIS H 56 -27.48 -102.48 9.49
CA HIS H 56 -26.85 -102.01 10.72
C HIS H 56 -25.39 -101.64 10.43
N VAL H 57 -24.99 -100.45 10.88
CA VAL H 57 -23.71 -99.86 10.52
C VAL H 57 -22.52 -100.69 11.01
N GLY H 58 -22.71 -101.48 12.08
CA GLY H 58 -21.63 -102.24 12.65
C GLY H 58 -21.07 -103.32 11.73
N TRP H 59 -21.92 -103.84 10.82
CA TRP H 59 -21.45 -104.79 9.82
C TRP H 59 -20.40 -104.14 8.91
N PHE H 60 -20.60 -102.88 8.56
CA PHE H 60 -19.61 -102.16 7.77
C PHE H 60 -18.33 -101.91 8.55
N VAL H 61 -18.41 -101.90 9.89
CA VAL H 61 -17.20 -101.80 10.67
C VAL H 61 -16.51 -103.14 10.75
N PHE H 62 -17.27 -104.23 10.62
CA PHE H 62 -16.84 -105.60 10.91
C PHE H 62 -15.63 -106.16 10.14
N PRO H 63 -15.45 -105.95 8.82
CA PRO H 63 -14.31 -106.64 8.17
C PRO H 63 -12.95 -106.10 8.54
N LEU H 64 -12.81 -104.79 8.74
CA LEU H 64 -11.51 -104.15 8.96
C LEU H 64 -10.69 -104.74 10.11
N PRO H 65 -11.21 -104.93 11.36
CA PRO H 65 -10.40 -105.63 12.35
C PRO H 65 -10.05 -107.05 11.94
N ILE H 66 -11.03 -107.75 11.35
CA ILE H 66 -10.81 -109.06 10.71
C ILE H 66 -9.64 -108.99 9.76
N ALA H 67 -9.66 -107.98 8.87
CA ALA H 67 -8.60 -107.80 7.89
C ALA H 67 -7.27 -107.55 8.57
N LEU H 68 -7.28 -106.68 9.59
CA LEU H 68 -6.07 -106.38 10.34
C LEU H 68 -5.58 -107.61 11.06
N PHE H 69 -6.52 -108.40 11.59
CA PHE H 69 -6.18 -109.63 12.29
C PHE H 69 -5.50 -110.61 11.34
N VAL H 70 -6.03 -110.73 10.12
CA VAL H 70 -5.44 -111.62 9.13
C VAL H 70 -4.08 -111.10 8.72
N TYR H 71 -3.95 -109.78 8.62
CA TYR H 71 -2.67 -109.19 8.28
C TYR H 71 -1.66 -109.41 9.41
N PHE H 72 -2.13 -109.39 10.64
CA PHE H 72 -1.24 -109.62 11.77
C PHE H 72 -0.97 -111.10 11.98
N LEU H 73 -1.67 -111.98 11.26
CA LEU H 73 -1.23 -113.36 11.23
C LEU H 73 -0.11 -113.59 10.23
N SER H 74 0.17 -112.60 9.38
CA SER H 74 1.15 -112.79 8.32
C SER H 74 2.58 -112.62 8.78
N TYR H 75 2.82 -112.18 10.01
CA TYR H 75 4.16 -111.87 10.49
C TYR H 75 4.75 -112.92 11.40
N ILE H 76 3.99 -113.96 11.76
CA ILE H 76 4.44 -114.91 12.77
C ILE H 76 5.61 -115.74 12.27
N ASP H 77 5.59 -116.09 10.97
CA ASP H 77 6.69 -116.81 10.36
C ASP H 77 7.96 -115.98 10.35
N ASP H 78 7.85 -114.67 10.17
CA ASP H 78 9.02 -113.81 10.19
C ASP H 78 9.51 -113.51 11.60
N VAL H 79 8.65 -113.61 12.61
CA VAL H 79 9.07 -113.28 13.97
C VAL H 79 9.57 -114.50 14.72
N ARG H 80 9.20 -115.72 14.29
CA ARG H 80 9.73 -116.91 14.95
C ARG H 80 11.21 -117.10 14.66
N ASN H 81 11.63 -116.80 13.43
CA ASN H 81 13.05 -116.89 13.07
C ASN H 81 13.72 -115.53 13.20
N ASP H 82 13.55 -114.95 14.40
CA ASP H 82 14.14 -113.73 14.98
C ASP H 82 14.42 -112.60 14.00
N GLU H 83 13.41 -112.21 13.22
CA GLU H 83 13.49 -111.08 12.31
C GLU H 83 12.38 -110.10 12.63
N VAL H 84 12.70 -108.80 12.59
CA VAL H 84 11.78 -107.76 12.98
C VAL H 84 11.38 -106.94 11.76
N ILE H 85 10.32 -106.15 11.91
CA ILE H 85 9.75 -105.39 10.81
C ILE H 85 9.79 -103.91 11.18
N ARG H 86 10.52 -103.12 10.40
CA ARG H 86 10.72 -101.70 10.69
C ARG H 86 10.14 -100.84 9.59
N ALA H 87 9.52 -99.74 9.98
CA ALA H 87 8.94 -98.79 9.04
C ALA H 87 9.00 -97.38 9.61
N THR H 88 9.01 -96.39 8.73
CA THR H 88 9.26 -95.01 9.11
C THR H 88 8.41 -94.08 8.27
N MET H 89 7.70 -93.16 8.92
CA MET H 89 6.98 -92.08 8.23
C MET H 89 7.31 -90.76 8.92
N PRO H 90 8.15 -89.92 8.33
CA PRO H 90 8.61 -88.72 9.04
C PRO H 90 7.52 -87.66 9.14
N TRP H 91 7.45 -87.01 10.30
CA TRP H 91 6.40 -86.02 10.53
C TRP H 91 6.95 -84.62 10.70
N ILE H 92 7.94 -84.44 11.57
CA ILE H 92 8.69 -83.19 11.68
C ILE H 92 10.16 -83.55 11.56
N PRO H 93 10.73 -83.60 10.36
CA PRO H 93 12.09 -84.16 10.22
C PRO H 93 13.20 -83.27 10.79
N SER H 94 12.97 -81.96 10.89
CA SER H 94 14.01 -81.08 11.42
C SER H 94 14.04 -81.08 12.95
N LEU H 95 12.90 -81.28 13.60
CA LEU H 95 12.88 -81.57 15.04
C LEU H 95 13.07 -83.04 15.34
N ARG H 96 13.33 -83.86 14.31
CA ARG H 96 13.70 -85.27 14.44
C ARG H 96 12.57 -86.08 15.09
N ILE H 97 11.39 -86.03 14.47
CA ILE H 97 10.20 -86.70 14.94
C ILE H 97 9.56 -87.47 13.79
N SER H 98 9.31 -88.76 14.01
CA SER H 98 8.70 -89.62 13.01
C SER H 98 7.65 -90.49 13.65
N PHE H 99 6.75 -91.02 12.83
CA PHE H 99 5.94 -92.17 13.20
C PHE H 99 6.72 -93.39 12.79
N ASP H 100 7.41 -93.99 13.75
CA ASP H 100 8.11 -95.23 13.47
C ASP H 100 7.23 -96.40 13.88
N ALA H 101 7.54 -97.56 13.30
CA ALA H 101 6.87 -98.80 13.66
C ALA H 101 7.91 -99.89 13.72
N TYR H 102 7.95 -100.60 14.84
CA TYR H 102 8.87 -101.69 15.07
C TYR H 102 8.04 -102.88 15.50
N VAL H 103 8.16 -103.98 14.78
CA VAL H 103 7.32 -105.14 14.98
C VAL H 103 8.21 -106.31 15.37
N ASP H 104 8.00 -106.81 16.59
CA ASP H 104 8.66 -107.98 17.13
C ASP H 104 7.60 -108.79 17.88
N GLY H 105 8.04 -109.72 18.72
CA GLY H 105 7.11 -110.68 19.30
C GLY H 105 6.12 -110.08 20.29
N LEU H 106 6.56 -109.10 21.06
CA LEU H 106 5.68 -108.48 22.06
C LEU H 106 4.60 -107.64 21.40
N SER H 107 5.00 -106.84 20.40
CA SER H 107 4.03 -106.04 19.66
C SER H 107 3.07 -106.89 18.86
N LEU H 108 3.53 -108.04 18.35
CA LEU H 108 2.61 -108.93 17.64
C LEU H 108 1.63 -109.60 18.59
N LEU H 109 2.09 -109.99 19.79
CA LEU H 109 1.18 -110.55 20.79
C LEU H 109 0.07 -109.56 21.13
N PHE H 110 0.44 -108.32 21.39
CA PHE H 110 -0.56 -107.30 21.70
C PHE H 110 -1.45 -106.99 20.51
N ALA H 111 -0.90 -106.92 19.29
CA ALA H 111 -1.69 -106.56 18.12
C ALA H 111 -2.69 -107.64 17.75
N LEU H 112 -2.29 -108.91 17.87
CA LEU H 112 -3.21 -110.02 17.65
C LEU H 112 -4.32 -110.02 18.69
N LEU H 113 -3.98 -109.75 19.96
CA LEU H 113 -5.00 -109.60 21.00
C LEU H 113 -6.01 -108.51 20.66
N ILE H 114 -5.50 -107.32 20.30
CA ILE H 114 -6.34 -106.15 20.00
C ILE H 114 -7.30 -106.44 18.86
N THR H 115 -6.78 -106.96 17.74
CA THR H 115 -7.62 -107.13 16.56
C THR H 115 -8.61 -108.28 16.71
N GLY H 116 -8.20 -109.39 17.33
CA GLY H 116 -9.12 -110.50 17.52
C GLY H 116 -10.27 -110.17 18.46
N ILE H 117 -9.94 -109.64 19.64
CA ILE H 117 -11.01 -109.27 20.56
C ILE H 117 -11.78 -108.05 20.04
N GLY H 118 -11.18 -107.25 19.15
CA GLY H 118 -11.91 -106.14 18.57
C GLY H 118 -12.99 -106.59 17.62
N SER H 119 -12.67 -107.56 16.76
CA SER H 119 -13.69 -108.11 15.86
C SER H 119 -14.79 -108.83 16.64
N LEU H 120 -14.42 -109.54 17.71
CA LEU H 120 -15.45 -110.23 18.49
C LEU H 120 -16.33 -109.25 19.26
N VAL H 121 -15.76 -108.15 19.75
CA VAL H 121 -16.56 -107.13 20.43
C VAL H 121 -17.44 -106.36 19.44
N VAL H 122 -16.97 -106.15 18.21
CA VAL H 122 -17.79 -105.54 17.17
C VAL H 122 -19.01 -106.42 16.85
N LEU H 123 -18.80 -107.73 16.78
CA LEU H 123 -19.92 -108.66 16.53
C LEU H 123 -20.91 -108.65 17.69
N TYR H 124 -20.40 -108.70 18.93
CA TYR H 124 -21.28 -108.68 20.09
C TYR H 124 -22.03 -107.36 20.21
N SER H 125 -21.43 -106.26 19.76
CA SER H 125 -22.09 -104.96 19.81
C SER H 125 -23.12 -104.80 18.69
N ILE H 126 -22.90 -105.47 17.55
CA ILE H 126 -23.95 -105.57 16.54
C ILE H 126 -25.19 -106.24 17.14
N TYR H 127 -24.99 -107.38 17.78
CA TYR H 127 -26.17 -108.06 18.31
C TYR H 127 -26.65 -107.51 19.64
N TYR H 128 -25.92 -106.59 20.26
CA TYR H 128 -26.27 -106.08 21.58
C TYR H 128 -27.10 -104.80 21.53
N LEU H 129 -26.62 -103.78 20.82
CA LEU H 129 -27.28 -102.50 20.76
C LEU H 129 -28.52 -102.57 19.87
N GLN H 130 -29.26 -101.47 19.82
CA GLN H 130 -30.43 -101.38 18.96
C GLN H 130 -30.22 -100.34 17.87
N LYS H 131 -31.16 -100.29 16.93
CA LYS H 131 -31.02 -99.48 15.72
C LYS H 131 -31.74 -98.13 15.84
N GLY H 132 -33.05 -98.17 16.08
CA GLY H 132 -33.85 -96.96 16.15
C GLY H 132 -33.93 -96.33 17.52
N LYS H 133 -33.15 -96.81 18.48
CA LYS H 133 -33.15 -96.26 19.83
C LYS H 133 -31.79 -95.81 20.30
N GLU H 134 -30.73 -96.08 19.54
CA GLU H 134 -29.36 -95.80 19.93
C GLU H 134 -28.67 -94.97 18.85
N PRO H 135 -27.93 -93.94 19.24
CA PRO H 135 -27.00 -93.31 18.30
C PRO H 135 -25.78 -94.20 18.05
N LEU H 136 -25.73 -94.84 16.90
CA LEU H 136 -24.75 -95.89 16.65
C LEU H 136 -23.48 -95.38 15.97
N GLY H 137 -23.60 -94.34 15.15
CA GLY H 137 -22.44 -93.81 14.45
C GLY H 137 -21.43 -93.23 15.40
N ASN H 138 -21.89 -92.57 16.47
CA ASN H 138 -21.02 -92.11 17.54
C ASN H 138 -20.29 -93.27 18.20
N PHE H 139 -21.01 -94.36 18.46
CA PHE H 139 -20.44 -95.54 19.10
C PHE H 139 -19.31 -96.13 18.28
N TYR H 140 -19.54 -96.35 16.99
CA TYR H 140 -18.50 -96.99 16.19
C TYR H 140 -17.38 -96.03 15.80
N VAL H 141 -17.64 -94.73 15.73
CA VAL H 141 -16.56 -93.75 15.55
C VAL H 141 -15.62 -93.77 16.76
N TYR H 142 -16.18 -93.73 17.98
CA TYR H 142 -15.36 -93.71 19.19
C TYR H 142 -14.59 -95.00 19.35
N LEU H 143 -15.25 -96.14 19.10
CA LEU H 143 -14.63 -97.45 19.23
C LEU H 143 -13.50 -97.63 18.21
N LEU H 144 -13.70 -97.13 16.99
CA LEU H 144 -12.69 -97.35 15.97
C LEU H 144 -11.51 -96.38 16.14
N LEU H 145 -11.76 -95.17 16.66
CA LEU H 145 -10.68 -94.30 17.09
C LEU H 145 -9.85 -94.93 18.19
N PHE H 146 -10.52 -95.58 19.15
CA PHE H 146 -9.82 -96.25 20.23
C PHE H 146 -8.98 -97.42 19.73
N MET H 147 -9.52 -98.18 18.78
CA MET H 147 -8.79 -99.32 18.21
C MET H 147 -7.55 -98.87 17.44
N GLY H 148 -7.69 -97.81 16.64
CA GLY H 148 -6.54 -97.27 15.94
C GLY H 148 -5.50 -96.68 16.88
N ALA H 149 -5.95 -96.02 17.95
CA ALA H 149 -5.03 -95.47 18.93
C ALA H 149 -4.27 -96.55 19.68
N MET H 150 -4.94 -97.66 19.99
CA MET H 150 -4.28 -98.73 20.73
C MET H 150 -3.30 -99.49 19.85
N LEU H 151 -3.67 -99.73 18.59
CA LEU H 151 -2.72 -100.29 17.63
C LEU H 151 -1.55 -99.36 17.39
N GLY H 152 -1.75 -98.05 17.54
CA GLY H 152 -0.63 -97.14 17.45
C GLY H 152 0.25 -97.17 18.69
N VAL H 153 -0.35 -97.35 19.87
CA VAL H 153 0.42 -97.46 21.12
C VAL H 153 1.35 -98.65 21.06
N VAL H 154 0.84 -99.79 20.59
CA VAL H 154 1.60 -101.03 20.60
C VAL H 154 2.74 -100.98 19.58
N LEU H 155 2.43 -100.57 18.36
CA LEU H 155 3.40 -100.70 17.27
C LEU H 155 4.47 -99.64 17.25
N SER H 156 4.38 -98.61 18.09
CA SER H 156 5.22 -97.42 17.94
C SER H 156 6.63 -97.65 18.45
N ASP H 157 7.59 -97.00 17.80
CA ASP H 157 8.99 -97.02 18.18
C ASP H 157 9.48 -95.65 18.62
N HIS H 158 8.75 -94.60 18.31
CA HIS H 158 9.09 -93.24 18.69
C HIS H 158 8.36 -92.88 19.98
N LEU H 159 9.02 -92.08 20.82
CA LEU H 159 8.45 -91.78 22.13
C LEU H 159 7.32 -90.76 22.05
N ILE H 160 7.47 -89.72 21.23
CA ILE H 160 6.43 -88.71 21.09
C ILE H 160 5.23 -89.28 20.34
N ALA H 161 5.47 -90.16 19.36
CA ALA H 161 4.37 -90.85 18.68
C ALA H 161 3.62 -91.78 19.63
N LEU H 162 4.36 -92.49 20.49
CA LEU H 162 3.75 -93.32 21.52
C LEU H 162 2.92 -92.49 22.48
N TYR H 163 3.41 -91.29 22.84
CA TYR H 163 2.62 -90.42 23.70
C TYR H 163 1.37 -89.88 23.00
N MET H 164 1.48 -89.59 21.70
CA MET H 164 0.35 -89.13 20.92
C MET H 164 -0.77 -90.17 20.89
N PHE H 165 -0.40 -91.41 20.57
CA PHE H 165 -1.35 -92.51 20.52
C PHE H 165 -1.91 -92.83 21.92
N TRP H 166 -1.08 -92.68 22.95
CA TRP H 166 -1.49 -92.80 24.35
C TRP H 166 -2.61 -91.82 24.68
N GLU H 167 -2.42 -90.56 24.30
CA GLU H 167 -3.40 -89.54 24.59
C GLU H 167 -4.68 -89.75 23.81
N LEU H 168 -4.57 -90.21 22.56
CA LEU H 168 -5.76 -90.51 21.77
C LEU H 168 -6.56 -91.66 22.37
N THR H 169 -5.85 -92.66 22.91
CA THR H 169 -6.48 -93.73 23.68
C THR H 169 -7.27 -93.19 24.86
N SER H 170 -6.66 -92.27 25.62
CA SER H 170 -7.33 -91.69 26.78
C SER H 170 -8.57 -90.90 26.40
N ILE H 171 -8.50 -90.10 25.32
CA ILE H 171 -9.64 -89.28 24.92
C ILE H 171 -10.78 -90.14 24.37
N SER H 172 -10.45 -91.16 23.57
CA SER H 172 -11.48 -92.01 23.00
C SER H 172 -12.16 -92.87 24.07
N SER H 173 -11.40 -93.32 25.07
CA SER H 173 -12.01 -94.06 26.17
C SER H 173 -12.87 -93.15 27.04
N PHE H 174 -12.44 -91.91 27.25
CA PHE H 174 -13.27 -90.90 27.90
C PHE H 174 -14.60 -90.71 27.18
N LEU H 175 -14.56 -90.70 25.85
CA LEU H 175 -15.81 -90.58 25.09
C LEU H 175 -16.67 -91.83 25.21
N LEU H 176 -16.04 -93.01 25.27
CA LEU H 176 -16.79 -94.26 25.32
C LEU H 176 -17.44 -94.51 26.68
N ILE H 177 -16.84 -94.04 27.77
CA ILE H 177 -17.42 -94.27 29.10
C ILE H 177 -18.71 -93.48 29.27
N ALA H 178 -18.78 -92.27 28.71
CA ALA H 178 -19.93 -91.39 28.87
C ALA H 178 -20.87 -91.48 27.69
N TYR H 179 -21.09 -92.69 27.16
CA TYR H 179 -21.89 -92.87 25.95
C TYR H 179 -23.33 -92.46 26.16
N TRP H 180 -23.88 -92.67 27.35
CA TRP H 180 -25.18 -92.10 27.71
C TRP H 180 -24.90 -90.84 28.51
N PHE H 181 -24.89 -89.70 27.82
CA PHE H 181 -24.57 -88.45 28.48
C PHE H 181 -25.74 -87.87 29.25
N LYS H 182 -26.96 -88.36 29.05
CA LYS H 182 -28.11 -87.87 29.78
C LYS H 182 -28.27 -88.48 31.17
N ARG H 183 -27.29 -89.22 31.67
CA ARG H 183 -27.33 -89.78 33.00
C ARG H 183 -26.07 -89.35 33.76
N ASP H 184 -26.24 -89.12 35.07
CA ASP H 184 -25.23 -88.40 35.85
C ASP H 184 -24.00 -89.24 36.13
N ARG H 185 -24.21 -90.50 36.53
CA ARG H 185 -23.13 -91.36 37.00
C ARG H 185 -22.14 -91.69 35.89
N SER H 186 -22.59 -91.70 34.63
CA SER H 186 -21.69 -91.86 33.50
C SER H 186 -20.76 -90.66 33.37
N ARG H 187 -21.28 -89.46 33.62
CA ARG H 187 -20.46 -88.27 33.54
C ARG H 187 -19.48 -88.18 34.70
N TYR H 188 -19.90 -88.62 35.90
CA TYR H 188 -18.97 -88.71 37.03
C TYR H 188 -17.84 -89.68 36.75
N GLY H 189 -18.17 -90.87 36.23
CA GLY H 189 -17.15 -91.86 35.93
C GLY H 189 -16.20 -91.41 34.83
N ALA H 190 -16.74 -90.76 33.79
CA ALA H 190 -15.90 -90.25 32.71
C ALA H 190 -14.97 -89.15 33.19
N GLN H 191 -15.47 -88.28 34.07
CA GLN H 191 -14.64 -87.20 34.60
C GLN H 191 -13.51 -87.72 35.46
N LYS H 192 -13.81 -88.68 36.34
CA LYS H 192 -12.79 -89.23 37.23
C LYS H 192 -11.73 -90.01 36.45
N SER H 193 -12.16 -90.84 35.48
CA SER H 193 -11.23 -91.59 34.67
C SER H 193 -10.37 -90.67 33.81
N MET H 194 -10.97 -89.59 33.30
CA MET H 194 -10.24 -88.60 32.52
C MET H 194 -9.14 -87.95 33.35
N LEU H 195 -9.47 -87.50 34.57
CA LEU H 195 -8.49 -86.80 35.38
C LEU H 195 -7.35 -87.70 35.81
N ILE H 196 -7.64 -88.94 36.23
CA ILE H 196 -6.58 -89.86 36.64
C ILE H 196 -5.67 -90.23 35.47
N THR H 197 -6.26 -90.62 34.34
CA THR H 197 -5.43 -91.06 33.22
C THR H 197 -4.68 -89.91 32.56
N MET H 198 -5.24 -88.70 32.55
CA MET H 198 -4.49 -87.56 32.04
C MET H 198 -3.33 -87.18 32.95
N PHE H 199 -3.52 -87.30 34.27
CA PHE H 199 -2.43 -87.07 35.22
C PHE H 199 -1.28 -88.03 34.98
N GLY H 200 -1.59 -89.30 34.83
CA GLY H 200 -0.56 -90.28 34.51
C GLY H 200 0.08 -90.06 33.15
N GLY H 201 -0.71 -89.65 32.16
CA GLY H 201 -0.16 -89.44 30.83
C GLY H 201 0.78 -88.24 30.75
N LEU H 202 0.45 -87.17 31.46
CA LEU H 202 1.33 -86.00 31.48
C LEU H 202 2.64 -86.29 32.20
N LEU H 203 2.59 -87.01 33.33
CA LEU H 203 3.86 -87.36 33.97
C LEU H 203 4.63 -88.40 33.15
N MET H 204 3.93 -89.23 32.39
CA MET H 204 4.57 -90.12 31.42
C MET H 204 5.30 -89.34 30.34
N LEU H 205 4.70 -88.26 29.85
CA LEU H 205 5.36 -87.38 28.88
C LEU H 205 6.61 -86.76 29.46
N GLY H 206 6.55 -86.31 30.72
CA GLY H 206 7.74 -85.78 31.37
C GLY H 206 8.87 -86.80 31.49
N GLY H 207 8.52 -88.04 31.82
CA GLY H 207 9.51 -89.09 31.87
C GLY H 207 10.10 -89.43 30.51
N PHE H 208 9.25 -89.41 29.47
CA PHE H 208 9.73 -89.65 28.10
C PHE H 208 10.72 -88.57 27.67
N VAL H 209 10.43 -87.32 28.01
CA VAL H 209 11.33 -86.22 27.64
C VAL H 209 12.66 -86.32 28.39
N ALA H 210 12.60 -86.66 29.68
CA ALA H 210 13.83 -86.82 30.47
C ALA H 210 14.67 -87.98 29.96
N LEU H 211 14.02 -89.08 29.55
CA LEU H 211 14.74 -90.21 28.97
C LEU H 211 15.34 -89.85 27.62
N ALA H 212 14.63 -89.08 26.81
CA ALA H 212 15.14 -88.68 25.51
C ALA H 212 16.29 -87.70 25.61
N ILE H 213 16.37 -86.94 26.70
CA ILE H 213 17.55 -86.10 26.93
C ILE H 213 18.70 -86.95 27.47
N ALA H 214 18.38 -87.94 28.31
CA ALA H 214 19.40 -88.80 28.90
C ALA H 214 20.12 -89.64 27.84
N GLY H 215 19.36 -90.21 26.92
CA GLY H 215 19.96 -90.79 25.74
C GLY H 215 20.18 -89.76 24.67
N GLY H 216 20.85 -90.17 23.59
CA GLY H 216 21.07 -89.24 22.50
C GLY H 216 19.88 -89.06 21.60
N THR H 217 19.00 -90.04 21.53
CA THR H 217 17.97 -90.14 20.49
C THR H 217 16.58 -90.21 21.10
N TYR H 218 15.59 -90.42 20.23
CA TYR H 218 14.20 -90.58 20.62
C TYR H 218 13.64 -91.97 20.39
N ASN H 219 14.25 -92.76 19.51
CA ASN H 219 13.74 -94.08 19.21
C ASN H 219 14.17 -95.09 20.26
N ILE H 220 13.27 -96.02 20.58
CA ILE H 220 13.47 -96.91 21.71
C ILE H 220 14.55 -97.95 21.42
N ARG H 221 14.70 -98.35 20.15
CA ARG H 221 15.67 -99.38 19.82
C ARG H 221 17.10 -98.88 19.79
N GLU H 222 17.33 -97.57 19.87
CA GLU H 222 18.68 -97.05 20.04
C GLU H 222 18.98 -96.64 21.46
N LEU H 223 17.96 -96.49 22.31
CA LEU H 223 18.20 -96.25 23.72
C LEU H 223 18.66 -97.51 24.45
N VAL H 224 18.45 -98.69 23.87
CA VAL H 224 18.86 -99.93 24.50
C VAL H 224 20.38 -100.10 24.38
N HIS H 225 20.96 -99.71 23.26
CA HIS H 225 22.37 -99.95 22.98
C HIS H 225 23.27 -98.81 23.48
N THR H 226 22.84 -98.07 24.49
CA THR H 226 23.63 -96.98 25.04
C THR H 226 23.52 -96.99 26.56
N PRO H 227 24.58 -96.60 27.28
CA PRO H 227 24.49 -96.58 28.74
C PRO H 227 23.76 -95.33 29.25
N LEU H 228 22.94 -95.54 30.28
CA LEU H 228 22.10 -94.47 30.80
C LEU H 228 22.14 -94.29 32.31
N THR H 229 22.89 -95.13 33.04
CA THR H 229 22.94 -94.98 34.49
C THR H 229 23.89 -93.88 34.94
N GLU H 230 24.81 -93.47 34.09
CA GLU H 230 25.75 -92.40 34.42
C GLU H 230 25.21 -91.04 33.99
N HIS H 231 23.98 -90.73 34.39
CA HIS H 231 23.34 -89.50 33.94
C HIS H 231 22.35 -89.08 35.02
N PRO H 232 22.27 -87.78 35.34
CA PRO H 232 21.41 -87.34 36.43
C PRO H 232 19.93 -87.44 36.15
N LEU H 233 19.52 -87.52 34.89
CA LEU H 233 18.11 -87.58 34.53
C LEU H 233 17.57 -88.99 34.42
N PHE H 234 18.31 -89.99 34.88
CA PHE H 234 17.89 -91.38 34.74
C PHE H 234 16.81 -91.74 35.75
N ILE H 235 17.05 -91.43 37.02
CA ILE H 235 16.09 -91.68 38.11
C ILE H 235 14.79 -90.87 37.99
N PRO H 236 14.79 -89.55 37.65
CA PRO H 236 13.47 -88.90 37.46
C PRO H 236 12.69 -89.42 36.28
N ALA H 237 13.37 -89.79 35.19
CA ALA H 237 12.70 -90.42 34.06
C ALA H 237 12.09 -91.76 34.46
N LEU H 238 12.83 -92.53 35.26
CA LEU H 238 12.34 -93.80 35.77
C LEU H 238 11.07 -93.62 36.60
N VAL H 239 11.10 -92.67 37.53
CA VAL H 239 9.97 -92.46 38.43
C VAL H 239 8.76 -91.92 37.67
N LEU H 240 8.97 -91.02 36.70
CA LEU H 240 7.84 -90.44 35.99
C LEU H 240 7.20 -91.41 35.00
N ILE H 241 8.02 -92.14 34.22
CA ILE H 241 7.49 -93.19 33.33
C ILE H 241 6.78 -94.26 34.14
N LEU H 242 7.35 -94.65 35.27
CA LEU H 242 6.79 -95.69 36.11
C LEU H 242 5.48 -95.23 36.75
N PHE H 243 5.40 -93.95 37.09
CA PHE H 243 4.20 -93.37 37.64
C PHE H 243 3.07 -93.38 36.63
N GLY H 244 3.37 -92.99 35.39
CA GLY H 244 2.34 -93.00 34.35
C GLY H 244 1.88 -94.39 33.97
N ALA H 245 2.81 -95.34 33.91
CA ALA H 245 2.46 -96.71 33.57
C ALA H 245 1.66 -97.38 34.68
N PHE H 246 1.93 -97.02 35.94
CA PHE H 246 1.09 -97.51 37.03
C PHE H 246 -0.28 -96.85 37.00
N THR H 247 -0.35 -95.62 36.49
CA THR H 247 -1.61 -94.90 36.48
C THR H 247 -2.56 -95.44 35.43
N LYS H 248 -2.03 -95.86 34.26
CA LYS H 248 -2.89 -96.36 33.19
C LYS H 248 -3.50 -97.72 33.54
N SER H 249 -2.68 -98.64 34.02
CA SER H 249 -3.09 -100.02 34.21
C SER H 249 -3.81 -100.27 35.55
N ALA H 250 -4.29 -99.23 36.21
CA ALA H 250 -5.12 -99.30 37.43
C ALA H 250 -4.41 -100.05 38.56
N GLN H 251 -3.25 -99.54 38.93
CA GLN H 251 -2.47 -100.10 40.02
C GLN H 251 -2.90 -99.47 41.34
N PHE H 252 -2.11 -99.68 42.37
CA PHE H 252 -2.36 -99.01 43.65
C PHE H 252 -1.57 -97.71 43.71
N PRO H 253 -2.18 -96.60 44.12
CA PRO H 253 -3.58 -96.45 44.54
C PRO H 253 -4.49 -95.99 43.41
N PHE H 254 -4.04 -96.09 42.16
CA PHE H 254 -4.75 -95.50 41.04
C PHE H 254 -5.75 -96.45 40.40
N TYR H 255 -6.19 -97.46 41.11
CA TYR H 255 -7.24 -98.35 40.63
C TYR H 255 -8.63 -97.74 40.77
N ILE H 256 -8.74 -96.49 41.20
CA ILE H 256 -10.00 -95.92 41.65
C ILE H 256 -10.98 -95.69 40.49
N TRP H 257 -10.47 -95.40 39.30
CA TRP H 257 -11.33 -95.00 38.19
C TRP H 257 -12.03 -96.18 37.53
N LEU H 258 -11.45 -97.36 37.63
CA LEU H 258 -11.94 -98.52 36.90
C LEU H 258 -13.25 -99.12 37.42
N PRO H 259 -13.56 -99.16 38.73
CA PRO H 259 -14.91 -99.58 39.11
C PRO H 259 -16.00 -98.56 38.82
N ASP H 260 -15.67 -97.30 38.54
CA ASP H 260 -16.70 -96.33 38.19
C ASP H 260 -16.81 -96.14 36.69
N ALA H 261 -15.90 -96.73 35.91
CA ALA H 261 -16.03 -96.82 34.47
C ALA H 261 -16.92 -97.99 34.03
N MET H 262 -17.72 -98.53 34.93
CA MET H 262 -18.63 -99.63 34.64
C MET H 262 -20.01 -99.16 34.24
N GLU H 263 -20.20 -97.87 34.03
CA GLU H 263 -21.47 -97.37 33.50
C GLU H 263 -21.45 -97.25 31.99
N ALA H 264 -20.39 -97.72 31.35
CA ALA H 264 -20.28 -97.77 29.90
C ALA H 264 -21.23 -98.82 29.35
N PRO H 265 -21.41 -98.88 28.02
CA PRO H 265 -21.99 -100.09 27.44
C PRO H 265 -21.09 -101.29 27.67
N THR H 266 -21.72 -102.46 27.71
CA THR H 266 -21.04 -103.71 28.02
C THR H 266 -19.97 -104.13 27.00
N PRO H 267 -20.13 -103.91 25.66
CA PRO H 267 -18.96 -104.12 24.79
C PRO H 267 -17.79 -103.20 25.06
N VAL H 268 -18.05 -101.95 25.46
CA VAL H 268 -16.99 -101.03 25.86
C VAL H 268 -16.26 -101.57 27.08
N SER H 269 -17.03 -102.01 28.08
CA SER H 269 -16.45 -102.57 29.31
C SER H 269 -15.59 -103.77 29.00
N ALA H 270 -16.12 -104.72 28.22
CA ALA H 270 -15.40 -105.92 27.81
C ALA H 270 -14.09 -105.59 27.12
N TYR H 271 -14.17 -104.88 26.00
CA TYR H 271 -13.00 -104.63 25.16
C TYR H 271 -11.96 -103.77 25.86
N LEU H 272 -12.38 -102.60 26.37
CA LEU H 272 -11.45 -101.65 26.97
C LEU H 272 -10.89 -102.17 28.28
N HIS H 273 -11.75 -102.59 29.21
CA HIS H 273 -11.31 -102.96 30.53
C HIS H 273 -11.09 -104.45 30.65
N SER H 274 -10.89 -105.15 29.54
CA SER H 274 -10.39 -106.50 29.55
C SER H 274 -9.09 -106.65 28.79
N ALA H 275 -8.98 -106.07 27.59
CA ALA H 275 -7.89 -106.47 26.72
C ALA H 275 -6.98 -105.35 26.25
N THR H 276 -7.42 -104.10 26.21
CA THR H 276 -6.67 -103.08 25.49
C THR H 276 -6.11 -101.97 26.38
N MET H 277 -6.94 -101.22 27.10
CA MET H 277 -6.43 -100.01 27.73
C MET H 277 -5.77 -100.32 29.07
N VAL H 278 -6.33 -101.26 29.83
CA VAL H 278 -5.76 -101.64 31.11
C VAL H 278 -4.45 -102.41 30.99
N LYS H 279 -4.03 -102.76 29.78
CA LYS H 279 -2.75 -103.42 29.53
C LYS H 279 -1.75 -102.50 28.84
N ALA H 280 -2.07 -101.21 28.69
CA ALA H 280 -1.14 -100.29 28.05
C ALA H 280 0.06 -100.00 28.95
N GLY H 281 -0.19 -99.79 30.24
CA GLY H 281 0.91 -99.63 31.18
C GLY H 281 1.73 -100.89 31.33
N ILE H 282 1.08 -102.05 31.23
CA ILE H 282 1.78 -103.33 31.19
C ILE H 282 2.72 -103.39 30.00
N TYR H 283 2.25 -102.93 28.83
CA TYR H 283 3.11 -102.89 27.65
C TYR H 283 4.28 -101.94 27.83
N VAL H 284 4.05 -100.79 28.46
CA VAL H 284 5.12 -99.80 28.61
C VAL H 284 6.19 -100.31 29.57
N ILE H 285 5.77 -100.95 30.66
CA ILE H 285 6.71 -101.54 31.61
C ILE H 285 7.51 -102.66 30.94
N ALA H 286 6.82 -103.57 30.25
CA ALA H 286 7.52 -104.67 29.58
C ALA H 286 8.33 -104.22 28.37
N ARG H 287 8.02 -103.05 27.82
CA ARG H 287 8.74 -102.54 26.66
C ARG H 287 10.03 -101.83 27.08
N LEU H 288 9.99 -101.09 28.18
CA LEU H 288 11.15 -100.36 28.67
C LEU H 288 11.92 -101.11 29.73
N THR H 289 11.52 -102.34 30.06
CA THR H 289 12.31 -103.21 30.93
C THR H 289 13.78 -103.42 30.52
N PRO H 290 14.18 -103.58 29.25
CA PRO H 290 15.62 -103.70 28.98
C PRO H 290 16.44 -102.44 29.20
N ILE H 291 15.82 -101.31 29.58
CA ILE H 291 16.53 -100.09 29.89
C ILE H 291 16.60 -99.86 31.38
N PHE H 292 15.45 -99.89 32.07
CA PHE H 292 15.38 -99.44 33.46
C PHE H 292 15.55 -100.55 34.48
N ALA H 293 15.53 -101.81 34.09
CA ALA H 293 15.64 -102.89 35.08
C ALA H 293 17.07 -103.20 35.46
N VAL H 294 18.05 -102.41 35.00
CA VAL H 294 19.40 -102.55 35.51
C VAL H 294 19.52 -101.91 36.89
N SER H 295 18.58 -101.04 37.27
CA SER H 295 18.52 -100.49 38.62
C SER H 295 17.53 -101.27 39.47
N SER H 296 17.63 -101.09 40.78
CA SER H 296 16.79 -101.81 41.71
C SER H 296 15.48 -101.10 42.01
N VAL H 297 15.44 -99.78 41.82
CA VAL H 297 14.25 -98.99 42.14
C VAL H 297 13.08 -99.41 41.27
N TRP H 298 13.35 -99.59 39.96
CA TRP H 298 12.35 -100.07 39.00
C TRP H 298 11.77 -101.40 39.41
N VAL H 299 12.63 -102.39 39.62
CA VAL H 299 12.16 -103.77 39.79
C VAL H 299 11.46 -103.95 41.13
N TRP H 300 11.96 -103.29 42.18
CA TRP H 300 11.30 -103.48 43.46
C TRP H 300 10.04 -102.64 43.58
N THR H 301 10.00 -101.46 42.95
CA THR H 301 8.77 -100.68 42.92
C THR H 301 7.66 -101.42 42.19
N VAL H 302 7.99 -101.97 41.02
CA VAL H 302 7.02 -102.70 40.21
C VAL H 302 6.49 -103.93 40.95
N ALA H 303 7.41 -104.74 41.49
CA ALA H 303 7.03 -105.98 42.18
C ALA H 303 6.19 -105.71 43.42
N LEU H 304 6.60 -104.73 44.23
CA LEU H 304 5.88 -104.49 45.48
C LEU H 304 4.51 -103.86 45.24
N VAL H 305 4.38 -102.93 44.28
CA VAL H 305 3.06 -102.35 44.09
C VAL H 305 2.14 -103.35 43.38
N GLY H 306 2.71 -104.28 42.61
CA GLY H 306 1.90 -105.33 42.03
C GLY H 306 1.33 -106.28 43.06
N LEU H 307 2.16 -106.70 44.03
CA LEU H 307 1.68 -107.56 45.10
C LEU H 307 0.65 -106.85 45.98
N VAL H 308 0.88 -105.56 46.26
CA VAL H 308 -0.04 -104.79 47.10
C VAL H 308 -1.41 -104.67 46.44
N THR H 309 -1.45 -104.30 45.15
CA THR H 309 -2.76 -104.16 44.52
C THR H 309 -3.41 -105.51 44.20
N LEU H 310 -2.62 -106.57 44.01
CA LEU H 310 -3.17 -107.92 43.91
C LEU H 310 -3.94 -108.31 45.15
N CYS H 311 -3.31 -108.20 46.31
CA CYS H 311 -3.97 -108.59 47.55
C CYS H 311 -5.12 -107.64 47.90
N TRP H 312 -4.98 -106.35 47.60
CA TRP H 312 -6.01 -105.39 47.96
C TRP H 312 -7.26 -105.55 47.10
N ALA H 313 -7.09 -105.73 45.78
CA ALA H 313 -8.27 -105.94 44.94
C ALA H 313 -8.88 -107.31 45.14
N SER H 314 -8.06 -108.33 45.43
CA SER H 314 -8.60 -109.65 45.72
C SER H 314 -9.40 -109.64 47.02
N PHE H 315 -9.01 -108.80 47.98
CA PHE H 315 -9.81 -108.65 49.17
C PHE H 315 -11.12 -107.91 48.88
N LEU H 316 -11.03 -106.82 48.12
CA LEU H 316 -12.21 -105.98 47.93
C LEU H 316 -13.24 -106.56 46.95
N ALA H 317 -12.86 -107.54 46.13
CA ALA H 317 -13.76 -108.02 45.09
C ALA H 317 -14.94 -108.82 45.64
N SER H 318 -14.89 -109.28 46.88
CA SER H 318 -15.95 -110.10 47.44
C SER H 318 -17.03 -109.30 48.16
N LYS H 319 -16.89 -107.99 48.23
CA LYS H 319 -17.86 -107.15 48.92
C LYS H 319 -19.02 -106.73 48.03
N GLN H 320 -18.82 -106.69 46.73
CA GLN H 320 -19.75 -106.05 45.82
C GLN H 320 -21.01 -106.89 45.61
N THR H 321 -22.08 -106.23 45.20
CA THR H 321 -23.38 -106.87 45.02
C THR H 321 -23.86 -106.87 43.58
N ASP H 322 -23.08 -106.37 42.63
CA ASP H 322 -23.40 -106.47 41.22
C ASP H 322 -22.22 -107.06 40.47
N LEU H 323 -22.48 -107.50 39.23
CA LEU H 323 -21.53 -108.33 38.50
C LEU H 323 -20.32 -107.53 38.01
N LYS H 324 -20.57 -106.31 37.52
CA LYS H 324 -19.50 -105.57 36.84
C LYS H 324 -18.46 -105.01 37.80
N ALA H 325 -18.87 -104.65 39.02
CA ALA H 325 -17.88 -104.20 40.00
C ALA H 325 -16.99 -105.35 40.44
N ILE H 326 -17.57 -106.54 40.61
CA ILE H 326 -16.81 -107.75 40.89
C ILE H 326 -15.79 -108.01 39.80
N LEU H 327 -16.20 -107.88 38.53
CA LEU H 327 -15.26 -108.10 37.44
C LEU H 327 -14.22 -106.99 37.33
N ALA H 328 -14.56 -105.78 37.76
CA ALA H 328 -13.59 -104.69 37.74
C ALA H 328 -12.48 -104.89 38.77
N TYR H 329 -12.85 -105.24 40.01
CA TYR H 329 -11.83 -105.55 41.01
C TYR H 329 -11.07 -106.82 40.66
N SER H 330 -11.73 -107.76 39.98
CA SER H 330 -11.05 -108.94 39.45
C SER H 330 -9.96 -108.55 38.46
N THR H 331 -10.29 -107.63 37.55
CA THR H 331 -9.35 -107.14 36.55
C THR H 331 -8.15 -106.47 37.22
N VAL H 332 -8.41 -105.65 38.24
CA VAL H 332 -7.32 -104.97 38.96
C VAL H 332 -6.41 -106.00 39.64
N SER H 333 -6.98 -107.05 40.21
CA SER H 333 -6.19 -108.08 40.88
C SER H 333 -5.29 -108.83 39.91
N GLN H 334 -5.82 -109.27 38.76
CA GLN H 334 -4.96 -110.00 37.82
C GLN H 334 -3.93 -109.10 37.16
N LEU H 335 -4.25 -107.81 36.97
CA LEU H 335 -3.23 -106.88 36.47
C LEU H 335 -2.10 -106.70 37.47
N GLY H 336 -2.42 -106.67 38.77
CA GLY H 336 -1.38 -106.62 39.78
C GLY H 336 -0.51 -107.86 39.79
N LEU H 337 -1.13 -109.02 39.55
CA LEU H 337 -0.38 -110.26 39.43
C LEU H 337 0.61 -110.21 38.27
N ILE H 338 0.14 -109.73 37.11
CA ILE H 338 0.98 -109.64 35.90
C ILE H 338 2.14 -108.68 36.12
N THR H 339 1.88 -107.54 36.76
CA THR H 339 2.98 -106.59 36.92
C THR H 339 3.96 -107.01 38.01
N SER H 340 3.52 -107.73 39.04
CA SER H 340 4.47 -108.28 40.01
C SER H 340 5.39 -109.32 39.35
N LEU H 341 4.83 -110.14 38.45
CA LEU H 341 5.67 -111.04 37.68
C LEU H 341 6.61 -110.29 36.75
N LEU H 342 6.19 -109.15 36.22
CA LEU H 342 7.09 -108.30 35.44
C LEU H 342 8.22 -107.73 36.28
N GLY H 343 7.96 -107.46 37.56
CA GLY H 343 9.03 -107.00 38.45
C GLY H 343 10.07 -108.07 38.73
N ILE H 344 9.62 -109.31 38.96
CA ILE H 344 10.57 -110.40 39.14
C ILE H 344 11.35 -110.68 37.85
N GLY H 345 10.67 -110.54 36.71
CA GLY H 345 11.38 -110.62 35.45
C GLY H 345 12.34 -109.48 35.20
N GLY H 346 12.13 -108.34 35.85
CA GLY H 346 13.15 -107.31 35.86
C GLY H 346 14.34 -107.69 36.71
N LEU H 347 14.09 -108.40 37.83
CA LEU H 347 15.17 -108.94 38.64
C LEU H 347 16.04 -109.95 37.89
N SER H 348 15.50 -110.55 36.84
CA SER H 348 16.28 -111.45 35.98
C SER H 348 17.53 -110.83 35.35
N PHE H 349 17.60 -109.50 35.20
CA PHE H 349 18.69 -108.89 34.46
C PHE H 349 20.01 -108.81 35.20
N HIS H 350 20.02 -108.91 36.53
CA HIS H 350 21.25 -108.66 37.27
C HIS H 350 22.21 -109.83 37.18
N TYR H 351 21.83 -110.98 37.72
CA TYR H 351 22.69 -112.15 37.74
C TYR H 351 21.83 -113.37 38.05
N ASP H 352 22.29 -114.52 37.55
CA ASP H 352 21.71 -115.81 37.88
C ASP H 352 22.80 -116.73 38.42
N GLY H 353 22.50 -117.41 39.53
CA GLY H 353 23.51 -118.20 40.20
C GLY H 353 23.89 -119.48 39.48
N MET H 354 25.09 -119.48 38.89
CA MET H 354 25.71 -120.65 38.26
C MET H 354 24.86 -121.23 37.15
N GLY H 355 24.27 -120.37 36.32
CA GLY H 355 23.46 -120.82 35.21
C GLY H 355 22.12 -121.41 35.58
N GLU H 356 21.59 -121.08 36.76
CA GLU H 356 20.26 -121.54 37.14
C GLU H 356 19.19 -120.86 36.29
N ASN H 357 19.24 -119.52 36.23
CA ASN H 357 18.48 -118.68 35.30
C ASN H 357 16.97 -118.84 35.51
N VAL H 358 16.56 -118.84 36.78
CA VAL H 358 15.19 -119.20 37.11
C VAL H 358 14.24 -118.02 36.93
N PHE H 359 14.75 -116.78 37.08
CA PHE H 359 13.88 -115.61 37.11
C PHE H 359 13.20 -115.35 35.78
N MET H 360 13.84 -115.80 34.68
CA MET H 360 13.24 -115.70 33.34
C MET H 360 11.89 -116.39 33.24
N VAL H 361 11.68 -117.44 34.04
CA VAL H 361 10.40 -118.14 34.09
C VAL H 361 9.27 -117.18 34.42
N ALA H 362 9.55 -116.23 35.33
CA ALA H 362 8.57 -115.22 35.72
C ALA H 362 8.06 -114.41 34.54
N VAL H 363 8.98 -114.06 33.61
CA VAL H 363 8.62 -113.30 32.42
C VAL H 363 7.58 -114.06 31.62
N LEU H 364 7.87 -115.34 31.38
CA LEU H 364 6.98 -116.21 30.61
C LEU H 364 5.63 -116.32 31.29
N ALA H 365 5.65 -116.44 32.63
CA ALA H 365 4.43 -116.55 33.42
C ALA H 365 3.56 -115.34 33.21
N ALA H 366 4.18 -114.15 33.27
CA ALA H 366 3.49 -112.88 33.09
C ALA H 366 2.81 -112.84 31.73
N ILE H 367 3.60 -113.15 30.69
CA ILE H 367 3.11 -113.03 29.33
C ILE H 367 2.01 -114.03 29.09
N PHE H 368 2.17 -115.23 29.68
CA PHE H 368 1.17 -116.28 29.52
C PHE H 368 -0.14 -115.83 30.13
N HIS H 369 -0.07 -115.36 31.39
CA HIS H 369 -1.28 -114.96 32.07
C HIS H 369 -1.86 -113.71 31.44
N LEU H 370 -0.97 -112.88 30.86
CA LEU H 370 -1.39 -111.70 30.11
C LEU H 370 -2.34 -112.09 29.01
N PHE H 371 -1.87 -112.98 28.12
CA PHE H 371 -2.67 -113.51 27.03
C PHE H 371 -3.92 -114.17 27.58
N ASN H 372 -3.71 -114.98 28.63
CA ASN H 372 -4.77 -115.77 29.25
C ASN H 372 -5.87 -114.87 29.75
N HIS H 373 -5.48 -113.79 30.45
CA HIS H 373 -6.44 -112.94 31.15
C HIS H 373 -7.41 -112.34 30.16
N ALA H 374 -6.85 -111.86 29.03
CA ALA H 374 -7.61 -111.11 28.05
C ALA H 374 -8.77 -111.94 27.55
N THR H 375 -8.46 -113.20 27.24
CA THR H 375 -9.43 -114.10 26.63
C THR H 375 -10.62 -114.31 27.55
N PHE H 376 -10.36 -114.81 28.77
CA PHE H 376 -11.53 -115.19 29.56
C PHE H 376 -12.24 -113.97 30.11
N LYS H 377 -11.51 -112.85 30.26
CA LYS H 377 -12.14 -111.70 30.88
C LYS H 377 -13.14 -111.10 29.92
N GLY H 378 -12.81 -111.14 28.62
CA GLY H 378 -13.74 -110.65 27.62
C GLY H 378 -15.02 -111.44 27.64
N SER H 379 -14.88 -112.77 27.73
CA SER H 379 -16.03 -113.66 27.71
C SER H 379 -16.93 -113.41 28.91
N LEU H 380 -16.31 -113.12 30.06
CA LEU H 380 -17.08 -112.96 31.29
C LEU H 380 -17.97 -111.73 31.20
N PHE H 381 -17.44 -110.63 30.64
CA PHE H 381 -18.26 -109.42 30.53
C PHE H 381 -19.40 -109.64 29.57
N MET H 382 -19.13 -110.37 28.48
CA MET H 382 -20.17 -110.66 27.50
C MET H 382 -21.28 -111.46 28.15
N VAL H 383 -20.91 -112.40 29.02
CA VAL H 383 -21.86 -113.25 29.73
C VAL H 383 -22.79 -112.38 30.58
N VAL H 384 -22.22 -111.43 31.32
CA VAL H 384 -23.07 -110.71 32.25
C VAL H 384 -23.94 -109.73 31.48
N GLY H 385 -23.44 -109.27 30.32
CA GLY H 385 -24.24 -108.39 29.48
C GLY H 385 -25.48 -109.10 28.98
N ILE H 386 -25.32 -110.37 28.59
CA ILE H 386 -26.43 -111.19 28.13
C ILE H 386 -27.47 -111.30 29.23
N VAL H 387 -27.02 -111.65 30.44
CA VAL H 387 -27.98 -111.97 31.48
C VAL H 387 -28.64 -110.70 31.96
N ASP H 388 -27.97 -109.55 31.75
CA ASP H 388 -28.54 -108.26 32.04
C ASP H 388 -29.84 -108.06 31.25
N HIS H 389 -29.74 -108.10 29.92
CA HIS H 389 -30.96 -107.92 29.16
C HIS H 389 -31.68 -109.24 28.91
N GLU H 390 -31.36 -110.27 29.70
CA GLU H 390 -32.25 -111.41 29.79
C GLU H 390 -32.98 -111.45 31.12
N THR H 391 -32.64 -110.57 32.05
CA THR H 391 -33.33 -110.52 33.33
C THR H 391 -33.82 -109.12 33.67
N GLY H 392 -33.06 -108.10 33.29
CA GLY H 392 -33.36 -106.72 33.61
C GLY H 392 -32.51 -106.16 34.71
N THR H 393 -31.84 -107.02 35.47
CA THR H 393 -31.00 -106.61 36.58
C THR H 393 -29.59 -107.14 36.38
N ARG H 394 -28.69 -106.64 37.22
CA ARG H 394 -27.36 -107.20 37.31
C ARG H 394 -26.88 -107.25 38.75
N ASP H 395 -27.78 -107.04 39.72
CA ASP H 395 -27.41 -107.25 41.11
C ASP H 395 -27.41 -108.74 41.44
N ILE H 396 -26.70 -109.08 42.51
CA ILE H 396 -26.53 -110.49 42.86
C ILE H 396 -27.67 -111.02 43.70
N ARG H 397 -28.53 -110.15 44.22
CA ARG H 397 -29.52 -110.52 45.22
C ARG H 397 -30.91 -110.71 44.65
N ARG H 398 -31.12 -110.45 43.36
CA ARG H 398 -32.42 -110.68 42.76
C ARG H 398 -32.44 -111.85 41.80
N LEU H 399 -31.34 -112.10 41.08
CA LEU H 399 -31.28 -113.19 40.13
C LEU H 399 -30.76 -114.46 40.81
N GLY H 400 -31.50 -115.56 40.63
CA GLY H 400 -31.21 -116.79 41.33
C GLY H 400 -30.88 -117.98 40.45
N GLY H 401 -31.80 -118.92 40.34
CA GLY H 401 -31.56 -120.15 39.61
C GLY H 401 -31.66 -119.98 38.11
N LEU H 402 -30.52 -120.01 37.42
CA LEU H 402 -30.47 -119.81 35.98
C LEU H 402 -29.61 -120.86 35.29
N MET H 403 -29.49 -122.05 35.89
CA MET H 403 -28.80 -123.15 35.24
C MET H 403 -29.64 -123.78 34.14
N THR H 404 -30.80 -124.32 34.51
CA THR H 404 -31.69 -124.98 33.55
C THR H 404 -32.48 -123.98 32.72
N ILE H 405 -32.33 -122.69 32.97
CA ILE H 405 -32.92 -121.66 32.12
C ILE H 405 -31.96 -121.25 31.02
N MET H 406 -30.67 -121.12 31.34
CA MET H 406 -29.66 -120.58 30.43
C MET H 406 -28.43 -121.46 30.45
N PRO H 407 -28.46 -122.61 29.75
CA PRO H 407 -27.35 -123.57 29.90
C PRO H 407 -26.06 -123.16 29.21
N ILE H 408 -26.14 -122.51 28.05
CA ILE H 408 -24.94 -122.26 27.25
C ILE H 408 -24.08 -121.18 27.90
N THR H 409 -24.70 -120.08 28.32
CA THR H 409 -23.93 -119.03 28.99
C THR H 409 -23.51 -119.46 30.39
N PHE H 410 -24.22 -120.42 31.01
CA PHE H 410 -23.72 -121.03 32.25
C PHE H 410 -22.46 -121.84 31.99
N THR H 411 -22.40 -122.57 30.89
CA THR H 411 -21.18 -123.30 30.52
C THR H 411 -20.02 -122.34 30.30
N ILE H 412 -20.28 -121.23 29.60
CA ILE H 412 -19.23 -120.25 29.31
C ILE H 412 -18.75 -119.57 30.59
N ALA H 413 -19.70 -119.21 31.47
CA ALA H 413 -19.35 -118.57 32.74
C ALA H 413 -18.60 -119.51 33.66
N LEU H 414 -18.96 -120.80 33.66
CA LEU H 414 -18.26 -121.77 34.47
C LEU H 414 -16.84 -121.99 33.98
N ILE H 415 -16.65 -122.06 32.65
CA ILE H 415 -15.31 -122.21 32.09
C ILE H 415 -14.44 -120.99 32.43
N GLY H 416 -15.00 -119.79 32.26
CA GLY H 416 -14.26 -118.57 32.57
C GLY H 416 -13.93 -118.42 34.05
N SER H 417 -14.85 -118.78 34.92
CA SER H 417 -14.62 -118.64 36.36
C SER H 417 -13.62 -119.67 36.87
N LEU H 418 -13.71 -120.92 36.40
CA LEU H 418 -12.74 -121.91 36.82
C LEU H 418 -11.37 -121.67 36.21
N SER H 419 -11.31 -120.99 35.05
CA SER H 419 -10.01 -120.57 34.54
C SER H 419 -9.47 -119.37 35.32
N MET H 420 -10.35 -118.52 35.84
CA MET H 420 -9.90 -117.37 36.61
C MET H 420 -9.41 -117.77 38.00
N ALA H 421 -10.02 -118.80 38.59
CA ALA H 421 -9.66 -119.19 39.95
C ALA H 421 -8.30 -119.86 40.01
N GLY H 422 -7.87 -120.52 38.94
CA GLY H 422 -6.58 -121.19 38.95
C GLY H 422 -6.67 -122.68 39.23
N LEU H 423 -7.54 -123.36 38.50
CA LEU H 423 -7.89 -124.76 38.74
C LEU H 423 -7.31 -125.66 37.64
N PRO H 424 -7.13 -126.97 37.92
CA PRO H 424 -6.36 -127.86 36.99
C PRO H 424 -6.86 -127.96 35.56
N PRO H 425 -8.17 -128.20 35.27
CA PRO H 425 -8.49 -128.53 33.87
C PRO H 425 -8.42 -127.36 32.90
N PHE H 426 -8.62 -126.13 33.36
CA PHE H 426 -8.63 -124.96 32.50
C PHE H 426 -7.28 -124.24 32.55
N ASN H 427 -7.26 -123.00 32.02
CA ASN H 427 -6.02 -122.25 31.83
C ASN H 427 -5.32 -121.89 33.13
N GLY H 428 -6.09 -121.68 34.21
CA GLY H 428 -5.54 -121.11 35.42
C GLY H 428 -4.56 -122.02 36.14
N PHE H 429 -4.53 -123.30 35.80
CA PHE H 429 -3.55 -124.23 36.34
C PHE H 429 -2.13 -123.78 36.01
N LEU H 430 -1.84 -123.61 34.72
CA LEU H 430 -0.49 -123.26 34.29
C LEU H 430 -0.10 -121.87 34.74
N SER H 431 -1.06 -120.93 34.70
CA SER H 431 -0.81 -119.56 35.15
C SER H 431 -0.46 -119.51 36.62
N LYS H 432 -1.25 -120.18 37.46
CA LYS H 432 -0.99 -120.12 38.89
C LYS H 432 0.21 -120.96 39.29
N GLU H 433 0.48 -122.07 38.61
CA GLU H 433 1.67 -122.85 39.01
C GLU H 433 2.95 -122.14 38.59
N MET H 434 2.94 -121.45 37.44
CA MET H 434 4.10 -120.66 37.09
C MET H 434 4.23 -119.42 37.98
N PHE H 435 3.10 -118.88 38.45
CA PHE H 435 3.15 -117.75 39.38
C PHE H 435 3.77 -118.16 40.71
N PHE H 436 3.30 -119.27 41.30
CA PHE H 436 3.88 -119.70 42.57
C PHE H 436 5.32 -120.21 42.41
N THR H 437 5.65 -120.78 41.25
CA THR H 437 7.03 -121.19 40.99
C THR H 437 7.94 -119.99 40.88
N ALA H 438 7.47 -118.91 40.24
CA ALA H 438 8.27 -117.70 40.13
C ALA H 438 8.39 -116.98 41.46
N MET H 439 7.35 -117.00 42.28
CA MET H 439 7.42 -116.31 43.56
C MET H 439 8.21 -117.07 44.60
N LEU H 440 8.21 -118.40 44.57
CA LEU H 440 8.98 -119.14 45.56
C LEU H 440 10.47 -119.12 45.27
N ARG H 441 10.87 -118.99 44.01
CA ARG H 441 12.29 -118.92 43.67
C ARG H 441 12.84 -117.51 43.74
N ALA H 442 12.02 -116.53 44.12
CA ALA H 442 12.44 -115.14 44.25
C ALA H 442 12.76 -114.75 45.68
N LYS H 443 12.40 -115.56 46.66
CA LYS H 443 12.74 -115.31 48.05
C LYS H 443 14.12 -115.85 48.42
N ASP H 444 14.84 -116.43 47.48
CA ASP H 444 16.15 -117.00 47.73
C ASP H 444 17.28 -116.01 47.51
N VAL H 445 16.97 -114.74 47.28
CA VAL H 445 17.99 -113.71 47.18
C VAL H 445 17.95 -112.73 48.36
N ALA H 446 16.85 -112.66 49.09
CA ALA H 446 16.72 -111.77 50.22
C ALA H 446 15.84 -112.42 51.27
N GLY H 447 16.13 -112.15 52.55
CA GLY H 447 15.40 -112.81 53.62
C GLY H 447 13.98 -112.29 53.80
N TRP H 448 13.81 -110.96 53.74
CA TRP H 448 12.50 -110.35 53.87
C TRP H 448 11.55 -110.75 52.75
N ALA H 449 12.09 -111.14 51.59
CA ALA H 449 11.30 -111.65 50.48
C ALA H 449 10.62 -112.98 50.79
N VAL H 450 11.01 -113.67 51.87
CA VAL H 450 10.27 -114.83 52.34
C VAL H 450 8.85 -114.44 52.76
N ILE H 451 8.65 -113.18 53.17
CA ILE H 451 7.31 -112.65 53.42
C ILE H 451 6.47 -112.65 52.14
N LEU H 452 7.09 -112.43 50.98
CA LEU H 452 6.37 -112.17 49.73
C LEU H 452 5.49 -113.28 49.15
N PRO H 453 5.88 -114.57 49.10
CA PRO H 453 4.97 -115.53 48.44
C PRO H 453 3.72 -115.85 49.24
N VAL H 454 3.83 -116.00 50.56
CA VAL H 454 2.71 -116.45 51.38
C VAL H 454 1.59 -115.41 51.37
N VAL H 455 1.95 -114.13 51.32
CA VAL H 455 0.99 -113.05 51.14
C VAL H 455 0.27 -113.21 49.80
N ALA H 456 1.06 -113.45 48.74
CA ALA H 456 0.50 -113.76 47.43
C ALA H 456 -0.38 -115.01 47.48
N TRP H 457 0.01 -115.97 48.34
CA TRP H 457 -0.76 -117.20 48.51
C TRP H 457 -2.16 -116.90 49.03
N VAL H 458 -2.29 -115.98 50.01
CA VAL H 458 -3.63 -115.75 50.54
C VAL H 458 -4.43 -114.94 49.53
N ALA H 459 -3.73 -114.22 48.63
CA ALA H 459 -4.41 -113.54 47.53
C ALA H 459 -5.17 -114.53 46.68
N SER H 460 -4.56 -115.70 46.41
CA SER H 460 -5.22 -116.73 45.62
C SER H 460 -6.44 -117.26 46.35
N ILE H 461 -6.36 -117.36 47.69
CA ILE H 461 -7.51 -117.74 48.50
C ILE H 461 -8.66 -116.79 48.25
N PHE H 462 -8.37 -115.48 48.33
CA PHE H 462 -9.36 -114.45 48.14
C PHE H 462 -9.93 -114.53 46.74
N THR H 463 -9.05 -114.86 45.76
CA THR H 463 -9.44 -114.98 44.37
C THR H 463 -10.55 -116.00 44.22
N PHE H 464 -10.32 -117.21 44.76
CA PHE H 464 -11.23 -118.32 44.60
C PHE H 464 -12.60 -117.97 45.15
N LEU H 465 -12.60 -117.20 46.24
CA LEU H 465 -13.83 -116.89 46.97
C LEU H 465 -14.82 -116.18 46.08
N TYR H 466 -14.38 -115.07 45.46
CA TYR H 466 -15.37 -114.29 44.71
C TYR H 466 -15.77 -115.03 43.46
N SER H 467 -14.81 -115.76 42.87
CA SER H 467 -15.11 -116.49 41.65
C SER H 467 -16.13 -117.58 41.92
N ALA H 468 -15.93 -118.29 43.05
CA ALA H 468 -16.90 -119.31 43.45
C ALA H 468 -18.24 -118.67 43.74
N LEU H 469 -18.19 -117.55 44.49
CA LEU H 469 -19.39 -116.85 44.89
C LEU H 469 -20.12 -116.34 43.67
N LEU H 470 -19.34 -115.95 42.64
CA LEU H 470 -19.86 -115.47 41.36
C LEU H 470 -20.84 -116.47 40.79
N VAL H 471 -20.34 -117.67 40.52
CA VAL H 471 -21.17 -118.71 39.92
C VAL H 471 -22.23 -119.15 40.92
N SER H 472 -21.85 -119.22 42.18
CA SER H 472 -22.76 -119.81 43.14
C SER H 472 -23.82 -118.83 43.57
N ARG H 473 -23.75 -117.58 43.13
CA ARG H 473 -24.87 -116.68 43.36
C ARG H 473 -25.37 -116.07 42.06
N THR H 474 -25.03 -116.67 40.93
CA THR H 474 -25.58 -116.23 39.65
C THR H 474 -26.53 -117.24 39.03
N PHE H 475 -26.22 -118.53 39.13
CA PHE H 475 -26.98 -119.57 38.45
C PHE H 475 -27.61 -120.60 39.38
N PHE H 476 -27.10 -120.76 40.59
CA PHE H 476 -27.65 -121.73 41.53
C PHE H 476 -28.80 -121.12 42.32
N GLY H 477 -29.41 -121.93 43.17
CA GLY H 477 -30.50 -121.46 44.02
C GLY H 477 -31.86 -121.87 43.49
N THR H 478 -32.72 -120.89 43.25
CA THR H 478 -34.06 -121.15 42.75
C THR H 478 -34.51 -119.99 41.86
N TYR H 479 -35.54 -120.25 41.07
CA TYR H 479 -36.07 -119.27 40.15
C TYR H 479 -37.14 -118.42 40.86
N LYS H 480 -37.15 -117.13 40.55
CA LYS H 480 -38.13 -116.21 41.12
C LYS H 480 -39.16 -115.84 40.07
N PRO H 481 -40.40 -116.35 40.14
CA PRO H 481 -41.37 -116.08 39.10
C PRO H 481 -42.18 -114.80 39.31
N HIS H 482 -41.72 -113.92 40.18
CA HIS H 482 -42.48 -112.71 40.48
C HIS H 482 -41.74 -111.42 40.15
N VAL H 483 -40.43 -111.35 40.40
CA VAL H 483 -39.69 -110.14 40.05
C VAL H 483 -39.15 -110.17 38.62
N LEU H 484 -38.89 -111.35 38.06
CA LEU H 484 -38.23 -111.41 36.76
C LEU H 484 -39.19 -111.11 35.62
N LYS H 485 -38.63 -110.90 34.43
CA LYS H 485 -39.37 -110.32 33.31
C LYS H 485 -39.99 -111.36 32.39
N LYS H 486 -39.17 -112.21 31.78
CA LYS H 486 -39.61 -113.00 30.64
C LYS H 486 -39.95 -114.42 31.04
N GLU H 487 -40.99 -114.97 30.39
CA GLU H 487 -41.33 -116.37 30.54
C GLU H 487 -40.31 -117.26 29.82
N ALA H 488 -39.74 -116.78 28.72
CA ALA H 488 -38.71 -117.49 27.98
C ALA H 488 -37.45 -116.64 27.97
N HIS H 489 -36.35 -117.17 28.50
CA HIS H 489 -35.08 -116.47 28.57
C HIS H 489 -34.05 -117.07 27.62
N GLU H 490 -34.50 -117.64 26.51
CA GLU H 490 -33.60 -118.22 25.53
C GLU H 490 -32.90 -117.09 24.78
N ALA H 491 -31.58 -117.04 24.88
CA ALA H 491 -30.82 -115.99 24.22
C ALA H 491 -30.67 -116.29 22.73
N PRO H 492 -30.60 -115.26 21.90
CA PRO H 492 -30.27 -115.48 20.48
C PRO H 492 -28.86 -115.98 20.30
N PHE H 493 -28.63 -116.66 19.18
CA PHE H 493 -27.35 -117.31 18.94
C PHE H 493 -26.27 -116.30 18.57
N GLY H 494 -26.64 -115.22 17.89
CA GLY H 494 -25.67 -114.23 17.45
C GLY H 494 -25.02 -113.48 18.60
N MET H 495 -25.75 -113.32 19.71
CA MET H 495 -25.15 -112.79 20.92
C MET H 495 -24.16 -113.78 21.50
N LEU H 496 -24.45 -115.08 21.34
CA LEU H 496 -23.67 -116.13 21.94
C LEU H 496 -22.47 -116.57 21.10
N ILE H 497 -22.30 -116.04 19.89
CA ILE H 497 -21.20 -116.48 19.02
C ILE H 497 -19.84 -116.15 19.62
N ALA H 498 -19.60 -114.89 19.95
CA ALA H 498 -18.30 -114.45 20.46
C ALA H 498 -17.91 -115.01 21.84
N PRO H 499 -18.81 -115.16 22.85
CA PRO H 499 -18.39 -115.89 24.05
C PRO H 499 -18.04 -117.35 23.80
N ILE H 500 -18.70 -118.01 22.83
CA ILE H 500 -18.33 -119.38 22.48
C ILE H 500 -16.93 -119.43 21.90
N VAL H 501 -16.56 -118.45 21.07
CA VAL H 501 -15.23 -118.43 20.47
C VAL H 501 -14.18 -118.13 21.54
N LEU H 502 -14.49 -117.24 22.48
CA LEU H 502 -13.54 -116.95 23.56
C LEU H 502 -13.36 -118.13 24.51
N ALA H 503 -14.47 -118.79 24.87
CA ALA H 503 -14.38 -119.98 25.73
C ALA H 503 -13.69 -121.15 25.02
N SER H 504 -13.87 -121.26 23.71
CA SER H 504 -13.18 -122.30 22.95
C SER H 504 -11.69 -122.03 22.91
N LEU H 505 -11.29 -120.76 22.78
CA LEU H 505 -9.87 -120.44 22.84
C LEU H 505 -9.30 -120.68 24.23
N VAL H 506 -10.11 -120.44 25.28
CA VAL H 506 -9.74 -120.77 26.65
C VAL H 506 -9.45 -122.26 26.80
N VAL H 507 -10.37 -123.10 26.33
CA VAL H 507 -10.20 -124.55 26.42
C VAL H 507 -9.03 -125.04 25.55
N PHE H 508 -8.81 -124.39 24.40
CA PHE H 508 -7.74 -124.81 23.50
C PHE H 508 -6.36 -124.51 24.09
N ILE H 509 -6.16 -123.33 24.66
CA ILE H 509 -4.88 -123.08 25.33
C ILE H 509 -4.83 -123.76 26.70
N GLY H 510 -5.96 -124.27 27.19
CA GLY H 510 -5.93 -125.18 28.32
C GLY H 510 -5.29 -126.51 27.99
N PHE H 511 -5.92 -127.28 27.09
CA PHE H 511 -5.44 -128.62 26.83
C PHE H 511 -4.23 -128.65 25.90
N VAL H 512 -4.10 -127.67 25.01
CA VAL H 512 -2.94 -127.61 24.12
C VAL H 512 -2.19 -126.33 24.43
N PRO H 513 -1.18 -126.35 25.30
CA PRO H 513 -0.45 -125.11 25.62
C PRO H 513 0.83 -124.94 24.82
N ASN H 514 1.22 -125.94 24.03
CA ASN H 514 2.57 -125.96 23.49
C ASN H 514 2.69 -125.18 22.19
N VAL H 515 1.71 -125.29 21.30
CA VAL H 515 1.88 -124.71 19.97
C VAL H 515 1.73 -123.19 19.99
N LEU H 516 0.81 -122.66 20.80
CA LEU H 516 0.69 -121.20 20.90
C LEU H 516 1.87 -120.61 21.65
N SER H 517 2.43 -121.35 22.60
CA SER H 517 3.65 -120.92 23.28
C SER H 517 4.81 -120.82 22.31
N ASP H 518 5.11 -121.91 21.60
CA ASP H 518 6.24 -121.95 20.65
C ASP H 518 6.05 -120.99 19.48
N SER H 519 4.80 -120.65 19.13
CA SER H 519 4.58 -119.72 18.04
C SER H 519 4.68 -118.27 18.49
N VAL H 520 4.07 -117.90 19.61
CA VAL H 520 3.86 -116.51 19.99
C VAL H 520 4.64 -116.13 21.24
N LEU H 521 4.57 -116.96 22.28
CA LEU H 521 4.99 -116.52 23.60
C LEU H 521 6.50 -116.51 23.76
N ALA H 522 7.22 -117.30 22.97
CA ALA H 522 8.68 -117.30 23.10
C ALA H 522 9.34 -116.01 22.59
N PRO H 523 9.03 -115.48 21.38
CA PRO H 523 9.66 -114.21 20.99
C PRO H 523 9.20 -113.02 21.82
N ALA H 524 8.06 -113.10 22.51
CA ALA H 524 7.71 -112.09 23.50
C ALA H 524 8.72 -112.08 24.65
N VAL H 525 9.14 -113.26 25.09
CA VAL H 525 10.13 -113.35 26.17
C VAL H 525 11.50 -112.91 25.66
N TYR H 526 11.83 -113.25 24.41
CA TYR H 526 13.07 -112.76 23.83
C TYR H 526 13.05 -111.24 23.59
N ALA H 527 11.87 -110.64 23.49
CA ALA H 527 11.77 -109.19 23.36
C ALA H 527 11.88 -108.48 24.70
N VAL H 528 11.19 -108.98 25.72
CA VAL H 528 11.21 -108.35 27.05
C VAL H 528 12.60 -108.47 27.69
N LEU H 529 13.36 -109.50 27.34
CA LEU H 529 14.64 -109.75 27.97
C LEU H 529 15.76 -109.57 26.96
N TYR H 530 15.73 -108.47 26.22
CA TYR H 530 16.64 -108.27 25.09
C TYR H 530 18.09 -108.13 25.54
N GLY H 531 18.99 -108.69 24.75
CA GLY H 531 20.41 -108.58 25.02
C GLY H 531 20.91 -109.42 26.16
N LEU H 532 20.22 -110.51 26.47
CA LEU H 532 20.51 -111.27 27.69
C LEU H 532 20.67 -112.75 27.37
N PHE H 533 20.05 -113.19 26.28
CA PHE H 533 20.07 -114.60 25.88
C PHE H 533 21.37 -114.90 25.14
N ALA H 534 22.39 -115.31 25.89
CA ALA H 534 23.54 -115.87 25.19
C ALA H 534 23.28 -117.34 24.87
N PRO H 535 22.70 -118.18 25.78
CA PRO H 535 22.03 -119.39 25.28
C PRO H 535 20.54 -119.18 25.10
N ASN H 536 19.89 -120.00 24.29
CA ASN H 536 18.44 -119.91 24.13
C ASN H 536 17.71 -121.24 24.31
N GLU H 537 18.43 -122.31 24.66
CA GLU H 537 17.82 -123.63 24.74
C GLU H 537 17.17 -123.90 26.10
N ALA H 538 17.61 -123.21 27.15
CA ALA H 538 17.03 -123.41 28.48
C ALA H 538 15.59 -122.90 28.52
N LEU H 539 15.32 -121.76 27.88
CA LEU H 539 13.96 -121.26 27.77
C LEU H 539 13.10 -122.20 26.95
N ASP H 540 13.66 -122.82 25.91
CA ASP H 540 12.91 -123.74 25.07
C ASP H 540 12.57 -125.03 25.82
N VAL H 541 13.52 -125.58 26.57
CA VAL H 541 13.22 -126.80 27.32
C VAL H 541 12.40 -126.51 28.57
N HIS H 542 12.31 -125.25 28.99
CA HIS H 542 11.33 -124.92 30.03
C HIS H 542 9.93 -124.71 29.45
N ILE H 543 9.83 -124.20 28.22
CA ILE H 543 8.54 -124.12 27.55
C ILE H 543 8.00 -125.51 27.27
N SER H 544 8.87 -126.43 26.82
CA SER H 544 8.43 -127.80 26.57
C SER H 544 8.12 -128.57 27.86
N HIS H 545 8.61 -128.10 29.00
CA HIS H 545 8.25 -128.71 30.28
C HIS H 545 6.80 -128.43 30.63
N TRP H 546 6.06 -129.47 31.00
CA TRP H 546 4.70 -129.32 31.48
C TRP H 546 4.43 -130.00 32.82
N HIS H 547 5.01 -131.18 33.04
CA HIS H 547 4.65 -132.00 34.21
C HIS H 547 5.94 -132.26 34.99
N GLY H 548 5.83 -133.03 36.06
CA GLY H 548 6.90 -133.18 37.03
C GLY H 548 6.41 -132.72 38.38
N PHE H 549 6.71 -133.50 39.43
CA PHE H 549 6.17 -133.24 40.76
C PHE H 549 6.79 -132.00 41.38
N THR H 550 6.00 -130.96 41.53
CA THR H 550 6.38 -129.67 42.08
C THR H 550 5.82 -129.50 43.48
N PRO H 551 6.53 -128.77 44.35
CA PRO H 551 5.96 -128.42 45.67
C PRO H 551 4.83 -127.41 45.59
N GLU H 552 4.63 -126.75 44.45
CA GLU H 552 3.53 -125.82 44.26
C GLU H 552 2.21 -126.51 43.94
N LEU H 553 2.22 -127.84 43.79
CA LEU H 553 1.00 -128.57 43.49
C LEU H 553 0.10 -128.68 44.73
N PHE H 554 0.67 -129.11 45.86
CA PHE H 554 -0.07 -129.13 47.11
C PHE H 554 -0.38 -127.74 47.61
N MET H 555 0.36 -126.73 47.16
CA MET H 555 -0.01 -125.34 47.43
C MET H 555 -1.34 -124.99 46.75
N THR H 556 -1.52 -125.42 45.51
CA THR H 556 -2.79 -125.21 44.80
C THR H 556 -3.90 -126.05 45.43
N ILE H 557 -3.56 -127.26 45.90
CA ILE H 557 -4.53 -128.11 46.60
C ILE H 557 -4.99 -127.45 47.89
N GLY H 558 -4.07 -126.80 48.60
CA GLY H 558 -4.43 -126.08 49.81
C GLY H 558 -5.25 -124.84 49.52
N VAL H 559 -4.95 -124.16 48.40
CA VAL H 559 -5.79 -123.06 47.91
C VAL H 559 -7.23 -123.53 47.69
N LEU H 560 -7.38 -124.68 47.03
CA LEU H 560 -8.70 -125.24 46.74
C LEU H 560 -9.45 -125.60 48.02
N LEU H 561 -8.78 -126.31 48.93
CA LEU H 561 -9.43 -126.75 50.17
C LEU H 561 -9.79 -125.58 51.07
N PHE H 562 -8.91 -124.58 51.16
CA PHE H 562 -9.19 -123.46 52.05
C PHE H 562 -10.25 -122.53 51.46
N GLY H 563 -10.32 -122.41 50.13
CA GLY H 563 -11.43 -121.68 49.52
C GLY H 563 -12.75 -122.39 49.70
N LEU H 564 -12.75 -123.72 49.62
CA LEU H 564 -13.97 -124.49 49.89
C LEU H 564 -14.43 -124.34 51.33
N VAL H 565 -13.50 -124.36 52.30
CA VAL H 565 -13.92 -124.22 53.69
C VAL H 565 -14.16 -122.76 54.07
N LEU H 566 -13.76 -121.82 53.22
CA LEU H 566 -14.03 -120.41 53.47
C LEU H 566 -15.34 -119.95 52.87
N TYR H 567 -15.76 -120.53 51.74
CA TYR H 567 -16.98 -120.07 51.08
C TYR H 567 -18.26 -120.52 51.80
N ARG H 568 -18.26 -121.72 52.40
CA ARG H 568 -19.47 -122.24 53.01
C ARG H 568 -19.87 -121.45 54.25
N THR H 569 -18.91 -120.89 54.96
CA THR H 569 -19.18 -120.11 56.16
C THR H 569 -19.28 -118.62 55.89
N PHE H 570 -19.42 -118.21 54.62
CA PHE H 570 -19.44 -116.78 54.28
C PHE H 570 -20.62 -115.97 54.83
N PRO H 571 -21.85 -116.49 54.99
CA PRO H 571 -22.86 -115.69 55.73
C PRO H 571 -22.60 -115.55 57.23
N LYS H 572 -21.55 -116.17 57.79
CA LYS H 572 -21.24 -116.03 59.21
C LYS H 572 -20.29 -114.87 59.47
N TRP H 573 -19.24 -114.71 58.66
CA TRP H 573 -18.33 -113.57 58.78
C TRP H 573 -18.65 -112.49 57.76
N LYS H 574 -19.95 -112.30 57.49
CA LYS H 574 -20.41 -111.36 56.48
C LYS H 574 -20.39 -109.92 56.99
N LYS H 575 -20.88 -109.71 58.22
CA LYS H 575 -20.94 -108.36 58.78
C LYS H 575 -19.54 -107.83 59.11
N ILE H 576 -18.67 -108.71 59.61
CA ILE H 576 -17.28 -108.32 59.92
C ILE H 576 -16.56 -107.91 58.64
N TYR H 577 -16.80 -108.65 57.55
CA TYR H 577 -16.19 -108.33 56.27
C TYR H 577 -16.75 -107.04 55.70
N TYR H 578 -18.06 -106.80 55.86
CA TYR H 578 -18.65 -105.55 55.38
C TYR H 578 -18.10 -104.35 56.14
N ARG H 579 -17.97 -104.46 57.46
CA ARG H 579 -17.47 -103.32 58.22
C ARG H 579 -15.97 -103.10 58.01
N LEU H 580 -15.19 -104.17 57.81
CA LEU H 580 -13.78 -103.97 57.52
C LEU H 580 -13.56 -103.49 56.09
N SER H 581 -14.49 -103.78 55.18
CA SER H 581 -14.41 -103.20 53.84
C SER H 581 -14.79 -101.72 53.88
N GLU H 582 -15.74 -101.36 54.73
CA GLU H 582 -16.06 -99.95 54.98
C GLU H 582 -14.91 -99.24 55.68
N ARG H 583 -14.07 -99.99 56.40
CA ARG H 583 -13.02 -99.40 57.23
C ARG H 583 -11.93 -98.72 56.41
N MET H 584 -11.70 -99.15 55.17
CA MET H 584 -10.67 -98.51 54.36
C MET H 584 -11.03 -98.54 52.87
N SER H 585 -11.24 -97.36 52.30
CA SER H 585 -11.49 -97.17 50.88
C SER H 585 -10.66 -96.00 50.39
N LEU H 586 -10.72 -95.72 49.08
CA LEU H 586 -9.93 -94.63 48.52
C LEU H 586 -10.72 -93.64 47.69
N ASN H 587 -12.02 -93.85 47.48
CA ASN H 587 -12.82 -92.82 46.82
C ASN H 587 -13.21 -91.70 47.78
N PHE H 588 -13.29 -92.03 49.07
CA PHE H 588 -13.48 -91.05 50.13
C PHE H 588 -12.38 -89.99 50.11
N PHE H 589 -11.12 -90.43 50.07
CA PHE H 589 -9.99 -89.52 50.11
C PHE H 589 -9.92 -88.64 48.87
N TYR H 590 -10.20 -89.23 47.70
CA TYR H 590 -10.12 -88.50 46.44
C TYR H 590 -11.25 -87.47 46.31
N ASP H 591 -12.46 -87.86 46.72
CA ASP H 591 -13.59 -86.93 46.68
C ASP H 591 -13.38 -85.77 47.64
N GLN H 592 -12.89 -86.05 48.85
CA GLN H 592 -12.63 -84.96 49.78
C GLN H 592 -11.40 -84.14 49.37
N SER H 593 -10.47 -84.73 48.63
CA SER H 593 -9.34 -83.95 48.13
C SER H 593 -9.80 -82.97 47.06
N PHE H 594 -10.73 -83.37 46.20
CA PHE H 594 -11.24 -82.41 45.22
C PHE H 594 -12.11 -81.34 45.85
N VAL H 595 -12.91 -81.70 46.86
CA VAL H 595 -13.69 -80.71 47.59
C VAL H 595 -12.76 -79.70 48.28
N TRP H 596 -11.67 -80.19 48.87
CA TRP H 596 -10.67 -79.33 49.49
C TRP H 596 -10.01 -78.42 48.48
N MET H 597 -9.68 -78.95 47.29
CA MET H 597 -8.98 -78.14 46.30
C MET H 597 -9.86 -77.03 45.76
N GLU H 598 -11.11 -77.36 45.41
CA GLU H 598 -11.99 -76.32 44.86
C GLU H 598 -12.37 -75.30 45.93
N ARG H 599 -12.54 -75.73 47.18
CA ARG H 599 -12.89 -74.79 48.24
C ARG H 599 -11.71 -73.91 48.62
N GLY H 600 -10.49 -74.44 48.57
CA GLY H 600 -9.32 -73.62 48.84
C GLY H 600 -9.06 -72.61 47.76
N ALA H 601 -9.24 -73.00 46.49
CA ALA H 601 -9.08 -72.03 45.40
C ALA H 601 -10.16 -70.95 45.44
N ARG H 602 -11.40 -71.34 45.76
CA ARG H 602 -12.49 -70.37 45.84
C ARG H 602 -12.31 -69.43 47.01
N SER H 603 -11.81 -69.92 48.14
CA SER H 603 -11.55 -69.04 49.28
C SER H 603 -10.33 -68.17 49.03
N PHE H 604 -9.36 -68.63 48.25
CA PHE H 604 -8.24 -67.79 47.86
C PHE H 604 -8.71 -66.60 47.01
N ILE H 605 -9.55 -66.86 46.00
CA ILE H 605 -9.99 -65.76 45.17
C ILE H 605 -11.06 -64.92 45.88
N SER H 606 -11.71 -65.43 46.92
CA SER H 606 -12.56 -64.57 47.73
C SER H 606 -11.76 -63.74 48.72
N ARG H 607 -10.55 -64.17 49.07
CA ARG H 607 -9.71 -63.37 49.94
C ARG H 607 -8.98 -62.27 49.17
N VAL H 608 -8.19 -62.64 48.16
CA VAL H 608 -7.29 -61.64 47.56
C VAL H 608 -7.97 -60.79 46.50
N MET H 609 -9.08 -61.24 45.92
CA MET H 609 -9.81 -60.44 44.93
C MET H 609 -11.05 -59.90 45.61
N ASN H 610 -10.90 -58.76 46.26
CA ASN H 610 -11.99 -58.13 46.99
C ASN H 610 -12.87 -57.30 46.06
N GLY H 611 -12.26 -56.67 45.06
CA GLY H 611 -12.95 -55.80 44.14
C GLY H 611 -12.63 -54.34 44.33
N SER H 612 -12.16 -53.95 45.50
CA SER H 612 -11.85 -52.55 45.78
C SER H 612 -10.54 -52.18 45.09
N MET H 613 -10.56 -51.03 44.41
CA MET H 613 -9.40 -50.61 43.61
C MET H 613 -8.25 -50.14 44.49
N ARG H 614 -8.57 -49.63 45.69
CA ARG H 614 -7.57 -49.17 46.64
C ARG H 614 -6.61 -50.29 47.05
N THR H 615 -7.18 -51.49 47.28
CA THR H 615 -6.37 -52.63 47.71
C THR H 615 -5.43 -53.09 46.60
N TYR H 616 -5.92 -53.14 45.35
CA TYR H 616 -5.05 -53.58 44.26
C TYR H 616 -3.97 -52.56 43.97
N LEU H 617 -4.27 -51.27 44.14
CA LEU H 617 -3.25 -50.25 44.03
C LEU H 617 -2.20 -50.39 45.14
N MET H 618 -2.63 -50.74 46.36
CA MET H 618 -1.69 -51.03 47.44
C MET H 618 -0.78 -52.19 47.09
N TYR H 619 -1.33 -53.25 46.47
CA TYR H 619 -0.50 -54.40 46.11
C TYR H 619 0.51 -54.05 45.04
N ILE H 620 0.09 -53.31 44.01
CA ILE H 620 0.98 -52.96 42.90
C ILE H 620 2.09 -52.02 43.38
N PHE H 621 1.73 -51.01 44.20
CA PHE H 621 2.72 -50.07 44.72
C PHE H 621 3.71 -50.76 45.66
N THR H 622 3.21 -51.66 46.52
CA THR H 622 4.09 -52.38 47.44
C THR H 622 5.04 -53.30 46.68
N SER H 623 4.55 -53.95 45.62
CA SER H 623 5.39 -54.82 44.82
C SER H 623 6.46 -54.05 44.07
N LEU H 624 6.10 -52.89 43.52
CA LEU H 624 7.04 -51.98 42.89
C LEU H 624 8.15 -51.56 43.85
N VAL H 625 7.77 -51.10 45.04
CA VAL H 625 8.71 -50.64 46.06
C VAL H 625 9.63 -51.78 46.49
N ALA H 626 9.07 -52.96 46.71
CA ALA H 626 9.86 -54.09 47.20
C ALA H 626 10.86 -54.56 46.17
N LEU H 627 10.45 -54.69 44.91
CA LEU H 627 11.37 -55.14 43.86
C LEU H 627 12.48 -54.13 43.62
N LEU H 628 12.15 -52.83 43.60
CA LEU H 628 13.18 -51.84 43.34
C LEU H 628 14.15 -51.69 44.51
N LEU H 629 13.65 -51.70 45.75
CA LEU H 629 14.54 -51.55 46.90
C LEU H 629 15.40 -52.79 47.10
N PHE H 630 14.86 -53.98 46.84
CA PHE H 630 15.69 -55.17 46.92
C PHE H 630 16.74 -55.21 45.82
N THR H 631 16.40 -54.70 44.62
CA THR H 631 17.37 -54.68 43.54
C THR H 631 18.49 -53.69 43.82
N ILE H 632 18.16 -52.56 44.46
CA ILE H 632 19.20 -51.61 44.85
C ILE H 632 20.05 -52.18 45.99
N GLY H 633 19.42 -52.77 47.00
CA GLY H 633 20.14 -53.27 48.16
C GLY H 633 20.98 -54.50 47.90
N TRP H 634 20.65 -55.28 46.85
CA TRP H 634 21.46 -56.45 46.55
C TRP H 634 22.83 -56.06 46.00
N HIS H 635 22.92 -54.95 45.30
CA HIS H 635 24.18 -54.48 44.73
C HIS H 635 24.92 -53.61 45.74
N GLU H 636 25.96 -52.91 45.29
CA GLU H 636 26.71 -52.02 46.15
C GLU H 636 26.65 -50.56 45.74
N GLN H 637 26.27 -50.28 44.48
CA GLN H 637 26.00 -48.94 43.96
C GLN H 637 27.20 -48.00 44.11
N TRP H 638 28.33 -48.44 43.58
CA TRP H 638 29.56 -47.67 43.67
C TRP H 638 29.52 -46.47 42.73
N HIS H 639 30.57 -45.66 42.82
CA HIS H 639 30.88 -44.57 41.89
C HIS H 639 29.76 -43.52 41.85
N ILE H 640 29.55 -42.87 42.98
CA ILE H 640 28.73 -41.67 43.02
C ILE H 640 29.62 -40.50 42.62
N ASP H 641 29.37 -39.97 41.42
CA ASP H 641 30.18 -38.89 40.85
C ASP H 641 29.29 -37.66 40.77
N LEU H 642 29.59 -36.66 41.61
CA LEU H 642 28.83 -35.42 41.63
C LEU H 642 29.39 -34.36 40.69
N SER H 643 30.26 -34.76 39.77
CA SER H 643 30.89 -33.80 38.87
C SER H 643 29.98 -33.39 37.70
N ARG H 644 28.94 -34.18 37.40
CA ARG H 644 28.03 -33.78 36.33
C ARG H 644 27.14 -32.61 36.77
N LEU H 645 26.90 -32.49 38.07
CA LEU H 645 25.86 -31.62 38.63
C LEU H 645 26.09 -30.15 38.29
N ALA H 646 25.01 -29.45 38.00
CA ALA H 646 25.06 -28.05 37.62
C ALA H 646 25.00 -27.14 38.85
N HIS H 647 25.50 -25.92 38.70
CA HIS H 647 25.48 -24.96 39.79
C HIS H 647 24.05 -24.51 40.07
N VAL H 648 23.67 -24.55 41.34
CA VAL H 648 22.30 -24.23 41.74
C VAL H 648 22.14 -22.71 41.76
N ARG H 649 20.93 -22.25 41.43
CA ARG H 649 20.64 -20.84 41.32
C ARG H 649 19.37 -20.52 42.10
N VAL H 650 19.20 -19.24 42.42
CA VAL H 650 18.23 -18.81 43.42
C VAL H 650 16.80 -18.91 42.92
N TYR H 651 16.58 -18.69 41.62
CA TYR H 651 15.23 -18.65 41.05
C TYR H 651 14.58 -20.03 41.12
N GLU H 652 15.35 -21.08 40.81
CA GLU H 652 14.85 -22.44 40.90
C GLU H 652 14.57 -22.84 42.34
N VAL H 653 15.36 -22.31 43.29
CA VAL H 653 15.11 -22.59 44.71
C VAL H 653 13.79 -22.00 45.15
N VAL H 654 13.53 -20.74 44.79
CA VAL H 654 12.29 -20.08 45.18
C VAL H 654 11.09 -20.74 44.51
N LEU H 655 11.25 -21.12 43.23
CA LEU H 655 10.13 -21.76 42.53
C LEU H 655 9.90 -23.18 43.03
N ALA H 656 10.94 -23.87 43.47
CA ALA H 656 10.78 -25.19 44.06
C ALA H 656 10.05 -25.12 45.39
N ILE H 657 10.37 -24.12 46.21
CA ILE H 657 9.63 -23.88 47.46
C ILE H 657 8.17 -23.57 47.15
N GLY H 658 7.91 -22.84 46.07
CA GLY H 658 6.54 -22.56 45.68
C GLY H 658 5.74 -23.79 45.29
N ILE H 659 6.33 -24.67 44.46
CA ILE H 659 5.54 -25.83 44.06
C ILE H 659 5.50 -26.88 45.16
N LEU H 660 6.45 -26.89 46.10
CA LEU H 660 6.29 -27.69 47.31
C LEU H 660 5.14 -27.21 48.15
N ALA H 661 4.95 -25.88 48.23
CA ALA H 661 3.79 -25.34 48.95
C ALA H 661 2.48 -25.73 48.27
N ALA H 662 2.47 -25.74 46.93
CA ALA H 662 1.26 -26.14 46.21
C ALA H 662 0.98 -27.63 46.35
N THR H 663 2.02 -28.45 46.37
CA THR H 663 1.89 -29.89 46.62
C THR H 663 1.33 -30.17 48.01
N VAL H 664 1.87 -29.48 49.02
CA VAL H 664 1.40 -29.67 50.39
C VAL H 664 -0.04 -29.19 50.53
N THR H 665 -0.41 -28.09 49.88
CA THR H 665 -1.79 -27.67 50.00
C THR H 665 -2.73 -28.42 49.06
N THR H 666 -2.22 -29.26 48.17
CA THR H 666 -3.14 -30.15 47.46
C THR H 666 -3.25 -31.53 48.08
N VAL H 667 -2.38 -31.90 49.02
CA VAL H 667 -2.63 -33.15 49.75
C VAL H 667 -3.35 -32.98 51.08
N ILE H 668 -3.32 -31.80 51.70
CA ILE H 668 -3.95 -31.57 52.99
C ILE H 668 -5.19 -30.68 52.86
N ALA H 669 -5.65 -30.44 51.64
CA ALA H 669 -6.82 -29.61 51.44
C ALA H 669 -8.08 -30.34 51.90
N LYS H 670 -8.92 -29.63 52.64
CA LYS H 670 -10.19 -30.21 53.07
C LYS H 670 -11.18 -30.27 51.91
N SER H 671 -11.36 -29.16 51.21
CA SER H 671 -12.27 -29.13 50.07
C SER H 671 -11.54 -29.55 48.80
N ARG H 672 -12.33 -29.86 47.77
CA ARG H 672 -11.78 -30.34 46.51
C ARG H 672 -11.45 -29.21 45.54
N LEU H 673 -12.14 -28.07 45.64
CA LEU H 673 -11.78 -26.90 44.84
C LEU H 673 -10.39 -26.40 45.18
N THR H 674 -10.00 -26.51 46.45
CA THR H 674 -8.66 -26.11 46.87
C THR H 674 -7.61 -27.00 46.22
N ALA H 675 -7.89 -28.30 46.11
CA ALA H 675 -6.98 -29.21 45.41
C ALA H 675 -6.95 -28.96 43.92
N ILE H 676 -8.09 -28.56 43.33
CA ILE H 676 -8.14 -28.24 41.90
C ILE H 676 -7.31 -27.00 41.59
N VAL H 677 -7.48 -25.94 42.38
CA VAL H 677 -6.74 -24.71 42.11
C VAL H 677 -5.28 -24.87 42.49
N SER H 678 -4.96 -25.77 43.42
CA SER H 678 -3.56 -26.04 43.71
C SER H 678 -2.91 -26.87 42.61
N LEU H 679 -3.66 -27.79 42.00
CA LEU H 679 -3.15 -28.50 40.84
C LEU H 679 -2.95 -27.56 39.66
N GLY H 680 -3.83 -26.58 39.53
CA GLY H 680 -3.62 -25.52 38.55
C GLY H 680 -2.36 -24.71 38.82
N ALA H 681 -2.11 -24.37 40.09
CA ALA H 681 -0.90 -23.64 40.44
C ALA H 681 0.35 -24.47 40.19
N VAL H 682 0.27 -25.78 40.43
CA VAL H 682 1.34 -26.71 40.07
C VAL H 682 1.59 -26.66 38.56
N GLY H 683 0.52 -26.65 37.76
CA GLY H 683 0.68 -26.63 36.32
C GLY H 683 1.31 -25.36 35.78
N TYR H 684 0.82 -24.20 36.26
CA TYR H 684 1.40 -22.93 35.83
C TYR H 684 2.82 -22.75 36.32
N ALA H 685 3.15 -23.33 37.47
CA ALA H 685 4.53 -23.21 37.93
C ALA H 685 5.47 -24.20 37.25
N VAL H 686 4.95 -25.34 36.78
CA VAL H 686 5.75 -26.21 35.92
C VAL H 686 6.02 -25.50 34.58
N ALA H 687 5.04 -24.74 34.09
CA ALA H 687 5.26 -23.89 32.93
C ALA H 687 6.32 -22.83 33.20
N LEU H 688 6.35 -22.29 34.43
CA LEU H 688 7.38 -21.32 34.76
C LEU H 688 8.76 -21.98 34.90
N PHE H 689 8.81 -23.25 35.32
CA PHE H 689 10.05 -24.02 35.24
C PHE H 689 10.52 -24.20 33.81
N PHE H 690 9.56 -24.46 32.90
CA PHE H 690 9.90 -24.60 31.49
C PHE H 690 10.43 -23.30 30.91
N VAL H 691 9.90 -22.16 31.36
CA VAL H 691 10.49 -20.86 31.05
C VAL H 691 11.90 -20.78 31.60
N LEU H 692 12.08 -21.19 32.85
CA LEU H 692 13.33 -20.97 33.55
C LEU H 692 14.41 -21.98 33.15
N PHE H 693 14.03 -23.14 32.63
CA PHE H 693 14.99 -24.10 32.11
C PHE H 693 15.11 -24.07 30.59
N ARG H 694 14.74 -22.94 29.97
CA ARG H 694 15.01 -22.62 28.56
C ARG H 694 14.25 -23.56 27.61
N ALA H 695 12.93 -23.64 27.80
CA ALA H 695 12.06 -24.47 26.96
C ALA H 695 10.82 -23.68 26.59
N PRO H 696 10.86 -22.92 25.49
CA PRO H 696 9.73 -22.01 25.19
C PRO H 696 8.48 -22.72 24.71
N ASP H 697 8.63 -23.72 23.82
CA ASP H 697 7.50 -24.46 23.27
C ASP H 697 6.74 -25.19 24.36
N LEU H 698 7.50 -25.79 25.29
CA LEU H 698 6.93 -26.49 26.43
C LEU H 698 6.16 -25.53 27.33
N ALA H 699 6.65 -24.31 27.47
CA ALA H 699 5.98 -23.31 28.30
C ALA H 699 4.65 -22.89 27.69
N LEU H 700 4.65 -22.64 26.37
CA LEU H 700 3.42 -22.24 25.67
C LEU H 700 2.35 -23.33 25.76
N THR H 701 2.72 -24.56 25.38
CA THR H 701 1.79 -25.67 25.39
C THR H 701 1.36 -26.03 26.80
N GLN H 702 2.25 -25.87 27.79
CA GLN H 702 1.92 -26.20 29.16
C GLN H 702 0.91 -25.23 29.74
N LEU H 703 1.06 -23.93 29.45
CA LEU H 703 0.10 -22.93 29.92
C LEU H 703 -1.29 -23.18 29.34
N VAL H 704 -1.37 -23.42 28.02
CA VAL H 704 -2.69 -23.59 27.40
C VAL H 704 -3.35 -24.90 27.84
N ILE H 705 -2.57 -25.99 27.88
CA ILE H 705 -3.12 -27.29 28.25
C ILE H 705 -3.53 -27.33 29.71
N GLU H 706 -2.80 -26.65 30.61
CA GLU H 706 -3.23 -26.61 32.00
C GLU H 706 -4.47 -25.74 32.18
N THR H 707 -4.63 -24.67 31.40
CA THR H 707 -5.87 -23.91 31.51
C THR H 707 -7.08 -24.72 31.06
N ILE H 708 -6.93 -25.47 29.96
CA ILE H 708 -8.04 -26.31 29.48
C ILE H 708 -8.34 -27.44 30.46
N SER H 709 -7.29 -28.04 31.04
CA SER H 709 -7.50 -29.17 31.94
C SER H 709 -8.12 -28.73 33.26
N VAL H 710 -7.73 -27.55 33.77
CA VAL H 710 -8.36 -27.03 34.99
C VAL H 710 -9.83 -26.67 34.73
N ALA H 711 -10.13 -26.18 33.52
CA ALA H 711 -11.53 -25.98 33.15
C ALA H 711 -12.30 -27.31 33.13
N LEU H 712 -11.64 -28.39 32.72
CA LEU H 712 -12.29 -29.70 32.73
C LEU H 712 -12.46 -30.24 34.15
N PHE H 713 -11.51 -29.98 35.05
CA PHE H 713 -11.69 -30.34 36.45
C PHE H 713 -12.87 -29.60 37.08
N LEU H 714 -13.02 -28.32 36.74
CA LEU H 714 -14.14 -27.55 37.29
C LEU H 714 -15.47 -27.99 36.67
N LEU H 715 -15.44 -28.47 35.44
CA LEU H 715 -16.57 -29.22 34.90
C LEU H 715 -16.90 -30.42 35.77
N CYS H 716 -15.89 -31.20 36.12
CA CYS H 716 -16.12 -32.43 36.88
C CYS H 716 -16.53 -32.17 38.32
N PHE H 717 -16.19 -31.01 38.89
CA PHE H 717 -16.52 -30.72 40.29
C PHE H 717 -18.00 -30.43 40.47
N TYR H 718 -18.53 -29.42 39.78
CA TYR H 718 -19.85 -28.88 40.08
C TYR H 718 -21.01 -29.80 39.71
N HIS H 719 -20.75 -30.99 39.18
CA HIS H 719 -21.80 -31.98 38.97
C HIS H 719 -21.66 -33.17 39.88
N LEU H 720 -20.96 -33.02 41.00
CA LEU H 720 -20.99 -34.02 42.06
C LEU H 720 -22.39 -34.09 42.65
N PRO H 721 -22.87 -35.27 43.02
CA PRO H 721 -24.22 -35.38 43.58
C PRO H 721 -24.31 -34.77 44.98
N LYS H 722 -25.41 -34.06 45.21
CA LYS H 722 -25.55 -33.29 46.44
C LYS H 722 -25.78 -34.18 47.66
N PHE H 723 -26.37 -35.35 47.46
CA PHE H 723 -26.43 -36.32 48.53
C PHE H 723 -25.09 -37.02 48.69
N THR H 724 -24.82 -37.50 49.92
CA THR H 724 -23.59 -38.17 50.41
C THR H 724 -22.28 -37.45 49.99
N GLN H 725 -22.34 -36.15 49.73
CA GLN H 725 -21.16 -35.38 49.33
C GLN H 725 -20.37 -34.94 50.55
N LYS H 726 -20.95 -34.05 51.36
CA LYS H 726 -20.59 -33.70 52.74
C LYS H 726 -19.28 -32.91 52.88
N GLN H 727 -18.50 -32.84 51.80
CA GLN H 727 -17.21 -32.13 51.70
C GLN H 727 -16.27 -32.46 52.86
N GLU H 728 -15.85 -33.72 52.91
CA GLU H 728 -15.01 -34.22 53.98
C GLU H 728 -13.55 -34.26 53.54
N SER H 729 -12.65 -34.12 54.52
CA SER H 729 -11.22 -34.03 54.29
C SER H 729 -10.65 -35.36 53.82
N VAL H 730 -9.35 -35.36 53.54
CA VAL H 730 -8.68 -36.60 53.16
C VAL H 730 -8.43 -37.44 54.41
N ARG H 731 -9.00 -38.64 54.44
CA ARG H 731 -8.85 -39.53 55.57
C ARG H 731 -7.41 -40.05 55.67
N PHE H 732 -6.88 -40.05 56.89
CA PHE H 732 -5.50 -40.48 57.13
C PHE H 732 -5.47 -41.96 57.45
N HIS H 733 -4.77 -42.72 56.62
CA HIS H 733 -4.41 -44.11 56.89
C HIS H 733 -2.90 -44.21 56.87
N LEU H 734 -2.34 -44.94 57.83
CA LEU H 734 -0.89 -44.96 57.98
C LEU H 734 -0.21 -45.74 56.86
N GLY H 735 -0.85 -46.78 56.36
CA GLY H 735 -0.25 -47.58 55.30
C GLY H 735 -0.14 -46.83 54.00
N ASN H 736 -1.13 -46.00 53.68
CA ASN H 736 -1.08 -45.18 52.48
C ASN H 736 0.07 -44.19 52.54
N ALA H 737 0.29 -43.59 53.71
CA ALA H 737 1.38 -42.63 53.87
C ALA H 737 2.73 -43.30 53.76
N LEU H 738 2.89 -44.49 54.37
CA LEU H 738 4.15 -45.22 54.28
C LEU H 738 4.44 -45.68 52.85
N VAL H 739 3.42 -46.18 52.15
CA VAL H 739 3.59 -46.62 50.77
C VAL H 739 3.95 -45.44 49.86
N SER H 740 3.31 -44.29 50.09
CA SER H 740 3.56 -43.12 49.25
C SER H 740 4.96 -42.56 49.46
N LEU H 741 5.40 -42.47 50.72
CA LEU H 741 6.76 -42.01 51.00
C LEU H 741 7.80 -42.99 50.45
N ALA H 742 7.51 -44.29 50.47
CA ALA H 742 8.43 -45.26 49.91
C ALA H 742 8.52 -45.14 48.39
N VAL H 743 7.39 -44.90 47.73
CA VAL H 743 7.36 -44.70 46.27
C VAL H 743 8.19 -43.48 45.88
N GLY H 744 7.95 -42.35 46.58
CA GLY H 744 8.67 -41.12 46.26
C GLY H 744 10.15 -41.21 46.52
N MET H 745 10.56 -41.79 47.67
CA MET H 745 11.98 -41.89 47.98
C MET H 745 12.67 -42.91 47.10
N THR H 746 11.95 -43.96 46.67
CA THR H 746 12.51 -44.93 45.74
C THR H 746 12.82 -44.31 44.38
N MET H 747 11.85 -43.58 43.82
CA MET H 747 12.12 -43.01 42.50
C MET H 747 13.10 -41.84 42.58
N SER H 748 13.15 -41.14 43.72
CA SER H 748 14.19 -40.13 43.94
C SER H 748 15.58 -40.75 43.96
N ILE H 749 15.74 -41.86 44.68
CA ILE H 749 17.09 -42.42 44.81
C ILE H 749 17.50 -43.13 43.52
N ILE H 750 16.54 -43.65 42.73
CA ILE H 750 16.90 -44.21 41.44
C ILE H 750 17.31 -43.11 40.47
N ALA H 751 16.62 -41.95 40.53
CA ALA H 751 17.02 -40.82 39.69
C ALA H 751 18.39 -40.29 40.06
N PHE H 752 18.71 -40.25 41.36
CA PHE H 752 20.04 -39.81 41.76
C PHE H 752 21.12 -40.81 41.36
N LEU H 753 20.83 -42.12 41.48
CA LEU H 753 21.82 -43.12 41.10
C LEU H 753 22.03 -43.17 39.59
N ALA H 754 20.96 -42.95 38.81
CA ALA H 754 21.08 -42.97 37.36
C ALA H 754 21.77 -41.73 36.84
N TYR H 755 21.52 -40.58 37.45
CA TYR H 755 22.07 -39.34 36.92
C TYR H 755 23.55 -39.17 37.24
N ALA H 756 24.04 -39.77 38.32
CA ALA H 756 25.37 -39.49 38.83
C ALA H 756 26.28 -40.70 38.75
N GLY H 757 26.25 -41.42 37.63
CA GLY H 757 27.13 -42.56 37.46
C GLY H 757 28.05 -42.45 36.25
N LYS H 758 28.36 -43.57 35.62
CA LYS H 758 29.10 -43.58 34.36
C LYS H 758 28.14 -43.41 33.19
N HIS H 759 28.67 -42.90 32.09
CA HIS H 759 27.78 -42.48 31.01
C HIS H 759 28.51 -42.30 29.70
N PHE H 760 27.77 -42.48 28.61
CA PHE H 760 28.08 -41.90 27.31
C PHE H 760 27.24 -40.64 27.14
N ASP H 761 27.80 -39.66 26.43
CA ASP H 761 27.32 -38.28 26.53
C ASP H 761 25.90 -38.05 26.02
N SER H 762 25.71 -38.02 24.70
CA SER H 762 24.42 -37.84 24.03
C SER H 762 24.59 -37.89 22.52
N ILE H 763 23.50 -37.74 21.78
CA ILE H 763 23.53 -37.73 20.32
C ILE H 763 22.88 -36.47 19.76
N SER H 764 22.92 -35.37 20.51
CA SER H 764 22.29 -34.14 20.07
C SER H 764 23.24 -33.16 19.41
N GLN H 765 24.52 -33.51 19.29
CA GLN H 765 25.42 -32.69 18.48
C GLN H 765 25.04 -32.77 17.00
N TYR H 766 24.53 -33.92 16.57
CA TYR H 766 24.03 -34.07 15.21
C TYR H 766 22.82 -33.20 14.96
N TYR H 767 21.93 -33.07 15.95
CA TYR H 767 20.71 -32.30 15.75
C TYR H 767 20.97 -30.81 15.77
N VAL H 768 21.96 -30.35 16.55
CA VAL H 768 22.35 -28.94 16.51
C VAL H 768 23.33 -28.66 15.39
N ASP H 769 23.83 -29.70 14.72
CA ASP H 769 24.74 -29.52 13.61
C ASP H 769 24.03 -29.59 12.27
N ASN H 770 22.87 -30.23 12.19
CA ASN H 770 22.21 -30.46 10.91
C ASN H 770 20.72 -30.13 10.96
N THR H 771 20.33 -29.10 11.70
CA THR H 771 18.96 -28.63 11.61
C THR H 771 18.78 -27.68 10.44
N TYR H 772 19.79 -26.88 10.13
CA TYR H 772 19.72 -25.97 8.99
C TYR H 772 20.51 -26.43 7.78
N GLU H 773 21.63 -27.12 7.98
CA GLU H 773 22.44 -27.56 6.85
C GLU H 773 21.80 -28.69 6.06
N LYS H 774 20.93 -29.48 6.68
CA LYS H 774 20.25 -30.59 6.01
C LYS H 774 18.75 -30.42 5.95
N ALA H 775 18.10 -30.07 7.06
CA ALA H 775 16.70 -29.71 7.03
C ALA H 775 16.56 -28.21 6.81
N ALA H 776 15.32 -27.73 6.82
CA ALA H 776 15.05 -26.30 6.62
C ALA H 776 14.44 -25.78 7.90
N GLY H 777 15.29 -25.35 8.83
CA GLY H 777 14.79 -24.84 10.10
C GLY H 777 15.85 -24.24 10.99
N LYS H 778 15.43 -23.32 11.84
CA LYS H 778 16.27 -22.78 12.90
C LYS H 778 15.81 -23.20 14.27
N ASN H 779 14.51 -23.33 14.48
CA ASN H 779 13.98 -23.99 15.65
C ASN H 779 14.42 -25.44 15.65
N MET H 780 14.68 -26.00 16.81
CA MET H 780 15.14 -27.37 16.86
C MET H 780 14.18 -28.32 17.56
N VAL H 781 13.25 -27.81 18.36
CA VAL H 781 12.22 -28.70 18.90
C VAL H 781 11.24 -29.09 17.80
N ASN H 782 10.85 -28.12 16.96
CA ASN H 782 9.84 -28.39 15.94
C ASN H 782 10.41 -29.26 14.81
N VAL H 783 11.69 -29.07 14.47
CA VAL H 783 12.30 -29.87 13.40
C VAL H 783 12.47 -31.32 13.85
N ILE H 784 12.76 -31.55 15.13
CA ILE H 784 12.71 -32.90 15.68
C ILE H 784 11.28 -33.44 15.65
N LEU H 785 10.30 -32.57 15.92
CA LEU H 785 8.92 -33.05 15.98
C LEU H 785 8.33 -33.40 14.61
N VAL H 786 8.80 -32.78 13.53
CA VAL H 786 8.18 -33.00 12.23
C VAL H 786 9.12 -33.59 11.19
N ASP H 787 10.43 -33.51 11.37
CA ASP H 787 11.34 -33.95 10.31
C ASP H 787 12.22 -35.11 10.74
N PHE H 788 12.97 -34.98 11.82
CA PHE H 788 13.85 -36.08 12.25
C PHE H 788 13.04 -37.20 12.88
N ARG H 789 12.15 -36.88 13.81
CA ARG H 789 11.27 -37.87 14.42
C ARG H 789 9.85 -37.37 14.23
N GLY H 790 9.31 -37.58 13.04
CA GLY H 790 7.97 -37.09 12.74
C GLY H 790 7.04 -38.25 12.59
N PHE H 791 7.61 -39.45 12.66
CA PHE H 791 6.82 -40.66 12.52
C PHE H 791 5.95 -40.89 13.75
N ASP H 792 6.38 -40.44 14.92
CA ASP H 792 5.60 -40.57 16.14
C ASP H 792 4.68 -39.39 16.40
N THR H 793 4.85 -38.28 15.68
CA THR H 793 3.92 -37.17 15.79
C THR H 793 2.59 -37.49 15.13
N LEU H 794 2.63 -38.30 14.06
CA LEU H 794 1.41 -38.75 13.39
C LEU H 794 0.52 -39.55 14.33
N PHE H 795 1.12 -40.33 15.22
CA PHE H 795 0.30 -41.15 16.10
C PHE H 795 -0.11 -40.45 17.38
N GLU H 796 0.54 -39.35 17.78
CA GLU H 796 -0.06 -38.55 18.84
C GLU H 796 -1.21 -37.69 18.30
N ILE H 797 -1.15 -37.32 17.02
CA ILE H 797 -2.33 -36.79 16.32
C ILE H 797 -3.45 -37.83 16.36
N CYS H 798 -3.10 -39.10 16.13
CA CYS H 798 -4.08 -40.18 16.22
C CYS H 798 -4.63 -40.34 17.63
N VAL H 799 -3.79 -40.19 18.67
CA VAL H 799 -4.25 -40.29 20.06
C VAL H 799 -5.27 -39.21 20.38
N LEU H 800 -4.99 -37.97 19.95
CA LEU H 800 -5.93 -36.87 20.17
C LEU H 800 -7.22 -37.09 19.40
N ALA H 801 -7.13 -37.66 18.20
CA ALA H 801 -8.33 -37.94 17.41
C ALA H 801 -9.21 -39.00 18.06
N ILE H 802 -8.59 -40.09 18.56
CA ILE H 802 -9.31 -41.14 19.27
C ILE H 802 -9.95 -40.59 20.54
N ALA H 803 -9.24 -39.69 21.22
CA ALA H 803 -9.78 -39.10 22.45
C ALA H 803 -11.01 -38.24 22.18
N ALA H 804 -10.96 -37.41 21.12
CA ALA H 804 -12.12 -36.57 20.80
C ALA H 804 -13.31 -37.40 20.33
N LEU H 805 -13.06 -38.41 19.48
CA LEU H 805 -14.13 -39.28 19.02
C LEU H 805 -14.71 -40.10 20.16
N GLY H 806 -13.89 -40.50 21.12
CA GLY H 806 -14.38 -41.25 22.26
C GLY H 806 -15.21 -40.41 23.21
N ILE H 807 -14.81 -39.15 23.42
CA ILE H 807 -15.61 -38.25 24.23
C ILE H 807 -16.97 -37.99 23.58
N TYR H 808 -16.98 -37.82 22.26
CA TYR H 808 -18.24 -37.66 21.52
C TYR H 808 -19.11 -38.91 21.63
N ALA H 809 -18.49 -40.10 21.54
CA ALA H 809 -19.24 -41.35 21.60
C ALA H 809 -19.78 -41.64 23.00
N MET H 810 -19.02 -41.27 24.04
CA MET H 810 -19.52 -41.46 25.40
C MET H 810 -20.68 -40.54 25.71
N VAL H 811 -20.58 -39.28 25.27
CA VAL H 811 -21.65 -38.35 25.61
C VAL H 811 -22.92 -38.64 24.81
N LYS H 812 -22.76 -39.04 23.54
CA LYS H 812 -23.96 -39.14 22.71
C LYS H 812 -24.68 -40.49 22.79
N LEU H 813 -23.96 -41.60 22.98
CA LEU H 813 -24.57 -42.91 22.93
C LEU H 813 -25.08 -43.28 24.32
N ARG H 814 -26.38 -43.50 24.45
CA ARG H 814 -27.00 -43.77 25.75
C ARG H 814 -28.02 -44.92 25.65
N LEU H 815 -27.59 -46.06 25.11
CA LEU H 815 -28.50 -47.19 24.94
C LEU H 815 -28.95 -47.79 26.28
N ALA H 816 -28.09 -47.73 27.30
CA ALA H 816 -28.30 -48.27 28.64
C ALA H 816 -28.67 -49.75 28.64
N ARG I 3 -29.89 -7.57 30.90
CA ARG I 3 -28.69 -8.38 31.03
C ARG I 3 -27.88 -8.34 29.74
N ASN I 4 -27.98 -7.22 29.02
CA ASN I 4 -27.30 -7.07 27.75
C ASN I 4 -25.78 -7.00 27.91
N ASP I 5 -25.09 -7.91 27.24
CA ASP I 5 -23.63 -7.97 27.31
C ASP I 5 -23.00 -7.20 26.14
N VAL I 6 -23.32 -5.91 26.09
CA VAL I 6 -22.84 -5.08 24.98
C VAL I 6 -21.34 -4.85 25.08
N ILE I 7 -20.83 -4.69 26.30
CA ILE I 7 -19.40 -4.45 26.49
C ILE I 7 -18.61 -5.71 26.18
N LEU I 8 -19.13 -6.86 26.61
CA LEU I 8 -18.48 -8.14 26.35
C LEU I 8 -18.48 -8.48 24.86
N ARG I 9 -19.61 -8.25 24.17
CA ARG I 9 -19.68 -8.55 22.75
C ARG I 9 -18.78 -7.62 21.93
N THR I 10 -18.70 -6.35 22.31
CA THR I 10 -17.87 -5.45 21.52
C THR I 10 -16.38 -5.69 21.77
N THR I 11 -16.00 -5.96 23.03
CA THR I 11 -14.60 -6.30 23.23
C THR I 11 -14.25 -7.67 22.67
N THR I 12 -15.23 -8.58 22.53
CA THR I 12 -14.97 -9.83 21.83
C THR I 12 -14.76 -9.59 20.34
N ALA I 13 -15.55 -8.69 19.76
CA ALA I 13 -15.41 -8.34 18.35
C ALA I 13 -14.08 -7.68 18.04
N VAL I 14 -13.53 -6.89 18.97
CA VAL I 14 -12.23 -6.27 18.70
C VAL I 14 -11.05 -7.07 19.25
N VAL I 15 -11.30 -8.13 20.00
CA VAL I 15 -10.23 -8.93 20.60
C VAL I 15 -9.98 -10.22 19.80
N THR I 16 -11.04 -10.77 19.19
CA THR I 16 -10.90 -11.97 18.36
C THR I 16 -9.94 -11.85 17.16
N PRO I 17 -9.89 -10.74 16.38
CA PRO I 17 -8.89 -10.68 15.30
C PRO I 17 -7.44 -10.71 15.76
N ILE I 18 -7.10 -10.13 16.90
CA ILE I 18 -5.69 -10.17 17.28
C ILE I 18 -5.31 -11.55 17.82
N ILE I 19 -6.28 -12.29 18.37
CA ILE I 19 -6.01 -13.68 18.74
C ILE I 19 -5.80 -14.53 17.49
N VAL I 20 -6.59 -14.28 16.44
CA VAL I 20 -6.45 -15.07 15.22
C VAL I 20 -5.12 -14.74 14.51
N LEU I 21 -4.75 -13.46 14.45
CA LEU I 21 -3.44 -13.09 13.91
C LEU I 21 -2.30 -13.68 14.74
N PHE I 22 -2.47 -13.74 16.06
CA PHE I 22 -1.43 -14.31 16.91
C PHE I 22 -1.28 -15.80 16.68
N SER I 23 -2.40 -16.52 16.49
CA SER I 23 -2.34 -17.95 16.26
C SER I 23 -1.73 -18.27 14.88
N VAL I 24 -2.09 -17.50 13.86
CA VAL I 24 -1.53 -17.72 12.53
C VAL I 24 -0.04 -17.34 12.50
N GLN I 25 0.35 -16.31 13.25
CA GLN I 25 1.76 -15.95 13.33
C GLN I 25 2.57 -16.99 14.11
N LEU I 26 1.97 -17.60 15.14
CA LEU I 26 2.63 -18.72 15.80
C LEU I 26 2.78 -19.91 14.87
N PHE I 27 1.78 -20.13 14.02
CA PHE I 27 1.83 -21.29 13.13
C PHE I 27 2.85 -21.13 12.01
N PHE I 28 2.88 -19.97 11.35
CA PHE I 28 3.77 -19.79 10.19
C PHE I 28 5.23 -19.69 10.57
N ALA I 29 5.56 -19.34 11.81
CA ALA I 29 6.93 -19.19 12.25
C ALA I 29 7.43 -20.38 13.04
N GLY I 30 6.93 -21.58 12.72
CA GLY I 30 7.26 -22.74 13.53
C GLY I 30 8.68 -23.25 13.32
N HIS I 31 9.14 -23.25 12.07
CA HIS I 31 10.45 -23.81 11.77
C HIS I 31 11.61 -22.93 12.20
N TYR I 32 11.39 -21.64 12.43
CA TYR I 32 12.48 -20.72 12.68
C TYR I 32 12.48 -20.14 14.08
N TYR I 33 11.34 -20.03 14.71
CA TYR I 33 11.19 -19.44 16.03
C TYR I 33 10.28 -20.37 16.82
N PRO I 34 10.12 -20.21 18.14
CA PRO I 34 9.18 -21.08 18.85
C PRO I 34 7.73 -20.89 18.41
N GLY I 35 6.96 -21.94 18.62
CA GLY I 35 5.63 -22.06 18.06
C GLY I 35 5.52 -23.29 17.17
N GLY I 36 4.33 -23.46 16.60
CA GLY I 36 4.11 -24.57 15.70
C GLY I 36 2.63 -24.82 15.52
N GLY I 37 2.32 -26.01 15.02
CA GLY I 37 0.93 -26.38 14.78
C GLY I 37 0.13 -26.59 16.05
N PHE I 38 0.80 -27.05 17.12
CA PHE I 38 0.11 -27.35 18.38
C PHE I 38 -0.44 -26.09 19.03
N ILE I 39 0.44 -25.13 19.33
CA ILE I 39 0.03 -23.92 20.03
C ILE I 39 -0.83 -23.02 19.12
N GLY I 40 -0.58 -23.05 17.81
CA GLY I 40 -1.39 -22.27 16.89
C GLY I 40 -2.81 -22.81 16.78
N GLY I 41 -2.94 -24.14 16.73
CA GLY I 41 -4.26 -24.74 16.71
C GLY I 41 -5.00 -24.55 18.01
N LEU I 42 -4.27 -24.61 19.14
CA LEU I 42 -4.89 -24.39 20.44
C LEU I 42 -5.38 -22.96 20.59
N MET I 43 -4.67 -21.98 20.05
CA MET I 43 -5.17 -20.62 20.21
C MET I 43 -6.18 -20.20 19.15
N THR I 44 -6.18 -20.83 17.98
CA THR I 44 -7.32 -20.67 17.07
C THR I 44 -8.58 -21.21 17.72
N ALA I 45 -8.47 -22.37 18.36
CA ALA I 45 -9.58 -22.89 19.14
C ALA I 45 -9.93 -21.97 20.31
N GLY I 46 -8.94 -21.28 20.89
CA GLY I 46 -9.23 -20.34 21.95
C GLY I 46 -10.01 -19.11 21.49
N ALA I 47 -9.71 -18.63 20.27
CA ALA I 47 -10.51 -17.56 19.68
C ALA I 47 -11.95 -18.01 19.45
N ILE I 48 -12.13 -19.25 18.97
CA ILE I 48 -13.49 -19.75 18.79
C ILE I 48 -14.17 -20.00 20.14
N VAL I 49 -13.38 -20.31 21.18
CA VAL I 49 -13.91 -20.43 22.54
C VAL I 49 -14.42 -19.09 23.05
N LEU I 50 -13.67 -18.03 22.77
CA LEU I 50 -14.11 -16.69 23.15
C LEU I 50 -15.40 -16.30 22.44
N LEU I 51 -15.53 -16.67 21.17
CA LEU I 51 -16.79 -16.50 20.45
C LEU I 51 -17.92 -17.33 21.06
N LEU I 52 -17.59 -18.52 21.58
CA LEU I 52 -18.59 -19.34 22.27
C LEU I 52 -19.03 -18.72 23.59
N LEU I 53 -18.10 -18.07 24.28
CA LEU I 53 -18.42 -17.45 25.56
C LEU I 53 -19.23 -16.18 25.37
N ALA I 54 -19.02 -15.47 24.26
CA ALA I 54 -19.80 -14.27 24.00
C ALA I 54 -21.18 -14.56 23.41
N PHE I 55 -21.42 -15.76 22.89
CA PHE I 55 -22.61 -16.04 22.10
C PHE I 55 -23.16 -17.41 22.46
N ASP I 56 -24.03 -17.92 21.60
CA ASP I 56 -24.76 -19.16 21.82
C ASP I 56 -23.90 -20.32 21.30
N ILE I 57 -24.49 -21.51 21.19
CA ILE I 57 -23.80 -22.68 20.63
C ILE I 57 -24.22 -22.86 19.18
N GLU I 58 -25.43 -22.42 18.84
CA GLU I 58 -25.88 -22.48 17.45
C GLU I 58 -25.42 -21.26 16.67
N THR I 59 -25.24 -20.13 17.35
CA THR I 59 -24.82 -18.91 16.67
C THR I 59 -23.37 -19.01 16.23
N VAL I 60 -22.53 -19.71 16.98
CA VAL I 60 -21.12 -19.82 16.61
C VAL I 60 -20.93 -20.79 15.44
N ARG I 61 -21.68 -21.89 15.42
CA ARG I 61 -21.63 -22.76 14.25
C ARG I 61 -22.35 -22.14 13.07
N LYS I 62 -23.21 -21.15 13.29
CA LYS I 62 -23.72 -20.34 12.18
C LYS I 62 -22.65 -19.38 11.67
N MET I 63 -21.88 -18.78 12.57
CA MET I 63 -20.82 -17.85 12.19
C MET I 63 -19.65 -18.59 11.57
N VAL I 64 -19.24 -19.69 12.18
CA VAL I 64 -18.19 -20.54 11.60
C VAL I 64 -18.85 -21.84 11.17
N PRO I 65 -19.22 -22.00 9.90
CA PRO I 65 -20.03 -23.17 9.47
C PRO I 65 -19.16 -24.38 9.14
N ILE I 66 -18.55 -24.95 10.18
CA ILE I 66 -17.68 -26.11 10.05
C ILE I 66 -18.16 -27.16 11.03
N ASN I 67 -18.17 -28.43 10.61
CA ASN I 67 -18.10 -29.54 11.56
C ASN I 67 -16.64 -30.02 11.65
N TYR I 68 -16.23 -30.35 12.86
CA TYR I 68 -14.82 -30.50 13.18
C TYR I 68 -14.32 -31.92 13.04
N LYS I 69 -15.23 -32.88 12.93
CA LYS I 69 -14.86 -34.26 12.67
C LYS I 69 -14.26 -34.41 11.28
N TRP I 70 -14.81 -33.67 10.31
CA TRP I 70 -14.17 -33.62 9.00
C TRP I 70 -12.83 -32.92 9.05
N LEU I 71 -12.66 -31.95 9.95
CA LEU I 71 -11.36 -31.29 10.08
C LEU I 71 -10.29 -32.23 10.62
N VAL I 72 -10.62 -33.03 11.63
CA VAL I 72 -9.59 -33.94 12.15
C VAL I 72 -9.28 -35.04 11.15
N ALA I 73 -10.30 -35.50 10.40
CA ALA I 73 -10.05 -36.50 9.36
C ALA I 73 -9.19 -35.95 8.23
N ILE I 74 -9.45 -34.72 7.80
CA ILE I 74 -8.69 -34.12 6.71
C ILE I 74 -7.27 -33.75 7.14
N GLY I 75 -7.06 -33.37 8.40
CA GLY I 75 -5.70 -33.13 8.87
C GLY I 75 -4.87 -34.40 8.96
N LEU I 76 -5.49 -35.49 9.44
CA LEU I 76 -4.88 -36.81 9.37
C LEU I 76 -4.53 -37.19 7.93
N LEU I 77 -5.43 -36.88 6.99
CA LEU I 77 -5.17 -37.14 5.57
C LEU I 77 -4.00 -36.31 5.05
N PHE I 78 -3.85 -35.06 5.50
CA PHE I 78 -2.71 -34.25 5.06
C PHE I 78 -1.39 -34.85 5.51
N ALA I 79 -1.31 -35.29 6.76
CA ALA I 79 -0.06 -35.87 7.27
C ALA I 79 0.27 -37.19 6.55
N VAL I 80 -0.73 -38.07 6.41
CA VAL I 80 -0.49 -39.36 5.77
C VAL I 80 -0.21 -39.18 4.29
N GLY I 81 -0.86 -38.22 3.64
CA GLY I 81 -0.63 -37.98 2.22
C GLY I 81 0.72 -37.35 1.94
N THR I 82 1.23 -36.54 2.87
CA THR I 82 2.62 -36.08 2.77
C THR I 82 3.57 -37.27 2.83
N GLY I 83 3.29 -38.22 3.72
CA GLY I 83 4.10 -39.44 3.75
C GLY I 83 4.00 -40.28 2.47
N MET I 84 2.80 -40.39 1.91
CA MET I 84 2.62 -41.22 0.71
C MET I 84 3.28 -40.60 -0.51
N SER I 85 3.15 -39.27 -0.66
CA SER I 85 3.83 -38.56 -1.73
C SER I 85 5.34 -38.65 -1.57
N SER I 86 5.82 -38.78 -0.33
CA SER I 86 7.22 -39.14 -0.15
C SER I 86 7.50 -40.57 -0.61
N MET I 87 6.55 -41.49 -0.42
CA MET I 87 6.81 -42.90 -0.72
C MET I 87 6.90 -43.19 -2.21
N PHE I 88 6.14 -42.48 -3.05
CA PHE I 88 6.08 -42.88 -4.46
C PHE I 88 7.39 -42.65 -5.21
N LEU I 89 8.15 -41.61 -4.86
CA LEU I 89 9.31 -41.23 -5.68
C LEU I 89 10.61 -41.86 -5.19
N ASP I 90 10.62 -43.19 -5.02
CA ASP I 90 11.81 -43.99 -4.64
C ASP I 90 12.47 -43.52 -3.35
N ARG I 91 11.65 -43.09 -2.39
CA ARG I 91 12.11 -42.59 -1.11
C ARG I 91 11.30 -43.23 0.00
N PRO I 92 11.86 -43.30 1.21
CA PRO I 92 11.07 -43.83 2.34
C PRO I 92 9.98 -42.87 2.77
N PHE I 93 9.17 -43.35 3.72
CA PHE I 93 7.97 -42.66 4.16
C PHE I 93 8.33 -41.40 4.94
N LEU I 94 7.74 -40.26 4.54
CA LEU I 94 8.02 -38.93 5.10
C LEU I 94 9.49 -38.53 4.94
N THR I 95 9.89 -38.35 3.69
CA THR I 95 11.25 -37.92 3.37
C THR I 95 11.39 -36.40 3.32
N HIS I 96 10.32 -35.69 2.95
CA HIS I 96 10.17 -34.23 3.10
C HIS I 96 11.22 -33.44 2.30
N ALA I 97 11.08 -33.50 0.99
CA ALA I 97 11.77 -32.58 0.10
C ALA I 97 10.89 -31.36 -0.19
N TYR I 98 11.33 -30.49 -1.10
CA TYR I 98 10.60 -29.27 -1.39
C TYR I 98 9.47 -29.54 -2.38
N LYS I 99 8.59 -28.55 -2.52
CA LYS I 99 7.42 -28.71 -3.39
C LYS I 99 6.95 -27.35 -3.86
N TYR I 100 6.68 -27.25 -5.17
CA TYR I 100 6.14 -26.05 -5.78
C TYR I 100 4.63 -26.13 -5.81
N VAL I 101 3.96 -25.05 -5.41
CA VAL I 101 2.52 -24.93 -5.57
C VAL I 101 2.22 -23.66 -6.40
N HIS I 102 1.53 -23.86 -7.52
CA HIS I 102 0.99 -22.77 -8.32
C HIS I 102 -0.49 -23.12 -8.56
N LEU I 103 -1.32 -22.71 -7.60
CA LEU I 103 -2.74 -23.06 -7.54
C LEU I 103 -3.65 -22.58 -8.68
N PRO I 104 -3.47 -21.38 -9.31
CA PRO I 104 -2.54 -20.24 -9.24
C PRO I 104 -2.73 -19.26 -8.08
N LEU I 105 -1.80 -19.32 -7.13
CA LEU I 105 -1.68 -18.33 -6.07
C LEU I 105 -0.21 -18.14 -5.79
N LEU I 106 0.33 -16.97 -6.16
CA LEU I 106 1.71 -16.55 -5.93
C LEU I 106 2.69 -17.54 -6.56
N ASP I 107 2.68 -17.52 -7.91
CA ASP I 107 3.16 -18.56 -8.84
C ASP I 107 4.46 -19.24 -8.43
N HIS I 108 4.40 -20.58 -8.42
CA HIS I 108 5.51 -21.48 -8.08
C HIS I 108 6.06 -21.17 -6.68
N THR I 109 5.17 -21.17 -5.71
CA THR I 109 5.55 -21.02 -4.31
C THR I 109 6.28 -22.29 -3.86
N SER I 110 7.58 -22.17 -3.61
CA SER I 110 8.41 -23.30 -3.23
C SER I 110 8.46 -23.39 -1.72
N LEU I 111 7.86 -24.43 -1.16
CA LEU I 111 7.81 -24.60 0.28
C LEU I 111 8.36 -25.97 0.68
N HIS I 112 8.70 -26.07 1.96
CA HIS I 112 9.14 -27.34 2.53
C HIS I 112 7.92 -28.09 3.03
N THR I 113 7.84 -29.38 2.73
CA THR I 113 6.61 -30.13 2.96
C THR I 113 6.40 -30.53 4.41
N ALA I 114 7.33 -30.20 5.32
CA ALA I 114 7.06 -30.35 6.74
C ALA I 114 6.03 -29.34 7.24
N VAL I 115 5.84 -28.24 6.51
CA VAL I 115 4.85 -27.24 6.89
C VAL I 115 3.45 -27.75 6.66
N LEU I 116 3.23 -28.58 5.64
CA LEU I 116 1.91 -29.19 5.48
C LEU I 116 1.66 -30.29 6.51
N PHE I 117 2.71 -30.92 7.00
CA PHE I 117 2.58 -31.83 8.14
C PHE I 117 2.13 -31.06 9.38
N ASP I 118 2.76 -29.90 9.63
CA ASP I 118 2.28 -28.97 10.65
C ASP I 118 0.85 -28.50 10.41
N LEU I 119 0.45 -28.38 9.14
CA LEU I 119 -0.90 -27.93 8.85
C LEU I 119 -1.92 -29.01 9.20
N GLY I 120 -1.56 -30.27 8.97
CA GLY I 120 -2.39 -31.36 9.46
C GLY I 120 -2.49 -31.40 10.97
N VAL I 121 -1.36 -31.15 11.66
CA VAL I 121 -1.35 -31.01 13.12
C VAL I 121 -2.31 -29.90 13.56
N TYR I 122 -2.25 -28.76 12.87
CA TYR I 122 -3.07 -27.59 13.16
C TYR I 122 -4.55 -27.91 13.06
N PHE I 123 -4.96 -28.54 11.94
CA PHE I 123 -6.38 -28.83 11.75
C PHE I 123 -6.89 -29.85 12.76
N VAL I 124 -6.07 -30.85 13.10
CA VAL I 124 -6.55 -31.84 14.07
C VAL I 124 -6.65 -31.24 15.47
N VAL I 125 -5.73 -30.35 15.84
CA VAL I 125 -5.79 -29.72 17.16
C VAL I 125 -7.02 -28.82 17.27
N VAL I 126 -7.30 -28.01 16.24
CA VAL I 126 -8.50 -27.17 16.21
C VAL I 126 -9.76 -28.02 16.30
N GLY I 127 -9.81 -29.10 15.52
CA GLY I 127 -10.99 -29.95 15.50
C GLY I 127 -11.22 -30.69 16.79
N VAL I 128 -10.16 -31.25 17.39
CA VAL I 128 -10.27 -32.02 18.63
C VAL I 128 -10.72 -31.11 19.77
N THR I 129 -10.11 -29.92 19.90
CA THR I 129 -10.49 -29.01 20.98
C THR I 129 -11.92 -28.54 20.83
N MET I 130 -12.35 -28.24 19.59
CA MET I 130 -13.72 -27.81 19.42
C MET I 130 -14.72 -28.94 19.60
N ILE I 131 -14.38 -30.17 19.23
CA ILE I 131 -15.25 -31.32 19.45
C ILE I 131 -15.48 -31.53 20.94
N ILE I 132 -14.40 -31.49 21.73
CA ILE I 132 -14.51 -31.66 23.18
C ILE I 132 -15.39 -30.59 23.80
N ILE I 133 -15.15 -29.34 23.44
CA ILE I 133 -15.83 -28.24 24.12
C ILE I 133 -17.31 -28.15 23.70
N GLU I 134 -17.60 -28.25 22.41
CA GLU I 134 -19.01 -28.16 22.05
C GLU I 134 -19.75 -29.48 22.21
N THR I 135 -19.04 -30.58 22.53
CA THR I 135 -19.73 -31.80 22.91
C THR I 135 -20.14 -31.75 24.38
N ILE I 136 -19.24 -31.25 25.23
CA ILE I 136 -19.56 -31.05 26.63
C ILE I 136 -20.62 -29.98 26.83
N GLY I 137 -20.62 -28.94 25.99
CA GLY I 137 -21.52 -27.81 26.20
C GLY I 137 -22.99 -28.12 25.99
N GLU I 138 -23.31 -28.90 24.96
CA GLU I 138 -24.70 -29.19 24.63
C GLU I 138 -25.17 -30.54 25.15
N SER I 139 -24.48 -31.09 26.15
CA SER I 139 -24.80 -32.40 26.66
C SER I 139 -26.10 -32.39 27.47
N ASP I 140 -26.18 -31.49 28.45
CA ASP I 140 -27.31 -31.34 29.39
C ASP I 140 -27.63 -32.65 30.11
N MET J 1 21.92 -28.44 41.15
CA MET J 1 20.57 -28.01 40.79
C MET J 1 19.69 -29.22 40.50
N GLU J 2 20.29 -30.27 39.96
CA GLU J 2 19.53 -31.49 39.68
C GLU J 2 19.08 -32.18 40.96
N LEU J 3 19.82 -32.02 42.06
CA LEU J 3 19.42 -32.61 43.33
C LEU J 3 18.11 -32.01 43.85
N LEU J 4 17.97 -30.70 43.70
CA LEU J 4 16.74 -30.01 44.12
C LEU J 4 15.57 -30.44 43.24
N MET J 5 15.81 -30.62 41.95
CA MET J 5 14.76 -31.11 41.07
C MET J 5 14.38 -32.55 41.39
N ILE J 6 15.36 -33.37 41.81
CA ILE J 6 15.08 -34.75 42.19
C ILE J 6 14.23 -34.80 43.45
N VAL J 7 14.56 -33.99 44.47
CA VAL J 7 13.74 -34.02 45.68
C VAL J 7 12.36 -33.44 45.46
N VAL J 8 12.20 -32.51 44.51
CA VAL J 8 10.87 -31.95 44.33
C VAL J 8 10.02 -32.85 43.44
N ILE J 9 10.63 -33.61 42.52
CA ILE J 9 9.82 -34.57 41.77
C ILE J 9 9.50 -35.77 42.65
N GLY J 10 10.35 -36.08 43.62
CA GLY J 10 10.01 -37.11 44.59
C GLY J 10 8.86 -36.70 45.48
N CYS J 11 8.80 -35.43 45.85
CA CYS J 11 7.62 -34.96 46.59
C CYS J 11 6.37 -34.98 45.73
N LEU J 12 6.49 -34.68 44.42
CA LEU J 12 5.36 -34.84 43.51
C LEU J 12 4.91 -36.29 43.39
N PHE J 13 5.87 -37.22 43.36
CA PHE J 13 5.54 -38.65 43.29
C PHE J 13 4.86 -39.13 44.56
N ALA J 14 5.34 -38.67 45.72
CA ALA J 14 4.71 -39.03 46.99
C ALA J 14 3.29 -38.48 47.09
N ALA J 15 3.09 -37.24 46.64
CA ALA J 15 1.77 -36.63 46.65
C ALA J 15 0.80 -37.33 45.69
N ALA J 16 1.29 -37.66 44.50
CA ALA J 16 0.46 -38.35 43.51
C ALA J 16 0.07 -39.74 44.00
N THR J 17 1.03 -40.46 44.60
CA THR J 17 0.76 -41.78 45.12
C THR J 17 -0.23 -41.73 46.28
N TYR J 18 -0.13 -40.70 47.12
CA TYR J 18 -1.08 -40.57 48.22
C TYR J 18 -2.47 -40.19 47.73
N LEU J 19 -2.56 -39.45 46.63
CA LEU J 19 -3.89 -39.10 46.12
C LEU J 19 -4.53 -40.24 45.33
N LEU J 20 -3.72 -41.10 44.69
CA LEU J 20 -4.28 -42.24 43.97
C LEU J 20 -4.89 -43.27 44.91
N LEU J 21 -4.41 -43.35 46.16
CA LEU J 21 -4.85 -44.32 47.14
C LEU J 21 -6.00 -43.81 48.00
N SER J 22 -6.84 -42.95 47.45
CA SER J 22 -7.89 -42.28 48.21
C SER J 22 -9.26 -42.85 47.85
N LYS J 23 -10.28 -42.29 48.46
CA LYS J 23 -11.63 -42.85 48.41
C LYS J 23 -12.52 -42.17 47.37
N SER J 24 -12.19 -40.95 46.96
CA SER J 24 -12.98 -40.21 45.99
C SER J 24 -12.27 -40.20 44.65
N LEU J 25 -13.05 -40.08 43.57
CA LEU J 25 -12.50 -40.23 42.22
C LEU J 25 -11.79 -38.97 41.72
N LEU J 26 -12.28 -37.80 42.11
CA LEU J 26 -11.67 -36.56 41.67
C LEU J 26 -10.28 -36.37 42.28
N ARG J 27 -10.08 -36.84 43.52
CA ARG J 27 -8.74 -36.91 44.10
C ARG J 27 -7.81 -37.81 43.30
N ILE J 28 -8.36 -38.90 42.74
CA ILE J 28 -7.56 -39.83 41.95
C ILE J 28 -7.11 -39.18 40.65
N ILE J 29 -8.00 -38.40 40.03
CA ILE J 29 -7.63 -37.74 38.77
C ILE J 29 -6.64 -36.60 39.03
N ILE J 30 -6.76 -35.93 40.18
CA ILE J 30 -5.76 -34.94 40.59
C ILE J 30 -4.40 -35.60 40.81
N GLY J 31 -4.41 -36.80 41.39
CA GLY J 31 -3.15 -37.54 41.55
C GLY J 31 -2.55 -37.97 40.22
N THR J 32 -3.41 -38.31 39.25
CA THR J 32 -2.96 -38.57 37.89
C THR J 32 -2.25 -37.36 37.29
N GLY J 33 -2.84 -36.17 37.47
CA GLY J 33 -2.19 -34.94 36.99
C GLY J 33 -0.85 -34.69 37.64
N LEU J 34 -0.77 -34.85 38.96
CA LEU J 34 0.50 -34.63 39.66
C LEU J 34 1.56 -35.65 39.26
N LEU J 35 1.15 -36.89 39.00
CA LEU J 35 2.09 -37.91 38.54
C LEU J 35 2.62 -37.59 37.15
N SER J 36 1.75 -37.03 36.29
CA SER J 36 2.18 -36.60 34.97
C SER J 36 3.19 -35.46 35.04
N HIS J 37 2.94 -34.48 35.91
CA HIS J 37 3.89 -33.38 36.09
C HIS J 37 5.23 -33.87 36.61
N GLY J 38 5.20 -34.83 37.54
CA GLY J 38 6.44 -35.41 38.05
C GLY J 38 7.23 -36.14 36.99
N ALA J 39 6.53 -36.89 36.13
CA ALA J 39 7.23 -37.62 35.06
C ALA J 39 7.83 -36.68 34.03
N HIS J 40 7.13 -35.60 33.70
CA HIS J 40 7.63 -34.67 32.68
C HIS J 40 8.82 -33.87 33.20
N LEU J 41 8.73 -33.40 34.45
CA LEU J 41 9.88 -32.73 35.07
C LEU J 41 11.05 -33.68 35.24
N LEU J 42 10.78 -34.98 35.44
CA LEU J 42 11.86 -35.94 35.55
C LEU J 42 12.56 -36.16 34.20
N LEU J 43 11.79 -36.18 33.11
CA LEU J 43 12.39 -36.22 31.77
C LEU J 43 13.29 -35.01 31.54
N LEU J 44 12.80 -33.82 31.90
CA LEU J 44 13.60 -32.60 31.73
C LEU J 44 14.86 -32.62 32.59
N THR J 45 14.75 -33.12 33.83
CA THR J 45 15.87 -33.13 34.74
C THR J 45 16.94 -34.12 34.30
N MET J 46 16.53 -35.35 33.95
CA MET J 46 17.49 -36.37 33.57
C MET J 46 18.08 -36.12 32.19
N GLY J 47 17.44 -35.29 31.37
CA GLY J 47 18.10 -34.82 30.16
C GLY J 47 19.31 -33.95 30.43
N GLY J 48 19.31 -33.24 31.56
CA GLY J 48 20.41 -32.35 31.90
C GLY J 48 19.94 -30.92 32.04
N LEU J 49 20.51 -30.17 32.98
CA LEU J 49 20.07 -28.80 33.24
C LEU J 49 21.23 -27.82 33.23
N LYS J 50 22.28 -28.11 32.49
CA LYS J 50 23.43 -27.21 32.40
C LYS J 50 23.06 -26.00 31.54
N ALA J 51 23.60 -24.83 31.93
CA ALA J 51 23.19 -23.57 31.31
C ALA J 51 23.74 -23.41 29.90
N GLY J 52 22.84 -23.11 28.97
CA GLY J 52 23.18 -22.78 27.61
C GLY J 52 22.03 -22.04 26.97
N ALA J 53 22.11 -21.88 25.65
CA ALA J 53 21.09 -21.14 24.93
C ALA J 53 19.82 -21.98 24.79
N PRO J 54 18.67 -21.34 24.60
CA PRO J 54 17.48 -22.07 24.19
C PRO J 54 17.68 -22.73 22.84
N PRO J 55 16.95 -23.83 22.56
CA PRO J 55 17.23 -24.58 21.33
C PRO J 55 16.76 -23.88 20.06
N LEU J 56 17.49 -22.86 19.65
CA LEU J 56 17.14 -22.04 18.49
C LEU J 56 18.43 -21.64 17.79
N LEU J 57 18.55 -21.94 16.50
CA LEU J 57 19.79 -21.66 15.79
C LEU J 57 19.93 -20.20 15.37
N GLY J 58 18.91 -19.37 15.59
CA GLY J 58 19.08 -17.95 15.37
C GLY J 58 20.06 -17.33 16.34
N GLU J 59 19.98 -17.70 17.60
CA GLU J 59 20.98 -17.36 18.59
C GLU J 59 22.25 -18.15 18.30
N LYS J 60 23.37 -17.45 18.17
CA LYS J 60 24.62 -18.07 17.72
C LYS J 60 25.53 -18.45 18.87
N ALA J 61 24.96 -18.93 19.98
CA ALA J 61 25.74 -19.22 21.17
C ALA J 61 26.59 -20.47 20.98
N SER J 62 27.50 -20.69 21.94
CA SER J 62 28.47 -21.77 21.83
C SER J 62 27.85 -23.13 22.11
N ARG J 63 27.07 -23.24 23.17
CA ARG J 63 26.42 -24.50 23.52
C ARG J 63 24.94 -24.28 23.82
N TYR J 64 24.14 -25.29 23.48
CA TYR J 64 22.70 -25.21 23.56
C TYR J 64 22.18 -26.20 24.59
N VAL J 65 20.95 -25.99 25.02
CA VAL J 65 20.23 -26.98 25.81
C VAL J 65 19.83 -28.13 24.88
N ASP J 66 19.85 -29.35 25.42
CA ASP J 66 19.54 -30.60 24.73
C ASP J 66 18.16 -30.56 24.06
N PRO J 67 18.06 -30.76 22.74
CA PRO J 67 16.76 -30.66 22.06
C PRO J 67 15.85 -31.87 22.22
N LEU J 68 16.43 -33.07 22.39
CA LEU J 68 15.63 -34.30 22.49
C LEU J 68 14.64 -34.36 23.65
N PRO J 69 15.02 -34.10 24.92
CA PRO J 69 14.03 -34.31 25.99
C PRO J 69 12.87 -33.34 25.93
N GLN J 70 13.06 -32.16 25.34
CA GLN J 70 11.96 -31.23 25.19
C GLN J 70 10.91 -31.76 24.21
N ALA J 71 11.35 -32.36 23.11
CA ALA J 71 10.44 -32.97 22.15
C ALA J 71 9.72 -34.17 22.77
N LEU J 72 10.45 -34.98 23.55
CA LEU J 72 9.82 -36.12 24.22
C LEU J 72 8.78 -35.67 25.23
N ILE J 73 9.08 -34.60 25.98
CA ILE J 73 8.14 -34.05 26.95
C ILE J 73 6.89 -33.53 26.26
N LEU J 74 7.06 -32.84 25.12
CA LEU J 74 5.90 -32.28 24.44
C LEU J 74 4.98 -33.37 23.88
N THR J 75 5.58 -34.45 23.37
CA THR J 75 4.82 -35.64 22.99
C THR J 75 4.03 -36.20 24.17
N ALA J 76 4.71 -36.37 25.32
CA ALA J 76 4.04 -36.90 26.50
C ALA J 76 2.96 -35.96 27.03
N ILE J 77 3.14 -34.64 26.86
CA ILE J 77 2.15 -33.68 27.35
C ILE J 77 0.87 -33.77 26.55
N VAL J 78 0.97 -33.85 25.22
CA VAL J 78 -0.28 -33.90 24.45
C VAL J 78 -0.96 -35.27 24.60
N ILE J 79 -0.18 -36.35 24.76
CA ILE J 79 -0.80 -37.66 25.02
C ILE J 79 -1.50 -37.68 26.38
N SER J 80 -0.83 -37.15 27.42
CA SER J 80 -1.40 -37.11 28.75
C SER J 80 -2.62 -36.20 28.82
N PHE J 81 -2.64 -35.12 28.02
CA PHE J 81 -3.82 -34.28 27.97
C PHE J 81 -5.00 -34.99 27.33
N GLY J 82 -4.75 -35.76 26.27
CA GLY J 82 -5.83 -36.52 25.66
C GLY J 82 -6.44 -37.54 26.61
N VAL J 83 -5.57 -38.30 27.30
CA VAL J 83 -6.04 -39.32 28.23
C VAL J 83 -6.74 -38.68 29.43
N THR J 84 -6.22 -37.52 29.89
CA THR J 84 -6.81 -36.84 31.04
C THR J 84 -8.18 -36.27 30.72
N ALA J 85 -8.34 -35.71 29.52
CA ALA J 85 -9.66 -35.19 29.10
C ALA J 85 -10.67 -36.32 28.96
N PHE J 86 -10.24 -37.45 28.39
CA PHE J 86 -11.12 -38.62 28.29
C PHE J 86 -11.54 -39.12 29.66
N PHE J 87 -10.60 -39.18 30.60
CA PHE J 87 -10.90 -39.75 31.92
C PHE J 87 -11.75 -38.79 32.75
N LEU J 88 -11.62 -37.49 32.52
CA LEU J 88 -12.51 -36.53 33.18
C LEU J 88 -13.93 -36.58 32.65
N VAL J 89 -14.11 -36.73 31.33
CA VAL J 89 -15.46 -36.88 30.80
C VAL J 89 -16.06 -38.21 31.23
N LEU J 90 -15.22 -39.25 31.37
CA LEU J 90 -15.66 -40.54 31.89
C LEU J 90 -16.13 -40.44 33.33
N ALA J 91 -15.42 -39.69 34.17
CA ALA J 91 -15.84 -39.46 35.54
C ALA J 91 -17.14 -38.67 35.60
N TYR J 92 -17.32 -37.72 34.67
CA TYR J 92 -18.58 -36.99 34.58
C TYR J 92 -19.74 -37.90 34.22
N ARG J 93 -19.51 -38.83 33.29
CA ARG J 93 -20.55 -39.80 32.91
C ARG J 93 -20.89 -40.74 34.07
N SER J 94 -19.87 -41.14 34.84
CA SER J 94 -20.13 -42.01 35.98
C SER J 94 -20.89 -41.29 37.09
N TYR J 95 -20.60 -40.00 37.29
CA TYR J 95 -21.38 -39.22 38.25
C TYR J 95 -22.82 -39.05 37.77
N GLN J 96 -23.02 -38.96 36.46
CA GLN J 96 -24.36 -38.73 35.94
C GLN J 96 -25.22 -40.00 35.99
N GLU J 97 -24.67 -41.15 35.62
CA GLU J 97 -25.53 -42.33 35.50
C GLU J 97 -25.54 -43.21 36.75
N ILE J 98 -24.38 -43.48 37.35
CA ILE J 98 -24.34 -44.29 38.56
C ILE J 98 -24.88 -43.49 39.74
N GLY J 99 -24.21 -42.39 40.07
CA GLY J 99 -24.73 -41.49 41.08
C GLY J 99 -23.91 -41.42 42.36
N THR J 100 -22.62 -41.72 42.29
CA THR J 100 -21.79 -41.70 43.49
C THR J 100 -20.36 -41.37 43.12
N ASP J 101 -19.59 -40.98 44.14
CA ASP J 101 -18.18 -40.64 43.99
C ASP J 101 -17.26 -41.59 44.73
N HIS J 102 -17.79 -42.41 45.65
CA HIS J 102 -16.96 -43.24 46.51
C HIS J 102 -16.37 -44.39 45.71
N MET J 103 -15.04 -44.45 45.67
CA MET J 103 -14.36 -45.42 44.81
C MET J 103 -14.42 -46.81 45.42
N GLU J 104 -14.37 -46.91 46.75
CA GLU J 104 -14.51 -48.20 47.41
C GLU J 104 -15.94 -48.70 47.32
N GLY J 105 -16.91 -47.78 47.31
CA GLY J 105 -18.32 -48.14 47.15
C GLY J 105 -18.69 -48.62 45.77
N MET J 106 -17.83 -48.39 44.77
CA MET J 106 -18.06 -48.90 43.41
C MET J 106 -17.85 -50.41 43.42
N LYS J 107 -18.95 -51.16 43.39
CA LYS J 107 -18.89 -52.61 43.33
C LYS J 107 -19.82 -53.14 42.26
N MET K 1 8.23 -50.87 -2.74
CA MET K 1 9.51 -51.56 -2.62
C MET K 1 9.88 -51.77 -1.17
N SER K 2 10.76 -50.91 -0.65
CA SER K 2 11.22 -51.02 0.72
C SER K 2 10.22 -50.49 1.74
N ASN K 3 9.11 -49.93 1.30
CA ASN K 3 8.05 -49.46 2.20
C ASN K 3 7.05 -50.55 2.54
N LEU K 4 7.30 -51.79 2.10
CA LEU K 4 6.44 -52.93 2.41
C LEU K 4 6.29 -53.13 3.91
N LEU K 5 7.35 -52.83 4.67
CA LEU K 5 7.35 -52.91 6.12
C LEU K 5 6.31 -52.00 6.75
N LEU K 6 5.99 -50.88 6.11
CA LEU K 6 4.96 -50.00 6.65
C LEU K 6 3.55 -50.40 6.26
N LEU K 7 3.39 -51.34 5.33
CA LEU K 7 2.04 -51.73 4.92
C LEU K 7 1.19 -52.37 6.02
N PRO K 8 1.72 -53.08 7.03
CA PRO K 8 0.86 -53.37 8.19
C PRO K 8 0.50 -52.17 9.04
N ILE K 9 1.19 -51.04 8.92
CA ILE K 9 0.88 -49.86 9.72
C ILE K 9 0.02 -48.87 8.94
N VAL K 10 0.35 -48.63 7.68
CA VAL K 10 -0.29 -47.58 6.89
C VAL K 10 -1.69 -47.99 6.43
N ILE K 11 -1.87 -49.27 6.09
CA ILE K 11 -3.16 -49.73 5.55
C ILE K 11 -4.34 -49.60 6.51
N PRO K 12 -4.25 -50.02 7.79
CA PRO K 12 -5.42 -49.78 8.66
C PRO K 12 -5.60 -48.31 9.00
N LEU K 13 -4.49 -47.57 9.13
CA LEU K 13 -4.50 -46.17 9.55
C LEU K 13 -5.35 -45.30 8.63
N VAL K 14 -4.97 -45.29 7.34
CA VAL K 14 -5.75 -44.65 6.27
C VAL K 14 -7.20 -45.08 6.33
N THR K 15 -7.44 -46.38 6.55
CA THR K 15 -8.79 -46.91 6.58
C THR K 15 -9.57 -46.32 7.73
N ALA K 16 -8.94 -46.22 8.90
CA ALA K 16 -9.59 -45.62 10.07
C ALA K 16 -9.97 -44.18 9.78
N ILE K 17 -9.09 -43.47 9.08
CA ILE K 17 -9.35 -42.07 8.74
C ILE K 17 -10.54 -41.97 7.80
N VAL K 18 -10.60 -42.85 6.79
CA VAL K 18 -11.72 -42.70 5.86
C VAL K 18 -13.00 -43.30 6.41
N LEU K 19 -12.94 -43.93 7.58
CA LEU K 19 -14.19 -44.35 8.20
C LEU K 19 -14.79 -43.26 9.08
N ILE K 20 -14.10 -42.12 9.21
CA ILE K 20 -14.65 -41.04 10.02
C ILE K 20 -15.76 -40.29 9.27
N PHE K 21 -15.67 -40.24 7.94
CA PHE K 21 -16.53 -39.36 7.14
C PHE K 21 -17.98 -39.84 7.10
N PHE K 22 -18.22 -41.15 7.07
CA PHE K 22 -19.58 -41.68 6.95
C PHE K 22 -19.92 -42.58 8.14
N PRO K 23 -20.40 -42.02 9.25
CA PRO K 23 -20.80 -42.87 10.38
C PRO K 23 -22.12 -43.58 10.15
N LYS K 24 -23.12 -42.89 9.62
CA LYS K 24 -24.47 -43.44 9.52
C LYS K 24 -24.62 -44.47 8.42
N HIS K 25 -23.63 -44.62 7.53
CA HIS K 25 -23.70 -45.55 6.41
C HIS K 25 -22.97 -46.83 6.82
N VAL K 26 -23.70 -47.71 7.49
CA VAL K 26 -23.08 -48.87 8.13
C VAL K 26 -22.64 -49.92 7.10
N PHE K 27 -23.34 -49.99 5.97
CA PHE K 27 -22.97 -50.94 4.92
C PHE K 27 -21.62 -50.62 4.32
N TRP K 28 -21.34 -49.34 4.08
CA TRP K 28 -20.06 -48.98 3.50
C TRP K 28 -18.93 -49.03 4.52
N GLN K 29 -19.25 -48.80 5.80
CA GLN K 29 -18.32 -49.07 6.91
C GLN K 29 -17.86 -50.52 6.87
N ARG K 30 -18.83 -51.45 6.77
CA ARG K 30 -18.53 -52.87 6.74
C ARG K 30 -17.71 -53.25 5.51
N VAL K 31 -18.10 -52.73 4.33
CA VAL K 31 -17.43 -53.09 3.08
C VAL K 31 -15.98 -52.58 3.07
N VAL K 32 -15.77 -51.32 3.46
CA VAL K 32 -14.43 -50.74 3.41
C VAL K 32 -13.51 -51.39 4.45
N SER K 33 -14.02 -51.61 5.67
CA SER K 33 -13.20 -52.23 6.71
C SER K 33 -12.88 -53.68 6.38
N LEU K 34 -13.82 -54.40 5.76
CA LEU K 34 -13.57 -55.79 5.36
C LEU K 34 -12.52 -55.87 4.27
N ALA K 35 -12.62 -55.01 3.25
CA ALA K 35 -11.67 -55.04 2.15
C ALA K 35 -10.28 -54.63 2.60
N ALA K 36 -10.19 -53.65 3.51
CA ALA K 36 -8.90 -53.24 4.01
C ALA K 36 -8.28 -54.28 4.93
N THR K 37 -9.09 -55.03 5.67
CA THR K 37 -8.54 -56.09 6.51
C THR K 37 -8.01 -57.25 5.67
N VAL K 38 -8.72 -57.60 4.58
CA VAL K 38 -8.22 -58.63 3.68
C VAL K 38 -6.92 -58.19 3.02
N GLY K 39 -6.83 -56.93 2.60
CA GLY K 39 -5.59 -56.41 2.06
C GLY K 39 -4.46 -56.37 3.09
N LEU K 40 -4.81 -56.14 4.36
CA LEU K 40 -3.83 -56.21 5.44
C LEU K 40 -3.26 -57.62 5.60
N VAL K 41 -4.13 -58.63 5.52
CA VAL K 41 -3.70 -60.03 5.60
C VAL K 41 -2.75 -60.37 4.46
N VAL K 42 -3.09 -59.91 3.24
CA VAL K 42 -2.24 -60.20 2.08
C VAL K 42 -0.89 -59.49 2.19
N ALA K 43 -0.89 -58.23 2.66
CA ALA K 43 0.35 -57.47 2.77
C ALA K 43 1.25 -58.02 3.88
N SER K 44 0.65 -58.51 4.97
CA SER K 44 1.44 -59.11 6.04
C SER K 44 2.03 -60.44 5.62
N GLY K 45 1.29 -61.23 4.83
CA GLY K 45 1.87 -62.45 4.28
C GLY K 45 3.00 -62.19 3.32
N ALA K 46 2.88 -61.14 2.50
CA ALA K 46 3.98 -60.75 1.62
C ALA K 46 5.18 -60.25 2.39
N LEU K 47 4.96 -59.57 3.52
CA LEU K 47 6.07 -59.15 4.38
C LEU K 47 6.77 -60.36 5.00
N LEU K 48 6.00 -61.37 5.41
CA LEU K 48 6.59 -62.57 5.99
C LEU K 48 7.42 -63.34 4.96
N HIS K 49 6.93 -63.44 3.72
CA HIS K 49 7.75 -64.03 2.67
C HIS K 49 8.98 -63.20 2.36
N ARG K 50 8.87 -61.88 2.44
CA ARG K 50 10.00 -61.00 2.18
C ARG K 50 11.09 -61.17 3.22
N VAL K 51 10.71 -61.21 4.50
CA VAL K 51 11.71 -61.39 5.56
C VAL K 51 12.22 -62.82 5.59
N HIS K 52 11.50 -63.78 5.00
CA HIS K 52 12.05 -65.13 4.89
C HIS K 52 13.08 -65.24 3.77
N THR K 53 12.83 -64.58 2.63
CA THR K 53 13.66 -64.83 1.45
C THR K 53 15.05 -64.22 1.59
N ASP K 54 15.13 -62.89 1.68
CA ASP K 54 16.39 -62.27 2.07
C ASP K 54 16.29 -61.85 3.54
N GLY K 55 17.28 -61.11 4.02
CA GLY K 55 17.46 -60.90 5.44
C GLY K 55 16.45 -60.05 6.18
N ILE K 56 16.85 -59.62 7.38
CA ILE K 56 16.00 -58.80 8.23
C ILE K 56 15.81 -57.43 7.61
N GLN K 57 14.58 -56.90 7.66
CA GLN K 57 14.21 -55.70 6.94
C GLN K 57 14.29 -54.49 7.85
N THR K 58 15.11 -53.51 7.48
CA THR K 58 15.23 -52.26 8.23
C THR K 58 14.90 -51.10 7.32
N LEU K 59 14.13 -50.14 7.84
CA LEU K 59 13.80 -48.94 7.09
C LEU K 59 13.92 -47.73 7.99
N ASN K 60 14.85 -46.83 7.67
CA ASN K 60 14.86 -45.51 8.26
C ASN K 60 13.64 -44.76 7.77
N VAL K 61 12.90 -44.11 8.68
CA VAL K 61 11.65 -43.46 8.28
C VAL K 61 11.94 -42.29 7.35
N GLY K 62 12.65 -41.28 7.84
CA GLY K 62 13.23 -40.33 6.91
C GLY K 62 14.43 -40.96 6.22
N ASN K 63 15.13 -40.16 5.44
CA ASN K 63 16.38 -40.65 4.87
C ASN K 63 17.54 -40.46 5.84
N TRP K 64 17.25 -40.24 7.14
CA TRP K 64 18.22 -39.98 8.17
C TRP K 64 18.89 -41.28 8.60
N PRO K 65 20.17 -41.24 8.98
CA PRO K 65 20.88 -42.47 9.35
C PRO K 65 20.36 -43.16 10.61
N ALA K 66 20.96 -44.29 10.95
CA ALA K 66 20.39 -45.24 11.90
C ALA K 66 20.32 -44.79 13.36
N PRO K 67 21.31 -44.12 13.96
CA PRO K 67 21.09 -43.70 15.36
C PRO K 67 20.14 -42.51 15.49
N PHE K 68 20.10 -41.64 14.49
CA PHE K 68 19.61 -40.28 14.66
C PHE K 68 18.18 -40.07 14.19
N GLY K 69 17.54 -41.09 13.65
CA GLY K 69 16.14 -40.97 13.29
C GLY K 69 15.35 -42.17 13.78
N ILE K 70 14.10 -42.28 13.38
CA ILE K 70 13.29 -43.43 13.74
C ILE K 70 13.54 -44.54 12.73
N THR K 71 13.88 -45.72 13.21
CA THR K 71 14.05 -46.89 12.36
C THR K 71 12.97 -47.91 12.67
N LEU K 72 12.40 -48.50 11.63
CA LEU K 72 11.43 -49.57 11.76
C LEU K 72 12.07 -50.86 11.29
N VAL K 73 12.04 -51.88 12.14
CA VAL K 73 12.71 -53.15 11.88
C VAL K 73 11.69 -54.26 11.92
N SER K 74 11.62 -55.04 10.85
CA SER K 74 10.84 -56.26 10.81
C SER K 74 11.80 -57.42 10.65
N ASP K 75 11.93 -58.20 11.72
CA ASP K 75 12.54 -59.52 11.67
C ASP K 75 11.44 -60.55 11.48
N SER K 76 11.78 -61.83 11.64
CA SER K 76 10.81 -62.88 11.36
C SER K 76 9.74 -62.98 12.44
N LEU K 77 10.13 -62.74 13.71
CA LEU K 77 9.18 -62.83 14.81
C LEU K 77 8.11 -61.75 14.73
N SER K 78 8.51 -60.52 14.42
CA SER K 78 7.53 -59.44 14.28
C SER K 78 6.60 -59.67 13.10
N ALA K 79 7.12 -60.26 12.01
CA ALA K 79 6.28 -60.56 10.85
C ALA K 79 5.27 -61.65 11.16
N LEU K 80 5.68 -62.67 11.91
CA LEU K 80 4.76 -63.71 12.35
C LEU K 80 3.67 -63.15 13.26
N LEU K 81 4.05 -62.25 14.17
CA LEU K 81 3.07 -61.63 15.06
C LEU K 81 2.11 -60.71 14.31
N VAL K 82 2.60 -60.05 13.25
CA VAL K 82 1.74 -59.20 12.44
C VAL K 82 0.73 -60.03 11.65
N LEU K 83 1.17 -61.15 11.07
CA LEU K 83 0.25 -62.03 10.34
C LEU K 83 -0.78 -62.65 11.28
N THR K 84 -0.37 -63.03 12.49
CA THR K 84 -1.30 -63.57 13.47
C THR K 84 -2.33 -62.52 13.89
N THR K 85 -1.86 -61.27 14.08
CA THR K 85 -2.75 -60.15 14.37
C THR K 85 -3.76 -59.92 13.25
N SER K 86 -3.31 -60.07 12.00
CA SER K 86 -4.17 -59.88 10.85
C SER K 86 -5.30 -60.92 10.80
N ILE K 87 -4.95 -62.18 11.04
CA ILE K 87 -5.93 -63.25 11.04
C ILE K 87 -6.96 -63.07 12.16
N ILE K 88 -6.48 -62.75 13.36
CA ILE K 88 -7.37 -62.53 14.50
C ILE K 88 -8.27 -61.33 14.26
N ALA K 89 -7.73 -60.28 13.63
CA ALA K 89 -8.51 -59.08 13.32
C ALA K 89 -9.60 -59.37 12.31
N LEU K 90 -9.31 -60.20 11.30
CA LEU K 90 -10.31 -60.55 10.30
C LEU K 90 -11.45 -61.37 10.91
N ALA K 91 -11.11 -62.34 11.76
CA ALA K 91 -12.16 -63.16 12.39
C ALA K 91 -13.01 -62.33 13.35
N CYS K 92 -12.37 -61.45 14.12
CA CYS K 92 -13.11 -60.57 15.02
C CYS K 92 -13.96 -59.56 14.27
N LEU K 93 -13.52 -59.15 13.07
CA LEU K 93 -14.31 -58.21 12.28
C LEU K 93 -15.57 -58.85 11.73
N VAL K 94 -15.48 -60.10 11.25
CA VAL K 94 -16.68 -60.74 10.72
C VAL K 94 -17.65 -61.09 11.86
N TYR K 95 -17.11 -61.50 13.01
CA TYR K 95 -17.97 -61.69 14.19
C TYR K 95 -18.57 -60.35 14.63
N SER K 96 -17.86 -59.24 14.42
CA SER K 96 -18.39 -57.92 14.72
C SER K 96 -19.52 -57.54 13.78
N PHE K 97 -19.44 -57.97 12.52
CA PHE K 97 -20.54 -57.77 11.58
C PHE K 97 -21.80 -58.45 12.09
N TYR K 98 -21.67 -59.67 12.60
CA TYR K 98 -22.88 -60.36 13.05
C TYR K 98 -23.32 -59.99 14.46
N ALA K 99 -22.42 -59.47 15.30
CA ALA K 99 -22.66 -59.41 16.75
C ALA K 99 -23.01 -58.03 17.26
N ILE K 100 -22.21 -57.01 16.93
CA ILE K 100 -22.45 -55.64 17.36
C ILE K 100 -23.75 -55.13 16.75
N GLY K 101 -24.59 -54.53 17.58
CA GLY K 101 -25.85 -53.98 17.11
C GLY K 101 -25.66 -52.75 16.25
N HIS K 102 -26.80 -52.16 15.86
CA HIS K 102 -26.78 -51.03 14.93
C HIS K 102 -26.25 -49.77 15.59
N LYS K 103 -26.73 -49.48 16.82
CA LYS K 103 -26.44 -48.21 17.49
C LYS K 103 -24.97 -48.09 17.86
N ARG K 104 -24.33 -49.19 18.24
CA ARG K 104 -22.92 -49.11 18.60
C ARG K 104 -22.01 -48.92 17.41
N GLU K 105 -22.44 -49.34 16.22
CA GLU K 105 -21.59 -49.19 15.05
C GLU K 105 -21.93 -47.99 14.18
N THR K 106 -23.03 -47.29 14.48
CA THR K 106 -23.15 -45.94 13.93
C THR K 106 -22.17 -44.98 14.57
N PHE K 107 -21.78 -45.22 15.82
CA PHE K 107 -20.89 -44.33 16.56
C PHE K 107 -19.44 -44.83 16.52
N TYR K 108 -18.89 -44.87 15.30
CA TYR K 108 -17.45 -44.91 15.03
C TYR K 108 -16.77 -46.19 15.50
N TYR K 109 -17.49 -47.31 15.50
CA TYR K 109 -16.95 -48.56 16.04
C TYR K 109 -15.79 -49.10 15.20
N TYR K 110 -15.95 -49.11 13.88
CA TYR K 110 -14.94 -49.72 13.01
C TYR K 110 -13.69 -48.86 12.92
N SER K 111 -13.84 -47.55 13.14
CA SER K 111 -12.68 -46.68 13.25
C SER K 111 -11.82 -47.06 14.44
N PHE K 112 -12.46 -47.30 15.59
CA PHE K 112 -11.75 -47.67 16.81
C PHE K 112 -11.12 -49.04 16.69
N PHE K 113 -11.81 -49.96 16.00
CA PHE K 113 -11.25 -51.25 15.62
C PHE K 113 -9.95 -51.10 14.84
N GLN K 114 -9.99 -50.27 13.80
CA GLN K 114 -8.80 -50.10 12.96
C GLN K 114 -7.69 -49.36 13.71
N PHE K 115 -8.03 -48.45 14.63
CA PHE K 115 -6.97 -47.82 15.42
C PHE K 115 -6.32 -48.78 16.39
N LEU K 116 -7.10 -49.73 16.94
CA LEU K 116 -6.51 -50.75 17.80
C LEU K 116 -5.55 -51.64 17.01
N ILE K 117 -5.92 -52.02 15.80
CA ILE K 117 -4.99 -52.87 15.05
C ILE K 117 -3.80 -52.05 14.53
N VAL K 118 -3.95 -50.74 14.33
CA VAL K 118 -2.81 -49.85 14.09
C VAL K 118 -1.84 -49.87 15.26
N GLY K 119 -2.39 -49.77 16.48
CA GLY K 119 -1.55 -49.74 17.68
C GLY K 119 -0.76 -51.01 17.88
N VAL K 120 -1.43 -52.17 17.75
CA VAL K 120 -0.71 -53.42 17.97
C VAL K 120 0.28 -53.70 16.84
N ASN K 121 -0.09 -53.42 15.57
CA ASN K 121 0.82 -53.66 14.46
C ASN K 121 2.03 -52.75 14.52
N GLY K 122 1.86 -51.51 14.97
CA GLY K 122 2.99 -50.62 15.13
C GLY K 122 3.86 -51.00 16.32
N ALA K 123 3.25 -51.57 17.37
CA ALA K 123 4.03 -52.00 18.52
C ALA K 123 4.90 -53.21 18.19
N PHE K 124 4.44 -54.11 17.30
CA PHE K 124 5.29 -55.26 17.00
C PHE K 124 6.47 -54.90 16.10
N THR K 125 6.35 -53.86 15.28
CA THR K 125 7.50 -53.43 14.47
C THR K 125 7.86 -51.98 14.79
N THR K 126 8.91 -51.83 15.59
CA THR K 126 9.51 -50.53 15.86
C THR K 126 10.94 -50.76 16.31
N GLY K 127 11.73 -49.71 16.28
CA GLY K 127 13.12 -49.80 16.66
C GLY K 127 13.50 -48.74 17.68
N ASP K 128 12.51 -48.07 18.25
CA ASP K 128 12.73 -47.05 19.27
C ASP K 128 11.89 -47.37 20.49
N LEU K 129 12.43 -47.03 21.66
CA LEU K 129 11.66 -47.21 22.89
C LEU K 129 10.53 -46.19 23.01
N PHE K 130 10.80 -44.95 22.63
CA PHE K 130 9.78 -43.92 22.78
C PHE K 130 8.72 -44.02 21.70
N ASN K 131 9.09 -44.51 20.51
CA ASN K 131 8.09 -44.79 19.51
C ASN K 131 7.20 -45.96 19.95
N LEU K 132 7.82 -46.94 20.61
CA LEU K 132 7.07 -48.05 21.20
C LEU K 132 6.11 -47.55 22.28
N PHE K 133 6.55 -46.56 23.05
CA PHE K 133 5.68 -45.85 24.00
C PHE K 133 4.46 -45.25 23.31
N VAL K 134 4.69 -44.53 22.20
CA VAL K 134 3.60 -43.87 21.48
C VAL K 134 2.61 -44.90 20.93
N PHE K 135 3.12 -46.01 20.42
CA PHE K 135 2.23 -47.08 19.94
C PHE K 135 1.47 -47.76 21.08
N PHE K 136 2.10 -47.88 22.27
CA PHE K 136 1.36 -48.34 23.43
C PHE K 136 0.19 -47.43 23.77
N GLU K 137 0.38 -46.12 23.67
CA GLU K 137 -0.78 -45.27 24.00
C GLU K 137 -1.82 -45.21 22.89
N VAL K 138 -1.44 -45.40 21.63
CA VAL K 138 -2.43 -45.55 20.56
C VAL K 138 -3.31 -46.76 20.84
N MET K 139 -2.66 -47.90 21.09
CA MET K 139 -3.33 -49.16 21.43
C MET K 139 -4.21 -49.02 22.67
N LEU K 140 -3.68 -48.42 23.73
CA LEU K 140 -4.42 -48.32 24.99
C LEU K 140 -5.56 -47.34 24.90
N MET K 141 -5.41 -46.25 24.13
CA MET K 141 -6.50 -45.27 24.01
C MET K 141 -7.67 -45.87 23.23
N SER K 142 -7.36 -46.57 22.13
CA SER K 142 -8.41 -47.26 21.40
C SER K 142 -9.06 -48.36 22.23
N SER K 143 -8.30 -49.02 23.11
CA SER K 143 -8.88 -50.04 23.96
C SER K 143 -9.77 -49.44 25.04
N TYR K 144 -9.41 -48.26 25.57
CA TYR K 144 -10.28 -47.52 26.50
C TYR K 144 -11.63 -47.25 25.87
N VAL K 145 -11.60 -46.73 24.62
CA VAL K 145 -12.85 -46.32 24.00
C VAL K 145 -13.70 -47.53 23.61
N LEU K 146 -13.06 -48.60 23.11
CA LEU K 146 -13.78 -49.82 22.79
C LEU K 146 -14.34 -50.50 24.03
N LEU K 147 -13.68 -50.34 25.17
CA LEU K 147 -14.20 -50.86 26.43
C LEU K 147 -15.43 -50.06 26.89
N VAL K 148 -15.40 -48.74 26.71
CA VAL K 148 -16.47 -47.92 27.28
C VAL K 148 -17.66 -47.76 26.34
N LEU K 149 -17.51 -48.09 25.05
CA LEU K 149 -18.52 -47.74 24.04
C LEU K 149 -19.81 -48.52 24.24
N GLY K 150 -20.92 -47.79 24.29
CA GLY K 150 -22.21 -48.37 24.60
C GLY K 150 -22.80 -47.74 25.84
N GLY K 151 -21.96 -47.54 26.85
CA GLY K 151 -22.34 -46.76 28.01
C GLY K 151 -23.31 -47.39 28.99
N THR K 152 -23.16 -48.68 29.27
CA THR K 152 -23.85 -49.28 30.39
C THR K 152 -22.99 -49.12 31.64
N LYS K 153 -23.57 -49.48 32.80
CA LYS K 153 -22.93 -49.16 34.08
C LYS K 153 -21.67 -49.98 34.33
N ILE K 154 -21.68 -51.24 33.87
CA ILE K 154 -20.58 -52.15 34.14
C ILE K 154 -19.32 -51.70 33.41
N GLN K 155 -19.45 -51.39 32.12
CA GLN K 155 -18.29 -50.96 31.38
C GLN K 155 -17.85 -49.54 31.71
N LEU K 156 -18.74 -48.70 32.27
CA LEU K 156 -18.30 -47.45 32.88
C LEU K 156 -17.37 -47.70 34.07
N ARG K 157 -17.81 -48.55 35.01
CA ARG K 157 -17.01 -48.84 36.20
C ARG K 157 -15.66 -49.45 35.85
N GLU K 158 -15.67 -50.51 35.04
CA GLU K 158 -14.38 -51.12 34.76
C GLU K 158 -13.57 -50.36 33.71
N THR K 159 -14.15 -49.41 32.98
CA THR K 159 -13.31 -48.51 32.20
C THR K 159 -12.56 -47.55 33.10
N ILE K 160 -13.22 -47.09 34.18
CA ILE K 160 -12.53 -46.27 35.19
C ILE K 160 -11.35 -47.02 35.78
N LYS K 161 -11.57 -48.29 36.16
CA LYS K 161 -10.50 -49.12 36.72
C LYS K 161 -9.34 -49.31 35.74
N TYR K 162 -9.66 -49.76 34.52
CA TYR K 162 -8.67 -50.06 33.50
C TYR K 162 -7.87 -48.83 33.10
N THR K 163 -8.55 -47.68 33.00
CA THR K 163 -7.91 -46.44 32.62
C THR K 163 -6.93 -45.98 33.69
N LEU K 164 -7.34 -46.07 34.96
CA LEU K 164 -6.49 -45.71 36.09
C LEU K 164 -5.19 -46.51 36.08
N VAL K 165 -5.30 -47.84 35.90
CA VAL K 165 -4.13 -48.71 35.91
C VAL K 165 -3.18 -48.38 34.76
N ASN K 166 -3.73 -48.18 33.55
CA ASN K 166 -2.85 -47.96 32.42
C ASN K 166 -2.24 -46.57 32.42
N VAL K 167 -2.89 -45.58 33.04
CA VAL K 167 -2.27 -44.27 33.24
C VAL K 167 -1.05 -44.39 34.14
N ILE K 168 -1.19 -45.13 35.25
CA ILE K 168 -0.06 -45.31 36.17
C ILE K 168 1.09 -46.04 35.49
N SER K 169 0.79 -47.08 34.71
CA SER K 169 1.86 -47.81 34.03
C SER K 169 2.49 -47.01 32.89
N SER K 170 1.73 -46.11 32.26
CA SER K 170 2.28 -45.23 31.25
C SER K 170 3.27 -44.24 31.85
N ALA K 171 2.92 -43.67 33.01
CA ALA K 171 3.85 -42.77 33.70
C ALA K 171 5.11 -43.51 34.14
N LEU K 172 4.96 -44.78 34.55
CA LEU K 172 6.14 -45.56 34.92
C LEU K 172 7.02 -45.87 33.71
N PHE K 173 6.43 -46.03 32.53
CA PHE K 173 7.28 -46.24 31.36
C PHE K 173 7.99 -44.95 30.96
N VAL K 174 7.34 -43.79 31.18
CA VAL K 174 8.00 -42.50 30.97
C VAL K 174 9.23 -42.35 31.85
N VAL K 175 9.09 -42.67 33.14
CA VAL K 175 10.23 -42.47 34.03
C VAL K 175 11.32 -43.52 33.76
N ALA K 176 10.96 -44.69 33.24
CA ALA K 176 11.97 -45.68 32.84
C ALA K 176 12.78 -45.19 31.64
N VAL K 177 12.09 -44.62 30.65
CA VAL K 177 12.78 -44.05 29.48
C VAL K 177 13.68 -42.89 29.91
N ALA K 178 13.24 -42.11 30.90
CA ALA K 178 14.04 -41.00 31.42
C ALA K 178 15.33 -41.48 32.06
N TYR K 179 15.24 -42.48 32.95
CA TYR K 179 16.42 -43.05 33.59
C TYR K 179 17.39 -43.65 32.58
N LEU K 180 16.85 -44.39 31.60
CA LEU K 180 17.71 -45.03 30.63
C LEU K 180 18.34 -44.03 29.67
N TYR K 181 17.66 -42.91 29.39
CA TYR K 181 18.27 -41.88 28.58
C TYR K 181 19.38 -41.16 29.34
N ALA K 182 19.21 -41.01 30.66
CA ALA K 182 20.28 -40.41 31.45
C ALA K 182 21.51 -41.30 31.49
N VAL K 183 21.32 -42.62 31.54
CA VAL K 183 22.47 -43.51 31.57
C VAL K 183 23.13 -43.61 30.20
N THR K 184 22.35 -43.96 29.16
CA THR K 184 22.89 -44.32 27.85
C THR K 184 23.08 -43.12 26.94
N GLY K 185 22.04 -42.30 26.78
CA GLY K 185 22.10 -41.15 25.90
C GLY K 185 21.46 -41.32 24.55
N THR K 186 20.99 -42.52 24.21
CA THR K 186 20.33 -42.80 22.95
C THR K 186 18.92 -43.31 23.19
N LEU K 187 18.21 -43.56 22.09
CA LEU K 187 16.81 -43.94 22.20
C LEU K 187 16.40 -45.08 21.25
N ASN K 188 17.19 -45.42 20.24
CA ASN K 188 16.86 -46.57 19.41
C ASN K 188 17.42 -47.86 20.02
N MET K 189 16.82 -48.98 19.61
CA MET K 189 17.10 -50.28 20.22
C MET K 189 18.55 -50.72 20.00
N ALA K 190 19.04 -50.59 18.77
CA ALA K 190 20.34 -51.17 18.43
C ALA K 190 21.49 -50.39 19.05
N HIS K 191 21.44 -49.07 18.96
CA HIS K 191 22.58 -48.29 19.46
C HIS K 191 22.59 -48.24 20.99
N LEU K 192 21.44 -48.22 21.65
CA LEU K 192 21.49 -48.33 23.10
C LEU K 192 21.79 -49.75 23.54
N ALA K 193 21.52 -50.76 22.71
CA ALA K 193 22.00 -52.11 23.02
C ALA K 193 23.52 -52.16 22.97
N ASP K 194 24.12 -51.49 21.99
CA ASP K 194 25.59 -51.40 21.93
C ASP K 194 26.14 -50.63 23.13
N ARG K 195 25.45 -49.57 23.54
CA ARG K 195 25.95 -48.78 24.67
C ARG K 195 25.78 -49.50 26.00
N ILE K 196 24.69 -50.26 26.18
CA ILE K 196 24.55 -51.10 27.37
C ILE K 196 25.63 -52.18 27.39
N ASN K 197 25.93 -52.79 26.24
CA ASN K 197 26.99 -53.78 26.20
C ASN K 197 28.39 -53.18 26.30
N ALA K 198 28.53 -51.85 26.21
CA ALA K 198 29.83 -51.24 26.48
C ALA K 198 30.08 -50.95 27.96
N LEU K 199 29.04 -50.88 28.78
CA LEU K 199 29.19 -50.67 30.23
C LEU K 199 28.29 -51.62 31.01
N GLY K 200 28.32 -52.90 30.65
CA GLY K 200 27.36 -53.87 31.16
C GLY K 200 27.55 -54.29 32.60
N SER K 201 28.62 -53.85 33.27
CA SER K 201 28.86 -54.22 34.66
C SER K 201 28.42 -53.13 35.64
N SER K 202 27.31 -52.43 35.35
CA SER K 202 26.84 -51.41 36.26
C SER K 202 25.49 -51.80 36.86
N PRO K 203 25.27 -51.53 38.15
CA PRO K 203 24.05 -51.99 38.81
C PRO K 203 22.80 -51.22 38.43
N ILE K 204 22.95 -49.99 37.94
CA ILE K 204 21.78 -49.18 37.60
C ILE K 204 21.05 -49.77 36.41
N LEU K 205 21.77 -50.43 35.50
CA LEU K 205 21.13 -51.13 34.38
C LEU K 205 20.27 -52.28 34.85
N THR K 206 20.70 -52.97 35.92
CA THR K 206 19.88 -54.02 36.51
C THR K 206 18.63 -53.45 37.14
N VAL K 207 18.74 -52.29 37.80
CA VAL K 207 17.57 -51.64 38.41
C VAL K 207 16.57 -51.21 37.33
N ILE K 208 17.08 -50.72 36.20
CA ILE K 208 16.16 -50.26 35.15
C ILE K 208 15.56 -51.44 34.40
N ALA K 209 16.29 -52.57 34.30
CA ALA K 209 15.73 -53.79 33.75
C ALA K 209 14.57 -54.31 34.60
N VAL K 210 14.72 -54.27 35.93
CA VAL K 210 13.62 -54.63 36.82
C VAL K 210 12.44 -53.66 36.67
N LEU K 211 12.74 -52.38 36.42
CA LEU K 211 11.66 -51.41 36.20
C LEU K 211 10.89 -51.68 34.91
N PHE K 212 11.61 -52.10 33.84
CA PHE K 212 10.93 -52.49 32.61
C PHE K 212 10.11 -53.77 32.79
N ILE K 213 10.59 -54.69 33.63
CA ILE K 213 9.79 -55.87 34.00
C ILE K 213 8.48 -55.44 34.63
N ILE K 214 8.54 -54.48 35.54
CA ILE K 214 7.34 -54.02 36.26
C ILE K 214 6.37 -53.33 35.29
N VAL K 215 6.90 -52.52 34.37
CA VAL K 215 6.05 -51.82 33.41
C VAL K 215 5.37 -52.80 32.44
N PHE K 216 6.18 -53.65 31.79
CA PHE K 216 5.63 -54.58 30.82
C PHE K 216 4.81 -55.69 31.47
N GLY K 217 4.99 -55.95 32.76
CA GLY K 217 4.11 -56.83 33.48
C GLY K 217 2.82 -56.17 33.92
N LEU K 218 2.83 -54.85 34.09
CA LEU K 218 1.55 -54.14 34.17
C LEU K 218 0.82 -54.16 32.84
N LYS K 219 1.56 -54.17 31.73
CA LYS K 219 0.92 -54.26 30.42
C LYS K 219 0.33 -55.64 30.18
N GLY K 220 1.17 -56.68 30.16
CA GLY K 220 0.73 -58.05 30.09
C GLY K 220 0.83 -58.69 31.45
N ALA K 221 -0.30 -59.16 31.97
CA ALA K 221 -0.52 -59.37 33.39
C ALA K 221 0.37 -60.48 33.95
N ILE K 222 1.35 -60.09 34.76
CA ILE K 222 2.18 -61.01 35.53
C ILE K 222 1.72 -60.93 36.97
N PHE K 223 1.91 -62.00 37.74
CA PHE K 223 1.87 -61.87 39.19
C PHE K 223 3.10 -61.10 39.66
N PRO K 224 2.96 -60.15 40.61
CA PRO K 224 1.78 -59.60 41.28
C PRO K 224 1.29 -58.29 40.70
N LEU K 225 1.19 -58.21 39.37
CA LEU K 225 0.77 -57.01 38.67
C LEU K 225 -0.48 -57.27 37.85
N TYR K 226 -1.20 -58.36 38.14
CA TYR K 226 -2.26 -58.86 37.27
C TYR K 226 -3.63 -58.36 37.67
N PHE K 227 -3.75 -57.66 38.79
CA PHE K 227 -4.98 -57.53 39.55
C PHE K 227 -6.08 -56.74 38.83
N TRP K 228 -5.76 -56.05 37.75
CA TRP K 228 -6.75 -55.23 37.05
C TRP K 228 -7.58 -56.03 36.06
N LEU K 229 -7.05 -57.14 35.56
CA LEU K 229 -7.56 -57.83 34.38
C LEU K 229 -8.87 -58.62 34.51
N PRO K 230 -9.23 -59.28 35.63
CA PRO K 230 -10.54 -59.96 35.68
C PRO K 230 -11.76 -59.08 35.49
N GLY K 231 -11.90 -57.99 36.22
CA GLY K 231 -13.07 -57.13 36.02
C GLY K 231 -13.01 -56.38 34.70
N ALA K 232 -11.82 -55.94 34.31
CA ALA K 232 -11.64 -55.20 33.06
C ALA K 232 -11.98 -56.05 31.85
N TYR K 233 -11.69 -57.35 31.89
CA TYR K 233 -12.12 -58.18 30.79
C TYR K 233 -13.48 -58.82 31.00
N TYR K 234 -14.05 -58.71 32.21
CA TYR K 234 -15.43 -59.12 32.37
C TYR K 234 -16.38 -58.07 31.83
N ALA K 235 -15.93 -56.82 31.70
CA ALA K 235 -16.75 -55.73 31.15
C ALA K 235 -17.14 -55.78 29.65
N PRO K 236 -16.22 -55.88 28.69
CA PRO K 236 -16.55 -55.45 27.31
C PRO K 236 -17.42 -56.46 26.57
N PRO K 237 -17.98 -56.08 25.42
CA PRO K 237 -18.69 -57.07 24.59
C PRO K 237 -17.73 -58.06 23.93
N THR K 238 -18.34 -59.04 23.24
CA THR K 238 -17.61 -60.25 22.88
C THR K 238 -16.53 -60.07 21.81
N PRO K 239 -16.76 -59.42 20.65
CA PRO K 239 -15.63 -59.28 19.72
C PRO K 239 -14.55 -58.32 20.21
N VAL K 240 -14.94 -57.31 20.98
CA VAL K 240 -13.98 -56.43 21.65
C VAL K 240 -13.13 -57.23 22.62
N LEU K 241 -13.77 -58.14 23.36
CA LEU K 241 -13.05 -58.99 24.30
C LEU K 241 -12.15 -60.00 23.61
N ALA K 242 -12.57 -60.50 22.45
CA ALA K 242 -11.71 -61.40 21.67
C ALA K 242 -10.48 -60.66 21.16
N LEU K 243 -10.66 -59.41 20.74
CA LEU K 243 -9.52 -58.56 20.40
C LEU K 243 -8.59 -58.34 21.59
N PHE K 244 -9.17 -58.12 22.77
CA PHE K 244 -8.36 -57.83 23.95
C PHE K 244 -7.56 -59.05 24.39
N GLY K 245 -8.23 -60.20 24.49
CA GLY K 245 -7.57 -61.40 24.93
C GLY K 245 -6.61 -61.97 23.90
N GLY K 246 -6.85 -61.70 22.62
CA GLY K 246 -5.93 -62.19 21.60
C GLY K 246 -4.71 -61.33 21.40
N LEU K 247 -4.78 -60.04 21.74
CA LEU K 247 -3.75 -59.13 21.29
C LEU K 247 -3.07 -58.31 22.39
N LEU K 248 -3.82 -57.87 23.40
CA LEU K 248 -3.29 -56.84 24.31
C LEU K 248 -2.26 -57.40 25.27
N THR K 249 -2.54 -58.55 25.88
CA THR K 249 -1.63 -59.09 26.86
C THR K 249 -0.38 -59.70 26.24
N LYS K 250 -0.38 -59.94 24.93
CA LYS K 250 0.73 -60.63 24.29
C LYS K 250 1.74 -59.68 23.69
N VAL K 251 1.46 -58.38 23.63
CA VAL K 251 2.47 -57.44 23.17
C VAL K 251 3.40 -57.06 24.33
N GLY K 252 2.91 -57.17 25.57
CA GLY K 252 3.81 -57.06 26.71
C GLY K 252 4.78 -58.21 26.79
N VAL K 253 4.34 -59.40 26.40
CA VAL K 253 5.23 -60.56 26.36
C VAL K 253 6.29 -60.38 25.29
N TYR K 254 5.91 -59.83 24.12
CA TYR K 254 6.89 -59.53 23.08
C TYR K 254 7.86 -58.44 23.52
N SER K 255 7.40 -57.48 24.31
CA SER K 255 8.29 -56.43 24.78
C SER K 255 9.29 -56.95 25.80
N ILE K 256 8.84 -57.81 26.72
CA ILE K 256 9.76 -58.49 27.65
C ILE K 256 10.78 -59.32 26.89
N LEU K 257 10.33 -60.01 25.85
CA LEU K 257 11.19 -60.89 25.07
C LEU K 257 12.25 -60.09 24.31
N ARG K 258 11.83 -59.02 23.64
CA ARG K 258 12.76 -58.16 22.91
C ARG K 258 13.73 -57.46 23.87
N THR K 259 13.23 -57.07 25.04
CA THR K 259 14.04 -56.39 26.05
C THR K 259 15.15 -57.28 26.56
N PHE K 260 14.84 -58.52 26.90
CA PHE K 260 15.86 -59.38 27.49
C PHE K 260 16.63 -60.23 26.50
N THR K 261 16.23 -60.26 25.23
CA THR K 261 17.08 -60.86 24.22
C THR K 261 17.94 -59.83 23.50
N LEU K 262 17.61 -58.55 23.60
CA LEU K 262 18.35 -57.51 22.90
C LEU K 262 19.12 -56.57 23.82
N LEU K 263 18.43 -55.97 24.79
CA LEU K 263 19.02 -54.87 25.54
C LEU K 263 19.90 -55.36 26.69
N PHE K 264 19.32 -56.17 27.57
CA PHE K 264 19.96 -56.53 28.84
C PHE K 264 20.45 -57.97 28.75
N THR K 265 21.76 -58.13 28.52
CA THR K 265 22.39 -59.44 28.44
C THR K 265 23.39 -59.70 29.53
N HIS K 266 24.15 -58.69 29.95
CA HIS K 266 25.10 -58.85 31.04
C HIS K 266 24.39 -58.97 32.38
N ASP K 267 24.99 -59.73 33.28
CA ASP K 267 24.49 -60.04 34.62
C ASP K 267 23.09 -60.66 34.54
N ALA K 268 23.05 -61.81 33.88
CA ALA K 268 21.79 -62.43 33.49
C ALA K 268 21.13 -63.20 34.62
N ALA K 269 21.89 -63.54 35.66
CA ALA K 269 21.43 -64.48 36.68
C ALA K 269 20.29 -63.90 37.51
N TYR K 270 20.43 -62.64 37.94
CA TYR K 270 19.44 -62.02 38.80
C TYR K 270 18.13 -61.79 38.06
N THR K 271 18.21 -61.25 36.84
CA THR K 271 17.00 -60.97 36.07
C THR K 271 16.30 -62.26 35.66
N HIS K 272 17.05 -63.31 35.33
CA HIS K 272 16.40 -64.55 34.94
C HIS K 272 15.81 -65.30 36.12
N THR K 273 16.41 -65.25 37.31
CA THR K 273 15.76 -65.89 38.44
C THR K 273 14.53 -65.09 38.89
N LEU K 274 14.55 -63.77 38.70
CA LEU K 274 13.35 -62.99 38.99
C LEU K 274 12.22 -63.34 38.01
N LEU K 275 12.54 -63.48 36.72
CA LEU K 275 11.55 -63.88 35.73
C LEU K 275 11.01 -65.27 36.01
N ALA K 276 11.87 -66.18 36.48
CA ALA K 276 11.44 -67.53 36.82
C ALA K 276 10.43 -67.53 37.97
N TRP K 277 10.72 -66.79 39.04
CA TRP K 277 9.77 -66.80 40.16
C TRP K 277 8.48 -66.07 39.84
N LEU K 278 8.54 -64.98 39.06
CA LEU K 278 7.31 -64.29 38.66
C LEU K 278 6.47 -65.15 37.72
N ALA K 279 7.11 -65.94 36.85
CA ALA K 279 6.37 -66.83 35.96
C ALA K 279 5.70 -67.96 36.71
N LEU K 280 6.40 -68.53 37.71
CA LEU K 280 5.79 -69.59 38.52
C LEU K 280 4.60 -69.06 39.30
N GLY K 281 4.72 -67.85 39.86
CA GLY K 281 3.58 -67.24 40.53
C GLY K 281 2.42 -66.97 39.59
N THR K 282 2.72 -66.58 38.35
CA THR K 282 1.67 -66.30 37.36
C THR K 282 0.91 -67.56 36.98
N ILE K 283 1.64 -68.65 36.76
CA ILE K 283 1.03 -69.95 36.46
C ILE K 283 0.15 -70.42 37.60
N ILE K 284 0.62 -70.25 38.85
CA ILE K 284 -0.16 -70.68 40.01
C ILE K 284 -1.45 -69.89 40.15
N ILE K 285 -1.37 -68.55 39.96
CA ILE K 285 -2.57 -67.71 40.03
C ILE K 285 -3.56 -68.07 38.94
N GLY K 286 -3.06 -68.33 37.72
CA GLY K 286 -3.93 -68.68 36.62
C GLY K 286 -4.66 -69.99 36.83
N VAL K 287 -3.97 -71.00 37.33
CA VAL K 287 -4.64 -72.29 37.51
C VAL K 287 -5.59 -72.26 38.71
N ILE K 288 -5.29 -71.47 39.75
CA ILE K 288 -6.22 -71.32 40.86
C ILE K 288 -7.50 -70.64 40.41
N GLY K 289 -7.38 -69.58 39.62
CA GLY K 289 -8.56 -68.91 39.11
C GLY K 289 -9.35 -69.74 38.11
N ALA K 290 -8.66 -70.59 37.34
CA ALA K 290 -9.36 -71.46 36.40
C ALA K 290 -10.14 -72.56 37.12
N VAL K 291 -9.57 -73.10 38.19
CA VAL K 291 -10.29 -74.10 38.99
C VAL K 291 -11.45 -73.47 39.73
N ALA K 292 -11.30 -72.23 40.19
CA ALA K 292 -12.23 -71.67 41.17
C ALA K 292 -13.60 -71.32 40.60
N TYR K 293 -13.67 -70.85 39.35
CA TYR K 293 -14.88 -70.24 38.84
C TYR K 293 -15.79 -71.20 38.09
N ASN K 294 -17.09 -71.00 38.23
CA ASN K 294 -18.12 -71.64 37.41
C ASN K 294 -18.72 -70.64 36.43
N ASP K 295 -17.87 -69.79 35.86
CA ASP K 295 -18.29 -68.72 34.96
C ASP K 295 -17.32 -68.72 33.78
N MET K 296 -17.87 -68.72 32.56
CA MET K 296 -17.07 -69.03 31.36
C MET K 296 -16.01 -67.97 31.09
N ARG K 297 -16.40 -66.68 31.17
CA ARG K 297 -15.48 -65.59 30.88
C ARG K 297 -14.31 -65.57 31.84
N TYR K 298 -14.58 -65.82 33.14
CA TYR K 298 -13.50 -65.89 34.12
C TYR K 298 -12.56 -67.07 33.87
N ILE K 299 -13.11 -68.20 33.40
CA ILE K 299 -12.27 -69.35 33.08
C ILE K 299 -11.32 -69.02 31.95
N VAL K 300 -11.81 -68.35 30.90
CA VAL K 300 -10.92 -68.02 29.78
C VAL K 300 -9.92 -66.92 30.18
N ILE K 301 -10.32 -66.01 31.07
CA ILE K 301 -9.42 -64.96 31.59
C ILE K 301 -8.26 -65.58 32.36
N TYR K 302 -8.55 -66.54 33.24
CA TYR K 302 -7.45 -67.16 33.96
C TYR K 302 -6.64 -68.13 33.11
N ASN K 303 -7.21 -68.65 32.01
CA ASN K 303 -6.37 -69.37 31.06
C ASN K 303 -5.41 -68.43 30.34
N ILE K 304 -5.83 -67.18 30.09
CA ILE K 304 -4.90 -66.17 29.55
C ILE K 304 -3.74 -65.95 30.51
N ILE K 305 -4.06 -65.78 31.81
CA ILE K 305 -3.02 -65.52 32.81
C ILE K 305 -2.05 -66.70 32.92
N ALA K 306 -2.58 -67.93 32.88
CA ALA K 306 -1.72 -69.11 32.96
C ALA K 306 -0.82 -69.25 31.74
N ALA K 307 -1.36 -68.98 30.54
CA ALA K 307 -0.54 -69.08 29.34
C ALA K 307 0.53 -68.00 29.28
N VAL K 308 0.23 -66.81 29.78
CA VAL K 308 1.24 -65.76 29.88
C VAL K 308 2.36 -66.18 30.84
N GLY K 309 1.99 -66.86 31.93
CA GLY K 309 3.01 -67.38 32.84
C GLY K 309 3.91 -68.43 32.19
N VAL K 310 3.33 -69.30 31.37
CA VAL K 310 4.12 -70.33 30.68
C VAL K 310 5.07 -69.68 29.68
N MET K 311 4.61 -68.65 28.96
CA MET K 311 5.47 -67.96 28.01
C MET K 311 6.60 -67.21 28.69
N ILE K 312 6.32 -66.60 29.86
CA ILE K 312 7.37 -65.89 30.60
C ILE K 312 8.40 -66.87 31.15
N PHE K 313 7.96 -68.05 31.58
CA PHE K 313 8.91 -69.06 32.00
C PHE K 313 9.76 -69.58 30.84
N GLY K 314 9.19 -69.63 29.64
CA GLY K 314 9.99 -69.93 28.47
C GLY K 314 10.99 -68.85 28.13
N ILE K 315 10.62 -67.59 28.38
CA ILE K 315 11.56 -66.48 28.16
C ILE K 315 12.71 -66.53 29.15
N SER K 316 12.44 -66.94 30.40
CA SER K 316 13.41 -66.89 31.48
C SER K 316 14.59 -67.84 31.32
N ILE K 317 14.65 -68.65 30.27
CA ILE K 317 15.79 -69.50 29.97
C ILE K 317 16.40 -69.02 28.66
N MET K 318 17.69 -68.76 28.65
CA MET K 318 18.36 -68.28 27.42
C MET K 318 18.90 -69.43 26.57
N THR K 319 18.04 -70.37 26.27
CA THR K 319 18.39 -71.44 25.36
C THR K 319 17.53 -71.35 24.12
N PRO K 320 18.06 -71.68 22.93
CA PRO K 320 17.24 -71.59 21.70
C PRO K 320 16.06 -72.53 21.66
N GLU K 321 16.10 -73.65 22.39
CA GLU K 321 14.95 -74.54 22.43
C GLU K 321 13.80 -73.92 23.20
N SER K 322 14.10 -73.23 24.29
CA SER K 322 13.07 -72.57 25.08
C SER K 322 12.47 -71.37 24.35
N VAL K 323 13.31 -70.64 23.62
CA VAL K 323 12.83 -69.51 22.83
C VAL K 323 11.95 -69.99 21.68
N GLU K 324 12.33 -71.11 21.06
CA GLU K 324 11.53 -71.70 20.01
C GLU K 324 10.19 -72.18 20.54
N GLY K 325 10.20 -72.82 21.71
CA GLY K 325 8.96 -73.28 22.32
C GLY K 325 8.03 -72.15 22.71
N THR K 326 8.58 -71.06 23.25
CA THR K 326 7.69 -69.96 23.62
C THR K 326 7.18 -69.18 22.42
N ILE K 327 7.90 -69.20 21.28
CA ILE K 327 7.37 -68.59 20.06
C ILE K 327 6.19 -69.39 19.51
N PHE K 328 6.34 -70.73 19.45
CA PHE K 328 5.23 -71.60 19.04
C PHE K 328 4.01 -71.44 19.94
N TYR K 329 4.25 -71.44 21.25
CA TYR K 329 3.16 -71.32 22.21
C TYR K 329 2.51 -69.95 22.14
N LEU K 330 3.30 -68.91 21.81
CA LEU K 330 2.78 -67.56 21.66
C LEU K 330 1.80 -67.44 20.51
N LEU K 331 2.19 -67.92 19.33
CA LEU K 331 1.33 -67.82 18.14
C LEU K 331 0.03 -68.61 18.34
N GLN K 332 0.17 -69.86 18.79
CA GLN K 332 -1.04 -70.68 18.95
C GLN K 332 -1.92 -70.15 20.08
N ASP K 333 -1.34 -69.51 21.10
CA ASP K 333 -2.17 -69.06 22.21
C ASP K 333 -2.93 -67.78 21.87
N MET K 334 -2.33 -66.90 21.05
CA MET K 334 -3.08 -65.76 20.53
C MET K 334 -4.32 -66.23 19.77
N VAL K 335 -4.12 -67.14 18.80
CA VAL K 335 -5.23 -67.64 17.98
C VAL K 335 -6.27 -68.36 18.83
N MET K 336 -5.80 -69.13 19.81
CA MET K 336 -6.67 -69.98 20.59
C MET K 336 -7.52 -69.19 21.59
N LYS K 337 -6.94 -68.15 22.20
CA LYS K 337 -7.74 -67.36 23.13
C LYS K 337 -8.77 -66.51 22.41
N ALA K 338 -8.44 -65.99 21.22
CA ALA K 338 -9.46 -65.31 20.43
C ALA K 338 -10.61 -66.26 20.06
N MET K 339 -10.25 -67.50 19.69
CA MET K 339 -11.24 -68.53 19.37
C MET K 339 -12.16 -68.83 20.54
N LEU K 340 -11.57 -68.98 21.73
CA LEU K 340 -12.37 -69.37 22.90
C LEU K 340 -13.30 -68.26 23.35
N PHE K 341 -12.87 -67.00 23.22
CA PHE K 341 -13.81 -65.92 23.55
C PHE K 341 -14.97 -65.87 22.56
N LEU K 342 -14.71 -66.15 21.29
CA LEU K 342 -15.81 -66.19 20.33
C LEU K 342 -16.78 -67.35 20.61
N PHE K 343 -16.24 -68.50 21.05
CA PHE K 343 -17.09 -69.60 21.51
C PHE K 343 -17.97 -69.20 22.69
N VAL K 344 -17.37 -68.56 23.70
CA VAL K 344 -18.11 -68.14 24.89
C VAL K 344 -19.22 -67.16 24.52
N GLY K 345 -18.96 -66.29 23.54
CA GLY K 345 -19.99 -65.38 23.06
C GLY K 345 -21.16 -66.08 22.38
N ILE K 346 -20.86 -67.10 21.56
CA ILE K 346 -21.95 -67.84 20.91
C ILE K 346 -22.79 -68.59 21.94
N ILE K 347 -22.13 -69.20 22.93
CA ILE K 347 -22.87 -69.94 23.96
C ILE K 347 -23.72 -69.00 24.81
N PHE K 348 -23.21 -67.81 25.12
CA PHE K 348 -24.01 -66.82 25.83
C PHE K 348 -25.18 -66.33 24.99
N SER K 349 -25.00 -66.23 23.67
CA SER K 349 -26.09 -65.85 22.79
C SER K 349 -27.21 -66.89 22.82
N ILE K 350 -26.84 -68.16 22.95
CA ILE K 350 -27.86 -69.21 22.98
C ILE K 350 -28.56 -69.25 24.33
N THR K 351 -27.79 -69.23 25.43
CA THR K 351 -28.34 -69.56 26.74
C THR K 351 -28.97 -68.39 27.48
N ARG K 352 -28.64 -67.14 27.10
CA ARG K 352 -29.01 -65.91 27.81
C ARG K 352 -28.53 -65.92 29.26
N SER K 353 -27.40 -66.57 29.50
CA SER K 353 -26.84 -66.75 30.83
C SER K 353 -25.40 -67.18 30.69
N ASN K 354 -24.62 -66.87 31.71
CA ASN K 354 -23.19 -67.15 31.70
C ASN K 354 -22.82 -68.14 32.79
N ASP K 355 -23.78 -68.59 33.58
CA ASP K 355 -23.54 -69.51 34.68
C ASP K 355 -23.59 -70.94 34.15
N ILE K 356 -22.51 -71.68 34.40
CA ILE K 356 -22.39 -73.08 33.96
C ILE K 356 -23.48 -73.94 34.58
N ARG K 357 -23.85 -73.67 35.84
CA ARG K 357 -24.83 -74.48 36.55
C ARG K 357 -26.26 -74.26 36.07
N SER K 358 -26.51 -73.34 35.15
CA SER K 358 -27.87 -72.97 34.79
C SER K 358 -28.43 -73.75 33.62
N PHE K 359 -27.57 -74.26 32.74
CA PHE K 359 -28.00 -74.85 31.49
C PHE K 359 -27.29 -76.17 31.25
N SER K 360 -27.95 -77.06 30.53
CA SER K 360 -27.37 -78.34 30.16
C SER K 360 -28.08 -78.88 28.93
N GLY K 361 -27.36 -79.67 28.15
CA GLY K 361 -27.95 -80.40 27.04
C GLY K 361 -27.85 -79.71 25.69
N LEU K 362 -26.67 -79.25 25.32
CA LEU K 362 -26.50 -78.51 24.07
C LEU K 362 -26.07 -79.37 22.90
N ILE K 363 -25.51 -80.56 23.15
CA ILE K 363 -25.15 -81.49 22.08
C ILE K 363 -26.40 -81.97 21.34
N THR K 364 -27.51 -82.13 22.04
CA THR K 364 -28.75 -82.59 21.40
C THR K 364 -29.35 -81.55 20.46
N SER K 365 -28.89 -80.31 20.50
CA SER K 365 -29.41 -79.26 19.63
C SER K 365 -28.34 -78.53 18.84
N TYR K 366 -27.07 -78.55 19.27
CA TYR K 366 -26.01 -77.83 18.58
C TYR K 366 -24.77 -78.72 18.49
N PRO K 367 -24.78 -79.70 17.58
CA PRO K 367 -23.68 -80.68 17.58
C PRO K 367 -22.37 -80.12 17.04
N LEU K 368 -22.44 -79.27 16.01
CA LEU K 368 -21.22 -78.73 15.40
C LEU K 368 -20.49 -77.81 16.35
N LEU K 369 -21.23 -76.94 17.05
CA LEU K 369 -20.66 -76.06 18.06
C LEU K 369 -20.06 -76.86 19.21
N GLY K 370 -20.74 -77.94 19.62
CA GLY K 370 -20.24 -78.74 20.73
C GLY K 370 -18.95 -79.46 20.41
N TRP K 371 -18.88 -80.11 19.25
CA TRP K 371 -17.64 -80.78 18.94
C TRP K 371 -16.54 -79.83 18.51
N ALA K 372 -16.89 -78.63 18.02
CA ALA K 372 -15.89 -77.60 17.79
C ALA K 372 -15.28 -77.11 19.10
N PHE K 373 -16.12 -76.92 20.13
CA PHE K 373 -15.60 -76.52 21.43
C PHE K 373 -14.77 -77.63 22.07
N PHE K 374 -15.15 -78.89 21.81
CA PHE K 374 -14.38 -80.03 22.31
C PHE K 374 -12.98 -80.07 21.70
N ILE K 375 -12.87 -79.90 20.39
CA ILE K 375 -11.57 -79.86 19.74
C ILE K 375 -10.78 -78.63 20.16
N ALA K 376 -11.47 -77.50 20.38
CA ALA K 376 -10.79 -76.28 20.83
C ALA K 376 -10.22 -76.44 22.23
N ALA K 377 -10.96 -77.09 23.13
CA ALA K 377 -10.48 -77.36 24.48
C ALA K 377 -9.28 -78.30 24.49
N LEU K 378 -9.35 -79.38 23.70
CA LEU K 378 -8.23 -80.31 23.65
C LEU K 378 -7.01 -79.70 22.97
N SER K 379 -7.21 -78.74 22.07
CA SER K 379 -6.07 -78.04 21.50
C SER K 379 -5.51 -77.00 22.45
N LEU K 380 -6.34 -76.48 23.35
CA LEU K 380 -5.84 -75.58 24.39
C LEU K 380 -4.97 -76.33 25.38
N ALA K 381 -5.36 -77.56 25.74
CA ALA K 381 -4.62 -78.33 26.74
C ALA K 381 -3.22 -78.71 26.26
N GLY K 382 -3.10 -79.21 25.03
CA GLY K 382 -1.81 -79.60 24.51
C GLY K 382 -1.71 -81.04 24.06
N ILE K 383 -2.83 -81.60 23.64
CA ILE K 383 -2.89 -82.97 23.10
C ILE K 383 -2.16 -83.01 21.76
N PRO K 384 -1.31 -84.01 21.50
CA PRO K 384 -0.24 -83.89 20.47
C PRO K 384 -0.69 -83.74 19.02
N PRO K 385 -1.81 -84.31 18.54
CA PRO K 385 -2.20 -83.97 17.15
C PRO K 385 -2.72 -82.55 16.97
N LEU K 386 -2.92 -81.80 18.04
CA LEU K 386 -3.48 -80.46 17.97
C LEU K 386 -2.37 -79.42 18.12
N SER K 387 -2.77 -78.15 18.24
CA SER K 387 -1.87 -77.03 18.01
C SER K 387 -0.86 -76.83 19.15
N GLY K 388 -1.34 -76.70 20.38
CA GLY K 388 -0.48 -76.30 21.48
C GLY K 388 0.36 -77.40 22.10
N PHE K 389 1.01 -78.22 21.29
CA PHE K 389 1.82 -79.33 21.79
C PHE K 389 3.31 -79.07 21.69
N ILE K 390 3.79 -78.65 20.53
CA ILE K 390 5.23 -78.61 20.30
C ILE K 390 5.88 -77.47 21.08
N GLY K 391 5.11 -76.43 21.40
CA GLY K 391 5.59 -75.33 22.20
C GLY K 391 5.88 -75.72 23.63
N LYS K 392 4.89 -76.27 24.32
CA LYS K 392 5.14 -76.71 25.69
C LYS K 392 6.03 -77.94 25.74
N LEU K 393 6.08 -78.73 24.67
CA LEU K 393 7.04 -79.83 24.60
C LEU K 393 8.48 -79.32 24.59
N LEU K 394 8.75 -78.29 23.78
CA LEU K 394 10.09 -77.72 23.76
C LEU K 394 10.42 -76.96 25.03
N ILE K 395 9.42 -76.35 25.67
CA ILE K 395 9.64 -75.67 26.95
C ILE K 395 10.02 -76.69 28.03
N VAL K 396 9.29 -77.80 28.10
CA VAL K 396 9.58 -78.85 29.07
C VAL K 396 10.94 -79.50 28.80
N LYS K 397 11.28 -79.68 27.52
CA LYS K 397 12.58 -80.25 27.17
C LYS K 397 13.73 -79.31 27.55
N ALA K 398 13.55 -78.01 27.35
CA ALA K 398 14.60 -77.07 27.71
C ALA K 398 14.68 -76.86 29.22
N SER K 399 13.60 -77.07 29.95
CA SER K 399 13.70 -76.99 31.40
C SER K 399 14.36 -78.23 32.01
N PHE K 400 14.08 -79.41 31.46
CA PHE K 400 14.81 -80.61 31.89
C PHE K 400 16.28 -80.56 31.51
N ASP K 401 16.62 -79.96 30.37
CA ASP K 401 18.02 -79.89 29.96
C ASP K 401 18.83 -78.94 30.84
N ALA K 402 18.17 -77.99 31.52
CA ALA K 402 18.84 -77.07 32.43
C ALA K 402 18.64 -77.43 33.89
N GLN K 403 18.17 -78.65 34.16
CA GLN K 403 17.95 -79.20 35.51
C GLN K 403 16.95 -78.36 36.32
N LEU K 404 15.74 -78.24 35.77
CA LEU K 404 14.60 -77.66 36.49
C LEU K 404 13.49 -78.69 36.45
N ILE K 405 13.50 -79.62 37.40
CA ILE K 405 12.53 -80.72 37.37
C ILE K 405 11.18 -80.23 37.87
N PHE K 406 11.18 -79.50 38.99
CA PHE K 406 9.97 -79.08 39.66
C PHE K 406 9.15 -78.12 38.82
N GLU K 407 9.83 -77.26 38.06
CA GLU K 407 9.13 -76.28 37.23
C GLU K 407 8.46 -76.94 36.03
N ALA K 408 9.12 -77.95 35.45
CA ALA K 408 8.51 -78.73 34.37
C ALA K 408 7.29 -79.50 34.87
N ILE K 409 7.36 -80.01 36.10
CA ILE K 409 6.19 -80.69 36.68
C ILE K 409 5.06 -79.68 36.96
N VAL K 410 5.40 -78.45 37.31
CA VAL K 410 4.40 -77.39 37.46
C VAL K 410 3.74 -77.07 36.12
N ILE K 411 4.51 -77.06 35.04
CA ILE K 411 3.96 -76.83 33.70
C ILE K 411 2.98 -77.93 33.30
N LEU K 412 3.35 -79.19 33.54
CA LEU K 412 2.49 -80.31 33.17
C LEU K 412 1.20 -80.34 34.01
N LEU K 413 1.31 -80.08 35.32
CA LEU K 413 0.10 -80.01 36.14
C LEU K 413 -0.75 -78.80 35.81
N SER K 414 -0.15 -77.71 35.33
CA SER K 414 -0.93 -76.56 34.89
C SER K 414 -1.71 -76.90 33.63
N SER K 415 -1.10 -77.66 32.72
CA SER K 415 -1.80 -78.16 31.54
C SER K 415 -2.99 -79.02 31.93
N LEU K 416 -2.80 -79.85 32.97
CA LEU K 416 -3.91 -80.65 33.50
C LEU K 416 -5.04 -79.77 34.03
N LEU K 417 -4.69 -78.73 34.79
CA LEU K 417 -5.73 -77.92 35.42
C LEU K 417 -6.48 -77.04 34.42
N VAL K 418 -5.79 -76.54 33.38
CA VAL K 418 -6.50 -75.75 32.37
C VAL K 418 -7.39 -76.66 31.52
N LEU K 419 -6.95 -77.91 31.27
CA LEU K 419 -7.82 -78.90 30.65
C LEU K 419 -9.04 -79.18 31.51
N TYR K 420 -8.87 -79.26 32.83
CA TYR K 420 -10.01 -79.51 33.71
C TYR K 420 -11.00 -78.36 33.68
N SER K 421 -10.51 -77.12 33.59
CA SER K 421 -11.43 -75.98 33.56
C SER K 421 -12.27 -75.94 32.28
N VAL K 422 -11.61 -76.06 31.12
CA VAL K 422 -12.40 -76.00 29.87
C VAL K 422 -13.25 -77.25 29.68
N MET K 423 -12.82 -78.40 30.20
CA MET K 423 -13.64 -79.58 30.09
C MET K 423 -14.76 -79.58 31.11
N LYS K 424 -14.60 -78.82 32.21
CA LYS K 424 -15.73 -78.56 33.09
C LYS K 424 -16.82 -77.79 32.36
N ILE K 425 -16.41 -76.81 31.55
CA ILE K 425 -17.37 -76.10 30.68
C ILE K 425 -18.06 -77.08 29.73
N PHE K 426 -17.27 -77.94 29.08
CA PHE K 426 -17.82 -78.87 28.09
C PHE K 426 -18.75 -79.91 28.72
N MET K 427 -18.37 -80.46 29.86
CA MET K 427 -19.14 -81.55 30.44
C MET K 427 -20.37 -81.09 31.18
N ASN K 428 -20.33 -79.91 31.80
CA ASN K 428 -21.54 -79.46 32.46
C ASN K 428 -22.46 -78.69 31.54
N GLY K 429 -21.92 -78.04 30.51
CA GLY K 429 -22.74 -77.29 29.60
C GLY K 429 -23.37 -78.14 28.50
N PHE K 430 -22.53 -78.87 27.77
CA PHE K 430 -23.02 -79.54 26.57
C PHE K 430 -23.71 -80.86 26.90
N TRP K 431 -23.10 -81.70 27.73
CA TRP K 431 -23.72 -82.96 28.11
C TRP K 431 -24.82 -82.73 29.15
N GLY K 432 -25.59 -83.77 29.41
CA GLY K 432 -26.70 -83.70 30.34
C GLY K 432 -28.03 -83.64 29.63
N GLU K 433 -29.09 -83.52 30.43
CA GLU K 433 -30.42 -83.39 29.86
C GLU K 433 -30.73 -81.91 29.58
N LYS K 434 -31.78 -81.68 28.81
CA LYS K 434 -32.13 -80.35 28.33
C LYS K 434 -33.02 -79.66 29.38
N LYS K 435 -32.48 -78.61 30.01
CA LYS K 435 -33.32 -77.80 30.89
C LYS K 435 -33.13 -76.29 30.76
N GLY K 436 -32.00 -75.80 30.26
CA GLY K 436 -31.65 -74.43 30.54
C GLY K 436 -31.98 -73.39 29.49
N PHE K 437 -32.08 -73.80 28.23
CA PHE K 437 -32.08 -72.88 27.12
C PHE K 437 -33.31 -73.13 26.25
N GLU K 438 -33.46 -72.30 25.22
CA GLU K 438 -34.57 -72.37 24.28
C GLU K 438 -33.97 -72.43 22.88
N GLN K 439 -34.63 -73.19 22.00
CA GLN K 439 -34.12 -73.44 20.65
C GLN K 439 -34.07 -72.17 19.81
N LYS K 440 -32.85 -71.72 19.52
CA LYS K 440 -32.63 -70.49 18.77
C LYS K 440 -31.61 -70.80 17.69
N GLN K 441 -31.99 -70.58 16.44
CA GLN K 441 -31.09 -70.86 15.32
C GLN K 441 -29.98 -69.81 15.28
N VAL K 442 -28.75 -70.26 15.51
CA VAL K 442 -27.61 -69.36 15.32
C VAL K 442 -27.33 -69.20 13.84
N ASP K 443 -26.59 -68.16 13.50
CA ASP K 443 -26.34 -67.85 12.10
C ASP K 443 -25.05 -67.06 11.95
N GLY K 444 -24.27 -67.41 10.92
CA GLY K 444 -23.19 -66.56 10.45
C GLY K 444 -21.96 -66.46 11.33
N ARG K 445 -22.16 -66.10 12.60
CA ARG K 445 -21.06 -65.86 13.52
C ARG K 445 -20.30 -67.11 13.89
N LEU K 446 -20.87 -68.29 13.63
CA LEU K 446 -20.18 -69.55 13.89
C LEU K 446 -19.01 -69.76 12.95
N PHE K 447 -19.08 -69.20 11.75
CA PHE K 447 -18.08 -69.43 10.72
C PHE K 447 -16.70 -68.79 10.92
N PRO K 448 -16.55 -67.57 11.47
CA PRO K 448 -15.18 -67.13 11.81
C PRO K 448 -14.54 -67.97 12.91
N VAL K 449 -15.35 -68.48 13.82
CA VAL K 449 -14.85 -69.36 14.87
C VAL K 449 -14.38 -70.68 14.27
N LEU K 450 -15.15 -71.20 13.31
CA LEU K 450 -14.73 -72.41 12.60
C LEU K 450 -13.49 -72.16 11.75
N PHE K 451 -13.34 -70.96 11.20
CA PHE K 451 -12.16 -70.62 10.42
C PHE K 451 -10.91 -70.58 11.30
N LEU K 452 -11.03 -70.00 12.50
CA LEU K 452 -9.94 -70.02 13.46
C LEU K 452 -9.61 -71.45 13.91
N LEU K 453 -10.64 -72.28 14.09
CA LEU K 453 -10.42 -73.66 14.50
C LEU K 453 -9.71 -74.47 13.43
N VAL K 454 -10.09 -74.29 12.16
CA VAL K 454 -9.43 -74.98 11.06
C VAL K 454 -7.99 -74.52 10.92
N LEU K 455 -7.73 -73.22 11.11
CA LEU K 455 -6.34 -72.77 11.08
C LEU K 455 -5.52 -73.30 12.25
N SER K 456 -6.13 -73.47 13.42
CA SER K 456 -5.40 -74.03 14.55
C SER K 456 -5.08 -75.50 14.34
N VAL K 457 -6.03 -76.26 13.79
CA VAL K 457 -5.79 -77.68 13.49
C VAL K 457 -4.72 -77.83 12.42
N ALA K 458 -4.80 -77.02 11.35
CA ALA K 458 -3.78 -77.05 10.31
C ALA K 458 -2.42 -76.56 10.81
N TYR K 459 -2.41 -75.71 11.83
CA TYR K 459 -1.17 -75.32 12.47
C TYR K 459 -0.56 -76.48 13.25
N GLY K 460 -1.40 -77.22 13.96
CA GLY K 460 -0.91 -78.38 14.69
C GLY K 460 -0.43 -79.51 13.80
N ILE K 461 -1.03 -79.66 12.62
CA ILE K 461 -0.55 -80.66 11.67
C ILE K 461 0.76 -80.21 11.04
N GLY K 462 0.79 -79.00 10.48
CA GLY K 462 1.93 -78.55 9.72
C GLY K 462 2.95 -77.76 10.49
N ILE K 463 3.61 -78.39 11.46
CA ILE K 463 4.70 -77.73 12.17
C ILE K 463 5.92 -77.59 11.26
N GLU K 464 6.11 -78.53 10.33
CA GLU K 464 7.28 -78.50 9.46
C GLU K 464 7.20 -77.35 8.45
N PHE K 465 6.00 -76.95 8.04
CA PHE K 465 5.87 -75.76 7.20
C PHE K 465 6.17 -74.49 7.98
N VAL K 466 5.54 -74.32 9.15
CA VAL K 466 5.64 -73.08 9.91
C VAL K 466 6.94 -72.97 10.69
N ARG K 467 7.75 -74.01 10.72
CA ARG K 467 8.96 -73.99 11.54
C ARG K 467 10.14 -73.14 11.04
N PRO K 468 10.56 -73.13 9.76
CA PRO K 468 11.78 -72.36 9.41
C PRO K 468 11.67 -70.85 9.62
N PHE K 469 10.46 -70.29 9.60
CA PHE K 469 10.25 -68.92 10.05
C PHE K 469 10.66 -68.76 11.52
N VAL K 470 10.21 -69.70 12.36
CA VAL K 470 10.54 -69.67 13.78
C VAL K 470 12.02 -69.95 14.00
N LEU K 471 12.64 -70.73 13.09
CA LEU K 471 14.08 -70.96 13.20
C LEU K 471 14.88 -69.70 12.91
N ASP K 472 14.46 -68.91 11.91
CA ASP K 472 15.13 -67.64 11.66
C ASP K 472 14.86 -66.63 12.78
N ALA K 473 13.66 -66.68 13.37
CA ALA K 473 13.35 -65.84 14.52
C ALA K 473 14.26 -66.16 15.71
N VAL K 474 14.45 -67.45 15.99
CA VAL K 474 15.35 -67.85 17.08
C VAL K 474 16.79 -67.48 16.75
N ASN K 475 17.20 -67.61 15.50
CA ASN K 475 18.55 -67.23 15.11
C ASN K 475 18.81 -65.73 15.23
N VAL K 476 17.77 -64.90 15.17
CA VAL K 476 18.01 -63.48 15.41
C VAL K 476 17.78 -63.09 16.88
N LEU K 477 17.05 -63.89 17.66
CA LEU K 477 16.83 -63.54 19.05
C LEU K 477 18.00 -63.91 19.96
N VAL K 478 18.58 -65.10 19.78
CA VAL K 478 19.71 -65.49 20.61
C VAL K 478 21.03 -64.92 20.10
N ASP K 479 21.00 -64.17 19.01
CA ASP K 479 22.18 -63.49 18.48
C ASP K 479 21.74 -62.10 18.06
N PRO K 480 21.86 -61.11 18.96
CA PRO K 480 21.51 -59.73 18.59
C PRO K 480 22.60 -58.99 17.84
N SER K 481 23.73 -59.64 17.56
CA SER K 481 24.75 -59.02 16.72
C SER K 481 24.25 -58.81 15.30
N MET K 482 23.41 -59.71 14.79
CA MET K 482 22.81 -59.53 13.49
C MET K 482 21.81 -58.37 13.49
N TYR K 483 21.11 -58.19 14.61
CA TYR K 483 20.19 -57.06 14.75
C TYR K 483 20.94 -55.74 14.77
N ILE K 484 22.02 -55.66 15.55
CA ILE K 484 22.74 -54.40 15.66
C ILE K 484 23.71 -54.14 14.51
N GLU K 485 23.96 -55.14 13.66
CA GLU K 485 24.68 -54.88 12.42
C GLU K 485 23.76 -54.70 11.23
N ALA K 486 22.47 -55.04 11.36
CA ALA K 486 21.52 -54.71 10.31
C ALA K 486 21.09 -53.26 10.38
N VAL K 487 20.81 -52.75 11.57
CA VAL K 487 20.38 -51.37 11.72
C VAL K 487 21.57 -50.42 11.54
N LEU K 488 22.56 -50.54 12.41
CA LEU K 488 23.72 -49.66 12.37
C LEU K 488 24.64 -50.11 11.25
N LYS K 489 24.49 -49.50 10.08
CA LYS K 489 25.26 -49.90 8.91
C LYS K 489 26.54 -49.10 8.79
N MET L 1 -17.41 8.19 6.69
CA MET L 1 -16.17 8.67 7.26
C MET L 1 -15.03 7.74 6.88
N ALA L 2 -15.41 6.51 6.55
CA ALA L 2 -14.46 5.53 6.03
C ALA L 2 -14.49 5.49 4.51
N PHE L 3 -15.62 5.88 3.92
CA PHE L 3 -15.74 5.94 2.47
C PHE L 3 -14.80 6.99 1.90
N GLN L 4 -14.64 8.12 2.60
CA GLN L 4 -13.71 9.15 2.16
C GLN L 4 -12.28 8.68 2.27
N ILE L 5 -11.96 7.89 3.29
CA ILE L 5 -10.61 7.38 3.43
C ILE L 5 -10.31 6.37 2.33
N LEU L 6 -11.27 5.50 2.05
CA LEU L 6 -11.11 4.54 0.95
C LEU L 6 -11.01 5.24 -0.39
N LEU L 7 -11.75 6.34 -0.55
CA LEU L 7 -11.75 7.09 -1.79
C LEU L 7 -10.42 7.79 -1.98
N ASN L 8 -9.83 8.29 -0.89
CA ASN L 8 -8.50 8.88 -0.94
C ASN L 8 -7.44 7.83 -1.27
N VAL L 9 -7.60 6.61 -0.75
CA VAL L 9 -6.65 5.55 -1.06
C VAL L 9 -6.73 5.15 -2.54
N ILE L 10 -7.95 5.05 -3.09
CA ILE L 10 -8.03 4.64 -4.49
C ILE L 10 -7.65 5.79 -5.42
N LEU L 11 -7.82 7.05 -5.00
CA LEU L 11 -7.28 8.15 -5.80
C LEU L 11 -5.76 8.18 -5.76
N ALA L 12 -5.15 7.80 -4.63
CA ALA L 12 -3.70 7.62 -4.62
C ALA L 12 -3.26 6.48 -5.54
N PHE L 13 -4.08 5.43 -5.64
CA PHE L 13 -3.81 4.36 -6.60
C PHE L 13 -3.90 4.87 -8.04
N VAL L 14 -4.89 5.71 -8.33
CA VAL L 14 -5.03 6.30 -9.66
C VAL L 14 -3.85 7.21 -9.98
N TRP L 15 -3.35 7.94 -8.97
CA TRP L 15 -2.15 8.76 -9.17
C TRP L 15 -0.92 7.90 -9.44
N MET L 16 -0.78 6.77 -8.74
CA MET L 16 0.35 5.89 -9.01
C MET L 16 0.24 5.23 -10.37
N PHE L 17 -0.98 5.01 -10.84
CA PHE L 17 -1.21 4.41 -12.15
C PHE L 17 -1.08 5.42 -13.29
N LEU L 18 -1.28 6.71 -13.00
CA LEU L 18 -1.19 7.73 -14.04
C LEU L 18 0.25 7.95 -14.48
N THR L 19 1.21 7.70 -13.59
CA THR L 19 2.60 7.53 -13.97
C THR L 19 2.92 6.04 -14.00
N VAL L 20 4.18 5.72 -14.24
CA VAL L 20 4.60 4.32 -14.38
C VAL L 20 5.51 3.88 -13.26
N SER L 21 5.64 4.67 -12.20
CA SER L 21 6.45 4.32 -11.05
C SER L 21 5.56 3.89 -9.90
N PHE L 22 5.94 2.81 -9.23
CA PHE L 22 5.18 2.27 -8.11
C PHE L 22 6.09 2.26 -6.88
N ASP L 23 5.79 3.15 -5.94
CA ASP L 23 6.62 3.36 -4.76
C ASP L 23 5.77 4.08 -3.72
N GLY L 24 6.18 3.96 -2.46
CA GLY L 24 5.45 4.61 -1.38
C GLY L 24 5.52 6.12 -1.41
N ALA L 25 6.60 6.67 -1.98
CA ALA L 25 6.74 8.12 -2.09
C ALA L 25 5.67 8.70 -3.01
N SER L 26 5.47 8.07 -4.18
CA SER L 26 4.41 8.46 -5.08
C SER L 26 3.03 8.21 -4.47
N PHE L 27 2.92 7.21 -3.57
CA PHE L 27 1.67 6.99 -2.87
C PHE L 27 1.35 8.13 -1.91
N LEU L 28 2.37 8.64 -1.20
CA LEU L 28 2.13 9.79 -0.33
C LEU L 28 1.83 11.06 -1.13
N VAL L 29 2.47 11.24 -2.28
CA VAL L 29 2.18 12.38 -3.14
C VAL L 29 0.73 12.32 -3.63
N GLY L 30 0.31 11.15 -4.13
CA GLY L 30 -1.06 10.98 -4.57
C GLY L 30 -2.07 11.07 -3.44
N TYR L 31 -1.67 10.68 -2.23
CA TYR L 31 -2.58 10.80 -1.09
C TYR L 31 -2.78 12.25 -0.69
N MET L 32 -1.72 13.07 -0.78
CA MET L 32 -1.85 14.50 -0.50
C MET L 32 -2.72 15.18 -1.56
N ILE L 33 -2.50 14.84 -2.84
CA ILE L 33 -3.33 15.37 -3.93
C ILE L 33 -4.79 14.98 -3.74
N GLY L 34 -5.04 13.72 -3.37
CA GLY L 34 -6.40 13.28 -3.12
C GLY L 34 -7.02 13.91 -1.90
N LEU L 35 -6.20 14.25 -0.89
CA LEU L 35 -6.70 14.98 0.26
C LEU L 35 -7.20 16.36 -0.14
N PHE L 36 -6.46 17.03 -1.02
CA PHE L 36 -6.90 18.34 -1.53
C PHE L 36 -8.18 18.22 -2.36
N ILE L 37 -8.25 17.17 -3.18
CA ILE L 37 -9.41 16.96 -4.05
C ILE L 37 -10.67 16.65 -3.24
N LEU L 38 -10.55 15.80 -2.22
CA LEU L 38 -11.68 15.57 -1.32
C LEU L 38 -12.01 16.80 -0.47
N PHE L 39 -11.06 17.69 -0.22
CA PHE L 39 -11.43 18.95 0.41
C PHE L 39 -12.25 19.82 -0.53
N ILE L 40 -12.00 19.74 -1.84
CA ILE L 40 -12.82 20.49 -2.79
C ILE L 40 -14.25 19.96 -2.82
N LEU L 41 -14.40 18.63 -2.72
CA LEU L 41 -15.68 17.96 -2.92
C LEU L 41 -16.38 17.60 -1.61
N ARG L 42 -16.30 18.47 -0.59
CA ARG L 42 -16.92 18.18 0.70
C ARG L 42 -18.44 18.27 0.66
N ARG L 43 -19.01 18.89 -0.37
CA ARG L 43 -20.45 19.15 -0.38
C ARG L 43 -21.25 17.89 -0.61
N PHE L 44 -20.72 16.95 -1.40
CA PHE L 44 -21.48 15.78 -1.79
C PHE L 44 -21.58 14.76 -0.67
N PHE L 45 -20.56 14.67 0.18
CA PHE L 45 -20.57 13.73 1.28
C PHE L 45 -21.55 14.20 2.36
N HIS L 46 -21.84 13.32 3.30
CA HIS L 46 -22.86 13.60 4.30
C HIS L 46 -22.33 13.79 5.71
N SER L 47 -21.29 13.06 6.10
CA SER L 47 -20.87 13.07 7.50
C SER L 47 -19.99 14.27 7.83
N ARG L 48 -18.76 14.29 7.28
CA ARG L 48 -17.71 15.21 7.72
C ARG L 48 -16.50 15.04 6.81
N PHE L 49 -15.77 16.13 6.57
CA PHE L 49 -14.43 15.99 6.01
C PHE L 49 -13.55 15.23 6.99
N TYR L 50 -12.88 14.19 6.49
CA TYR L 50 -12.51 13.07 7.35
C TYR L 50 -11.33 13.35 8.27
N LEU L 51 -10.69 14.52 8.25
CA LEU L 51 -9.58 14.73 9.15
C LEU L 51 -10.05 14.97 10.58
N VAL L 52 -11.22 15.58 10.75
CA VAL L 52 -11.72 15.87 12.10
C VAL L 52 -12.02 14.61 12.92
N PRO L 53 -12.64 13.54 12.38
CA PRO L 53 -12.68 12.29 13.17
C PRO L 53 -11.31 11.68 13.48
N VAL L 54 -10.32 11.86 12.61
CA VAL L 54 -8.98 11.34 12.90
C VAL L 54 -8.35 12.11 14.07
N PHE L 55 -8.49 13.44 14.08
CA PHE L 55 -7.93 14.22 15.18
C PHE L 55 -8.69 13.97 16.48
N VAL L 56 -9.99 13.72 16.42
CA VAL L 56 -10.66 13.47 17.70
C VAL L 56 -10.47 12.03 18.19
N ILE L 57 -10.16 11.06 17.32
CA ILE L 57 -9.80 9.77 17.90
C ILE L 57 -8.37 9.79 18.44
N ILE L 58 -7.50 10.64 17.89
CA ILE L 58 -6.20 10.89 18.53
C ILE L 58 -6.41 11.57 19.89
N LYS L 59 -7.41 12.45 19.97
CA LYS L 59 -7.78 13.07 21.24
C LYS L 59 -8.28 12.04 22.25
N LEU L 60 -9.08 11.06 21.80
CA LEU L 60 -9.53 10.01 22.72
C LEU L 60 -8.39 9.10 23.17
N LEU L 61 -7.40 8.84 22.30
CA LEU L 61 -6.24 8.06 22.73
C LEU L 61 -5.44 8.80 23.80
N PHE L 62 -5.24 10.10 23.62
CA PHE L 62 -4.54 10.89 24.63
C PHE L 62 -5.34 11.00 25.93
N ILE L 63 -6.66 11.07 25.84
CA ILE L 63 -7.51 11.08 27.02
C ILE L 63 -7.43 9.76 27.77
N PHE L 64 -7.37 8.64 27.03
CA PHE L 64 -7.15 7.32 27.65
C PHE L 64 -5.85 7.28 28.44
N PHE L 65 -4.76 7.72 27.83
CA PHE L 65 -3.45 7.67 28.50
C PHE L 65 -3.40 8.59 29.72
N LYS L 66 -3.92 9.81 29.59
CA LYS L 66 -3.88 10.77 30.69
C LYS L 66 -4.78 10.34 31.85
N GLU L 67 -5.99 9.84 31.55
CA GLU L 67 -6.86 9.41 32.64
C GLU L 67 -6.36 8.14 33.29
N LEU L 68 -5.62 7.31 32.56
CA LEU L 68 -4.95 6.15 33.16
C LEU L 68 -3.92 6.58 34.20
N ILE L 69 -3.06 7.54 33.84
CA ILE L 69 -2.04 8.02 34.78
C ILE L 69 -2.66 8.71 35.98
N LEU L 70 -3.70 9.53 35.76
CA LEU L 70 -4.37 10.21 36.86
C LEU L 70 -5.09 9.22 37.77
N SER L 71 -5.66 8.16 37.20
CA SER L 71 -6.36 7.16 38.00
C SER L 71 -5.39 6.38 38.87
N ASN L 72 -4.21 6.08 38.34
CA ASN L 72 -3.29 5.31 39.15
C ASN L 72 -2.62 6.18 40.21
N ILE L 73 -2.49 7.49 39.97
CA ILE L 73 -2.02 8.39 41.03
C ILE L 73 -3.08 8.53 42.13
N ALA L 74 -4.36 8.55 41.74
CA ALA L 74 -5.43 8.61 42.74
C ALA L 74 -5.50 7.34 43.58
N VAL L 75 -5.35 6.17 42.95
CA VAL L 75 -5.33 4.92 43.70
C VAL L 75 -4.08 4.84 44.58
N ALA L 76 -2.96 5.42 44.11
CA ALA L 76 -1.75 5.48 44.91
C ALA L 76 -1.93 6.30 46.18
N LYS L 77 -2.63 7.43 46.07
CA LYS L 77 -2.85 8.20 47.29
C LYS L 77 -4.03 7.71 48.12
N VAL L 78 -4.85 6.80 47.58
CA VAL L 78 -5.88 6.18 48.42
C VAL L 78 -5.32 5.01 49.23
N VAL L 79 -4.50 4.17 48.61
CA VAL L 79 -4.05 2.93 49.26
C VAL L 79 -3.04 3.22 50.37
N MET L 80 -2.05 4.07 50.09
CA MET L 80 -1.06 4.41 51.11
C MET L 80 -1.63 5.31 52.20
N GLN L 81 -2.78 5.94 51.96
CA GLN L 81 -3.51 6.64 53.00
C GLN L 81 -4.03 5.63 54.03
N ARG L 82 -4.21 6.09 55.26
CA ARG L 82 -4.94 5.33 56.27
C ARG L 82 -6.35 5.05 55.77
N SER L 83 -6.68 3.77 55.64
CA SER L 83 -7.77 3.29 54.79
C SER L 83 -9.16 3.42 55.43
N LEU L 84 -9.32 4.24 56.46
CA LEU L 84 -10.63 4.49 57.06
C LEU L 84 -11.32 5.71 56.48
N THR L 85 -10.77 6.29 55.40
CA THR L 85 -11.22 7.59 54.93
C THR L 85 -12.18 7.53 53.75
N ILE L 86 -12.22 6.43 53.01
CA ILE L 86 -12.99 6.39 51.77
C ILE L 86 -14.47 6.16 52.06
N GLN L 87 -15.31 6.62 51.13
CA GLN L 87 -16.76 6.53 51.25
C GLN L 87 -17.30 5.95 49.95
N PRO L 88 -17.86 4.75 49.95
CA PRO L 88 -18.29 4.13 48.70
C PRO L 88 -19.63 4.69 48.23
N ALA L 89 -19.88 4.51 46.92
CA ALA L 89 -21.17 4.90 46.37
C ALA L 89 -21.45 4.07 45.13
N ILE L 90 -22.74 3.88 44.83
CA ILE L 90 -23.20 3.38 43.55
C ILE L 90 -24.32 4.29 43.08
N PHE L 91 -24.19 4.83 41.88
CA PHE L 91 -25.15 5.81 41.40
C PHE L 91 -25.42 5.62 39.92
N ALA L 92 -26.55 6.17 39.48
CA ALA L 92 -26.98 6.08 38.10
C ALA L 92 -26.58 7.33 37.33
N LEU L 93 -26.55 7.21 36.01
CA LEU L 93 -26.39 8.36 35.17
C LEU L 93 -27.22 8.13 33.92
N PRO L 94 -27.99 9.14 33.48
CA PRO L 94 -28.71 9.01 32.21
C PRO L 94 -27.74 9.08 31.03
N THR L 95 -28.20 8.55 29.91
CA THR L 95 -27.35 8.38 28.75
C THR L 95 -28.14 8.70 27.48
N GLU L 96 -27.54 9.47 26.59
CA GLU L 96 -28.11 9.76 25.28
C GLU L 96 -27.47 8.94 24.17
N LEU L 97 -26.52 8.08 24.50
CA LEU L 97 -25.73 7.36 23.52
C LEU L 97 -26.51 6.14 23.04
N LYS L 98 -26.55 5.93 21.72
CA LYS L 98 -27.47 4.96 21.12
C LYS L 98 -26.77 3.68 20.68
N LYS L 99 -25.74 3.78 19.85
CA LYS L 99 -25.09 2.57 19.36
C LYS L 99 -24.19 1.99 20.45
N GLU L 100 -24.00 0.67 20.39
CA GLU L 100 -23.30 -0.02 21.47
C GLU L 100 -21.80 0.25 21.47
N TRP L 101 -21.26 0.71 20.33
CA TRP L 101 -19.83 1.02 20.26
C TRP L 101 -19.48 2.26 21.06
N GLU L 102 -20.28 3.33 20.94
CA GLU L 102 -20.02 4.52 21.74
C GLU L 102 -20.33 4.28 23.20
N ILE L 103 -21.29 3.39 23.50
CA ILE L 103 -21.61 3.04 24.87
C ILE L 103 -20.44 2.28 25.51
N THR L 104 -19.84 1.34 24.78
CA THR L 104 -18.73 0.62 25.38
C THR L 104 -17.43 1.43 25.39
N VAL L 105 -17.24 2.40 24.49
CA VAL L 105 -16.03 3.21 24.64
C VAL L 105 -16.23 4.24 25.75
N LEU L 106 -17.48 4.67 26.00
CA LEU L 106 -17.77 5.47 27.18
C LEU L 106 -17.53 4.68 28.45
N ALA L 107 -17.95 3.41 28.48
CA ALA L 107 -17.76 2.59 29.67
C ALA L 107 -16.30 2.27 29.90
N MET L 108 -15.53 2.05 28.83
CA MET L 108 -14.12 1.74 29.00
C MET L 108 -13.32 2.98 29.36
N LEU L 109 -13.79 4.16 28.96
CA LEU L 109 -13.15 5.40 29.41
C LEU L 109 -13.50 5.70 30.86
N ILE L 110 -14.74 5.49 31.27
CA ILE L 110 -15.17 5.90 32.60
C ILE L 110 -14.84 4.84 33.66
N THR L 111 -14.52 3.61 33.25
CA THR L 111 -13.91 2.65 34.17
C THR L 111 -12.54 3.13 34.60
N LEU L 112 -11.75 3.58 33.63
CA LEU L 112 -10.35 3.94 33.81
C LEU L 112 -10.16 5.36 34.34
N THR L 113 -11.22 6.05 34.67
CA THR L 113 -11.21 7.36 35.30
C THR L 113 -10.91 7.21 36.79
N PRO L 114 -10.12 8.14 37.41
CA PRO L 114 -9.90 8.08 38.87
C PRO L 114 -11.16 8.12 39.73
N GLY L 115 -11.42 7.01 40.42
CA GLY L 115 -12.48 6.92 41.40
C GLY L 115 -13.78 6.29 40.93
N THR L 116 -13.79 5.63 39.78
CA THR L 116 -15.03 5.10 39.22
C THR L 116 -14.82 3.69 38.66
N LEU L 117 -15.90 2.93 38.65
CA LEU L 117 -15.92 1.56 38.12
C LEU L 117 -17.34 1.25 37.68
N VAL L 118 -17.48 0.66 36.52
CA VAL L 118 -18.79 0.43 35.92
C VAL L 118 -19.32 -0.92 36.38
N LEU L 119 -20.62 -0.96 36.65
CA LEU L 119 -21.40 -2.18 36.73
C LEU L 119 -22.81 -1.83 36.32
N ASP L 120 -23.47 -2.73 35.59
CA ASP L 120 -24.87 -2.61 35.18
C ASP L 120 -25.12 -1.39 34.30
N VAL L 121 -24.63 -1.48 33.06
CA VAL L 121 -25.32 -0.76 31.99
C VAL L 121 -26.71 -1.37 31.85
N SER L 122 -27.72 -0.53 31.65
CA SER L 122 -29.09 -1.03 31.71
C SER L 122 -29.42 -1.88 30.49
N ASP L 123 -30.55 -2.60 30.58
CA ASP L 123 -31.05 -3.35 29.45
C ASP L 123 -31.48 -2.42 28.32
N ASP L 124 -32.25 -1.40 28.65
CA ASP L 124 -32.42 -0.25 27.77
C ASP L 124 -31.06 0.46 27.63
N GLY L 125 -30.84 1.06 26.46
CA GLY L 125 -29.63 1.84 26.28
C GLY L 125 -29.78 3.27 26.74
N SER L 126 -30.21 3.45 28.00
CA SER L 126 -30.63 4.75 28.48
C SER L 126 -30.04 5.16 29.81
N THR L 127 -29.57 4.22 30.64
CA THR L 127 -28.93 4.61 31.89
C THR L 127 -27.82 3.62 32.22
N LEU L 128 -26.85 4.12 32.99
CA LEU L 128 -25.64 3.39 33.30
C LEU L 128 -25.34 3.56 34.78
N TYR L 129 -25.23 2.45 35.51
CA TYR L 129 -24.87 2.50 36.91
C TYR L 129 -23.37 2.43 37.05
N ILE L 130 -22.84 2.93 38.15
CA ILE L 130 -21.39 3.09 38.31
C ILE L 130 -21.05 3.19 39.79
N HIS L 131 -19.93 2.57 40.15
CA HIS L 131 -19.47 2.49 41.54
C HIS L 131 -18.37 3.53 41.76
N ALA L 132 -18.67 4.54 42.57
CA ALA L 132 -17.71 5.58 42.92
C ALA L 132 -16.93 5.17 44.18
N LEU L 133 -15.61 5.31 44.12
CA LEU L 133 -14.76 4.94 45.23
C LEU L 133 -14.83 5.96 46.37
N ASN L 134 -14.82 7.25 46.04
CA ASN L 134 -14.98 8.32 47.01
C ASN L 134 -16.29 9.04 46.74
N SER L 135 -17.24 8.97 47.69
CA SER L 135 -18.55 9.57 47.45
C SER L 135 -18.53 11.10 47.53
N PRO L 136 -18.10 11.75 48.63
CA PRO L 136 -18.20 13.22 48.65
C PRO L 136 -17.13 13.91 47.83
N ASP L 137 -16.04 13.22 47.50
CA ASP L 137 -14.95 13.84 46.77
C ASP L 137 -15.32 14.02 45.29
N VAL L 138 -15.67 12.93 44.62
CA VAL L 138 -15.95 12.95 43.18
C VAL L 138 -17.34 12.35 42.96
N HIS L 139 -18.35 13.19 42.98
CA HIS L 139 -19.71 12.79 42.60
C HIS L 139 -20.41 13.80 41.71
N GLU L 140 -20.02 15.07 41.72
CA GLU L 140 -20.54 16.07 40.79
C GLU L 140 -19.46 16.66 39.87
N ALA L 141 -18.22 16.74 40.34
CA ALA L 141 -17.13 17.17 39.47
C ALA L 141 -16.83 16.12 38.43
N ILE L 142 -16.77 14.85 38.85
CA ILE L 142 -16.51 13.77 37.92
C ILE L 142 -17.73 13.51 37.04
N GLU L 143 -18.92 13.94 37.47
CA GLU L 143 -20.07 13.91 36.58
C GLU L 143 -19.92 14.96 35.48
N SER L 144 -19.34 16.12 35.79
CA SER L 144 -19.03 17.07 34.73
C SER L 144 -17.92 16.55 33.81
N ILE L 145 -16.98 15.77 34.37
CA ILE L 145 -15.93 15.16 33.55
C ILE L 145 -16.53 14.15 32.58
N LYS L 146 -17.47 13.34 33.04
CA LYS L 146 -18.08 12.37 32.13
C LYS L 146 -19.08 13.02 31.17
N GLN L 147 -19.66 14.17 31.53
CA GLN L 147 -20.43 14.92 30.54
C GLN L 147 -19.54 15.46 29.44
N SER L 148 -18.33 15.93 29.79
CA SER L 148 -17.38 16.35 28.75
C SER L 148 -16.91 15.16 27.91
N PHE L 149 -16.73 14.00 28.54
CA PHE L 149 -16.34 12.78 27.82
C PHE L 149 -17.41 12.37 26.81
N GLU L 150 -18.67 12.32 27.25
CA GLU L 150 -19.71 11.92 26.30
C GLU L 150 -20.02 13.02 25.30
N LYS L 151 -19.71 14.28 25.61
CA LYS L 151 -19.77 15.33 24.60
C LYS L 151 -18.73 15.09 23.50
N THR L 152 -17.51 14.71 23.90
CA THR L 152 -16.47 14.41 22.91
C THR L 152 -16.84 13.17 22.10
N ILE L 153 -17.49 12.19 22.74
CA ILE L 153 -17.96 11.00 22.04
C ILE L 153 -19.08 11.34 21.06
N MET L 154 -19.96 12.28 21.42
CA MET L 154 -20.98 12.75 20.49
C MET L 154 -20.37 13.47 19.30
N GLU L 155 -19.32 14.26 19.51
CA GLU L 155 -18.73 14.95 18.36
C GLU L 155 -17.73 14.11 17.59
N VAL L 156 -17.41 12.90 18.05
CA VAL L 156 -16.74 11.94 17.16
C VAL L 156 -17.66 11.55 16.01
N SER L 157 -18.85 11.07 16.34
CA SER L 157 -19.81 10.57 15.38
C SER L 157 -20.76 11.65 14.85
N LYS L 158 -20.34 12.91 14.89
CA LYS L 158 -21.10 14.07 14.42
C LYS L 158 -22.49 14.22 15.04
N MET M 2 18.19 -2.74 40.17
CA MET M 2 18.29 -3.50 38.94
C MET M 2 17.14 -4.48 38.80
N LEU M 3 17.34 -5.55 38.01
CA LEU M 3 16.27 -6.44 37.64
C LEU M 3 15.87 -7.36 38.78
N ASN M 4 16.83 -7.71 39.65
CA ASN M 4 16.56 -8.60 40.77
C ASN M 4 15.63 -7.94 41.79
N ILE M 5 15.77 -6.61 41.96
CA ILE M 5 14.90 -5.86 42.86
C ILE M 5 13.47 -5.88 42.35
N ALA M 6 13.28 -5.71 41.05
CA ALA M 6 11.95 -5.78 40.46
C ALA M 6 11.37 -7.19 40.55
N LEU M 7 12.21 -8.23 40.46
CA LEU M 7 11.74 -9.59 40.65
C LEU M 7 11.28 -9.85 42.08
N VAL M 8 12.02 -9.33 43.07
CA VAL M 8 11.62 -9.49 44.46
C VAL M 8 10.30 -8.76 44.72
N ILE M 9 10.15 -7.57 44.12
CA ILE M 9 8.92 -6.80 44.31
C ILE M 9 7.72 -7.48 43.66
N LEU M 10 7.91 -8.04 42.46
CA LEU M 10 6.82 -8.79 41.82
C LEU M 10 6.51 -10.09 42.54
N SER M 11 7.53 -10.73 43.13
CA SER M 11 7.30 -11.96 43.88
C SER M 11 6.50 -11.69 45.15
N LEU M 12 6.83 -10.61 45.85
CA LEU M 12 6.05 -10.23 47.03
C LEU M 12 4.65 -9.77 46.63
N ALA M 13 4.50 -9.19 45.44
CA ALA M 13 3.16 -8.85 44.96
C ALA M 13 2.32 -10.09 44.69
N MET M 14 2.94 -11.13 44.11
CA MET M 14 2.24 -12.38 43.89
C MET M 14 1.90 -13.07 45.20
N VAL M 15 2.76 -12.93 46.22
CA VAL M 15 2.44 -13.42 47.56
C VAL M 15 1.23 -12.67 48.13
N GLY M 16 1.14 -11.36 47.87
CA GLY M 16 -0.02 -10.61 48.35
C GLY M 16 -1.32 -11.00 47.67
N PHE M 17 -1.28 -11.19 46.35
CA PHE M 17 -2.47 -11.69 45.66
C PHE M 17 -2.80 -13.12 46.07
N LEU M 18 -1.79 -13.90 46.47
CA LEU M 18 -2.05 -15.23 46.98
C LEU M 18 -2.72 -15.17 48.35
N TYR M 19 -2.34 -14.18 49.17
CA TYR M 19 -3.03 -13.99 50.44
C TYR M 19 -4.47 -13.60 50.23
N ARG M 20 -4.75 -12.83 49.18
CA ARG M 20 -6.15 -12.52 48.90
C ARG M 20 -6.88 -13.69 48.25
N VAL M 21 -6.19 -14.60 47.57
CA VAL M 21 -6.91 -15.74 47.01
C VAL M 21 -7.15 -16.82 48.06
N VAL M 22 -6.36 -16.87 49.13
CA VAL M 22 -6.63 -17.82 50.21
C VAL M 22 -7.86 -17.39 51.01
N LYS M 23 -7.81 -16.21 51.61
CA LYS M 23 -8.96 -15.67 52.33
C LYS M 23 -9.91 -14.97 51.37
N GLY M 24 -10.80 -14.15 51.90
CA GLY M 24 -11.74 -13.44 51.07
C GLY M 24 -13.01 -14.24 50.95
N PRO M 25 -14.11 -13.71 51.48
CA PRO M 25 -15.31 -14.52 51.69
C PRO M 25 -16.00 -14.93 50.40
N SER M 26 -16.19 -13.98 49.49
CA SER M 26 -16.83 -14.30 48.23
C SER M 26 -15.83 -14.94 47.28
N THR M 27 -16.35 -15.44 46.15
CA THR M 27 -15.50 -16.06 45.14
C THR M 27 -14.82 -15.02 44.26
N ALA M 28 -15.47 -13.86 44.11
CA ALA M 28 -15.02 -12.82 43.19
C ALA M 28 -13.65 -12.26 43.57
N ASP M 29 -13.38 -12.17 44.87
CA ASP M 29 -12.06 -11.76 45.34
C ASP M 29 -10.98 -12.72 44.89
N ARG M 30 -11.27 -14.02 44.96
CA ARG M 30 -10.33 -15.03 44.53
C ARG M 30 -10.11 -14.98 43.02
N ILE M 31 -11.16 -14.65 42.26
CA ILE M 31 -11.03 -14.57 40.81
C ILE M 31 -10.15 -13.39 40.41
N ILE M 32 -10.38 -12.22 41.02
CA ILE M 32 -9.57 -11.05 40.69
C ILE M 32 -8.13 -11.24 41.14
N ALA M 33 -7.93 -11.95 42.26
CA ALA M 33 -6.58 -12.25 42.72
C ALA M 33 -5.86 -13.19 41.76
N LEU M 34 -6.57 -14.19 41.21
CA LEU M 34 -5.93 -15.08 40.24
C LEU M 34 -5.63 -14.38 38.92
N ASP M 35 -6.50 -13.47 38.50
CA ASP M 35 -6.25 -12.69 37.29
C ASP M 35 -5.00 -11.83 37.44
N ALA M 36 -4.91 -11.09 38.56
CA ALA M 36 -3.73 -10.27 38.80
C ALA M 36 -2.48 -11.11 39.02
N MET M 37 -2.65 -12.33 39.54
CA MET M 37 -1.53 -13.23 39.74
C MET M 37 -0.97 -13.71 38.40
N GLY M 38 -1.86 -13.99 37.45
CA GLY M 38 -1.40 -14.34 36.11
C GLY M 38 -0.72 -13.18 35.40
N ILE M 39 -1.26 -11.97 35.53
CA ILE M 39 -0.62 -10.80 34.91
C ILE M 39 0.75 -10.53 35.53
N THR M 40 0.88 -10.73 36.84
CA THR M 40 2.17 -10.60 37.50
C THR M 40 3.14 -11.69 37.04
N LEU M 41 2.62 -12.89 36.75
CA LEU M 41 3.45 -13.95 36.17
C LEU M 41 3.97 -13.54 34.79
N ALA M 42 3.16 -12.84 34.01
CA ALA M 42 3.61 -12.33 32.72
C ALA M 42 4.74 -11.31 32.89
N GLY M 43 4.63 -10.47 33.92
CA GLY M 43 5.72 -9.55 34.22
C GLY M 43 7.01 -10.24 34.64
N ILE M 44 6.89 -11.32 35.42
CA ILE M 44 8.05 -12.09 35.84
C ILE M 44 8.72 -12.74 34.63
N VAL M 45 7.91 -13.22 33.67
CA VAL M 45 8.46 -13.81 32.46
C VAL M 45 9.19 -12.75 31.62
N ALA M 46 8.65 -11.52 31.58
CA ALA M 46 9.31 -10.42 30.87
C ALA M 46 10.67 -10.08 31.49
N ILE M 47 10.73 -9.99 32.83
CA ILE M 47 11.98 -9.61 33.45
C ILE M 47 13.01 -10.75 33.40
N VAL M 48 12.57 -12.00 33.51
CA VAL M 48 13.54 -13.09 33.40
C VAL M 48 13.97 -13.29 31.95
N SER M 49 13.16 -12.88 30.97
CA SER M 49 13.61 -12.88 29.59
C SER M 49 14.63 -11.78 29.35
N MET M 50 14.50 -10.66 30.03
CA MET M 50 15.59 -9.67 29.99
C MET M 50 16.84 -10.17 30.71
N LEU M 51 16.68 -10.98 31.75
CA LEU M 51 17.85 -11.54 32.44
C LEU M 51 18.60 -12.53 31.59
N LEU M 52 17.88 -13.44 30.93
CA LEU M 52 18.51 -14.49 30.13
C LEU M 52 19.06 -13.98 28.80
N ASN M 53 18.78 -12.72 28.45
CA ASN M 53 19.22 -12.06 27.22
C ASN M 53 18.71 -12.81 25.99
N THR M 54 17.45 -13.25 26.04
CA THR M 54 16.82 -13.94 24.94
C THR M 54 15.51 -13.25 24.59
N SER M 55 15.18 -13.27 23.31
CA SER M 55 13.91 -12.76 22.81
C SER M 55 12.96 -13.90 22.47
N ALA M 56 13.03 -14.99 23.22
CA ALA M 56 12.33 -16.22 22.86
C ALA M 56 11.13 -16.51 23.74
N PHE M 57 10.69 -15.55 24.57
CA PHE M 57 9.63 -15.83 25.52
C PHE M 57 8.53 -14.77 25.50
N LEU M 58 8.45 -13.94 24.45
CA LEU M 58 7.45 -12.87 24.45
C LEU M 58 6.08 -13.40 24.07
N ASP M 59 6.06 -14.47 23.28
CA ASP M 59 4.83 -15.19 22.97
C ASP M 59 4.19 -15.75 24.22
N VAL M 60 5.02 -16.11 25.21
CA VAL M 60 4.52 -16.53 26.51
C VAL M 60 3.78 -15.39 27.20
N ILE M 61 4.25 -14.15 27.03
CA ILE M 61 3.63 -13.00 27.68
C ILE M 61 2.26 -12.72 27.08
N LEU M 62 2.18 -12.66 25.75
CA LEU M 62 0.88 -12.42 25.12
C LEU M 62 -0.06 -13.60 25.30
N LEU M 63 0.51 -14.81 25.43
CA LEU M 63 -0.28 -16.00 25.71
C LEU M 63 -0.89 -15.94 27.11
N ILE M 64 -0.11 -15.51 28.10
CA ILE M 64 -0.61 -15.37 29.47
C ILE M 64 -1.73 -14.34 29.51
N GLY M 65 -1.58 -13.25 28.75
CA GLY M 65 -2.64 -12.25 28.69
C GLY M 65 -3.94 -12.78 28.11
N ILE M 66 -3.85 -13.50 26.98
CA ILE M 66 -5.08 -13.97 26.34
C ILE M 66 -5.72 -15.10 27.14
N LEU M 67 -4.89 -15.95 27.79
CA LEU M 67 -5.41 -17.01 28.66
C LEU M 67 -6.09 -16.45 29.90
N ALA M 68 -5.52 -15.39 30.49
CA ALA M 68 -6.13 -14.77 31.65
C ALA M 68 -7.47 -14.14 31.31
N PHE M 69 -7.56 -13.48 30.16
CA PHE M 69 -8.84 -12.90 29.75
C PHE M 69 -9.90 -13.97 29.49
N VAL M 70 -9.53 -15.06 28.80
CA VAL M 70 -10.52 -16.09 28.46
C VAL M 70 -10.99 -16.83 29.71
N GLY M 71 -10.06 -17.13 30.63
CA GLY M 71 -10.46 -17.78 31.88
C GLY M 71 -11.33 -16.91 32.76
N THR M 72 -11.03 -15.61 32.84
CA THR M 72 -11.84 -14.73 33.68
C THR M 72 -13.23 -14.50 33.09
N VAL M 73 -13.36 -14.39 31.76
CA VAL M 73 -14.70 -14.22 31.21
C VAL M 73 -15.48 -15.53 31.31
N ALA M 74 -14.79 -16.68 31.30
CA ALA M 74 -15.46 -17.96 31.47
C ALA M 74 -16.03 -18.10 32.87
N PHE M 75 -15.24 -17.78 33.90
CA PHE M 75 -15.79 -17.97 35.24
C PHE M 75 -16.76 -16.86 35.61
N ALA M 76 -16.61 -15.66 35.04
CA ALA M 76 -17.61 -14.62 35.24
C ALA M 76 -18.93 -14.98 34.57
N LYS M 77 -18.88 -15.71 33.46
CA LYS M 77 -20.11 -16.24 32.89
C LYS M 77 -20.68 -17.36 33.76
N PHE M 78 -19.79 -18.12 34.43
CA PHE M 78 -20.27 -19.20 35.30
C PHE M 78 -21.01 -18.69 36.52
N LEU M 79 -20.52 -17.62 37.15
CA LEU M 79 -21.20 -17.10 38.33
C LEU M 79 -22.55 -16.47 38.02
N GLU M 80 -22.80 -16.14 36.76
CA GLU M 80 -24.05 -15.50 36.35
C GLU M 80 -24.94 -16.54 35.70
N LYS M 81 -25.91 -17.03 36.47
CA LYS M 81 -27.08 -17.77 35.99
C LYS M 81 -26.70 -19.10 35.32
N GLY M 82 -25.79 -19.82 35.96
CA GLY M 82 -25.56 -21.20 35.57
C GLY M 82 -24.46 -21.46 34.56
N VAL M 83 -24.85 -21.56 33.28
CA VAL M 83 -23.99 -22.12 32.24
C VAL M 83 -22.85 -21.17 31.89
N VAL M 84 -21.79 -21.75 31.34
CA VAL M 84 -20.76 -20.96 30.65
C VAL M 84 -21.02 -20.90 29.15
N ILE M 85 -21.76 -21.84 28.59
CA ILE M 85 -22.05 -21.93 27.17
C ILE M 85 -23.53 -22.27 27.03
N GLU M 86 -24.30 -21.35 26.46
CA GLU M 86 -25.74 -21.51 26.41
C GLU M 86 -26.12 -22.56 25.37
N ARG M 87 -27.40 -22.96 25.41
CA ARG M 87 -27.97 -23.87 24.44
C ARG M 87 -28.74 -23.09 23.39
N GLY M 88 -28.87 -23.69 22.21
CA GLY M 88 -29.55 -23.03 21.11
C GLY M 88 -31.04 -22.92 21.32
N ASN M 89 -31.61 -21.84 20.81
CA ASN M 89 -33.03 -21.57 20.94
C ASN M 89 -33.88 -22.53 20.09
N ILE N 8 22.80 -3.64 31.20
CA ILE N 8 21.78 -2.64 30.91
C ILE N 8 22.30 -1.23 31.25
N ALA N 9 22.17 -0.31 30.31
CA ALA N 9 22.59 1.09 30.52
C ALA N 9 21.58 2.02 29.85
N ASN N 10 20.55 2.39 30.60
CA ASN N 10 19.63 3.48 30.25
C ASN N 10 18.84 3.84 31.49
N ALA N 11 18.65 5.14 31.72
CA ALA N 11 17.91 5.59 32.89
C ALA N 11 16.41 5.35 32.72
N LEU N 12 15.91 5.58 31.49
CA LEU N 12 14.48 5.46 31.23
C LEU N 12 13.99 4.01 31.36
N VAL N 13 14.79 3.06 30.88
CA VAL N 13 14.40 1.65 30.95
C VAL N 13 14.36 1.17 32.39
N VAL N 14 15.37 1.56 33.18
CA VAL N 14 15.43 1.17 34.60
C VAL N 14 14.27 1.79 35.37
N VAL N 15 13.97 3.07 35.11
CA VAL N 15 12.91 3.69 35.88
C VAL N 15 11.54 3.17 35.44
N LEU N 16 11.38 2.74 34.18
CA LEU N 16 10.14 2.11 33.76
C LEU N 16 9.94 0.75 34.42
N ILE N 17 11.00 -0.07 34.48
CA ILE N 17 10.89 -1.39 35.07
C ILE N 17 10.60 -1.29 36.56
N LEU N 18 11.32 -0.40 37.27
CA LEU N 18 11.08 -0.24 38.70
C LEU N 18 9.73 0.40 38.99
N LEU N 19 9.25 1.31 38.12
CA LEU N 19 7.95 1.92 38.34
C LEU N 19 6.84 0.89 38.15
N GLY N 20 6.97 0.03 37.14
CA GLY N 20 5.98 -1.03 36.95
C GLY N 20 5.98 -2.03 38.10
N ALA N 21 7.17 -2.34 38.64
CA ALA N 21 7.27 -3.25 39.77
C ALA N 21 6.61 -2.68 41.02
N VAL N 22 6.98 -1.44 41.38
CA VAL N 22 6.43 -0.78 42.57
C VAL N 22 4.93 -0.57 42.43
N LEU N 23 4.45 -0.30 41.22
CA LEU N 23 3.03 -0.09 41.02
C LEU N 23 2.25 -1.40 41.10
N THR N 24 2.89 -2.53 40.71
CA THR N 24 2.26 -3.83 40.92
C THR N 24 2.20 -4.19 42.40
N LEU N 25 3.26 -3.86 43.16
CA LEU N 25 3.23 -4.08 44.61
C LEU N 25 2.18 -3.20 45.29
N LEU N 26 1.97 -1.99 44.76
CA LEU N 26 0.89 -1.15 45.25
C LEU N 26 -0.47 -1.77 44.95
N SER N 27 -0.62 -2.41 43.80
CA SER N 27 -1.84 -3.16 43.51
C SER N 27 -2.04 -4.30 44.49
N ALA N 28 -0.95 -4.95 44.90
CA ALA N 28 -1.06 -6.06 45.85
C ALA N 28 -1.44 -5.59 47.25
N VAL N 29 -0.83 -4.51 47.73
CA VAL N 29 -1.19 -4.01 49.05
C VAL N 29 -2.57 -3.37 49.04
N GLY N 30 -3.05 -2.89 47.89
CA GLY N 30 -4.44 -2.50 47.78
C GLY N 30 -5.38 -3.69 47.73
N ALA N 31 -4.92 -4.83 47.21
CA ALA N 31 -5.72 -6.04 47.27
C ALA N 31 -5.86 -6.54 48.69
N ILE N 32 -4.79 -6.41 49.49
CA ILE N 32 -4.83 -6.85 50.88
C ILE N 32 -5.68 -5.90 51.72
N ARG N 33 -5.40 -4.60 51.64
CA ARG N 33 -5.92 -3.64 52.63
C ARG N 33 -7.34 -3.16 52.37
N LEU N 34 -7.88 -3.35 51.17
CA LEU N 34 -9.16 -2.70 50.95
C LEU N 34 -10.32 -3.61 51.35
N PRO N 35 -11.40 -3.08 51.93
CA PRO N 35 -12.37 -3.93 52.64
C PRO N 35 -13.46 -4.56 51.80
N ASP N 36 -13.69 -4.12 50.58
CA ASP N 36 -14.81 -4.55 49.77
C ASP N 36 -14.28 -5.16 48.49
N VAL N 37 -15.12 -5.94 47.81
CA VAL N 37 -14.71 -6.52 46.52
C VAL N 37 -14.56 -5.43 45.46
N TYR N 38 -15.36 -4.36 45.55
CA TYR N 38 -15.38 -3.35 44.51
C TYR N 38 -14.17 -2.42 44.61
N THR N 39 -13.78 -2.08 45.85
CA THR N 39 -12.59 -1.27 46.06
C THR N 39 -11.34 -2.03 45.62
N ARG N 40 -11.30 -3.34 45.89
CA ARG N 40 -10.22 -4.17 45.39
C ARG N 40 -10.24 -4.25 43.87
N SER N 41 -11.43 -4.20 43.25
CA SER N 41 -11.52 -4.19 41.79
C SER N 41 -10.89 -2.92 41.22
N HIS N 42 -11.22 -1.76 41.80
CA HIS N 42 -10.56 -0.48 41.51
C HIS N 42 -9.04 -0.61 41.54
N ALA N 43 -8.52 -0.99 42.71
CA ALA N 43 -7.08 -0.98 42.96
C ALA N 43 -6.35 -1.95 42.04
N ILE N 44 -6.84 -3.21 42.01
CA ILE N 44 -6.18 -4.25 41.24
C ILE N 44 -6.21 -3.93 39.75
N SER N 45 -7.40 -3.63 39.21
CA SER N 45 -7.61 -3.31 37.80
C SER N 45 -6.66 -2.22 37.32
N LYS N 46 -6.80 -1.02 37.88
CA LYS N 46 -6.07 0.12 37.33
C LYS N 46 -4.58 0.02 37.63
N SER N 47 -4.20 -0.37 38.87
CA SER N 47 -2.80 -0.33 39.22
C SER N 47 -2.00 -1.45 38.57
N THR N 48 -2.51 -2.69 38.54
CA THR N 48 -1.69 -3.72 37.90
C THR N 48 -1.75 -3.61 36.38
N THR N 49 -2.80 -2.97 35.81
CA THR N 49 -2.81 -2.71 34.38
C THR N 49 -1.70 -1.75 33.98
N LEU N 50 -1.59 -0.60 34.68
CA LEU N 50 -0.53 0.33 34.33
C LEU N 50 0.85 -0.20 34.72
N GLY N 51 0.94 -1.00 35.79
CA GLY N 51 2.22 -1.60 36.15
C GLY N 51 2.75 -2.57 35.12
N ILE N 52 1.87 -3.45 34.61
CA ILE N 52 2.33 -4.41 33.62
C ILE N 52 2.63 -3.72 32.28
N MET N 53 1.90 -2.64 31.94
CA MET N 53 2.25 -1.96 30.70
C MET N 53 3.57 -1.21 30.83
N CYS N 54 3.90 -0.69 32.02
CA CYS N 54 5.20 -0.06 32.20
C CYS N 54 6.33 -1.08 32.14
N ILE N 55 6.11 -2.28 32.69
CA ILE N 55 7.13 -3.34 32.61
C ILE N 55 7.34 -3.79 31.17
N LEU N 56 6.26 -3.93 30.40
CA LEU N 56 6.39 -4.38 29.01
C LEU N 56 7.00 -3.30 28.13
N LEU N 57 6.69 -2.02 28.40
CA LEU N 57 7.36 -0.93 27.69
C LEU N 57 8.86 -0.91 27.99
N GLY N 58 9.24 -1.16 29.25
CA GLY N 58 10.65 -1.20 29.58
C GLY N 58 11.38 -2.35 28.90
N ALA N 59 10.75 -3.52 28.84
CA ALA N 59 11.37 -4.66 28.16
C ALA N 59 11.46 -4.43 26.66
N PHE N 60 10.42 -3.83 26.09
CA PHE N 60 10.39 -3.49 24.67
C PHE N 60 11.50 -2.53 24.30
N LEU N 61 11.67 -1.47 25.09
CA LEU N 61 12.74 -0.51 24.82
C LEU N 61 14.12 -1.12 25.04
N HIS N 62 14.25 -2.03 26.01
CA HIS N 62 15.55 -2.65 26.26
C HIS N 62 15.99 -3.53 25.09
N PHE N 63 15.08 -4.37 24.58
CA PHE N 63 15.44 -5.20 23.43
C PHE N 63 15.57 -4.36 22.16
N PHE N 64 14.83 -3.25 22.06
CA PHE N 64 14.95 -2.39 20.89
C PHE N 64 16.28 -1.65 20.87
N ILE N 65 16.83 -1.31 22.04
CA ILE N 65 18.06 -0.53 22.08
C ILE N 65 19.30 -1.44 22.06
N GLU N 66 19.44 -2.33 23.05
CA GLU N 66 20.73 -3.02 23.16
C GLU N 66 20.85 -4.26 22.28
N ASN N 67 19.89 -4.52 21.40
CA ASN N 67 20.02 -5.60 20.44
C ASN N 67 19.65 -5.19 19.02
N ASN N 68 19.05 -4.00 18.84
CA ASN N 68 18.51 -3.52 17.57
C ASN N 68 17.52 -4.52 16.97
N HIS N 69 16.66 -5.06 17.82
CA HIS N 69 15.64 -6.03 17.43
C HIS N 69 14.29 -5.46 17.78
N PHE N 70 13.44 -5.25 16.77
CA PHE N 70 12.12 -4.68 16.97
C PHE N 70 11.14 -5.83 17.21
N ASN N 71 10.56 -5.88 18.40
CA ASN N 71 9.65 -6.95 18.79
C ASN N 71 8.24 -6.40 18.91
N SER N 72 7.40 -6.70 17.93
CA SER N 72 6.04 -6.16 17.92
C SER N 72 5.10 -6.92 18.84
N ARG N 73 5.51 -8.11 19.29
CA ARG N 73 4.67 -8.91 20.20
C ARG N 73 4.44 -8.19 21.51
N LEU N 74 5.44 -7.45 21.99
CA LEU N 74 5.31 -6.69 23.22
C LEU N 74 4.32 -5.55 23.06
N LEU N 75 4.34 -4.86 21.92
CA LEU N 75 3.40 -3.77 21.69
C LEU N 75 1.98 -4.29 21.58
N LEU N 76 1.80 -5.42 20.90
CA LEU N 76 0.45 -5.99 20.83
C LEU N 76 0.01 -6.54 22.17
N GLY N 77 0.95 -6.99 23.01
CA GLY N 77 0.60 -7.37 24.36
C GLY N 77 0.15 -6.19 25.21
N ILE N 78 0.82 -5.05 25.07
CA ILE N 78 0.42 -3.83 25.78
C ILE N 78 -0.98 -3.40 25.38
N VAL N 79 -1.25 -3.40 24.06
CA VAL N 79 -2.58 -3.02 23.57
C VAL N 79 -3.64 -4.01 24.05
N PHE N 80 -3.30 -5.30 24.09
CA PHE N 80 -4.26 -6.31 24.53
C PHE N 80 -4.59 -6.19 26.01
N ILE N 81 -3.57 -6.01 26.85
CA ILE N 81 -3.81 -5.92 28.29
C ILE N 81 -4.59 -4.65 28.62
N PHE N 82 -4.25 -3.54 27.95
CA PHE N 82 -5.02 -2.30 28.08
C PHE N 82 -6.47 -2.49 27.68
N MET N 83 -6.72 -3.29 26.65
CA MET N 83 -8.09 -3.52 26.22
C MET N 83 -8.84 -4.46 27.16
N THR N 84 -8.15 -5.41 27.79
CA THR N 84 -8.84 -6.54 28.38
C THR N 84 -8.87 -6.61 29.91
N SER N 85 -7.94 -5.98 30.62
CA SER N 85 -8.05 -6.13 32.07
C SER N 85 -9.16 -5.29 32.75
N PRO N 86 -9.48 -4.05 32.35
CA PRO N 86 -10.62 -3.39 33.00
C PRO N 86 -11.96 -3.99 32.64
N VAL N 87 -12.12 -4.60 31.46
CA VAL N 87 -13.39 -5.26 31.17
C VAL N 87 -13.49 -6.56 31.96
N ALA N 88 -12.35 -7.17 32.29
CA ALA N 88 -12.35 -8.31 33.20
C ALA N 88 -12.82 -7.90 34.58
N ALA N 89 -12.29 -6.77 35.09
CA ALA N 89 -12.73 -6.27 36.39
C ALA N 89 -14.20 -5.87 36.36
N HIS N 90 -14.68 -5.32 35.24
CA HIS N 90 -16.09 -5.02 35.06
C HIS N 90 -16.97 -6.26 35.15
N LEU N 91 -16.54 -7.34 34.49
CA LEU N 91 -17.36 -8.56 34.49
C LEU N 91 -17.37 -9.22 35.86
N ILE N 92 -16.24 -9.23 36.57
CA ILE N 92 -16.24 -9.82 37.91
C ILE N 92 -17.04 -8.96 38.88
N SER N 93 -17.01 -7.64 38.71
CA SER N 93 -17.79 -6.78 39.60
C SER N 93 -19.29 -6.90 39.33
N ARG N 94 -19.70 -7.07 38.08
CA ARG N 94 -21.12 -7.29 37.80
C ARG N 94 -21.56 -8.67 38.29
N ALA N 95 -20.70 -9.67 38.16
CA ALA N 95 -21.02 -11.00 38.65
C ALA N 95 -21.11 -11.04 40.16
N ALA N 96 -20.31 -10.21 40.84
CA ALA N 96 -20.40 -10.13 42.29
C ALA N 96 -21.65 -9.36 42.72
N TYR N 97 -21.99 -8.29 42.00
CA TYR N 97 -23.15 -7.50 42.40
C TYR N 97 -24.46 -8.24 42.15
N TYR N 98 -24.52 -9.05 41.10
CA TYR N 98 -25.73 -9.82 40.84
C TYR N 98 -25.93 -10.99 41.79
N ALA N 99 -24.88 -11.40 42.53
CA ALA N 99 -24.99 -12.46 43.51
C ALA N 99 -25.47 -11.96 44.87
N ASN N 100 -26.03 -10.74 44.93
CA ASN N 100 -26.46 -10.07 46.16
C ASN N 100 -25.34 -9.99 47.19
N VAL N 101 -24.14 -9.71 46.71
CA VAL N 101 -22.95 -9.61 47.54
C VAL N 101 -22.63 -8.14 47.72
N GLU N 102 -22.69 -7.67 48.96
CA GLU N 102 -22.29 -6.30 49.27
C GLU N 102 -21.61 -6.29 50.63
N ARG N 103 -20.56 -5.49 50.75
CA ARG N 103 -19.75 -5.49 51.96
C ARG N 103 -19.35 -4.06 52.33
N TRP N 104 -19.03 -3.90 53.61
CA TRP N 104 -18.43 -2.69 54.21
C TRP N 104 -19.35 -1.47 54.08
N GLU N 105 -20.49 -1.55 54.77
CA GLU N 105 -21.33 -0.41 55.16
C GLU N 105 -21.81 0.41 53.95
N GLY N 106 -22.70 -0.21 53.18
CA GLY N 106 -23.33 0.39 52.02
C GLY N 106 -24.04 1.71 52.24
N THR N 107 -23.66 2.71 51.45
CA THR N 107 -24.20 4.06 51.47
C THR N 107 -25.47 4.15 50.62
N VAL N 108 -25.77 5.36 50.14
CA VAL N 108 -27.02 5.82 49.52
C VAL N 108 -27.50 4.98 48.32
N ARG N 109 -26.66 4.04 47.86
CA ARG N 109 -26.69 3.33 46.58
C ARG N 109 -28.07 2.89 46.08
N ASP N 110 -28.25 3.00 44.78
CA ASP N 110 -29.43 2.50 44.08
C ASP N 110 -29.12 1.15 43.43
N ASP N 111 -30.18 0.43 43.07
CA ASP N 111 -30.06 -0.93 42.54
C ASP N 111 -29.38 -0.97 41.17
C1 PTY O . 32.80 112.29 -24.76
C2 PTY O . 39.62 115.75 -24.35
C3 PTY O . 38.55 115.62 -23.25
O4 PTY O . 31.39 112.61 -24.68
C5 PTY O . 35.07 113.06 -24.10
C6 PTY O . 33.60 113.39 -24.10
O7 PTY O . 33.15 113.51 -22.72
C8 PTY O . 32.59 114.67 -22.35
O10 PTY O . 32.47 115.61 -23.09
C11 PTY O . 32.15 114.65 -20.92
C12 PTY O . 31.26 113.46 -20.56
C13 PTY O . 30.09 113.28 -21.51
C14 PTY O . 29.01 114.34 -21.41
C15 PTY O . 27.79 113.90 -20.62
C16 PTY O . 26.57 114.77 -20.86
C17 PTY O . 25.32 114.29 -20.13
C30 PTY O . 30.55 111.71 -25.20
C31 PTY O . 29.12 112.08 -24.96
O30 PTY O . 30.90 110.73 -25.78
C32 PTY O . 28.16 110.92 -25.19
C33 PTY O . 26.72 111.26 -24.90
C34 PTY O . 25.76 110.11 -25.17
C35 PTY O . 24.30 110.45 -24.94
C36 PTY O . 23.97 110.83 -23.50
P1 PTY O . 36.25 115.41 -24.62
O11 PTY O . 37.35 116.22 -23.79
O12 PTY O . 35.05 116.34 -24.78
O13 PTY O . 36.81 114.89 -25.88
O14 PTY O . 35.80 114.23 -23.64
N1 PTY O . 39.24 116.82 -25.28
C1 PTY P . 23.95 95.85 -60.63
C2 PTY P . 31.26 97.65 -61.53
C3 PTY P . 30.10 98.00 -60.60
O4 PTY P . 22.99 96.42 -59.71
C5 PTY P . 26.34 95.15 -60.63
C6 PTY P . 25.06 95.25 -59.83
O7 PTY P . 24.71 93.90 -59.41
C8 PTY P . 24.14 93.77 -58.19
O10 PTY P . 23.76 94.70 -57.54
C11 PTY P . 24.09 92.33 -57.76
C12 PTY P . 22.71 91.77 -57.48
C13 PTY P . 22.02 92.33 -56.23
C14 PTY P . 20.73 91.62 -55.88
C15 PTY P . 19.79 92.39 -54.97
C16 PTY P . 19.18 93.62 -55.62
C17 PTY P . 17.85 94.03 -55.03
C18 PTY P . 17.92 94.47 -53.58
C19 PTY P . 16.56 94.79 -52.98
C20 PTY P . 15.67 93.59 -52.74
C30 PTY P . 21.69 96.18 -59.94
C31 PTY P . 20.84 96.75 -58.86
O30 PTY P . 21.29 95.56 -60.89
C32 PTY P . 19.42 97.08 -59.31
C33 PTY P . 19.35 98.17 -60.37
C34 PTY P . 17.94 98.53 -60.80
C35 PTY P . 17.14 99.27 -59.75
C36 PTY P . 17.66 100.67 -59.44
C37 PTY P . 16.80 101.42 -58.44
P1 PTY P . 27.49 97.47 -60.44
O11 PTY P . 28.90 97.43 -61.18
O12 PTY P . 26.94 98.68 -60.71
O13 PTY P . 27.64 97.16 -59.08
O14 PTY P . 26.68 96.46 -61.14
N1 PTY P . 32.30 98.67 -61.42
C1 PTY Q . -23.52 34.54 -19.42
C2 PTY Q . -24.89 38.43 -16.38
C3 PTY Q . -24.67 38.33 -17.91
O4 PTY Q . -22.19 34.48 -20.00
C5 PTY Q . -25.82 35.42 -19.86
C6 PTY Q . -24.42 35.25 -20.39
O7 PTY Q . -24.48 34.46 -21.62
C8 PTY Q . -23.76 34.89 -22.66
O10 PTY Q . -23.12 35.90 -22.67
C11 PTY Q . -23.89 33.96 -23.83
C12 PTY Q . -23.23 32.59 -23.64
C13 PTY Q . -21.72 32.65 -23.52
C14 PTY Q . -21.02 31.41 -24.05
C15 PTY Q . -21.32 30.14 -23.27
C16 PTY Q . -21.47 28.92 -24.14
C17 PTY Q . -20.26 28.55 -24.99
C18 PTY Q . -19.09 27.99 -24.20
C19 PTY Q . -18.26 26.98 -24.96
C20 PTY Q . -17.73 27.49 -26.28
C21 PTY Q . -16.89 26.47 -27.04
C22 PTY Q . -17.69 25.25 -27.48
C30 PTY Q . -21.16 34.32 -19.18
C31 PTY Q . -19.87 34.38 -19.92
O30 PTY Q . -21.27 34.16 -17.99
C32 PTY Q . -18.80 33.42 -19.39
C33 PTY Q . -19.00 32.00 -19.90
C34 PTY Q . -17.88 31.05 -19.52
C35 PTY Q . -18.01 29.69 -20.17
C36 PTY Q . -16.75 28.85 -20.14
C37 PTY Q . -16.77 27.74 -21.18
C38 PTY Q . -15.57 26.83 -21.14
C39 PTY Q . -14.25 27.54 -21.31
C40 PTY Q . -13.11 26.60 -21.67
C41 PTY Q . -12.87 25.49 -20.66
C42 PTY Q . -12.37 26.00 -19.33
C43 PTY Q . -11.01 26.66 -19.42
C44 PTY Q . -10.66 27.46 -18.19
P1 PTY Q . -27.03 37.73 -19.07
O11 PTY Q . -25.90 38.74 -18.54
O12 PTY Q . -27.41 36.87 -17.89
O13 PTY Q . -28.15 38.46 -19.71
O14 PTY Q . -26.26 36.78 -20.13
N1 PTY Q . -25.78 37.35 -15.94
C1 PTY R . 9.43 90.20 -4.05
C2 PTY R . 3.47 93.53 -6.70
C3 PTY R . 4.52 92.44 -7.02
O4 PTY R . 9.32 89.85 -2.66
C5 PTY R . 7.20 89.06 -4.26
C6 PTY R . 8.51 89.41 -4.93
O7 PTY R . 9.20 88.19 -5.38
C8 PTY R . 9.52 88.14 -6.67
O10 PTY R . 9.21 88.97 -7.48
C11 PTY R . 10.34 86.91 -6.99
C12 PTY R . 11.56 87.16 -7.86
C13 PTY R . 11.24 87.29 -9.34
C14 PTY R . 12.43 87.66 -10.22
C15 PTY R . 12.03 88.13 -11.60
C16 PTY R . 13.15 88.70 -12.45
C17 PTY R . 13.99 87.66 -13.19
C18 PTY R . 15.08 88.27 -14.05
C19 PTY R . 16.02 87.27 -14.69
C20 PTY R . 17.37 87.86 -15.04
C21 PTY R . 18.39 86.89 -15.56
C22 PTY R . 18.27 86.56 -17.04
C23 PTY R . 19.40 85.67 -17.53
C24 PTY R . 19.45 85.50 -19.04
C25 PTY R . 20.61 84.63 -19.49
C26 PTY R . 21.97 85.13 -19.02
C27 PTY R . 23.05 84.07 -19.06
C28 PTY R . 22.75 82.86 -18.20
C29 PTY R . 23.84 81.81 -18.25
C30 PTY R . 10.10 88.87 -2.19
C31 PTY R . 10.14 88.88 -0.69
O30 PTY R . 10.70 88.11 -2.89
C32 PTY R . 10.60 90.20 -0.10
C33 PTY R . 10.94 90.13 1.38
C34 PTY R . 12.27 89.46 1.65
P1 PTY R . 5.30 90.18 -5.81
O11 PTY R . 4.68 91.65 -5.81
O12 PTY R . 4.15 89.22 -5.54
O13 PTY R . 6.04 89.91 -7.06
O14 PTY R . 6.27 90.14 -4.52
N1 PTY R . 2.77 93.90 -7.93
C1 PTY S . 6.20 90.20 -10.39
C2 PTY S . 1.19 90.60 -6.13
C3 PTY S . 0.84 90.39 -7.63
O4 PTY S . 7.37 89.63 -11.02
C5 PTY S . 3.92 89.61 -9.54
C6 PTY S . 5.18 89.13 -10.23
O7 PTY S . 5.74 88.05 -9.42
C8 PTY S . 5.37 86.80 -9.70
O10 PTY S . 4.58 86.51 -10.55
C11 PTY S . 6.08 85.80 -8.84
C12 PTY S . 6.72 84.70 -9.65
C13 PTY S . 7.74 85.22 -10.64
C14 PTY S . 8.35 84.15 -11.53
C15 PTY S . 9.36 84.70 -12.52
C16 PTY S . 9.56 83.84 -13.75
C17 PTY S . 10.75 82.91 -13.71
C18 PTY S . 12.06 83.54 -14.18
C19 PTY S . 13.15 82.52 -14.47
C20 PTY S . 14.44 83.11 -15.04
C21 PTY S . 15.52 82.07 -15.27
C22 PTY S . 16.91 82.66 -15.48
C23 PTY S . 18.04 81.68 -15.16
C24 PTY S . 19.43 82.24 -15.40
C25 PTY S . 19.83 83.39 -14.50
C26 PTY S . 21.23 83.92 -14.80
C27 PTY S . 21.66 85.13 -13.98
C28 PTY S . 23.02 85.67 -14.37
C29 PTY S . 23.53 86.75 -13.45
C30 PTY S . 7.48 89.82 -12.34
C31 PTY S . 8.75 89.22 -12.87
O30 PTY S . 6.67 90.40 -13.01
C32 PTY S . 8.52 88.07 -13.84
C33 PTY S . 8.19 88.54 -15.24
C34 PTY S . 9.40 88.65 -16.16
C35 PTY S . 9.93 87.34 -16.70
C36 PTY S . 11.03 87.53 -17.73
C37 PTY S . 11.57 86.24 -18.34
C38 PTY S . 12.61 86.49 -19.41
C39 PTY S . 13.04 85.25 -20.18
C40 PTY S . 13.86 84.26 -19.37
C41 PTY S . 15.21 84.79 -18.90
P1 PTY S . 1.81 91.19 -9.98
O11 PTY S . 1.82 91.13 -8.39
O12 PTY S . 0.70 90.25 -10.47
O13 PTY S . 1.71 92.57 -10.48
O14 PTY S . 3.20 90.50 -10.42
N1 PTY S . 1.72 89.35 -5.59
C1 PTY T . 20.36 76.87 -52.56
C2 PTY T . 23.03 81.57 -55.71
C3 PTY T . 24.48 81.15 -55.38
O4 PTY T . 19.00 77.36 -52.50
C5 PTY T . 22.71 77.78 -52.31
C6 PTY T . 21.30 78.01 -52.84
O7 PTY T . 20.78 79.34 -52.46
C8 PTY T . 20.56 79.71 -51.18
O10 PTY T . 20.63 78.99 -50.22
C11 PTY T . 20.20 81.17 -51.10
C12 PTY T . 19.73 81.61 -49.73
C13 PTY T . 18.29 81.22 -49.42
C14 PTY T . 17.76 81.89 -48.16
C15 PTY T . 16.25 81.85 -48.00
C16 PTY T . 15.74 82.95 -47.08
C17 PTY T . 14.24 82.96 -46.86
C18 PTY T . 13.74 81.83 -46.00
C19 PTY T . 12.34 82.05 -45.44
C20 PTY T . 11.28 82.27 -46.50
C30 PTY T . 18.34 77.11 -51.38
C31 PTY T . 16.94 77.65 -51.41
O30 PTY T . 18.81 76.52 -50.44
C32 PTY T . 16.25 77.49 -50.06
C33 PTY T . 14.85 78.07 -50.04
C34 PTY T . 14.19 77.94 -48.68
C35 PTY T . 12.75 78.45 -48.63
C36 PTY T . 12.08 78.20 -47.29
C37 PTY T . 10.62 78.60 -47.25
P1 PTY T . 24.45 79.34 -53.39
O11 PTY T . 24.44 79.77 -54.93
O12 PTY T . 23.74 80.30 -52.72
O13 PTY T . 25.76 79.14 -52.93
O14 PTY T . 23.65 78.11 -53.36
N1 PTY T . 22.99 83.00 -56.00
C1 PTY U . -23.08 28.63 -44.64
C2 PTY U . -27.63 29.64 -41.07
C3 PTY U . -27.65 30.89 -41.97
O4 PTY U . -21.69 28.26 -44.57
C5 PTY U . -24.59 30.64 -44.24
C6 PTY U . -23.20 30.06 -44.13
O7 PTY U . -22.16 30.94 -44.68
C8 PTY U . -22.06 31.24 -46.00
O10 PTY U . -22.83 30.89 -46.85
C11 PTY U . -20.85 32.08 -46.26
C12 PTY U . -20.08 31.68 -47.50
C13 PTY U . -19.61 30.23 -47.48
C14 PTY U . -18.39 29.98 -48.35
C15 PTY U . -18.04 28.53 -48.54
C16 PTY U . -16.63 28.29 -49.03
C17 PTY U . -16.40 26.89 -49.57
C18 PTY U . -14.96 26.44 -49.53
C19 PTY U . -14.00 27.23 -50.38
C20 PTY U . -12.58 26.72 -50.28
C21 PTY U . -11.57 27.39 -51.20
C22 PTY U . -10.16 26.86 -51.01
C23 PTY U . -9.11 27.62 -51.81
C24 PTY U . -9.07 27.25 -53.28
C25 PTY U . -8.50 25.86 -53.54
C26 PTY U . -7.06 25.70 -53.08
C30 PTY U . -21.26 27.36 -45.45
C31 PTY U . -19.78 27.10 -45.31
O30 PTY U . -21.96 26.84 -46.27
C32 PTY U . -19.47 25.70 -44.81
C33 PTY U . -17.98 25.42 -44.78
C34 PTY U . -17.35 25.43 -46.15
C35 PTY U . -17.08 24.04 -46.71
C36 PTY U . -16.01 23.29 -45.96
C37 PTY U . -15.58 22.01 -46.63
C38 PTY U . -14.22 21.52 -46.20
C39 PTY U . -13.69 20.37 -47.06
C40 PTY U . -12.26 19.97 -46.75
C41 PTY U . -12.06 19.44 -45.35
C42 PTY U . -10.60 19.16 -45.02
C43 PTY U . -10.35 18.77 -43.58
C44 PTY U . -8.98 19.18 -43.12
P1 PTY U . -25.82 32.61 -42.89
O11 PTY U . -26.32 31.44 -41.94
O12 PTY U . -26.93 32.85 -43.90
O13 PTY U . -25.40 33.79 -42.12
O14 PTY U . -24.58 31.97 -43.70
N1 PTY U . -28.87 29.61 -40.28
K K V . -2.61 31.01 -32.99
C1 PTY W . -19.16 9.63 -5.54
C2 PTY W . -21.18 8.92 0.30
C3 PTY W . -22.26 9.54 -0.62
O4 PTY W . -19.02 8.20 -5.41
C5 PTY W . -18.99 11.40 -3.74
C6 PTY W . -18.32 10.26 -4.45
O7 PTY W . -16.96 10.56 -4.91
C8 PTY W . -16.71 11.37 -5.96
O10 PTY W . -17.48 12.19 -6.39
C11 PTY W . -15.34 11.11 -6.52
C12 PTY W . -15.05 9.62 -6.60
C13 PTY W . -14.59 9.15 -7.97
C14 PTY W . -13.27 9.74 -8.42
C15 PTY W . -12.78 9.16 -9.73
C16 PTY W . -12.55 7.66 -9.68
C17 PTY W . -12.24 7.03 -11.03
C18 PTY W . -10.93 7.51 -11.66
C19 PTY W . -10.60 6.83 -12.99
C20 PTY W . -10.49 5.31 -12.88
C30 PTY W . -19.26 7.47 -6.50
C31 PTY W . -19.08 6.01 -6.21
O30 PTY W . -19.58 7.92 -7.57
C32 PTY W . -17.62 5.60 -6.01
C33 PTY W . -16.79 5.77 -7.28
C34 PTY W . -15.52 4.94 -7.28
C35 PTY W . -14.82 4.90 -8.63
C36 PTY W . -13.69 3.90 -8.72
C37 PTY W . -14.12 2.47 -8.50
P1 PTY W . -21.29 10.86 -2.72
O11 PTY W . -21.71 9.54 -1.96
O12 PTY W . -21.69 11.90 -1.93
O13 PTY W . -21.80 10.87 -4.02
O14 PTY W . -19.83 10.85 -2.71
N1 PTY W . -21.21 9.62 1.59
K K X . 0.09 38.07 -32.29
C1 PTY Y . -3.61 42.72 4.46
C2 PTY Y . -10.94 46.35 3.97
C3 PTY Y . -10.55 45.42 5.15
O4 PTY Y . -2.37 43.46 4.42
C5 PTY Y . -6.01 43.31 4.89
C6 PTY Y . -4.58 43.54 5.28
O7 PTY Y . -4.25 44.94 5.02
C8 PTY Y . -3.87 45.69 6.07
O10 PTY Y . -3.87 45.29 7.21
C11 PTY Y . -3.42 47.05 5.64
C12 PTY Y . -2.31 47.59 6.50
C13 PTY Y . -1.30 48.39 5.70
C14 PTY Y . -0.65 47.59 4.59
C15 PTY Y . 0.46 48.33 3.88
C16 PTY Y . 1.72 48.50 4.68
C17 PTY Y . 2.52 47.21 4.80
C18 PTY Y . 3.07 46.72 3.47
C19 PTY Y . 4.07 47.66 2.83
C20 PTY Y . 4.87 47.05 1.70
C30 PTY Y . -1.45 43.05 3.55
C31 PTY Y . -0.30 44.03 3.49
O30 PTY Y . -1.54 42.05 2.89
C32 PTY Y . 1.07 43.37 3.48
C33 PTY Y . 1.51 42.92 2.11
C34 PTY Y . 2.65 41.91 2.13
C35 PTY Y . 3.14 41.47 0.78
C36 PTY Y . 3.90 40.16 0.80
C37 PTY Y . 3.06 38.99 1.30
P1 PTY Y . -8.21 44.42 5.99
O11 PTY Y . -9.21 44.97 4.87
O12 PTY Y . -8.20 45.45 7.12
O13 PTY Y . -8.57 43.04 6.40
O14 PTY Y . -6.77 44.47 5.30
N1 PTY Y . -10.10 46.02 2.81
C1 PTY Z . 1.14 64.36 -0.27
C2 PTY Z . -6.06 66.57 -1.58
C3 PTY Z . -4.98 65.51 -1.31
O4 PTY Z . 2.55 64.44 0.03
C5 PTY Z . -1.05 64.14 0.87
C6 PTY Z . 0.36 64.63 0.99
O7 PTY Z . 0.31 66.08 1.17
C8 PTY Z . 0.38 66.56 2.41
O10 PTY Z . 0.46 65.86 3.40
C11 PTY Z . 0.40 68.06 2.42
C12 PTY Z . 1.50 68.64 1.55
C13 PTY Z . 1.48 70.16 1.44
C14 PTY Z . 2.42 70.68 0.37
C15 PTY Z . 3.85 70.19 0.53
C16 PTY Z . 4.65 70.18 -0.75
C17 PTY Z . 4.17 69.15 -1.75
C18 PTY Z . 5.03 69.06 -2.99
C19 PTY Z . 6.50 68.81 -2.71
C20 PTY Z . 7.44 69.41 -3.75
C21 PTY Z . 7.32 68.79 -5.13
C22 PTY Z . 7.93 67.40 -5.22
C23 PTY Z . 7.93 66.85 -6.62
C24 PTY Z . 8.86 65.66 -6.80
C30 PTY Z . 3.25 65.36 -0.63
C31 PTY Z . 4.72 65.21 -0.41
O30 PTY Z . 2.75 66.19 -1.34
C32 PTY Z . 5.40 64.57 -1.61
C33 PTY Z . 6.92 64.62 -1.58
C34 PTY Z . 7.53 64.14 -2.89
C35 PTY Z . 9.04 64.31 -2.99
C36 PTY Z . 9.83 63.47 -2.01
C37 PTY Z . 11.33 63.53 -2.23
C38 PTY Z . 12.14 62.73 -1.23
P1 PTY Z . -3.04 65.86 0.48
O11 PTY Z . -3.83 66.24 -0.84
O12 PTY Z . -2.49 67.16 1.06
O13 PTY Z . -3.89 65.08 1.41
O14 PTY Z . -1.78 65.01 -0.02
N1 PTY Z . -7.09 65.98 -2.45
C1 PTY AA . 23.92 70.96 -13.44
C2 PTY AA . 29.54 76.83 -15.95
C3 PTY AA . 28.14 76.39 -15.44
O4 PTY AA . 22.49 70.93 -13.30
C5 PTY AA . 25.94 72.49 -13.36
C6 PTY AA . 24.44 72.39 -13.46
O7 PTY AA . 23.74 73.26 -12.50
C8 PTY AA . 23.80 73.08 -11.16
O10 PTY AA . 24.43 72.22 -10.61
C11 PTY AA . 22.99 74.12 -10.44
C12 PTY AA . 21.60 74.36 -11.02
C13 PTY AA . 21.56 75.54 -11.97
C14 PTY AA . 20.77 76.74 -11.47
C15 PTY AA . 19.29 76.47 -11.30
C16 PTY AA . 18.46 77.73 -11.34
C17 PTY AA . 16.96 77.52 -11.23
C18 PTY AA . 16.18 78.78 -11.58
C19 PTY AA . 14.68 78.68 -11.39
C20 PTY AA . 13.93 79.89 -11.95
C21 PTY AA . 12.51 80.02 -11.45
C22 PTY AA . 11.59 78.89 -11.88
C23 PTY AA . 10.31 78.82 -11.06
C24 PTY AA . 10.58 78.61 -9.58
C25 PTY AA . 9.34 78.80 -8.69
C26 PTY AA . 9.57 78.46 -7.23
C27 PTY AA . 8.37 78.80 -6.35
C28 PTY AA . 8.53 78.38 -4.90
C29 PTY AA . 7.29 78.66 -4.08
C30 PTY AA . 21.85 69.90 -13.86
C31 PTY AA . 20.43 69.82 -13.37
O30 PTY AA . 22.37 69.12 -14.61
C32 PTY AA . 19.38 69.75 -14.47
C33 PTY AA . 19.23 68.40 -15.14
C34 PTY AA . 18.16 67.50 -14.53
C35 PTY AA . 17.96 66.20 -15.29
C36 PTY AA . 16.62 66.07 -16.02
C37 PTY AA . 16.43 67.07 -17.16
P1 PTY AA . 27.95 74.04 -14.18
O11 PTY AA . 28.10 74.94 -15.47
O12 PTY AA . 28.77 72.78 -14.43
O13 PTY AA . 28.33 74.79 -12.96
O14 PTY AA . 26.41 73.61 -14.16
N1 PTY AA . 30.47 75.70 -15.88
C1 PTY BA . -15.75 -2.73 15.27
C2 PTY BA . -20.08 -0.93 11.14
C3 PTY BA . -20.61 -1.10 12.58
O4 PTY BA . -15.17 -1.46 14.87
C5 PTY BA . -17.19 -4.34 13.95
C6 PTY BA . -15.90 -3.57 14.02
O7 PTY BA . -14.70 -4.38 13.74
C8 PTY BA . -14.22 -5.27 14.64
O10 PTY BA . -14.86 -5.76 15.54
C11 PTY BA . -12.77 -5.57 14.36
C12 PTY BA . -11.97 -4.31 14.15
C13 PTY BA . -10.79 -4.17 15.07
C14 PTY BA . -9.70 -5.21 14.87
C15 PTY BA . -8.46 -4.96 15.71
C16 PTY BA . -7.79 -3.62 15.41
C17 PTY BA . -6.66 -3.28 16.36
C18 PTY BA . -5.49 -4.24 16.33
C19 PTY BA . -4.33 -3.84 17.24
C20 PTY BA . -3.76 -2.47 16.93
C30 PTY BA . -14.44 -0.80 15.77
C31 PTY BA . -13.93 0.48 15.19
O30 PTY BA . -14.24 -1.20 16.88
C32 PTY BA . -12.65 0.32 14.39
C33 PTY BA . -11.46 -0.08 15.25
C34 PTY BA . -10.11 0.14 14.59
C35 PTY BA . -8.93 -0.07 15.52
C36 PTY BA . -7.59 0.33 14.92
C37 PTY BA . -7.48 1.81 14.58
P1 PTY BA . -19.29 -2.85 14.09
O11 PTY BA . -19.47 -1.44 13.41
O12 PTY BA . -20.42 -3.57 13.79
O13 PTY BA . -19.02 -2.72 15.46
O14 PTY BA . -18.19 -3.48 13.36
N1 PTY BA . -21.10 -1.37 10.20
C1 PTY CA . -23.86 28.07 -36.78
C2 PTY CA . -29.92 30.98 -34.57
C3 PTY CA . -29.01 29.97 -35.31
O4 PTY CA . -23.26 28.44 -38.05
C5 PTY CA . -25.11 30.25 -37.13
C6 PTY CA . -24.98 28.98 -36.33
O7 PTY CA . -24.62 29.35 -34.97
C8 PTY CA . -25.01 28.54 -33.97
O10 PTY CA . -25.73 27.59 -34.12
C11 PTY CA . -24.41 28.97 -32.67
C12 PTY CA . -24.46 27.92 -31.57
C13 PTY CA . -23.56 26.71 -31.85
C14 PTY CA . -22.09 27.05 -31.95
C15 PTY CA . -21.52 27.69 -30.69
C16 PTY CA . -20.03 27.94 -30.79
C17 PTY CA . -19.20 26.68 -30.91
C18 PTY CA . -17.80 26.90 -31.47
C19 PTY CA . -17.20 25.61 -31.97
C20 PTY CA . -15.91 25.76 -32.76
C21 PTY CA . -15.52 24.49 -33.49
C22 PTY CA . -15.58 23.25 -32.60
C23 PTY CA . -15.22 21.96 -33.32
C24 PTY CA . -13.87 22.01 -33.99
C25 PTY CA . -13.51 20.75 -34.77
C26 PTY CA . -12.31 20.90 -35.68
C27 PTY CA . -12.66 20.90 -37.16
C28 PTY CA . -13.44 22.12 -37.61
C29 PTY CA . -14.12 21.91 -38.94
C30 PTY CA . -23.70 27.80 -39.13
C31 PTY CA . -22.62 27.72 -40.17
O30 PTY CA . -24.79 27.31 -39.22
C32 PTY CA . -21.37 27.06 -39.62
C33 PTY CA . -20.22 27.07 -40.61
C34 PTY CA . -18.95 26.44 -40.09
C35 PTY CA . -17.83 26.47 -41.11
C36 PTY CA . -16.60 25.66 -40.73
C37 PTY CA . -15.65 25.45 -41.90
C38 PTY CA . -14.57 24.42 -41.64
C39 PTY CA . -13.86 23.98 -42.90
C40 PTY CA . -12.99 22.74 -42.72
C41 PTY CA . -11.89 22.89 -41.69
C42 PTY CA . -11.24 21.58 -41.30
C43 PTY CA . -10.31 21.67 -40.10
C44 PTY CA . -9.87 20.32 -39.58
P1 PTY CA . -27.66 31.11 -37.32
O11 PTY CA . -27.87 30.73 -35.80
O12 PTY CA . -28.87 30.56 -38.08
O13 PTY CA . -27.43 32.56 -37.50
O14 PTY CA . -26.39 30.24 -37.80
N1 PTY CA . -31.00 30.24 -33.89
C1 PTY DA . -1.60 9.75 -50.82
C2 PTY DA . -5.15 2.65 -50.33
C3 PTY DA . -4.06 3.46 -51.08
O4 PTY DA . -2.26 10.71 -51.68
C5 PTY DA . -3.32 7.98 -51.23
C6 PTY DA . -2.62 8.83 -50.20
O7 PTY DA . -3.65 9.62 -49.54
C8 PTY DA . -3.58 9.71 -48.20
O10 PTY DA . -2.66 9.30 -47.54
C11 PTY DA . -4.80 10.37 -47.64
C12 PTY DA . -4.48 11.59 -46.78
C13 PTY DA . -5.64 12.07 -45.94
C14 PTY DA . -5.34 13.39 -45.24
C15 PTY DA . -6.14 13.66 -43.99
C16 PTY DA . -5.57 14.79 -43.14
C17 PTY DA . -6.43 15.19 -41.95
C18 PTY DA . -7.79 15.72 -42.34
C19 PTY DA . -8.67 16.06 -41.14
C30 PTY DA . -1.68 10.95 -52.86
C31 PTY DA . -2.38 12.08 -53.58
O30 PTY DA . -0.72 10.36 -53.28
C32 PTY DA . -1.46 13.26 -53.85
C33 PTY DA . -2.22 14.55 -54.12
C34 PTY DA . -3.03 15.02 -52.92
C35 PTY DA . -4.03 16.11 -53.24
C36 PTY DA . -5.02 16.37 -52.11
C37 PTY DA . -6.13 17.35 -52.48
P1 PTY DA . -4.33 5.86 -49.91
O11 PTY DA . -4.54 4.83 -51.11
O12 PTY DA . -5.55 5.73 -49.02
O13 PTY DA . -3.03 5.66 -49.24
O14 PTY DA . -4.42 7.32 -50.61
N1 PTY DA . -6.26 2.36 -51.23
C1 PTY EA . -1.15 -118.54 15.89
C2 PTY EA . 2.89 -124.32 12.74
C3 PTY EA . 1.63 -123.60 12.22
O4 PTY EA . -2.38 -118.32 16.61
C5 PTY EA . -0.05 -119.97 14.18
C6 PTY EA . -1.29 -119.75 15.00
O7 PTY EA . -2.40 -119.52 14.09
C8 PTY EA . -3.47 -120.33 14.19
O10 PTY EA . -3.52 -121.26 14.95
C11 PTY EA . -4.56 -119.92 13.25
C12 PTY EA . -4.97 -118.46 13.35
C13 PTY EA . -5.27 -118.02 14.78
C14 PTY EA . -6.55 -118.57 15.38
C15 PTY EA . -7.82 -117.92 14.84
C16 PTY EA . -9.04 -118.21 15.68
C17 PTY EA . -10.32 -117.57 15.16
C30 PTY EA . -2.43 -117.27 17.42
C31 PTY EA . -3.77 -117.11 18.06
O30 PTY EA . -1.50 -116.53 17.61
C32 PTY EA . -4.02 -115.69 18.55
C33 PTY EA . -5.43 -115.49 19.10
C34 PTY EA . -5.67 -114.09 19.65
C35 PTY EA . -7.06 -113.87 20.20
C36 PTY EA . -8.16 -114.03 19.16
P1 PTY EA . 0.45 -122.60 14.41
O11 PTY EA . 0.65 -123.70 13.28
O12 PTY EA . -0.69 -123.07 15.30
O13 PTY EA . 1.72 -122.32 15.10
O14 PTY EA . -0.08 -121.30 13.61
N1 PTY EA . 2.53 -125.21 13.83
C1 PTY FA . 15.69 -103.49 49.46
C2 PTY FA . 21.07 -107.93 46.52
C3 PTY FA . 19.70 -108.08 47.20
O4 PTY FA . 14.28 -103.57 49.22
C5 PTY FA . 17.83 -103.69 48.19
C6 PTY FA . 16.38 -103.26 48.15
O7 PTY FA . 16.37 -101.83 47.83
C8 PTY FA . 15.35 -101.39 47.07
O10 PTY FA . 14.40 -102.05 46.79
C11 PTY FA . 15.60 -99.98 46.61
C12 PTY FA . 14.55 -98.96 47.02
C13 PTY FA . 13.20 -99.11 46.34
C14 PTY FA . 12.25 -97.96 46.58
C15 PTY FA . 10.78 -98.31 46.41
C16 PTY FA . 10.26 -99.30 47.44
C17 PTY FA . 8.77 -99.24 47.65
C18 PTY FA . 7.94 -99.60 46.43
C19 PTY FA . 6.44 -99.44 46.63
C20 PTY FA . 5.99 -98.00 46.75
C30 PTY FA . 13.46 -102.96 50.08
C31 PTY FA . 12.03 -103.10 49.68
O30 PTY FA . 13.86 -102.37 51.06
C32 PTY FA . 11.04 -102.99 50.83
C33 PTY FA . 11.19 -104.13 51.84
C34 PTY FA . 10.21 -104.05 53.00
C35 PTY FA . 8.75 -104.19 52.59
C36 PTY FA . 8.40 -105.54 52.00
C37 PTY FA . 6.93 -105.70 51.66
P1 PTY FA . 17.85 -106.23 47.69
O11 PTY FA . 19.34 -106.77 47.72
O12 PTY FA . 17.08 -107.19 48.29
O13 PTY FA . 17.47 -105.86 46.41
O14 PTY FA . 17.87 -105.08 48.61
N1 PTY FA . 21.41 -109.20 45.88
C1 PTY GA . -20.93 -25.84 31.86
C2 PTY GA . -25.07 -28.56 30.43
C3 PTY GA . -24.03 -28.71 31.57
O4 PTY GA . -19.58 -26.33 31.70
C5 PTY GA . -22.82 -25.83 33.50
C6 PTY GA . -21.39 -26.24 33.23
O7 PTY GA . -20.53 -25.59 34.21
C8 PTY GA . -19.61 -26.36 34.82
O10 PTY GA . -19.50 -27.54 34.64
C11 PTY GA . -18.77 -25.56 35.77
C12 PTY GA . -17.88 -24.50 35.11
C13 PTY GA . -16.80 -25.09 34.22
C14 PTY GA . -15.53 -24.26 34.19
C15 PTY GA . -15.71 -22.86 33.60
C16 PTY GA . -14.97 -21.78 34.36
C17 PTY GA . -13.46 -21.95 34.44
C18 PTY GA . -12.74 -21.76 33.12
C19 PTY GA . -11.35 -21.18 33.25
C20 PTY GA . -10.45 -21.96 34.17
C21 PTY GA . -9.06 -21.37 34.32
C22 PTY GA . -9.04 -20.01 34.98
C30 PTY GA . -19.10 -26.43 30.45
C31 PTY GA . -17.72 -27.02 30.45
O30 PTY GA . -19.72 -26.11 29.47
C32 PTY GA . -16.81 -26.46 29.38
C33 PTY GA . -16.25 -25.10 29.73
C34 PTY GA . -15.20 -24.58 28.76
C35 PTY GA . -14.54 -23.30 29.25
C36 PTY GA . -13.24 -22.97 28.53
C37 PTY GA . -12.37 -22.02 29.32
C38 PTY GA . -11.11 -21.58 28.62
C39 PTY GA . -10.21 -22.72 28.18
C40 PTY GA . -8.81 -22.27 27.82
C41 PTY GA . -8.76 -21.23 26.72
C42 PTY GA . -9.20 -21.78 25.37
C43 PTY GA . -8.29 -22.87 24.85
C44 PTY GA . -8.88 -23.61 23.69
P1 PTY GA . -24.99 -27.44 33.74
O11 PTY GA . -24.76 -28.73 32.82
O12 PTY GA . -25.60 -26.37 32.86
O13 PTY GA . -25.78 -27.78 34.95
O14 PTY GA . -23.51 -26.93 34.13
N1 PTY GA . -25.54 -27.17 30.37
C1 PTY HA . -22.23 -87.64 7.64
C2 PTY HA . -26.98 -88.89 13.11
C3 PTY HA . -25.56 -88.40 12.73
O4 PTY HA . -22.88 -87.11 6.46
C5 PTY HA . -23.47 -85.81 8.85
C6 PTY HA . -22.22 -86.64 8.78
O7 PTY HA . -21.02 -85.81 8.68
C8 PTY HA . -20.05 -86.05 9.56
O10 PTY HA . -20.15 -86.83 10.46
C11 PTY HA . -18.83 -85.21 9.28
C12 PTY HA . -17.51 -85.94 9.45
C13 PTY HA . -17.04 -86.05 10.90
C14 PTY HA . -15.85 -86.95 11.12
C15 PTY HA . -15.61 -87.30 12.58
C16 PTY HA . -14.52 -88.31 12.85
C17 PTY HA . -13.11 -87.74 12.92
C18 PTY HA . -12.05 -88.77 13.23
C19 PTY HA . -10.62 -88.24 13.18
C20 PTY HA . -9.61 -89.34 12.90
C21 PTY HA . -8.19 -88.86 12.71
C22 PTY HA . -7.40 -88.67 13.99
C23 PTY HA . -5.95 -88.34 13.74
C24 PTY HA . -5.07 -88.35 14.98
C25 PTY HA . -3.62 -88.00 14.69
C26 PTY HA . -2.97 -88.89 13.65
C27 PTY HA . -1.69 -88.30 13.06
C28 PTY HA . -1.91 -86.98 12.37
C29 PTY HA . -0.64 -86.39 11.80
C30 PTY HA . -22.11 -86.47 5.56
C31 PTY HA . -22.82 -86.31 4.25
O30 PTY HA . -20.98 -86.11 5.79
C32 PTY HA . -23.18 -87.66 3.62
C33 PTY HA . -23.77 -87.53 2.22
C34 PTY HA . -22.76 -87.07 1.19
P1 PTY HA . -24.54 -86.44 11.25
O11 PTY HA . -25.69 -87.47 11.64
O12 PTY HA . -25.06 -85.04 11.61
O13 PTY HA . -23.26 -86.80 11.87
O14 PTY HA . -24.45 -86.50 9.63
N1 PTY HA . -27.03 -89.17 14.55
C1 PTY IA . -21.49 -87.19 14.66
C2 PTY IA . -27.78 -85.29 13.56
C3 PTY IA . -27.20 -85.14 14.98
O4 PTY IA . -20.05 -87.11 14.59
C5 PTY IA . -23.54 -85.78 14.98
C6 PTY IA . -22.03 -85.81 14.93
O7 PTY IA . -21.60 -84.92 13.85
C8 PTY IA . -21.33 -83.64 14.18
O10 PTY IA . -21.45 -83.19 15.28
C11 PTY IA . -20.85 -82.86 13.00
C12 PTY IA . -19.54 -82.13 13.29
C13 PTY IA . -18.42 -83.06 13.71
C14 PTY IA . -17.12 -82.37 14.05
C15 PTY IA . -16.04 -83.33 14.50
C16 PTY IA . -14.91 -82.67 15.27
C17 PTY IA . -13.70 -82.30 14.45
C18 PTY IA . -12.67 -83.42 14.31
C19 PTY IA . -11.31 -82.93 13.82
C20 PTY IA . -10.22 -83.98 13.79
C21 PTY IA . -8.89 -83.45 13.29
C22 PTY IA . -7.89 -84.53 12.91
C23 PTY IA . -6.71 -84.00 12.11
C24 PTY IA . -5.69 -85.06 11.70
C25 PTY IA . -6.22 -86.10 10.71
C26 PTY IA . -5.18 -87.13 10.32
C27 PTY IA . -5.69 -88.24 9.41
C28 PTY IA . -4.62 -89.28 9.08
C29 PTY IA . -5.09 -90.31 8.08
C30 PTY IA . -19.37 -87.41 15.70
C31 PTY IA . -17.89 -87.33 15.48
O30 PTY IA . -19.90 -87.71 16.73
C32 PTY IA . -17.19 -86.32 16.38
C33 PTY IA . -16.88 -86.87 17.75
C34 PTY IA . -15.51 -87.50 17.88
C35 PTY IA . -14.37 -86.51 17.99
C36 PTY IA . -13.04 -87.17 18.32
C37 PTY IA . -11.89 -86.20 18.53
C38 PTY IA . -10.60 -86.87 18.95
C39 PTY IA . -9.47 -85.90 19.30
C40 PTY IA . -8.89 -85.15 18.11
C41 PTY IA . -8.18 -86.04 17.10
P1 PTY IA . -25.55 -86.56 16.55
O11 PTY IA . -26.37 -86.30 15.20
O12 PTY IA . -25.75 -85.32 17.43
O13 PTY IA . -25.92 -87.84 17.18
O14 PTY IA . -24.01 -86.55 16.10
N1 PTY IA . -27.12 -84.33 12.67
C1 PTY JA . 15.48 -83.86 42.52
C2 PTY JA . 17.33 -89.77 44.18
C3 PTY JA . 18.45 -89.83 43.11
O4 PTY JA . 14.21 -83.81 43.22
C5 PTY JA . 16.89 -85.56 41.31
C6 PTY JA . 15.96 -85.29 42.47
O7 PTY JA . 14.88 -86.30 42.58
C8 PTY JA . 13.94 -86.47 41.62
O10 PTY JA . 13.79 -85.77 40.66
C11 PTY JA . 13.10 -87.68 41.92
C12 PTY JA . 11.90 -87.84 41.00
C13 PTY JA . 10.73 -86.94 41.37
C14 PTY JA . 9.48 -87.26 40.57
C15 PTY JA . 8.18 -86.72 41.16
C16 PTY JA . 6.95 -87.37 40.55
C17 PTY JA . 5.63 -86.94 41.16
C18 PTY JA . 5.16 -85.56 40.71
C19 PTY JA . 3.72 -85.26 41.07
C20 PTY JA . 3.43 -85.28 42.56
C30 PTY JA . 13.19 -83.28 42.54
C31 PTY JA . 11.94 -83.26 43.36
O30 PTY JA . 13.29 -82.86 41.42
C32 PTY JA . 10.75 -82.78 42.53
C33 PTY JA . 9.44 -82.79 43.29
C34 PTY JA . 8.25 -82.39 42.44
C35 PTY JA . 6.93 -82.33 43.18
C36 PTY JA . 5.78 -81.82 42.32
C37 PTY JA . 4.46 -81.67 43.08
P1 PTY JA . 18.17 -87.78 41.40
O11 PTY JA . 18.74 -88.47 42.72
O12 PTY JA . 16.93 -88.31 41.21
O13 PTY JA . 19.06 -87.95 40.34
O14 PTY JA . 17.99 -86.37 41.77
N1 PTY JA . 16.90 -91.13 44.50
C1 PTY KA . -5.78 -22.84 52.67
C2 PTY KA . -11.30 -21.90 51.89
C3 PTY KA . -11.57 -23.24 52.61
O4 PTY KA . -4.57 -23.01 51.90
C5 PTY KA . -7.94 -24.08 53.22
C6 PTY KA . -6.65 -24.06 52.43
O7 PTY KA . -5.89 -25.32 52.53
C8 PTY KA . -5.34 -25.75 53.69
O10 PTY KA . -5.42 -25.20 54.75
C11 PTY KA . -4.61 -27.05 53.47
C12 PTY KA . -3.22 -27.07 54.08
C13 PTY KA . -2.34 -25.90 53.64
C14 PTY KA . -0.86 -26.18 53.79
C15 PTY KA . 0.02 -24.96 53.63
C16 PTY KA . 1.47 -25.28 53.34
C17 PTY KA . 2.40 -24.11 53.54
C18 PTY KA . 3.68 -24.19 52.74
C19 PTY KA . 4.59 -25.35 53.09
C20 PTY KA . 5.85 -25.37 52.22
C21 PTY KA . 6.85 -26.45 52.57
C22 PTY KA . 8.04 -26.50 51.62
C23 PTY KA . 9.03 -27.60 51.93
C24 PTY KA . 9.96 -27.30 53.09
C25 PTY KA . 10.99 -26.22 52.78
C26 PTY KA . 11.94 -26.57 51.65
C30 PTY KA . -3.49 -22.37 52.33
C31 PTY KA . -2.29 -22.68 51.48
O30 PTY KA . -3.47 -21.65 53.29
C32 PTY KA . -1.81 -21.49 50.65
C33 PTY KA . -0.55 -21.81 49.88
C34 PTY KA . 0.63 -22.16 50.77
C35 PTY KA . 1.55 -20.98 51.07
C36 PTY KA . 2.32 -20.51 49.86
C37 PTY KA . 3.44 -19.54 50.17
C38 PTY KA . 4.48 -19.44 49.08
C39 PTY KA . 5.65 -18.54 49.43
C40 PTY KA . 6.77 -18.57 48.41
C41 PTY KA . 6.34 -18.20 47.01
C42 PTY KA . 7.42 -18.43 45.96
C43 PTY KA . 6.94 -18.24 44.54
C44 PTY KA . 7.82 -18.95 43.55
P1 PTY KA . -10.16 -25.51 52.83
O11 PTY KA . -10.62 -24.19 52.08
O12 PTY KA . -10.78 -25.44 54.22
O13 PTY KA . -10.50 -26.71 52.05
O14 PTY KA . -8.58 -25.35 53.02
N1 PTY KA . -12.58 -21.31 51.52
K K LA . 3.65 -31.21 32.73
K K MA . 2.95 -38.73 31.34
C1 PTY NA . -20.14 -38.13 2.23
C2 PTY NA . -26.89 -39.01 6.52
C3 PTY NA . -26.66 -37.85 5.53
O4 PTY NA . -19.36 -39.21 1.65
C5 PTY NA . -22.49 -37.82 3.00
C6 PTY NA . -21.58 -38.49 2.02
O7 PTY NA . -21.69 -39.93 2.20
C8 PTY NA . -22.14 -40.65 1.18
O10 PTY NA . -22.53 -40.18 0.15
C11 PTY NA . -22.05 -42.12 1.46
C12 PTY NA . -21.77 -42.93 0.21
C13 PTY NA . -20.83 -44.09 0.48
C14 PTY NA . -19.49 -43.65 1.04
C15 PTY NA . -18.50 -44.79 1.19
C16 PTY NA . -17.91 -45.29 -0.11
C17 PTY NA . -16.89 -44.33 -0.71
C18 PTY NA . -15.64 -44.20 0.12
C19 PTY NA . -14.82 -45.47 0.21
C20 PTY NA . -13.38 -45.24 0.67
C30 PTY NA . -18.05 -39.23 1.93
C31 PTY NA . -17.42 -40.49 1.40
O30 PTY NA . -17.48 -38.35 2.51
C32 PTY NA . -16.10 -40.27 0.67
C33 PTY NA . -14.91 -40.18 1.62
C34 PTY NA . -13.66 -39.61 0.96
C35 PTY NA . -12.45 -39.56 1.86
C36 PTY NA . -11.37 -38.60 1.37
C37 PTY NA . -11.83 -37.14 1.30
P1 PTY NA . -25.17 -37.90 3.30
O11 PTY NA . -25.41 -38.14 4.86
O12 PTY NA . -26.20 -38.76 2.56
O13 PTY NA . -25.21 -36.47 2.96
O14 PTY NA . -23.73 -38.55 2.99
N1 PTY NA . -25.65 -39.31 7.24
C1 PTY OA . -21.58 -60.43 5.96
C2 PTY OA . -27.40 -60.11 11.01
C3 PTY OA . -26.48 -59.40 10.01
O4 PTY OA . -20.66 -60.98 5.01
C5 PTY OA . -23.81 -59.34 6.11
C6 PTY OA . -22.93 -60.27 5.32
O7 PTY OA . -23.56 -61.58 5.32
C8 PTY OA . -24.37 -61.89 4.29
O10 PTY OA . -24.64 -61.13 3.40
C11 PTY OA . -24.85 -63.30 4.40
C12 PTY OA . -23.73 -64.28 4.68
C13 PTY OA . -24.19 -65.70 4.97
C14 PTY OA . -23.07 -66.58 5.50
C15 PTY OA . -21.85 -66.64 4.58
C16 PTY OA . -20.56 -67.04 5.27
C17 PTY OA . -20.03 -65.98 6.23
C18 PTY OA . -18.69 -66.35 6.85
C19 PTY OA . -17.62 -66.70 5.84
C20 PTY OA . -16.58 -67.68 6.37
C21 PTY OA . -15.76 -67.16 7.53
C22 PTY OA . -14.77 -66.08 7.16
C23 PTY OA . -13.85 -65.67 8.30
C24 PTY OA . -12.71 -64.78 7.86
C30 PTY OA . -19.98 -62.05 5.38
C31 PTY OA . -18.89 -62.40 4.39
O30 PTY OA . -20.20 -62.66 6.38
C32 PTY OA . -17.51 -62.19 4.99
C33 PTY OA . -16.39 -62.80 4.18
C34 PTY OA . -15.04 -62.72 4.89
C35 PTY OA . -13.91 -63.48 4.23
C36 PTY OA . -13.41 -62.88 2.93
C37 PTY OA . -12.18 -63.58 2.37
C38 PTY OA . -11.69 -63.00 1.05
P1 PTY OA . -25.83 -60.27 7.57
O11 PTY OA . -25.93 -60.43 9.15
O12 PTY OA . -26.17 -61.62 6.96
O13 PTY OA . -26.65 -59.13 7.10
O14 PTY OA . -24.27 -60.01 7.29
N1 PTY OA . -27.45 -59.33 12.24
C1 PTY PA . 0.75 -75.81 6.45
C2 PTY PA . 4.27 -83.53 6.66
C3 PTY PA . 3.09 -82.53 6.73
O4 PTY PA . -0.46 -75.21 7.01
C5 PTY PA . 1.71 -77.97 5.58
C6 PTY PA . 0.62 -77.31 6.39
O7 PTY PA . -0.73 -77.77 6.01
C8 PTY PA . -1.27 -77.52 4.79
O10 PTY PA . -0.74 -76.90 3.91
C11 PTY PA . -2.64 -78.12 4.69
C12 PTY PA . -3.50 -78.02 5.95
C13 PTY PA . -3.45 -79.27 6.81
C14 PTY PA . -4.77 -80.00 6.94
C15 PTY PA . -5.88 -79.20 7.60
C16 PTY PA . -6.99 -80.05 8.16
C17 PTY PA . -8.12 -79.27 8.81
C18 PTY PA . -9.06 -80.17 9.61
C19 PTY PA . -10.29 -79.47 10.17
C20 PTY PA . -11.05 -80.33 11.15
C21 PTY PA . -12.48 -79.88 11.41
C22 PTY PA . -12.61 -78.49 12.03
C23 PTY PA . -14.01 -77.93 11.96
C24 PTY PA . -14.52 -77.77 10.53
C25 PTY PA . -15.99 -77.35 10.44
C26 PTY PA . -16.47 -77.05 9.04
C27 PTY PA . -17.96 -76.79 8.96
C28 PTY PA . -18.46 -76.35 7.59
C29 PTY PA . -19.95 -76.10 7.56
C30 PTY PA . -0.28 -74.11 7.74
C31 PTY PA . -1.59 -73.41 7.99
O30 PTY PA . 0.79 -73.72 8.12
C32 PTY PA . -1.95 -73.24 9.46
C33 PTY PA . -1.21 -72.11 10.16
C34 PTY PA . -1.82 -70.74 9.99
C35 PTY PA . -1.09 -69.64 10.74
C36 PTY PA . -1.86 -69.03 11.91
C37 PTY PA . -2.18 -70.01 13.04
P1 PTY PA . 3.21 -80.15 5.49
O11 PTY PA . 3.64 -81.20 6.63
O12 PTY PA . 4.44 -79.31 5.18
O13 PTY PA . 2.62 -80.86 4.33
O14 PTY PA . 2.15 -79.19 6.20
N1 PTY PA . 5.38 -82.95 5.90
C1 PTY QA . -10.34 -21.48 46.24
C2 PTY QA . -17.26 -21.69 47.41
C3 PTY QA . -15.93 -21.17 47.99
O4 PTY QA . -9.39 -22.00 47.19
C5 PTY QA . -11.92 -23.01 47.44
C6 PTY QA . -11.77 -21.80 46.56
O7 PTY QA . -12.36 -22.14 45.27
C8 PTY QA . -12.80 -21.15 44.48
O10 PTY QA . -12.94 -20.01 44.86
C11 PTY QA . -13.10 -21.63 43.11
C12 PTY QA . -13.28 -20.55 42.06
C13 PTY QA . -12.02 -19.76 41.75
C14 PTY QA . -10.91 -20.59 41.13
C15 PTY QA . -11.28 -21.24 39.80
C16 PTY QA . -10.12 -22.00 39.16
C17 PTY QA . -8.96 -21.12 38.77
C18 PTY QA . -7.65 -21.87 38.61
C19 PTY QA . -6.45 -20.94 38.65
C20 PTY QA . -5.10 -21.63 38.73
C21 PTY QA . -3.98 -20.67 39.07
C22 PTY QA . -3.97 -19.41 38.21
C23 PTY QA . -2.85 -18.45 38.53
C24 PTY QA . -1.47 -19.09 38.49
C25 PTY QA . -0.34 -18.12 38.71
C26 PTY QA . 0.99 -18.80 38.98
C27 PTY QA . 1.52 -18.57 40.38
C28 PTY QA . 0.68 -19.19 41.47
C29 PTY QA . 1.03 -18.70 42.85
C30 PTY QA . -9.02 -21.20 48.19
C31 PTY QA . -7.63 -21.53 48.64
O30 PTY QA . -9.69 -20.29 48.62
C32 PTY QA . -6.72 -21.66 47.44
C33 PTY QA . -5.25 -21.78 47.80
C34 PTY QA . -4.36 -22.01 46.60
C35 PTY QA . -2.89 -22.14 46.97
C36 PTY QA . -2.01 -22.59 45.83
C37 PTY QA . -0.56 -22.78 46.25
C38 PTY QA . 0.38 -21.71 45.75
C39 PTY QA . 1.75 -21.76 46.41
C40 PTY QA . 2.80 -20.92 45.71
C41 PTY QA . 3.11 -21.38 44.30
C42 PTY QA . 4.13 -20.53 43.57
C43 PTY QA . 4.17 -20.77 42.08
C44 PTY QA . 4.90 -19.71 41.32
P1 PTY QA . -14.15 -22.89 48.98
O11 PTY QA . -14.94 -22.20 47.78
O12 PTY QA . -14.49 -22.13 50.24
O13 PTY QA . -14.43 -24.35 49.04
O14 PTY QA . -12.59 -22.61 48.66
N1 PTY QA . -18.31 -20.69 47.63
C1 PTY RA . 20.81 -13.42 45.33
C2 PTY RA . 20.63 -5.68 45.74
C3 PTY RA . 21.47 -6.90 46.21
O4 PTY RA . 20.39 -14.18 46.48
C5 PTY RA . 20.33 -11.23 46.43
C6 PTY RA . 20.01 -12.14 45.27
O7 PTY RA . 18.59 -12.46 45.34
C8 PTY RA . 17.93 -12.55 44.18
O10 PTY RA . 18.45 -12.50 43.11
C11 PTY RA . 16.45 -12.70 44.41
C12 PTY RA . 15.85 -13.83 43.58
C13 PTY RA . 14.34 -13.83 43.56
C14 PTY RA . 13.77 -15.08 42.90
C15 PTY RA . 12.38 -14.93 42.31
C16 PTY RA . 12.00 -16.09 41.41
C17 PTY RA . 10.60 -16.02 40.84
C18 PTY RA . 9.51 -16.06 41.89
C19 PTY RA . 8.10 -16.01 41.32
C30 PTY RA . 21.34 -14.76 47.22
C31 PTY RA . 20.74 -15.63 48.29
O30 PTY RA . 22.50 -14.61 47.02
C32 PTY RA . 21.17 -17.08 48.17
C33 PTY RA . 20.25 -18.02 48.93
C34 PTY RA . 18.81 -17.99 48.43
C35 PTY RA . 17.83 -18.78 49.27
C36 PTY RA . 16.38 -18.53 48.91
C37 PTY RA . 15.38 -19.24 49.81
P1 PTY RA . 19.60 -8.75 45.67
O11 PTY RA . 20.51 -7.89 46.66
O12 PTY RA . 18.25 -8.05 45.59
O13 PTY RA . 20.28 -8.94 44.36
O14 PTY RA . 19.37 -10.15 46.43
N1 PTY RA . 20.09 -4.98 46.92
#